data_1V5M
#
_entry.id   1V5M
#
_cell.length_a   1.000
_cell.length_b   1.000
_cell.length_c   1.000
_cell.angle_alpha   90.00
_cell.angle_beta   90.00
_cell.angle_gamma   90.00
#
_symmetry.space_group_name_H-M   'P 1'
#
_entity_poly.entity_id   1
_entity_poly.type   'polypeptide(L)'
_entity_poly.pdbx_seq_one_letter_code
;GSSGSSGNLAAKVELVDIQREGALRFMVADDAASGPGGTAQWQKCRLLLRRAVAGERFRLEFFVPPKASRPKVSIPLSAI
IEVRTTMPLEMPEKDNTFVLKVENGAEYILETIDSLQKHSWVADIQGCVDSGPSSG
;
_entity_poly.pdbx_strand_id   A
#
# COMPACT_ATOMS: atom_id res chain seq x y z
N GLY A 1 2.81 -6.07 40.39
CA GLY A 1 1.89 -6.92 39.65
C GLY A 1 1.44 -6.28 38.35
N SER A 2 1.78 -6.91 37.23
CA SER A 2 1.40 -6.39 35.92
C SER A 2 1.64 -7.43 34.83
N SER A 3 1.07 -7.19 33.66
CA SER A 3 1.22 -8.11 32.54
C SER A 3 1.07 -7.38 31.21
N GLY A 4 1.97 -7.68 30.27
CA GLY A 4 1.92 -7.04 28.97
C GLY A 4 3.30 -6.64 28.47
N SER A 5 4.01 -5.85 29.26
CA SER A 5 5.35 -5.39 28.90
C SER A 5 5.30 -4.57 27.62
N SER A 6 4.30 -3.71 27.51
CA SER A 6 4.15 -2.86 26.33
C SER A 6 4.88 -1.54 26.51
N GLY A 7 4.62 -0.87 27.62
CA GLY A 7 5.26 0.40 27.90
C GLY A 7 4.29 1.56 27.92
N ASN A 8 4.79 2.76 28.18
CA ASN A 8 3.95 3.95 28.23
C ASN A 8 4.13 4.81 26.99
N LEU A 9 3.23 4.66 26.03
CA LEU A 9 3.28 5.41 24.78
C LEU A 9 2.15 6.44 24.71
N ALA A 10 2.43 7.65 25.16
CA ALA A 10 1.44 8.72 25.15
C ALA A 10 1.91 9.90 24.30
N ALA A 11 1.17 10.21 23.25
CA ALA A 11 1.50 11.32 22.37
C ALA A 11 0.32 12.24 22.15
N LYS A 12 0.53 13.53 22.39
CA LYS A 12 -0.53 14.52 22.22
C LYS A 12 -0.64 14.96 20.77
N VAL A 13 -0.18 14.11 19.85
CA VAL A 13 -0.23 14.41 18.43
C VAL A 13 -1.56 15.04 18.04
N GLU A 14 -1.49 16.17 17.35
CA GLU A 14 -2.70 16.87 16.91
C GLU A 14 -2.97 16.61 15.43
N LEU A 15 -2.85 15.36 15.02
CA LEU A 15 -3.09 14.98 13.63
C LEU A 15 -4.21 13.96 13.53
N VAL A 16 -4.49 13.52 12.30
CA VAL A 16 -5.54 12.54 12.06
C VAL A 16 -4.97 11.13 11.97
N ASP A 17 -5.72 10.16 12.49
CA ASP A 17 -5.28 8.76 12.47
C ASP A 17 -5.01 8.30 11.03
N ILE A 18 -5.98 8.50 10.16
CA ILE A 18 -5.85 8.11 8.76
C ILE A 18 -4.70 8.86 8.09
N GLN A 19 -3.68 8.11 7.67
CA GLN A 19 -2.53 8.71 7.02
C GLN A 19 -2.89 9.19 5.62
N ARG A 20 -3.58 8.34 4.86
CA ARG A 20 -3.99 8.67 3.51
C ARG A 20 -5.07 7.71 3.01
N GLU A 21 -5.98 8.22 2.18
CA GLU A 21 -7.06 7.42 1.64
C GLU A 21 -7.43 7.88 0.23
N GLY A 22 -7.60 6.91 -0.67
CA GLY A 22 -7.94 7.23 -2.04
C GLY A 22 -8.48 6.03 -2.80
N ALA A 23 -9.08 6.29 -3.95
CA ALA A 23 -9.64 5.22 -4.77
C ALA A 23 -8.79 4.97 -6.01
N LEU A 24 -8.08 3.85 -6.03
CA LEU A 24 -7.21 3.51 -7.15
C LEU A 24 -7.37 2.04 -7.52
N ARG A 25 -6.76 1.65 -8.63
CA ARG A 25 -6.83 0.26 -9.10
C ARG A 25 -5.70 -0.56 -8.51
N PHE A 26 -5.96 -1.85 -8.29
CA PHE A 26 -4.96 -2.75 -7.73
C PHE A 26 -5.00 -4.10 -8.44
N MET A 27 -3.85 -4.78 -8.46
CA MET A 27 -3.74 -6.08 -9.09
C MET A 27 -2.63 -6.91 -8.46
N VAL A 28 -2.80 -8.23 -8.48
CA VAL A 28 -1.81 -9.13 -7.91
C VAL A 28 -1.07 -9.91 -9.00
N ALA A 29 0.25 -9.92 -8.92
CA ALA A 29 1.08 -10.62 -9.91
C ALA A 29 0.92 -12.13 -9.78
N ASP A 30 0.17 -12.72 -10.70
CA ASP A 30 -0.06 -14.16 -10.69
C ASP A 30 -0.51 -14.65 -12.06
N ASP A 31 -0.62 -15.97 -12.20
CA ASP A 31 -1.04 -16.56 -13.46
C ASP A 31 -2.31 -15.91 -13.98
N ALA A 32 -3.32 -15.84 -13.12
CA ALA A 32 -4.60 -15.24 -13.50
C ALA A 32 -5.16 -15.87 -14.76
N ALA A 33 -4.76 -17.12 -15.02
CA ALA A 33 -5.23 -17.83 -16.20
C ALA A 33 -6.62 -18.42 -15.98
N SER A 34 -7.50 -17.62 -15.39
CA SER A 34 -8.86 -18.06 -15.11
C SER A 34 -9.78 -17.79 -16.30
N GLY A 35 -9.29 -18.11 -17.50
CA GLY A 35 -10.08 -17.90 -18.71
C GLY A 35 -9.22 -17.50 -19.89
N PRO A 36 -9.85 -16.88 -20.90
CA PRO A 36 -9.15 -16.45 -22.11
C PRO A 36 -8.21 -15.28 -21.85
N GLY A 37 -8.68 -14.31 -21.08
CA GLY A 37 -7.88 -13.15 -20.76
C GLY A 37 -8.08 -12.01 -21.74
N GLY A 38 -7.79 -10.79 -21.30
CA GLY A 38 -7.95 -9.63 -22.16
C GLY A 38 -8.07 -8.34 -21.37
N THR A 39 -9.26 -8.07 -20.84
CA THR A 39 -9.48 -6.86 -20.06
C THR A 39 -8.34 -6.61 -19.08
N ALA A 40 -7.99 -5.33 -18.90
CA ALA A 40 -6.91 -4.96 -17.99
C ALA A 40 -7.17 -5.50 -16.59
N GLN A 41 -6.33 -6.44 -16.17
CA GLN A 41 -6.47 -7.04 -14.84
C GLN A 41 -6.82 -5.99 -13.80
N TRP A 42 -6.41 -4.75 -14.06
CA TRP A 42 -6.69 -3.65 -13.14
C TRP A 42 -8.09 -3.77 -12.55
N GLN A 43 -8.17 -3.78 -11.21
CA GLN A 43 -9.44 -3.90 -10.53
C GLN A 43 -9.72 -2.65 -9.70
N LYS A 44 -10.99 -2.24 -9.66
CA LYS A 44 -11.39 -1.07 -8.90
C LYS A 44 -11.40 -1.36 -7.40
N CYS A 45 -10.72 -0.51 -6.63
CA CYS A 45 -10.65 -0.69 -5.19
C CYS A 45 -10.32 0.64 -4.50
N ARG A 46 -10.55 0.69 -3.19
CA ARG A 46 -10.27 1.89 -2.42
C ARG A 46 -9.20 1.64 -1.38
N LEU A 47 -8.11 2.41 -1.45
CA LEU A 47 -7.01 2.26 -0.52
C LEU A 47 -7.20 3.16 0.70
N LEU A 48 -7.29 2.55 1.88
CA LEU A 48 -7.47 3.28 3.12
C LEU A 48 -6.36 2.97 4.11
N LEU A 49 -5.52 3.97 4.39
CA LEU A 49 -4.42 3.81 5.33
C LEU A 49 -4.76 4.39 6.69
N ARG A 50 -5.00 3.51 7.66
CA ARG A 50 -5.35 3.94 9.02
C ARG A 50 -4.60 3.10 10.05
N ARG A 51 -4.29 3.72 11.19
CA ARG A 51 -3.57 3.04 12.25
C ARG A 51 -4.44 1.93 12.85
N ALA A 52 -3.79 0.83 13.24
CA ALA A 52 -4.50 -0.30 13.84
C ALA A 52 -4.44 -0.25 15.36
N VAL A 53 -5.30 -1.02 16.00
CA VAL A 53 -5.36 -1.07 17.46
C VAL A 53 -5.06 -2.46 17.98
N ALA A 54 -4.73 -2.57 19.26
CA ALA A 54 -4.43 -3.84 19.88
C ALA A 54 -3.06 -4.35 19.44
N GLY A 55 -2.08 -3.46 19.40
CA GLY A 55 -0.74 -3.83 19.00
C GLY A 55 -0.38 -3.31 17.62
N GLU A 56 -0.88 -3.99 16.58
CA GLU A 56 -0.61 -3.60 15.21
C GLU A 56 -0.56 -2.07 15.08
N ARG A 57 0.45 -1.59 14.37
CA ARG A 57 0.62 -0.15 14.18
C ARG A 57 -0.34 0.37 13.10
N PHE A 58 -0.29 -0.25 11.94
CA PHE A 58 -1.17 0.15 10.83
C PHE A 58 -1.69 -1.07 10.08
N ARG A 59 -2.61 -0.84 9.14
CA ARG A 59 -3.18 -1.92 8.36
C ARG A 59 -3.76 -1.40 7.05
N LEU A 60 -3.35 -2.01 5.95
CA LEU A 60 -3.84 -1.61 4.62
C LEU A 60 -5.11 -2.34 4.26
N GLU A 61 -6.09 -1.61 3.73
CA GLU A 61 -7.35 -2.20 3.33
C GLU A 61 -7.64 -1.95 1.85
N PHE A 62 -8.00 -3.00 1.13
CA PHE A 62 -8.29 -2.90 -0.29
C PHE A 62 -9.75 -3.22 -0.58
N PHE A 63 -10.61 -2.23 -0.35
CA PHE A 63 -12.05 -2.40 -0.58
C PHE A 63 -12.34 -2.69 -2.05
N VAL A 64 -12.65 -3.94 -2.35
CA VAL A 64 -12.95 -4.34 -3.72
C VAL A 64 -14.28 -5.10 -3.80
N PRO A 65 -15.30 -4.44 -4.38
CA PRO A 65 -15.16 -3.08 -4.92
C PRO A 65 -14.98 -2.03 -3.82
N PRO A 66 -14.63 -0.81 -4.22
CA PRO A 66 -14.42 0.30 -3.29
C PRO A 66 -15.73 0.78 -2.65
N LYS A 67 -16.83 0.15 -3.04
CA LYS A 67 -18.14 0.50 -2.52
C LYS A 67 -18.62 -0.52 -1.49
N ALA A 68 -17.83 -1.59 -1.32
CA ALA A 68 -18.18 -2.65 -0.37
C ALA A 68 -18.10 -2.14 1.06
N SER A 69 -18.91 -2.73 1.93
CA SER A 69 -18.95 -2.33 3.34
C SER A 69 -17.67 -2.77 4.05
N ARG A 70 -17.09 -3.87 3.59
CA ARG A 70 -15.87 -4.40 4.19
C ARG A 70 -14.79 -4.61 3.13
N PRO A 71 -13.53 -4.58 3.56
CA PRO A 71 -12.38 -4.77 2.66
C PRO A 71 -12.27 -6.20 2.15
N LYS A 72 -11.92 -6.34 0.88
CA LYS A 72 -11.77 -7.65 0.27
C LYS A 72 -10.39 -8.26 0.57
N VAL A 73 -9.35 -7.46 0.36
CA VAL A 73 -7.99 -7.90 0.61
C VAL A 73 -7.34 -7.08 1.72
N SER A 74 -7.93 -7.11 2.90
CA SER A 74 -7.42 -6.36 4.04
C SER A 74 -6.12 -6.97 4.55
N ILE A 75 -5.00 -6.33 4.24
CA ILE A 75 -3.69 -6.82 4.67
C ILE A 75 -3.08 -5.89 5.70
N PRO A 76 -2.52 -6.48 6.78
CA PRO A 76 -1.87 -5.71 7.85
C PRO A 76 -0.57 -5.07 7.40
N LEU A 77 -0.24 -3.93 8.00
CA LEU A 77 0.98 -3.20 7.67
C LEU A 77 2.21 -4.02 8.05
N SER A 78 2.01 -5.03 8.90
CA SER A 78 3.10 -5.88 9.35
C SER A 78 3.52 -6.86 8.25
N ALA A 79 2.56 -7.23 7.41
CA ALA A 79 2.82 -8.15 6.32
C ALA A 79 3.85 -7.58 5.35
N ILE A 80 3.73 -6.30 5.05
CA ILE A 80 4.65 -5.63 4.15
C ILE A 80 6.08 -5.74 4.63
N ILE A 81 6.96 -6.25 3.77
CA ILE A 81 8.37 -6.42 4.12
C ILE A 81 9.26 -5.62 3.18
N GLU A 82 8.71 -5.24 2.02
CA GLU A 82 9.46 -4.47 1.03
C GLU A 82 8.53 -3.93 -0.05
N VAL A 83 8.66 -2.65 -0.35
CA VAL A 83 7.84 -2.02 -1.38
C VAL A 83 8.68 -1.62 -2.59
N ARG A 84 8.56 -2.39 -3.66
CA ARG A 84 9.31 -2.11 -4.88
C ARG A 84 8.57 -1.11 -5.77
N THR A 85 9.27 -0.06 -6.18
CA THR A 85 8.68 0.96 -7.03
C THR A 85 9.10 0.80 -8.48
N THR A 86 9.62 -0.39 -8.81
CA THR A 86 10.07 -0.66 -10.17
C THR A 86 8.98 -1.34 -10.99
N MET A 87 9.25 -1.56 -12.27
CA MET A 87 8.28 -2.20 -13.16
C MET A 87 8.95 -3.26 -14.02
N PRO A 88 8.18 -4.27 -14.44
CA PRO A 88 8.68 -5.36 -15.28
C PRO A 88 9.02 -4.90 -16.70
N LEU A 89 9.15 -5.85 -17.61
CA LEU A 89 9.46 -5.54 -19.00
C LEU A 89 8.18 -5.36 -19.82
N GLU A 90 7.09 -5.96 -19.35
CA GLU A 90 5.82 -5.86 -20.03
C GLU A 90 5.06 -4.59 -19.62
N MET A 91 5.61 -3.89 -18.63
CA MET A 91 5.00 -2.66 -18.13
C MET A 91 5.75 -1.43 -18.64
N PRO A 92 4.99 -0.43 -19.10
CA PRO A 92 5.57 0.82 -19.62
C PRO A 92 6.21 1.66 -18.53
N GLU A 93 6.27 1.11 -17.32
CA GLU A 93 6.86 1.82 -16.19
C GLU A 93 6.05 3.07 -15.85
N LYS A 94 4.76 2.87 -15.61
CA LYS A 94 3.87 3.97 -15.26
C LYS A 94 4.48 4.83 -14.15
N ASP A 95 4.25 6.14 -14.21
CA ASP A 95 4.76 7.06 -13.21
C ASP A 95 3.89 7.05 -11.96
N ASN A 96 2.74 6.38 -12.05
CA ASN A 96 1.81 6.29 -10.94
C ASN A 96 1.49 4.84 -10.61
N THR A 97 2.53 4.08 -10.26
CA THR A 97 2.37 2.67 -9.93
C THR A 97 3.45 2.19 -8.98
N PHE A 98 3.13 1.23 -8.13
CA PHE A 98 4.09 0.69 -7.18
C PHE A 98 3.70 -0.73 -6.76
N VAL A 99 4.71 -1.52 -6.40
CA VAL A 99 4.48 -2.90 -5.98
C VAL A 99 4.55 -3.04 -4.46
N LEU A 100 3.73 -3.92 -3.91
CA LEU A 100 3.71 -4.15 -2.46
C LEU A 100 4.04 -5.60 -2.13
N LYS A 101 5.23 -5.83 -1.62
CA LYS A 101 5.66 -7.18 -1.26
C LYS A 101 5.37 -7.47 0.21
N VAL A 102 4.49 -8.44 0.45
CA VAL A 102 4.12 -8.80 1.82
C VAL A 102 4.98 -9.96 2.32
N GLU A 103 4.69 -10.42 3.53
CA GLU A 103 5.44 -11.52 4.13
C GLU A 103 4.98 -12.86 3.57
N ASN A 104 3.87 -12.83 2.83
CA ASN A 104 3.31 -14.05 2.24
C ASN A 104 3.70 -14.15 0.76
N GLY A 105 4.86 -13.61 0.42
CA GLY A 105 5.31 -13.66 -0.96
C GLY A 105 4.23 -13.28 -1.95
N ALA A 106 3.69 -12.08 -1.81
CA ALA A 106 2.63 -11.61 -2.70
C ALA A 106 2.84 -10.14 -3.06
N GLU A 107 2.82 -9.86 -4.37
CA GLU A 107 3.01 -8.50 -4.85
C GLU A 107 1.68 -7.89 -5.30
N TYR A 108 1.40 -6.68 -4.87
CA TYR A 108 0.16 -5.99 -5.23
C TYR A 108 0.46 -4.71 -6.00
N ILE A 109 0.30 -4.77 -7.32
CA ILE A 109 0.55 -3.62 -8.17
C ILE A 109 -0.63 -2.64 -8.14
N LEU A 110 -0.39 -1.45 -7.61
CA LEU A 110 -1.42 -0.42 -7.52
C LEU A 110 -1.13 0.73 -8.46
N GLU A 111 -2.18 1.47 -8.82
CA GLU A 111 -2.02 2.61 -9.72
C GLU A 111 -2.85 3.80 -9.22
N THR A 112 -2.15 4.87 -8.86
CA THR A 112 -2.80 6.07 -8.37
C THR A 112 -3.04 7.07 -9.49
N ILE A 113 -3.64 8.21 -9.15
CA ILE A 113 -3.93 9.25 -10.15
C ILE A 113 -2.70 9.56 -10.99
N ASP A 114 -1.71 10.21 -10.38
CA ASP A 114 -0.49 10.58 -11.07
C ASP A 114 0.73 10.31 -10.19
N SER A 115 1.92 10.51 -10.75
CA SER A 115 3.16 10.29 -10.02
C SER A 115 3.13 11.02 -8.68
N LEU A 116 2.24 11.99 -8.55
CA LEU A 116 2.11 12.77 -7.32
C LEU A 116 1.46 11.93 -6.22
N GLN A 117 0.36 11.28 -6.54
CA GLN A 117 -0.34 10.45 -5.58
C GLN A 117 0.45 9.19 -5.25
N LYS A 118 0.90 8.50 -6.30
CA LYS A 118 1.67 7.27 -6.13
C LYS A 118 2.77 7.46 -5.09
N HIS A 119 3.77 8.27 -5.41
CA HIS A 119 4.88 8.54 -4.50
C HIS A 119 4.37 8.70 -3.07
N SER A 120 3.48 9.67 -2.87
CA SER A 120 2.92 9.93 -1.55
C SER A 120 2.61 8.63 -0.82
N TRP A 121 1.73 7.83 -1.41
CA TRP A 121 1.35 6.55 -0.82
C TRP A 121 2.57 5.80 -0.31
N VAL A 122 3.51 5.54 -1.20
CA VAL A 122 4.73 4.82 -0.85
C VAL A 122 5.32 5.37 0.45
N ALA A 123 5.08 6.64 0.71
CA ALA A 123 5.59 7.28 1.92
C ALA A 123 4.71 6.95 3.13
N ASP A 124 3.40 6.98 2.93
CA ASP A 124 2.46 6.68 4.00
C ASP A 124 2.66 5.26 4.52
N ILE A 125 2.97 4.34 3.61
CA ILE A 125 3.18 2.95 3.96
C ILE A 125 4.56 2.74 4.57
N GLN A 126 5.60 3.13 3.84
CA GLN A 126 6.97 2.98 4.31
C GLN A 126 7.17 3.72 5.62
N GLY A 127 6.51 4.87 5.75
CA GLY A 127 6.63 5.66 6.96
C GLY A 127 6.07 4.95 8.18
N CYS A 128 5.18 4.00 7.95
CA CYS A 128 4.57 3.24 9.04
C CYS A 128 5.33 1.94 9.29
N VAL A 129 5.52 1.15 8.23
CA VAL A 129 6.23 -0.12 8.34
C VAL A 129 7.56 0.06 9.07
N ASP A 130 8.27 1.14 8.75
CA ASP A 130 9.55 1.43 9.36
C ASP A 130 9.36 2.01 10.76
N SER A 131 8.54 3.05 10.86
CA SER A 131 8.27 3.71 12.13
C SER A 131 8.06 2.69 13.23
N GLY A 132 7.24 1.67 12.94
CA GLY A 132 6.95 0.65 13.92
C GLY A 132 8.17 0.29 14.76
N PRO A 133 7.94 -0.05 16.03
CA PRO A 133 9.02 -0.42 16.96
C PRO A 133 9.64 -1.77 16.61
N SER A 134 10.85 -1.99 17.12
CA SER A 134 11.56 -3.23 16.86
C SER A 134 10.79 -4.43 17.41
N SER A 135 10.52 -4.39 18.71
CA SER A 135 9.78 -5.47 19.37
C SER A 135 8.39 -5.02 19.77
N GLY A 136 7.47 -5.98 19.89
CA GLY A 136 6.10 -5.65 20.27
C GLY A 136 5.57 -4.45 19.52
N GLY A 1 19.50 -12.65 -2.84
CA GLY A 1 18.67 -11.52 -2.49
C GLY A 1 19.42 -10.48 -1.67
N SER A 2 18.70 -9.45 -1.22
CA SER A 2 19.31 -8.39 -0.43
C SER A 2 18.26 -7.64 0.37
N SER A 3 18.71 -6.80 1.31
CA SER A 3 17.81 -6.03 2.15
C SER A 3 18.55 -4.87 2.82
N GLY A 4 17.79 -3.92 3.34
CA GLY A 4 18.39 -2.78 4.01
C GLY A 4 17.82 -1.46 3.53
N SER A 5 17.08 -0.78 4.39
CA SER A 5 16.48 0.50 4.04
C SER A 5 16.41 1.43 5.27
N SER A 6 16.55 2.72 5.04
CA SER A 6 16.51 3.71 6.11
C SER A 6 16.03 5.05 5.59
N GLY A 7 15.83 5.99 6.51
CA GLY A 7 15.38 7.32 6.13
C GLY A 7 14.71 8.05 7.28
N ASN A 8 15.27 7.93 8.47
CA ASN A 8 14.72 8.58 9.65
C ASN A 8 14.29 10.02 9.33
N LEU A 9 13.15 10.42 9.86
CA LEU A 9 12.63 11.76 9.64
C LEU A 9 12.00 12.32 10.91
N ALA A 10 11.71 13.62 10.89
CA ALA A 10 11.10 14.28 12.04
C ALA A 10 9.95 15.18 11.61
N ALA A 11 9.08 14.66 10.76
CA ALA A 11 7.93 15.41 10.28
C ALA A 11 6.91 14.49 9.60
N LYS A 12 5.67 14.56 10.05
CA LYS A 12 4.61 13.74 9.49
C LYS A 12 3.25 14.16 10.05
N VAL A 13 2.18 13.74 9.38
CA VAL A 13 0.83 14.06 9.82
C VAL A 13 0.48 13.34 11.12
N GLU A 14 0.54 14.07 12.23
CA GLU A 14 0.23 13.49 13.53
C GLU A 14 -1.05 14.10 14.10
N LEU A 15 -1.93 14.54 13.21
CA LEU A 15 -3.20 15.15 13.63
C LEU A 15 -4.38 14.30 13.17
N VAL A 16 -4.09 13.05 12.81
CA VAL A 16 -5.14 12.14 12.36
C VAL A 16 -4.56 10.75 12.09
N ASP A 17 -5.37 9.72 12.36
CA ASP A 17 -4.94 8.34 12.14
C ASP A 17 -4.81 8.04 10.65
N ILE A 18 -5.85 8.38 9.89
CA ILE A 18 -5.85 8.15 8.45
C ILE A 18 -4.70 8.89 7.78
N GLN A 19 -3.71 8.13 7.31
CA GLN A 19 -2.56 8.72 6.63
C GLN A 19 -2.88 9.09 5.20
N ARG A 20 -3.57 8.19 4.50
CA ARG A 20 -3.95 8.41 3.12
C ARG A 20 -5.12 7.52 2.71
N GLU A 21 -6.03 8.07 1.92
CA GLU A 21 -7.19 7.32 1.46
C GLU A 21 -7.61 7.76 0.06
N GLY A 22 -7.62 6.81 -0.88
CA GLY A 22 -8.01 7.11 -2.25
C GLY A 22 -8.69 5.95 -2.93
N ALA A 23 -8.98 6.12 -4.22
CA ALA A 23 -9.65 5.07 -4.99
C ALA A 23 -8.88 4.76 -6.26
N LEU A 24 -8.00 3.77 -6.19
CA LEU A 24 -7.20 3.37 -7.34
C LEU A 24 -7.38 1.89 -7.64
N ARG A 25 -6.81 1.44 -8.76
CA ARG A 25 -6.91 0.04 -9.16
C ARG A 25 -5.68 -0.75 -8.70
N PHE A 26 -5.91 -1.96 -8.22
CA PHE A 26 -4.83 -2.82 -7.74
C PHE A 26 -4.87 -4.17 -8.44
N MET A 27 -3.77 -4.90 -8.34
CA MET A 27 -3.66 -6.22 -8.96
C MET A 27 -2.59 -7.06 -8.28
N VAL A 28 -2.68 -8.38 -8.45
CA VAL A 28 -1.71 -9.29 -7.86
C VAL A 28 -1.00 -10.13 -8.93
N ALA A 29 0.32 -10.06 -8.94
CA ALA A 29 1.11 -10.81 -9.91
C ALA A 29 0.91 -12.31 -9.73
N ASP A 30 0.14 -12.91 -10.63
CA ASP A 30 -0.12 -14.35 -10.57
C ASP A 30 -0.30 -14.92 -11.97
N ASP A 31 0.07 -16.19 -12.13
CA ASP A 31 -0.05 -16.86 -13.43
C ASP A 31 -1.15 -17.92 -13.39
N ALA A 32 -1.57 -18.36 -14.57
CA ALA A 32 -2.62 -19.36 -14.67
C ALA A 32 -2.67 -19.96 -16.07
N ALA A 33 -3.35 -21.09 -16.21
CA ALA A 33 -3.48 -21.77 -17.50
C ALA A 33 -4.43 -21.00 -18.43
N SER A 34 -5.67 -20.85 -18.00
CA SER A 34 -6.67 -20.14 -18.79
C SER A 34 -7.47 -19.18 -17.92
N GLY A 35 -7.66 -17.96 -18.42
CA GLY A 35 -8.41 -16.97 -17.68
C GLY A 35 -9.20 -16.04 -18.59
N PRO A 36 -9.61 -14.89 -18.04
CA PRO A 36 -10.38 -13.90 -18.79
C PRO A 36 -9.56 -13.20 -19.87
N GLY A 37 -10.19 -12.31 -20.62
CA GLY A 37 -9.50 -11.59 -21.67
C GLY A 37 -10.37 -10.56 -22.35
N GLY A 38 -10.58 -9.43 -21.67
CA GLY A 38 -11.41 -8.37 -22.21
C GLY A 38 -10.91 -7.00 -21.83
N THR A 39 -10.74 -6.76 -20.53
CA THR A 39 -10.26 -5.48 -20.03
C THR A 39 -8.97 -5.64 -19.24
N ALA A 40 -8.41 -4.51 -18.82
CA ALA A 40 -7.16 -4.52 -18.06
C ALA A 40 -7.36 -5.18 -16.70
N GLN A 41 -6.56 -6.20 -16.42
CA GLN A 41 -6.65 -6.91 -15.14
C GLN A 41 -6.97 -5.95 -14.00
N TRP A 42 -6.42 -4.75 -14.09
CA TRP A 42 -6.64 -3.74 -13.06
C TRP A 42 -8.04 -3.83 -12.48
N GLN A 43 -8.14 -3.91 -11.16
CA GLN A 43 -9.43 -4.00 -10.50
C GLN A 43 -9.69 -2.79 -9.62
N LYS A 44 -10.81 -2.12 -9.84
CA LYS A 44 -11.17 -0.94 -9.07
C LYS A 44 -11.26 -1.26 -7.58
N CYS A 45 -10.65 -0.41 -6.76
CA CYS A 45 -10.65 -0.61 -5.31
C CYS A 45 -10.37 0.71 -4.59
N ARG A 46 -10.49 0.68 -3.27
CA ARG A 46 -10.27 1.87 -2.46
C ARG A 46 -9.21 1.61 -1.39
N LEU A 47 -8.08 2.30 -1.50
CA LEU A 47 -6.99 2.13 -0.55
C LEU A 47 -7.18 3.05 0.66
N LEU A 48 -7.22 2.45 1.85
CA LEU A 48 -7.39 3.22 3.08
C LEU A 48 -6.30 2.88 4.09
N LEU A 49 -5.52 3.88 4.49
CA LEU A 49 -4.44 3.68 5.45
C LEU A 49 -4.85 4.20 6.82
N ARG A 50 -5.27 3.29 7.69
CA ARG A 50 -5.68 3.65 9.05
C ARG A 50 -4.74 3.04 10.08
N ARG A 51 -4.56 3.74 11.20
CA ARG A 51 -3.69 3.28 12.26
C ARG A 51 -4.43 2.30 13.17
N ALA A 52 -3.72 1.27 13.62
CA ALA A 52 -4.30 0.26 14.50
C ALA A 52 -4.01 0.58 15.97
N VAL A 53 -5.02 0.41 16.82
CA VAL A 53 -4.86 0.67 18.24
C VAL A 53 -5.07 -0.59 19.06
N ALA A 54 -4.37 -0.68 20.19
CA ALA A 54 -4.48 -1.84 21.06
C ALA A 54 -4.21 -3.14 20.30
N GLY A 55 -3.12 -3.15 19.53
CA GLY A 55 -2.77 -4.32 18.76
C GLY A 55 -1.56 -4.10 17.89
N GLU A 56 -1.79 -3.92 16.59
CA GLU A 56 -0.70 -3.70 15.64
C GLU A 56 -0.48 -2.21 15.41
N ARG A 57 0.49 -1.89 14.57
CA ARG A 57 0.81 -0.50 14.25
C ARG A 57 -0.16 0.05 13.21
N PHE A 58 -0.01 -0.40 11.97
CA PHE A 58 -0.88 0.05 10.88
C PHE A 58 -1.49 -1.14 10.15
N ARG A 59 -2.48 -0.85 9.31
CA ARG A 59 -3.17 -1.90 8.56
C ARG A 59 -3.74 -1.35 7.26
N LEU A 60 -3.42 -1.99 6.15
CA LEU A 60 -3.90 -1.56 4.84
C LEU A 60 -5.17 -2.32 4.46
N GLU A 61 -6.13 -1.61 3.86
CA GLU A 61 -7.38 -2.22 3.43
C GLU A 61 -7.67 -1.91 1.98
N PHE A 62 -7.87 -2.96 1.18
CA PHE A 62 -8.17 -2.79 -0.25
C PHE A 62 -9.63 -3.10 -0.54
N PHE A 63 -10.50 -2.14 -0.26
CA PHE A 63 -11.92 -2.31 -0.49
C PHE A 63 -12.21 -2.56 -1.98
N VAL A 64 -12.50 -3.81 -2.32
CA VAL A 64 -12.79 -4.17 -3.70
C VAL A 64 -14.12 -4.93 -3.79
N PRO A 65 -15.09 -4.32 -4.49
CA PRO A 65 -14.91 -3.01 -5.12
C PRO A 65 -14.80 -1.89 -4.10
N PRO A 66 -14.45 -0.68 -4.57
CA PRO A 66 -14.31 0.50 -3.71
C PRO A 66 -15.65 1.00 -3.19
N LYS A 67 -16.71 0.27 -3.51
CA LYS A 67 -18.05 0.64 -3.07
C LYS A 67 -18.57 -0.34 -2.03
N ALA A 68 -17.74 -1.34 -1.69
CA ALA A 68 -18.12 -2.34 -0.71
C ALA A 68 -17.94 -1.81 0.71
N SER A 69 -18.79 -2.28 1.62
CA SER A 69 -18.73 -1.85 3.02
C SER A 69 -17.55 -2.50 3.74
N ARG A 70 -17.22 -3.72 3.34
CA ARG A 70 -16.11 -4.45 3.94
C ARG A 70 -14.96 -4.61 2.96
N PRO A 71 -13.72 -4.61 3.48
CA PRO A 71 -12.52 -4.75 2.66
C PRO A 71 -12.38 -6.16 2.08
N LYS A 72 -11.88 -6.23 0.84
CA LYS A 72 -11.70 -7.51 0.17
C LYS A 72 -10.34 -8.11 0.51
N VAL A 73 -9.30 -7.29 0.42
CA VAL A 73 -7.94 -7.75 0.73
C VAL A 73 -7.32 -6.91 1.84
N SER A 74 -7.87 -7.03 3.05
CA SER A 74 -7.37 -6.27 4.18
C SER A 74 -6.07 -6.87 4.70
N ILE A 75 -4.95 -6.25 4.34
CA ILE A 75 -3.65 -6.72 4.76
C ILE A 75 -3.00 -5.75 5.75
N PRO A 76 -2.41 -6.30 6.82
CA PRO A 76 -1.75 -5.50 7.85
C PRO A 76 -0.46 -4.85 7.36
N LEU A 77 -0.12 -3.70 7.93
CA LEU A 77 1.08 -2.97 7.54
C LEU A 77 2.33 -3.77 7.91
N SER A 78 2.16 -4.74 8.80
CA SER A 78 3.28 -5.57 9.24
C SER A 78 3.70 -6.54 8.14
N ALA A 79 2.71 -7.04 7.40
CA ALA A 79 2.98 -7.98 6.32
C ALA A 79 3.96 -7.40 5.31
N ILE A 80 3.78 -6.12 4.97
CA ILE A 80 4.67 -5.45 4.03
C ILE A 80 6.11 -5.49 4.49
N ILE A 81 6.99 -6.03 3.65
CA ILE A 81 8.40 -6.13 3.97
C ILE A 81 9.25 -5.32 3.00
N GLU A 82 8.70 -5.09 1.80
CA GLU A 82 9.40 -4.32 0.78
C GLU A 82 8.43 -3.83 -0.29
N VAL A 83 8.68 -2.61 -0.77
CA VAL A 83 7.82 -2.02 -1.80
C VAL A 83 8.61 -1.77 -3.09
N ARG A 84 8.47 -2.70 -4.04
CA ARG A 84 9.17 -2.58 -5.31
C ARG A 84 8.57 -1.46 -6.16
N THR A 85 8.84 -0.22 -5.78
CA THR A 85 8.32 0.94 -6.50
C THR A 85 8.64 0.84 -7.98
N THR A 86 9.59 -0.01 -8.33
CA THR A 86 9.99 -0.20 -9.72
C THR A 86 9.19 -1.31 -10.38
N MET A 87 8.97 -1.20 -11.69
CA MET A 87 8.22 -2.20 -12.42
C MET A 87 9.16 -3.11 -13.21
N PRO A 88 8.71 -4.35 -13.47
CA PRO A 88 9.49 -5.34 -14.21
C PRO A 88 9.62 -4.98 -15.69
N LEU A 89 10.04 -5.95 -16.49
CA LEU A 89 10.21 -5.74 -17.93
C LEU A 89 8.87 -5.81 -18.65
N GLU A 90 7.78 -5.81 -17.88
CA GLU A 90 6.45 -5.89 -18.44
C GLU A 90 5.61 -4.67 -18.03
N MET A 91 6.26 -3.50 -17.98
CA MET A 91 5.59 -2.27 -17.61
C MET A 91 6.37 -1.05 -18.11
N PRO A 92 5.64 -0.03 -18.57
CA PRO A 92 6.24 1.20 -19.08
C PRO A 92 6.88 2.04 -17.97
N GLU A 93 6.87 1.50 -16.76
CA GLU A 93 7.45 2.20 -15.61
C GLU A 93 6.63 3.43 -15.25
N LYS A 94 5.31 3.25 -15.11
CA LYS A 94 4.42 4.34 -14.76
C LYS A 94 4.89 5.05 -13.50
N ASP A 95 5.05 6.37 -13.59
CA ASP A 95 5.49 7.17 -12.46
C ASP A 95 4.42 7.21 -11.38
N ASN A 96 3.28 6.59 -11.65
CA ASN A 96 2.17 6.55 -10.70
C ASN A 96 1.79 5.12 -10.36
N THR A 97 2.79 4.27 -10.13
CA THR A 97 2.55 2.88 -9.80
C THR A 97 3.59 2.36 -8.82
N PHE A 98 3.20 1.42 -7.97
CA PHE A 98 4.09 0.85 -6.99
C PHE A 98 3.69 -0.59 -6.65
N VAL A 99 4.68 -1.40 -6.25
CA VAL A 99 4.43 -2.79 -5.91
C VAL A 99 4.55 -3.01 -4.40
N LEU A 100 3.60 -3.75 -3.84
CA LEU A 100 3.60 -4.04 -2.41
C LEU A 100 3.88 -5.52 -2.16
N LYS A 101 5.06 -5.79 -1.62
CA LYS A 101 5.46 -7.17 -1.32
C LYS A 101 5.21 -7.50 0.15
N VAL A 102 4.25 -8.36 0.42
CA VAL A 102 3.92 -8.76 1.78
C VAL A 102 4.86 -9.86 2.27
N GLU A 103 4.72 -10.23 3.53
CA GLU A 103 5.56 -11.27 4.13
C GLU A 103 5.22 -12.63 3.54
N ASN A 104 3.96 -12.81 3.16
CA ASN A 104 3.51 -14.07 2.59
C ASN A 104 4.09 -14.28 1.20
N GLY A 105 4.62 -13.21 0.61
CA GLY A 105 5.21 -13.29 -0.71
C GLY A 105 4.21 -13.00 -1.81
N ALA A 106 3.55 -11.85 -1.72
CA ALA A 106 2.56 -11.45 -2.71
C ALA A 106 2.74 -9.99 -3.11
N GLU A 107 2.86 -9.75 -4.41
CA GLU A 107 3.05 -8.40 -4.92
C GLU A 107 1.71 -7.79 -5.35
N TYR A 108 1.43 -6.60 -4.87
CA TYR A 108 0.18 -5.90 -5.20
C TYR A 108 0.46 -4.62 -5.97
N ILE A 109 0.36 -4.70 -7.29
CA ILE A 109 0.59 -3.54 -8.15
C ILE A 109 -0.63 -2.63 -8.18
N LEU A 110 -0.47 -1.41 -7.68
CA LEU A 110 -1.56 -0.44 -7.66
C LEU A 110 -1.28 0.71 -8.62
N GLU A 111 -2.35 1.33 -9.12
CA GLU A 111 -2.23 2.44 -10.05
C GLU A 111 -2.91 3.69 -9.49
N THR A 112 -2.10 4.66 -9.08
CA THR A 112 -2.63 5.90 -8.53
C THR A 112 -2.89 6.92 -9.63
N ILE A 113 -3.46 8.07 -9.25
CA ILE A 113 -3.75 9.13 -10.21
C ILE A 113 -2.50 9.56 -10.96
N ASP A 114 -1.57 10.18 -10.25
CA ASP A 114 -0.33 10.65 -10.85
C ASP A 114 0.83 10.48 -9.88
N SER A 115 2.06 10.62 -10.40
CA SER A 115 3.25 10.48 -9.58
C SER A 115 3.07 11.15 -8.23
N LEU A 116 2.26 12.20 -8.20
CA LEU A 116 1.99 12.93 -6.96
C LEU A 116 1.34 12.04 -5.93
N GLN A 117 0.26 11.37 -6.32
CA GLN A 117 -0.46 10.47 -5.42
C GLN A 117 0.40 9.25 -5.07
N LYS A 118 0.99 8.64 -6.09
CA LYS A 118 1.84 7.47 -5.89
C LYS A 118 2.82 7.69 -4.73
N HIS A 119 3.72 8.65 -4.92
CA HIS A 119 4.71 8.96 -3.90
C HIS A 119 4.06 9.10 -2.53
N SER A 120 3.03 9.93 -2.46
CA SER A 120 2.32 10.16 -1.20
C SER A 120 2.04 8.83 -0.49
N TRP A 121 1.60 7.84 -1.26
CA TRP A 121 1.29 6.53 -0.70
C TRP A 121 2.56 5.82 -0.24
N VAL A 122 3.48 5.60 -1.17
CA VAL A 122 4.74 4.92 -0.86
C VAL A 122 5.27 5.38 0.50
N ALA A 123 5.26 6.68 0.73
CA ALA A 123 5.74 7.24 1.99
C ALA A 123 4.85 6.82 3.15
N ASP A 124 3.55 7.01 2.99
CA ASP A 124 2.59 6.65 4.03
C ASP A 124 2.80 5.21 4.48
N ILE A 125 3.13 4.34 3.53
CA ILE A 125 3.36 2.93 3.84
C ILE A 125 4.78 2.69 4.33
N GLN A 126 5.75 2.95 3.46
CA GLN A 126 7.16 2.77 3.82
C GLN A 126 7.46 3.37 5.19
N GLY A 127 6.82 4.50 5.48
CA GLY A 127 7.03 5.16 6.76
C GLY A 127 6.42 4.39 7.91
N CYS A 128 5.26 3.79 7.68
CA CYS A 128 4.58 3.03 8.72
C CYS A 128 5.23 1.67 8.91
N VAL A 129 5.77 1.11 7.82
CA VAL A 129 6.42 -0.18 7.87
C VAL A 129 7.14 -0.38 9.20
N ASP A 130 7.93 0.61 9.60
CA ASP A 130 8.67 0.54 10.85
C ASP A 130 9.43 1.84 11.10
N SER A 131 9.36 2.34 12.33
CA SER A 131 10.02 3.58 12.70
C SER A 131 9.62 4.72 11.77
N GLY A 132 8.31 4.94 11.67
CA GLY A 132 7.81 6.00 10.81
C GLY A 132 8.10 7.39 11.36
N PRO A 133 7.27 7.83 12.32
CA PRO A 133 7.42 9.15 12.94
C PRO A 133 8.65 9.22 13.84
N SER A 134 9.35 8.10 13.98
CA SER A 134 10.54 8.03 14.82
C SER A 134 11.37 9.30 14.66
N SER A 135 12.18 9.60 15.68
CA SER A 135 13.03 10.79 15.66
C SER A 135 14.09 10.72 16.75
N GLY A 136 15.25 11.30 16.49
CA GLY A 136 16.33 11.29 17.46
C GLY A 136 17.37 12.35 17.16
N GLY A 1 19.88 5.53 29.58
CA GLY A 1 19.04 5.23 30.73
C GLY A 1 18.99 6.36 31.73
N SER A 2 19.25 6.06 32.99
CA SER A 2 19.23 7.07 34.04
C SER A 2 20.41 8.02 33.92
N SER A 3 20.26 9.02 33.07
CA SER A 3 21.32 10.00 32.85
C SER A 3 20.74 11.41 32.70
N GLY A 4 21.19 12.32 33.55
CA GLY A 4 20.72 13.69 33.51
C GLY A 4 21.31 14.47 32.35
N SER A 5 22.61 14.31 32.12
CA SER A 5 23.29 15.01 31.05
C SER A 5 22.46 14.97 29.77
N SER A 6 22.19 13.77 29.28
CA SER A 6 21.42 13.59 28.07
C SER A 6 20.28 14.60 27.99
N GLY A 7 20.05 15.14 26.79
CA GLY A 7 18.99 16.11 26.61
C GLY A 7 17.90 15.61 25.69
N ASN A 8 16.66 15.87 26.08
CA ASN A 8 15.50 15.45 25.27
C ASN A 8 14.23 16.15 25.73
N LEU A 9 13.49 16.68 24.77
CA LEU A 9 12.25 17.39 25.06
C LEU A 9 11.04 16.58 24.59
N ALA A 10 9.86 16.94 25.11
CA ALA A 10 8.63 16.25 24.74
C ALA A 10 8.14 16.69 23.37
N ALA A 11 7.82 15.72 22.51
CA ALA A 11 7.34 16.01 21.17
C ALA A 11 5.92 15.49 20.97
N LYS A 12 4.95 16.40 20.96
CA LYS A 12 3.56 16.03 20.77
C LYS A 12 2.88 16.96 19.76
N VAL A 13 2.23 16.37 18.76
CA VAL A 13 1.54 17.14 17.73
C VAL A 13 0.18 16.53 17.42
N GLU A 14 -0.82 17.39 17.22
CA GLU A 14 -2.16 16.93 16.90
C GLU A 14 -2.26 16.48 15.45
N LEU A 15 -2.38 15.17 15.26
CA LEU A 15 -2.48 14.60 13.92
C LEU A 15 -3.68 13.66 13.81
N VAL A 16 -3.90 13.11 12.62
CA VAL A 16 -5.01 12.21 12.38
C VAL A 16 -4.52 10.82 12.00
N ASP A 17 -5.15 9.80 12.56
CA ASP A 17 -4.78 8.41 12.27
C ASP A 17 -4.64 8.19 10.77
N ILE A 18 -5.72 8.46 10.04
CA ILE A 18 -5.72 8.27 8.60
C ILE A 18 -4.54 9.00 7.95
N GLN A 19 -3.65 8.23 7.33
CA GLN A 19 -2.48 8.80 6.69
C GLN A 19 -2.80 9.20 5.24
N ARG A 20 -3.43 8.29 4.51
CA ARG A 20 -3.79 8.54 3.12
C ARG A 20 -4.87 7.57 2.65
N GLU A 21 -5.81 8.09 1.87
CA GLU A 21 -6.90 7.26 1.36
C GLU A 21 -7.35 7.75 -0.02
N GLY A 22 -7.39 6.84 -0.98
CA GLY A 22 -7.80 7.20 -2.33
C GLY A 22 -8.52 6.06 -3.03
N ALA A 23 -8.88 6.29 -4.30
CA ALA A 23 -9.57 5.28 -5.08
C ALA A 23 -8.79 4.92 -6.33
N LEU A 24 -8.10 3.78 -6.29
CA LEU A 24 -7.31 3.32 -7.42
C LEU A 24 -7.53 1.83 -7.67
N ARG A 25 -6.96 1.33 -8.77
CA ARG A 25 -7.08 -0.08 -9.11
C ARG A 25 -5.88 -0.88 -8.61
N PHE A 26 -6.14 -2.09 -8.13
CA PHE A 26 -5.09 -2.95 -7.62
C PHE A 26 -5.10 -4.31 -8.31
N MET A 27 -3.96 -4.98 -8.33
CA MET A 27 -3.84 -6.29 -8.96
C MET A 27 -2.76 -7.13 -8.29
N VAL A 28 -2.80 -8.44 -8.52
CA VAL A 28 -1.83 -9.35 -7.93
C VAL A 28 -1.13 -10.16 -9.01
N ALA A 29 0.20 -10.11 -9.00
CA ALA A 29 1.00 -10.86 -9.97
C ALA A 29 0.85 -12.36 -9.77
N ASP A 30 0.09 -12.99 -10.65
CA ASP A 30 -0.13 -14.44 -10.57
C ASP A 30 -0.72 -14.97 -11.88
N ASP A 31 -0.45 -16.23 -12.17
CA ASP A 31 -0.94 -16.86 -13.39
C ASP A 31 -2.31 -17.50 -13.15
N ALA A 32 -2.95 -17.94 -14.24
CA ALA A 32 -4.26 -18.56 -14.14
C ALA A 32 -4.42 -19.65 -15.20
N ALA A 33 -4.76 -20.86 -14.76
CA ALA A 33 -4.94 -21.98 -15.66
C ALA A 33 -6.20 -21.80 -16.51
N SER A 34 -7.27 -21.36 -15.87
CA SER A 34 -8.54 -21.14 -16.56
C SER A 34 -9.41 -20.13 -15.81
N GLY A 35 -10.51 -19.73 -16.44
CA GLY A 35 -11.41 -18.78 -15.82
C GLY A 35 -11.82 -17.67 -16.76
N PRO A 36 -12.49 -16.64 -16.23
CA PRO A 36 -12.95 -15.50 -17.02
C PRO A 36 -11.80 -14.62 -17.49
N GLY A 37 -12.12 -13.59 -18.27
CA GLY A 37 -11.11 -12.70 -18.78
C GLY A 37 -11.51 -11.24 -18.69
N GLY A 38 -10.81 -10.38 -19.42
CA GLY A 38 -11.13 -8.97 -19.40
C GLY A 38 -10.07 -8.12 -20.09
N THR A 39 -10.26 -6.81 -20.10
CA THR A 39 -9.32 -5.90 -20.74
C THR A 39 -8.00 -5.85 -19.97
N ALA A 40 -8.09 -5.55 -18.68
CA ALA A 40 -6.91 -5.47 -17.83
C ALA A 40 -7.16 -6.10 -16.46
N GLN A 41 -6.15 -6.79 -15.94
CA GLN A 41 -6.28 -7.44 -14.64
C GLN A 41 -6.64 -6.43 -13.56
N TRP A 42 -6.38 -5.16 -13.83
CA TRP A 42 -6.66 -4.09 -12.88
C TRP A 42 -8.09 -4.19 -12.36
N GLN A 43 -8.25 -4.00 -11.05
CA GLN A 43 -9.57 -4.08 -10.43
C GLN A 43 -9.84 -2.84 -9.57
N LYS A 44 -11.00 -2.23 -9.78
CA LYS A 44 -11.39 -1.04 -9.03
C LYS A 44 -11.45 -1.33 -7.53
N CYS A 45 -10.78 -0.50 -6.74
CA CYS A 45 -10.77 -0.68 -5.30
C CYS A 45 -10.42 0.63 -4.59
N ARG A 46 -10.59 0.65 -3.27
CA ARG A 46 -10.29 1.84 -2.48
C ARG A 46 -9.22 1.55 -1.44
N LEU A 47 -8.10 2.25 -1.54
CA LEU A 47 -6.99 2.07 -0.61
C LEU A 47 -7.14 2.98 0.60
N LEU A 48 -7.29 2.39 1.77
CA LEU A 48 -7.45 3.17 3.01
C LEU A 48 -6.33 2.84 3.99
N LEU A 49 -5.52 3.84 4.33
CA LEU A 49 -4.42 3.66 5.26
C LEU A 49 -4.79 4.20 6.64
N ARG A 50 -5.19 3.29 7.53
CA ARG A 50 -5.57 3.68 8.89
C ARG A 50 -4.60 3.07 9.90
N ARG A 51 -4.56 3.67 11.09
CA ARG A 51 -3.67 3.21 12.15
C ARG A 51 -4.39 2.21 13.06
N ALA A 52 -3.68 1.16 13.45
CA ALA A 52 -4.25 0.13 14.32
C ALA A 52 -3.86 0.37 15.78
N VAL A 53 -4.73 -0.02 16.69
CA VAL A 53 -4.48 0.14 18.11
C VAL A 53 -4.56 -1.19 18.85
N ALA A 54 -4.01 -1.24 20.05
CA ALA A 54 -4.02 -2.46 20.87
C ALA A 54 -3.50 -3.65 20.07
N GLY A 55 -2.37 -3.45 19.39
CA GLY A 55 -1.79 -4.52 18.59
C GLY A 55 -0.96 -4.00 17.43
N GLU A 56 -1.10 -4.64 16.28
CA GLU A 56 -0.36 -4.24 15.09
C GLU A 56 -0.31 -2.71 14.96
N ARG A 57 0.71 -2.22 14.27
CA ARG A 57 0.87 -0.78 14.08
C ARG A 57 -0.17 -0.24 13.09
N PHE A 58 0.00 -0.58 11.82
CA PHE A 58 -0.92 -0.14 10.78
C PHE A 58 -1.55 -1.32 10.07
N ARG A 59 -2.56 -1.04 9.24
CA ARG A 59 -3.25 -2.09 8.49
C ARG A 59 -3.95 -1.51 7.27
N LEU A 60 -3.57 -2.00 6.10
CA LEU A 60 -4.16 -1.54 4.84
C LEU A 60 -5.45 -2.29 4.53
N GLU A 61 -6.33 -1.65 3.77
CA GLU A 61 -7.61 -2.25 3.41
C GLU A 61 -7.94 -1.97 1.95
N PHE A 62 -8.12 -3.02 1.16
CA PHE A 62 -8.44 -2.88 -0.25
C PHE A 62 -9.92 -3.17 -0.50
N PHE A 63 -10.75 -2.14 -0.35
CA PHE A 63 -12.19 -2.28 -0.55
C PHE A 63 -12.50 -2.53 -2.03
N VAL A 64 -12.93 -3.75 -2.33
CA VAL A 64 -13.26 -4.13 -3.70
C VAL A 64 -14.65 -4.76 -3.77
N PRO A 65 -15.59 -4.04 -4.40
CA PRO A 65 -15.32 -2.73 -5.00
C PRO A 65 -15.07 -1.65 -3.94
N PRO A 66 -14.62 -0.48 -4.39
CA PRO A 66 -14.33 0.65 -3.50
C PRO A 66 -15.59 1.26 -2.90
N LYS A 67 -16.73 0.64 -3.21
CA LYS A 67 -18.02 1.12 -2.70
C LYS A 67 -18.65 0.10 -1.77
N ALA A 68 -17.91 -0.97 -1.48
CA ALA A 68 -18.39 -2.02 -0.58
C ALA A 68 -18.32 -1.57 0.87
N SER A 69 -19.00 -2.32 1.74
CA SER A 69 -19.03 -2.01 3.16
C SER A 69 -17.80 -2.59 3.87
N ARG A 70 -17.36 -3.75 3.41
CA ARG A 70 -16.20 -4.41 4.00
C ARG A 70 -15.11 -4.62 2.97
N PRO A 71 -13.85 -4.65 3.43
CA PRO A 71 -12.68 -4.83 2.56
C PRO A 71 -12.62 -6.25 1.98
N LYS A 72 -12.06 -6.37 0.78
CA LYS A 72 -11.92 -7.67 0.12
C LYS A 72 -10.54 -8.26 0.38
N VAL A 73 -9.51 -7.45 0.24
CA VAL A 73 -8.14 -7.89 0.46
C VAL A 73 -7.43 -7.02 1.48
N SER A 74 -7.89 -7.11 2.73
CA SER A 74 -7.31 -6.33 3.81
C SER A 74 -5.95 -6.90 4.22
N ILE A 75 -4.89 -6.15 3.93
CA ILE A 75 -3.54 -6.58 4.27
C ILE A 75 -2.93 -5.70 5.36
N PRO A 76 -2.34 -6.33 6.38
CA PRO A 76 -1.72 -5.62 7.50
C PRO A 76 -0.44 -4.89 7.08
N LEU A 77 -0.16 -3.76 7.73
CA LEU A 77 1.02 -2.98 7.43
C LEU A 77 2.28 -3.69 7.89
N SER A 78 2.12 -4.60 8.85
CA SER A 78 3.25 -5.35 9.39
C SER A 78 3.76 -6.38 8.37
N ALA A 79 2.84 -6.89 7.56
CA ALA A 79 3.18 -7.87 6.54
C ALA A 79 4.10 -7.27 5.49
N ILE A 80 3.86 -6.01 5.15
CA ILE A 80 4.67 -5.32 4.15
C ILE A 80 6.14 -5.26 4.58
N ILE A 81 7.02 -5.77 3.73
CA ILE A 81 8.45 -5.77 4.02
C ILE A 81 9.22 -4.96 2.99
N GLU A 82 8.77 -5.02 1.74
CA GLU A 82 9.42 -4.28 0.66
C GLU A 82 8.39 -3.76 -0.35
N VAL A 83 8.53 -2.50 -0.73
CA VAL A 83 7.61 -1.89 -1.68
C VAL A 83 8.37 -1.31 -2.87
N ARG A 84 7.92 -1.65 -4.07
CA ARG A 84 8.56 -1.16 -5.29
C ARG A 84 7.86 0.09 -5.81
N THR A 85 8.57 0.88 -6.61
CA THR A 85 8.01 2.10 -7.17
C THR A 85 8.15 2.13 -8.69
N THR A 86 9.29 1.66 -9.18
CA THR A 86 9.55 1.64 -10.61
C THR A 86 9.29 0.25 -11.19
N MET A 87 9.05 0.19 -12.49
CA MET A 87 8.79 -1.08 -13.17
C MET A 87 9.82 -1.34 -14.27
N PRO A 88 9.98 -2.61 -14.65
CA PRO A 88 10.92 -3.03 -15.68
C PRO A 88 10.50 -2.56 -17.07
N LEU A 89 11.09 -3.15 -18.09
CA LEU A 89 10.77 -2.81 -19.48
C LEU A 89 9.47 -3.48 -19.92
N GLU A 90 8.45 -3.38 -19.09
CA GLU A 90 7.15 -3.97 -19.40
C GLU A 90 6.04 -2.93 -19.36
N MET A 91 6.07 -2.09 -18.33
CA MET A 91 5.07 -1.04 -18.19
C MET A 91 5.34 0.11 -19.15
N PRO A 92 4.29 0.93 -19.40
CA PRO A 92 4.39 2.07 -20.31
C PRO A 92 5.25 3.19 -19.74
N GLU A 93 6.10 2.84 -18.77
CA GLU A 93 6.99 3.82 -18.15
C GLU A 93 6.18 4.87 -17.38
N LYS A 94 5.34 4.41 -16.47
CA LYS A 94 4.51 5.30 -15.66
C LYS A 94 5.06 5.42 -14.25
N ASP A 95 5.23 6.66 -13.79
CA ASP A 95 5.75 6.92 -12.45
C ASP A 95 4.60 7.13 -11.46
N ASN A 96 3.56 6.33 -11.60
CA ASN A 96 2.39 6.43 -10.73
C ASN A 96 1.94 5.05 -10.28
N THR A 97 2.88 4.12 -10.15
CA THR A 97 2.58 2.76 -9.72
C THR A 97 3.61 2.26 -8.72
N PHE A 98 3.19 1.29 -7.89
CA PHE A 98 4.08 0.72 -6.89
C PHE A 98 3.65 -0.70 -6.53
N VAL A 99 4.63 -1.54 -6.22
CA VAL A 99 4.36 -2.94 -5.87
C VAL A 99 4.46 -3.14 -4.36
N LEU A 100 3.56 -3.95 -3.81
CA LEU A 100 3.54 -4.23 -2.39
C LEU A 100 3.97 -5.67 -2.11
N LYS A 101 5.18 -5.84 -1.61
CA LYS A 101 5.71 -7.16 -1.31
C LYS A 101 5.52 -7.49 0.17
N VAL A 102 4.48 -8.27 0.48
CA VAL A 102 4.19 -8.67 1.85
C VAL A 102 5.13 -9.77 2.32
N GLU A 103 4.99 -10.16 3.58
CA GLU A 103 5.83 -11.21 4.15
C GLU A 103 5.48 -12.57 3.57
N ASN A 104 4.18 -12.81 3.37
CA ASN A 104 3.71 -14.06 2.81
C ASN A 104 4.28 -14.30 1.42
N GLY A 105 4.67 -13.22 0.76
CA GLY A 105 5.24 -13.32 -0.57
C GLY A 105 4.22 -13.03 -1.65
N ALA A 106 3.54 -11.90 -1.54
CA ALA A 106 2.54 -11.51 -2.52
C ALA A 106 2.75 -10.06 -2.99
N GLU A 107 2.78 -9.87 -4.30
CA GLU A 107 2.98 -8.55 -4.87
C GLU A 107 1.65 -7.93 -5.32
N TYR A 108 1.34 -6.75 -4.80
CA TYR A 108 0.11 -6.07 -5.14
C TYR A 108 0.39 -4.78 -5.90
N ILE A 109 0.32 -4.83 -7.22
CA ILE A 109 0.56 -3.66 -8.06
C ILE A 109 -0.64 -2.73 -8.06
N LEU A 110 -0.44 -1.51 -7.53
CA LEU A 110 -1.51 -0.53 -7.47
C LEU A 110 -1.22 0.64 -8.42
N GLU A 111 -2.26 1.13 -9.08
CA GLU A 111 -2.12 2.25 -10.01
C GLU A 111 -2.80 3.50 -9.46
N THR A 112 -1.98 4.42 -8.95
CA THR A 112 -2.49 5.67 -8.40
C THR A 112 -2.87 6.66 -9.49
N ILE A 113 -3.50 7.76 -9.11
CA ILE A 113 -3.91 8.78 -10.07
C ILE A 113 -2.70 9.36 -10.79
N ASP A 114 -1.83 10.02 -10.04
CA ASP A 114 -0.63 10.63 -10.61
C ASP A 114 0.58 10.37 -9.74
N SER A 115 1.77 10.65 -10.27
CA SER A 115 3.01 10.43 -9.54
C SER A 115 2.89 10.95 -8.11
N LEU A 116 2.52 12.22 -7.97
CA LEU A 116 2.36 12.84 -6.66
C LEU A 116 1.66 11.90 -5.69
N GLN A 117 0.61 11.24 -6.17
CA GLN A 117 -0.16 10.31 -5.35
C GLN A 117 0.68 9.09 -5.00
N LYS A 118 1.32 8.50 -6.02
CA LYS A 118 2.15 7.33 -5.82
C LYS A 118 3.15 7.55 -4.69
N HIS A 119 4.13 8.42 -4.92
CA HIS A 119 5.15 8.72 -3.92
C HIS A 119 4.51 8.87 -2.54
N SER A 120 3.45 9.65 -2.47
CA SER A 120 2.75 9.89 -1.20
C SER A 120 2.44 8.57 -0.50
N TRP A 121 1.85 7.63 -1.24
CA TRP A 121 1.51 6.34 -0.69
C TRP A 121 2.75 5.61 -0.19
N VAL A 122 3.74 5.46 -1.06
CA VAL A 122 4.98 4.79 -0.71
C VAL A 122 5.53 5.30 0.61
N ALA A 123 5.39 6.61 0.83
CA ALA A 123 5.88 7.24 2.05
C ALA A 123 4.99 6.88 3.24
N ASP A 124 3.68 7.04 3.06
CA ASP A 124 2.72 6.74 4.12
C ASP A 124 2.87 5.29 4.58
N ILE A 125 3.21 4.40 3.66
CA ILE A 125 3.38 2.99 3.96
C ILE A 125 4.76 2.73 4.56
N GLN A 126 5.80 3.01 3.77
CA GLN A 126 7.17 2.80 4.22
C GLN A 126 7.43 3.52 5.54
N GLY A 127 6.75 4.65 5.73
CA GLY A 127 6.93 5.41 6.95
C GLY A 127 6.34 4.72 8.17
N CYS A 128 5.36 3.85 7.93
CA CYS A 128 4.71 3.12 9.01
C CYS A 128 5.40 1.77 9.25
N VAL A 129 5.58 1.00 8.19
CA VAL A 129 6.23 -0.29 8.29
C VAL A 129 7.33 -0.29 9.34
N ASP A 130 7.98 0.86 9.50
CA ASP A 130 9.04 1.00 10.48
C ASP A 130 9.54 2.45 10.55
N SER A 131 9.68 2.97 11.76
CA SER A 131 10.13 4.34 11.95
C SER A 131 11.10 4.75 10.85
N GLY A 132 10.57 5.42 9.83
CA GLY A 132 11.39 5.87 8.72
C GLY A 132 11.19 7.33 8.39
N PRO A 133 12.28 8.11 8.47
CA PRO A 133 12.24 9.55 8.18
C PRO A 133 12.02 9.84 6.70
N SER A 134 12.78 9.15 5.86
CA SER A 134 12.66 9.34 4.41
C SER A 134 12.85 10.80 4.04
N SER A 135 13.81 11.46 4.69
CA SER A 135 14.10 12.86 4.42
C SER A 135 15.54 13.06 3.95
N GLY A 136 15.72 13.18 2.64
CA GLY A 136 17.05 13.37 2.09
C GLY A 136 17.03 14.19 0.81
N GLY A 1 12.93 -15.22 17.17
CA GLY A 1 13.47 -14.42 18.26
C GLY A 1 13.62 -12.96 17.87
N SER A 2 13.40 -12.08 18.84
CA SER A 2 13.50 -10.64 18.59
C SER A 2 14.04 -9.92 19.82
N SER A 3 14.62 -8.73 19.61
CA SER A 3 15.18 -7.95 20.69
C SER A 3 14.10 -7.55 21.70
N GLY A 4 12.89 -7.34 21.20
CA GLY A 4 11.78 -6.96 22.06
C GLY A 4 11.79 -5.48 22.40
N SER A 5 10.61 -4.93 22.66
CA SER A 5 10.48 -3.51 23.00
C SER A 5 11.09 -2.65 21.89
N SER A 6 10.72 -2.94 20.65
CA SER A 6 11.23 -2.19 19.50
C SER A 6 10.89 -0.71 19.63
N GLY A 7 11.80 0.14 19.18
CA GLY A 7 11.58 1.58 19.25
C GLY A 7 12.84 2.34 19.56
N ASN A 8 13.42 2.97 18.54
CA ASN A 8 14.65 3.73 18.73
C ASN A 8 14.35 5.23 18.80
N LEU A 9 14.41 5.79 20.00
CA LEU A 9 14.15 7.21 20.20
C LEU A 9 12.89 7.64 19.44
N ALA A 10 11.85 6.83 19.52
CA ALA A 10 10.59 7.12 18.85
C ALA A 10 10.14 8.55 19.15
N ALA A 11 9.66 9.25 18.13
CA ALA A 11 9.18 10.61 18.28
C ALA A 11 7.76 10.64 18.84
N LYS A 12 7.46 11.66 19.64
CA LYS A 12 6.14 11.80 20.23
C LYS A 12 5.29 12.80 19.44
N VAL A 13 5.34 12.69 18.12
CA VAL A 13 4.58 13.59 17.26
C VAL A 13 3.10 13.18 17.20
N GLU A 14 2.22 14.18 17.18
CA GLU A 14 0.79 13.92 17.13
C GLU A 14 0.18 14.52 15.87
N LEU A 15 -0.37 13.66 15.02
CA LEU A 15 -0.99 14.09 13.77
C LEU A 15 -2.18 13.21 13.41
N VAL A 16 -2.89 13.58 12.35
CA VAL A 16 -4.05 12.82 11.91
C VAL A 16 -3.71 11.34 11.74
N ASP A 17 -4.56 10.47 12.29
CA ASP A 17 -4.36 9.05 12.20
C ASP A 17 -4.29 8.59 10.74
N ILE A 18 -5.38 8.83 10.01
CA ILE A 18 -5.44 8.43 8.61
C ILE A 18 -4.31 9.09 7.81
N GLN A 19 -3.29 8.29 7.50
CA GLN A 19 -2.14 8.78 6.74
C GLN A 19 -2.56 9.19 5.33
N ARG A 20 -3.32 8.31 4.67
CA ARG A 20 -3.79 8.57 3.32
C ARG A 20 -4.96 7.67 2.96
N GLU A 21 -5.87 8.19 2.14
CA GLU A 21 -7.03 7.43 1.71
C GLU A 21 -7.52 7.88 0.34
N GLY A 22 -7.61 6.94 -0.59
CA GLY A 22 -8.06 7.27 -1.93
C GLY A 22 -8.68 6.08 -2.65
N ALA A 23 -9.09 6.29 -3.88
CA ALA A 23 -9.70 5.22 -4.68
C ALA A 23 -8.88 4.93 -5.93
N LEU A 24 -8.32 3.73 -6.01
CA LEU A 24 -7.52 3.34 -7.16
C LEU A 24 -7.66 1.84 -7.44
N ARG A 25 -7.09 1.39 -8.55
CA ARG A 25 -7.16 -0.01 -8.93
C ARG A 25 -5.92 -0.76 -8.46
N PHE A 26 -6.08 -2.04 -8.15
CA PHE A 26 -4.97 -2.87 -7.69
C PHE A 26 -4.97 -4.22 -8.39
N MET A 27 -3.80 -4.84 -8.47
CA MET A 27 -3.66 -6.13 -9.12
C MET A 27 -2.51 -6.93 -8.52
N VAL A 28 -2.57 -8.25 -8.63
CA VAL A 28 -1.54 -9.13 -8.09
C VAL A 28 -0.80 -9.85 -9.21
N ALA A 29 0.53 -9.77 -9.19
CA ALA A 29 1.35 -10.43 -10.20
C ALA A 29 1.22 -11.94 -10.11
N ASP A 30 0.43 -12.52 -11.01
CA ASP A 30 0.23 -13.96 -11.03
C ASP A 30 -0.39 -14.41 -12.35
N ASP A 31 -0.01 -15.59 -12.81
CA ASP A 31 -0.53 -16.12 -14.07
C ASP A 31 -1.62 -17.17 -13.80
N ALA A 32 -2.40 -17.47 -14.83
CA ALA A 32 -3.48 -18.44 -14.72
C ALA A 32 -3.44 -19.44 -15.86
N ALA A 33 -3.54 -18.95 -17.08
CA ALA A 33 -3.52 -19.80 -18.27
C ALA A 33 -3.48 -18.97 -19.55
N SER A 34 -3.20 -19.63 -20.66
CA SER A 34 -3.13 -18.94 -21.95
C SER A 34 -4.53 -18.75 -22.54
N GLY A 35 -4.98 -17.51 -22.56
CA GLY A 35 -6.30 -17.21 -23.11
C GLY A 35 -6.27 -16.07 -24.11
N PRO A 36 -7.44 -15.51 -24.42
CA PRO A 36 -7.58 -14.41 -25.37
C PRO A 36 -6.98 -13.11 -24.85
N GLY A 37 -5.70 -12.90 -25.12
CA GLY A 37 -5.04 -11.69 -24.66
C GLY A 37 -5.31 -11.40 -23.20
N GLY A 38 -5.09 -10.15 -22.79
CA GLY A 38 -5.31 -9.76 -21.41
C GLY A 38 -4.52 -10.61 -20.44
N THR A 39 -3.45 -10.05 -19.90
CA THR A 39 -2.61 -10.77 -18.95
C THR A 39 -2.70 -10.15 -17.55
N ALA A 40 -2.69 -8.83 -17.50
CA ALA A 40 -2.77 -8.11 -16.24
C ALA A 40 -4.01 -7.22 -16.19
N GLN A 41 -5.07 -7.73 -15.59
CA GLN A 41 -6.32 -6.98 -15.48
C GLN A 41 -6.42 -6.29 -14.13
N TRP A 42 -6.62 -4.98 -14.14
CA TRP A 42 -6.74 -4.21 -12.91
C TRP A 42 -8.12 -4.37 -12.30
N GLN A 43 -8.25 -4.01 -11.02
CA GLN A 43 -9.52 -4.11 -10.32
C GLN A 43 -9.77 -2.88 -9.45
N LYS A 44 -10.88 -2.20 -9.70
CA LYS A 44 -11.23 -1.01 -8.93
C LYS A 44 -11.29 -1.31 -7.44
N CYS A 45 -10.65 -0.47 -6.65
CA CYS A 45 -10.64 -0.64 -5.20
C CYS A 45 -10.32 0.68 -4.49
N ARG A 46 -10.39 0.65 -3.16
CA ARG A 46 -10.11 1.85 -2.38
C ARG A 46 -9.04 1.56 -1.32
N LEU A 47 -7.94 2.31 -1.40
CA LEU A 47 -6.84 2.14 -0.46
C LEU A 47 -7.05 2.98 0.79
N LEU A 48 -7.17 2.32 1.94
CA LEU A 48 -7.38 3.02 3.20
C LEU A 48 -6.19 2.81 4.14
N LEU A 49 -5.56 3.90 4.53
CA LEU A 49 -4.42 3.84 5.43
C LEU A 49 -4.73 4.49 6.77
N ARG A 50 -5.04 3.67 7.76
CA ARG A 50 -5.37 4.16 9.09
C ARG A 50 -4.68 3.33 10.17
N ARG A 51 -4.51 3.90 11.35
CA ARG A 51 -3.88 3.21 12.47
C ARG A 51 -4.74 2.04 12.93
N ALA A 52 -4.10 1.08 13.60
CA ALA A 52 -4.80 -0.09 14.11
C ALA A 52 -4.73 -0.17 15.63
N VAL A 53 -5.89 -0.21 16.27
CA VAL A 53 -5.95 -0.29 17.73
C VAL A 53 -6.01 -1.74 18.21
N ALA A 54 -5.58 -1.96 19.45
CA ALA A 54 -5.59 -3.29 20.02
C ALA A 54 -5.21 -4.34 18.98
N GLY A 55 -4.08 -4.12 18.32
CA GLY A 55 -3.63 -5.06 17.30
C GLY A 55 -2.27 -4.70 16.74
N GLU A 56 -2.25 -4.13 15.54
CA GLU A 56 -1.00 -3.74 14.90
C GLU A 56 -0.94 -2.23 14.69
N ARG A 57 0.25 -1.72 14.42
CA ARG A 57 0.44 -0.29 14.20
C ARG A 57 -0.51 0.22 13.11
N PHE A 58 -0.33 -0.28 11.90
CA PHE A 58 -1.17 0.12 10.77
C PHE A 58 -1.75 -1.10 10.06
N ARG A 59 -2.68 -0.86 9.15
CA ARG A 59 -3.31 -1.93 8.40
C ARG A 59 -3.91 -1.41 7.09
N LEU A 60 -3.53 -2.04 5.99
CA LEU A 60 -4.02 -1.63 4.67
C LEU A 60 -5.23 -2.47 4.27
N GLU A 61 -6.27 -1.80 3.77
CA GLU A 61 -7.49 -2.49 3.35
C GLU A 61 -7.80 -2.18 1.89
N PHE A 62 -8.00 -3.23 1.09
CA PHE A 62 -8.31 -3.07 -0.32
C PHE A 62 -9.78 -3.36 -0.59
N PHE A 63 -10.62 -2.34 -0.43
CA PHE A 63 -12.06 -2.51 -0.66
C PHE A 63 -12.35 -2.71 -2.14
N VAL A 64 -12.75 -3.93 -2.50
CA VAL A 64 -13.06 -4.25 -3.88
C VAL A 64 -14.45 -4.88 -4.00
N PRO A 65 -15.41 -4.09 -4.50
CA PRO A 65 -15.16 -2.71 -4.90
C PRO A 65 -14.89 -1.79 -3.72
N PRO A 66 -14.46 -0.55 -4.02
CA PRO A 66 -14.15 0.44 -2.99
C PRO A 66 -15.41 0.95 -2.28
N LYS A 67 -16.55 0.40 -2.66
CA LYS A 67 -17.82 0.80 -2.06
C LYS A 67 -18.48 -0.39 -1.35
N ALA A 68 -17.75 -1.49 -1.25
CA ALA A 68 -18.26 -2.69 -0.61
C ALA A 68 -18.46 -2.47 0.89
N SER A 69 -18.92 -3.50 1.59
CA SER A 69 -19.16 -3.41 3.02
C SER A 69 -17.91 -3.80 3.80
N ARG A 70 -17.07 -4.62 3.19
CA ARG A 70 -15.84 -5.07 3.82
C ARG A 70 -14.71 -5.20 2.80
N PRO A 71 -13.47 -5.10 3.28
CA PRO A 71 -12.28 -5.20 2.43
C PRO A 71 -12.07 -6.61 1.89
N LYS A 72 -11.68 -6.71 0.62
CA LYS A 72 -11.44 -8.01 0.00
C LYS A 72 -10.06 -8.53 0.36
N VAL A 73 -9.05 -7.68 0.25
CA VAL A 73 -7.68 -8.06 0.57
C VAL A 73 -7.12 -7.21 1.70
N SER A 74 -7.73 -7.32 2.88
CA SER A 74 -7.30 -6.56 4.04
C SER A 74 -5.99 -7.11 4.59
N ILE A 75 -4.88 -6.46 4.24
CA ILE A 75 -3.57 -6.88 4.69
C ILE A 75 -2.99 -5.88 5.69
N PRO A 76 -2.42 -6.41 6.79
CA PRO A 76 -1.83 -5.60 7.85
C PRO A 76 -0.54 -4.92 7.38
N LEU A 77 -0.25 -3.75 7.96
CA LEU A 77 0.94 -3.00 7.61
C LEU A 77 2.20 -3.76 8.03
N SER A 78 2.02 -4.76 8.89
CA SER A 78 3.14 -5.56 9.37
C SER A 78 3.54 -6.62 8.35
N ALA A 79 2.55 -7.08 7.57
CA ALA A 79 2.80 -8.09 6.55
C ALA A 79 3.76 -7.58 5.49
N ILE A 80 3.58 -6.31 5.11
CA ILE A 80 4.44 -5.70 4.10
C ILE A 80 5.90 -5.72 4.53
N ILE A 81 6.72 -6.48 3.81
CA ILE A 81 8.14 -6.58 4.11
C ILE A 81 8.97 -5.68 3.20
N GLU A 82 8.52 -5.54 1.95
CA GLU A 82 9.22 -4.71 0.98
C GLU A 82 8.26 -4.19 -0.08
N VAL A 83 8.45 -2.95 -0.50
CA VAL A 83 7.60 -2.33 -1.52
C VAL A 83 8.40 -2.00 -2.77
N ARG A 84 8.30 -2.86 -3.78
CA ARG A 84 9.02 -2.64 -5.03
C ARG A 84 8.36 -1.56 -5.87
N THR A 85 8.90 -0.35 -5.79
CA THR A 85 8.36 0.79 -6.53
C THR A 85 8.93 0.84 -7.94
N THR A 86 9.14 -0.33 -8.54
CA THR A 86 9.70 -0.41 -9.89
C THR A 86 8.88 -1.35 -10.76
N MET A 87 8.79 -1.03 -12.06
CA MET A 87 8.04 -1.86 -13.00
C MET A 87 8.95 -2.37 -14.11
N PRO A 88 8.48 -3.40 -14.82
CA PRO A 88 9.22 -4.02 -15.93
C PRO A 88 9.34 -3.09 -17.14
N LEU A 89 9.67 -3.67 -18.28
CA LEU A 89 9.81 -2.90 -19.51
C LEU A 89 8.47 -2.79 -20.23
N GLU A 90 7.38 -2.84 -19.47
CA GLU A 90 6.05 -2.75 -20.03
C GLU A 90 5.26 -1.61 -19.38
N MET A 91 5.93 -0.47 -19.21
CA MET A 91 5.30 0.70 -18.60
C MET A 91 5.88 1.98 -19.18
N PRO A 92 4.99 2.95 -19.48
CA PRO A 92 5.39 4.24 -20.04
C PRO A 92 6.13 5.11 -19.03
N GLU A 93 6.68 4.47 -18.01
CA GLU A 93 7.41 5.18 -16.96
C GLU A 93 6.63 6.39 -16.47
N LYS A 94 5.39 6.16 -16.04
CA LYS A 94 4.54 7.23 -15.55
C LYS A 94 4.69 7.40 -14.04
N ASP A 95 5.53 6.57 -13.44
CA ASP A 95 5.77 6.63 -12.00
C ASP A 95 4.48 6.94 -11.25
N ASN A 96 3.45 6.13 -11.48
CA ASN A 96 2.17 6.32 -10.82
C ASN A 96 1.66 5.01 -10.22
N THR A 97 2.58 4.09 -9.96
CA THR A 97 2.23 2.80 -9.38
C THR A 97 3.27 2.36 -8.35
N PHE A 98 3.05 1.20 -7.76
CA PHE A 98 3.96 0.66 -6.75
C PHE A 98 3.61 -0.78 -6.41
N VAL A 99 4.63 -1.59 -6.15
CA VAL A 99 4.45 -2.99 -5.82
C VAL A 99 4.54 -3.22 -4.31
N LEU A 100 3.61 -3.99 -3.77
CA LEU A 100 3.59 -4.28 -2.34
C LEU A 100 3.91 -5.75 -2.08
N LYS A 101 5.15 -6.01 -1.65
CA LYS A 101 5.58 -7.37 -1.36
C LYS A 101 5.31 -7.72 0.10
N VAL A 102 4.32 -8.59 0.31
CA VAL A 102 3.97 -9.02 1.66
C VAL A 102 4.79 -10.22 2.10
N GLU A 103 4.57 -10.67 3.32
CA GLU A 103 5.30 -11.82 3.86
C GLU A 103 4.92 -13.10 3.12
N ASN A 104 3.73 -13.12 2.55
CA ASN A 104 3.24 -14.28 1.81
C ASN A 104 3.65 -14.20 0.34
N GLY A 105 4.85 -13.69 0.10
CA GLY A 105 5.34 -13.58 -1.27
C GLY A 105 4.24 -13.19 -2.25
N ALA A 106 3.66 -12.02 -2.04
CA ALA A 106 2.59 -11.54 -2.91
C ALA A 106 2.82 -10.07 -3.28
N GLU A 107 2.82 -9.79 -4.59
CA GLU A 107 3.01 -8.43 -5.07
C GLU A 107 1.69 -7.80 -5.48
N TYR A 108 1.46 -6.57 -5.04
CA TYR A 108 0.23 -5.85 -5.36
C TYR A 108 0.52 -4.57 -6.12
N ILE A 109 0.31 -4.60 -7.43
CA ILE A 109 0.56 -3.44 -8.27
C ILE A 109 -0.64 -2.50 -8.28
N LEU A 110 -0.52 -1.38 -7.58
CA LEU A 110 -1.60 -0.39 -7.51
C LEU A 110 -1.28 0.83 -8.36
N GLU A 111 -2.30 1.35 -9.05
CA GLU A 111 -2.13 2.51 -9.91
C GLU A 111 -2.84 3.73 -9.31
N THR A 112 -2.06 4.71 -8.88
CA THR A 112 -2.60 5.92 -8.29
C THR A 112 -2.75 7.02 -9.34
N ILE A 113 -3.34 8.15 -8.93
CA ILE A 113 -3.53 9.27 -9.84
C ILE A 113 -2.29 9.53 -10.67
N ASP A 114 -1.27 10.11 -10.05
CA ASP A 114 -0.01 10.40 -10.73
C ASP A 114 1.15 10.40 -9.75
N SER A 115 2.36 10.59 -10.28
CA SER A 115 3.56 10.62 -9.45
C SER A 115 3.30 11.35 -8.14
N LEU A 116 2.43 12.36 -8.19
CA LEU A 116 2.10 13.14 -7.01
C LEU A 116 1.53 12.26 -5.91
N GLN A 117 0.41 11.61 -6.20
CA GLN A 117 -0.24 10.73 -5.24
C GLN A 117 0.57 9.46 -5.03
N LYS A 118 1.14 8.93 -6.11
CA LYS A 118 1.94 7.72 -6.05
C LYS A 118 3.06 7.87 -5.03
N HIS A 119 3.91 8.87 -5.22
CA HIS A 119 5.02 9.11 -4.30
C HIS A 119 4.52 9.33 -2.89
N SER A 120 3.31 9.89 -2.77
CA SER A 120 2.71 10.16 -1.47
C SER A 120 2.36 8.86 -0.74
N TRP A 121 1.77 7.93 -1.48
CA TRP A 121 1.38 6.65 -0.92
C TRP A 121 2.60 5.87 -0.43
N VAL A 122 3.54 5.61 -1.33
CA VAL A 122 4.75 4.88 -0.99
C VAL A 122 5.37 5.41 0.31
N ALA A 123 5.41 6.73 0.44
CA ALA A 123 5.97 7.36 1.63
C ALA A 123 5.09 7.09 2.85
N ASP A 124 3.78 7.23 2.67
CA ASP A 124 2.83 7.00 3.75
C ASP A 124 2.96 5.58 4.30
N ILE A 125 3.11 4.62 3.39
CA ILE A 125 3.25 3.22 3.77
C ILE A 125 4.61 2.94 4.38
N GLN A 126 5.66 3.11 3.58
CA GLN A 126 7.03 2.88 4.05
C GLN A 126 7.30 3.65 5.33
N GLY A 127 6.74 4.86 5.42
CA GLY A 127 6.94 5.69 6.60
C GLY A 127 6.25 5.12 7.82
N CYS A 128 5.33 4.20 7.61
CA CYS A 128 4.58 3.58 8.70
C CYS A 128 5.24 2.26 9.13
N VAL A 129 5.43 1.37 8.18
CA VAL A 129 6.04 0.06 8.45
C VAL A 129 7.29 0.23 9.30
N ASP A 130 8.00 1.33 9.10
CA ASP A 130 9.22 1.61 9.86
C ASP A 130 8.89 2.05 11.28
N SER A 131 8.00 3.03 11.41
CA SER A 131 7.61 3.56 12.71
C SER A 131 6.08 3.64 12.82
N GLY A 132 5.51 4.62 12.15
CA GLY A 132 4.06 4.80 12.19
C GLY A 132 3.64 6.20 11.78
N PRO A 133 3.92 7.18 12.65
CA PRO A 133 3.56 8.58 12.40
C PRO A 133 4.40 9.20 11.29
N SER A 134 4.00 10.37 10.83
CA SER A 134 4.71 11.06 9.76
C SER A 134 6.11 11.45 10.20
N SER A 135 7.09 10.64 9.82
CA SER A 135 8.48 10.89 10.19
C SER A 135 8.87 12.33 9.88
N GLY A 136 8.76 12.71 8.61
CA GLY A 136 9.10 14.06 8.19
C GLY A 136 10.40 14.54 8.82
N GLY A 1 15.26 11.00 -6.88
CA GLY A 1 16.51 11.30 -6.19
C GLY A 1 16.44 10.97 -4.71
N SER A 2 17.14 11.78 -3.90
CA SER A 2 17.16 11.58 -2.47
C SER A 2 16.69 12.84 -1.73
N SER A 3 16.06 12.64 -0.58
CA SER A 3 15.57 13.76 0.22
C SER A 3 15.58 13.41 1.71
N GLY A 4 15.29 14.41 2.54
CA GLY A 4 15.28 14.20 3.97
C GLY A 4 16.41 14.92 4.68
N SER A 5 16.17 15.30 5.93
CA SER A 5 17.18 16.00 6.73
C SER A 5 17.46 15.26 8.03
N SER A 6 16.44 15.15 8.87
CA SER A 6 16.59 14.48 10.15
C SER A 6 15.22 14.28 10.82
N GLY A 7 15.12 13.25 11.66
CA GLY A 7 13.88 12.98 12.34
C GLY A 7 14.08 12.55 13.78
N ASN A 8 14.55 13.48 14.61
CA ASN A 8 14.80 13.20 16.02
C ASN A 8 13.77 13.90 16.90
N LEU A 9 13.33 15.07 16.47
CA LEU A 9 12.34 15.85 17.22
C LEU A 9 10.92 15.39 16.89
N ALA A 10 10.72 14.08 16.90
CA ALA A 10 9.41 13.51 16.61
C ALA A 10 8.97 12.54 17.70
N ALA A 11 8.46 13.09 18.81
CA ALA A 11 8.01 12.27 19.93
C ALA A 11 6.48 12.17 19.95
N LYS A 12 5.82 13.31 20.03
CA LYS A 12 4.36 13.36 20.06
C LYS A 12 3.80 13.70 18.69
N VAL A 13 3.50 12.67 17.90
CA VAL A 13 2.95 12.87 16.56
C VAL A 13 1.43 12.83 16.59
N GLU A 14 0.81 14.01 16.71
CA GLU A 14 -0.64 14.12 16.74
C GLU A 14 -1.20 14.21 15.32
N LEU A 15 -0.81 13.27 14.47
CA LEU A 15 -1.28 13.25 13.10
C LEU A 15 -2.59 12.47 12.98
N VAL A 16 -3.47 12.94 12.10
CA VAL A 16 -4.76 12.30 11.89
C VAL A 16 -4.59 10.81 11.60
N ASP A 17 -5.34 9.98 12.31
CA ASP A 17 -5.27 8.53 12.13
C ASP A 17 -5.12 8.18 10.65
N ILE A 18 -6.08 8.62 9.85
CA ILE A 18 -6.05 8.35 8.41
C ILE A 18 -4.94 9.13 7.73
N GLN A 19 -3.94 8.39 7.21
CA GLN A 19 -2.82 9.01 6.53
C GLN A 19 -3.18 9.36 5.09
N ARG A 20 -3.63 8.36 4.34
CA ARG A 20 -4.01 8.56 2.95
C ARG A 20 -5.18 7.67 2.57
N GLU A 21 -6.09 8.20 1.75
CA GLU A 21 -7.25 7.45 1.31
C GLU A 21 -7.70 7.89 -0.08
N GLY A 22 -7.67 6.96 -1.03
CA GLY A 22 -8.08 7.28 -2.39
C GLY A 22 -8.68 6.09 -3.10
N ALA A 23 -9.12 6.29 -4.34
CA ALA A 23 -9.73 5.23 -5.13
C ALA A 23 -8.84 4.87 -6.32
N LEU A 24 -8.00 3.86 -6.14
CA LEU A 24 -7.11 3.40 -7.20
C LEU A 24 -7.32 1.93 -7.51
N ARG A 25 -6.68 1.45 -8.56
CA ARG A 25 -6.80 0.05 -8.97
C ARG A 25 -5.66 -0.79 -8.40
N PHE A 26 -5.96 -2.05 -8.08
CA PHE A 26 -4.96 -2.94 -7.52
C PHE A 26 -5.01 -4.30 -8.21
N MET A 27 -3.88 -5.00 -8.23
CA MET A 27 -3.80 -6.31 -8.85
C MET A 27 -2.68 -7.14 -8.23
N VAL A 28 -2.81 -8.47 -8.30
CA VAL A 28 -1.81 -9.36 -7.75
C VAL A 28 -1.16 -10.20 -8.84
N ALA A 29 0.18 -10.18 -8.87
CA ALA A 29 0.92 -10.93 -9.86
C ALA A 29 0.76 -12.44 -9.64
N ASP A 30 -0.07 -13.07 -10.46
CA ASP A 30 -0.30 -14.51 -10.36
C ASP A 30 -0.67 -15.10 -11.71
N ASP A 31 0.02 -16.17 -12.10
CA ASP A 31 -0.24 -16.83 -13.38
C ASP A 31 -1.30 -17.91 -13.22
N ALA A 32 -2.02 -18.17 -14.31
CA ALA A 32 -3.07 -19.18 -14.29
C ALA A 32 -2.71 -20.36 -15.20
N ALA A 33 -2.37 -20.07 -16.45
CA ALA A 33 -2.00 -21.10 -17.40
C ALA A 33 -3.11 -22.13 -17.54
N SER A 34 -4.35 -21.66 -17.61
CA SER A 34 -5.50 -22.54 -17.74
C SER A 34 -6.18 -22.36 -19.09
N GLY A 35 -6.36 -21.10 -19.49
CA GLY A 35 -6.99 -20.81 -20.76
C GLY A 35 -6.74 -19.39 -21.22
N PRO A 36 -7.42 -18.98 -22.31
CA PRO A 36 -7.27 -17.64 -22.87
C PRO A 36 -7.89 -16.57 -21.97
N GLY A 37 -7.46 -15.32 -22.16
CA GLY A 37 -7.97 -14.22 -21.36
C GLY A 37 -6.93 -13.15 -21.13
N GLY A 38 -7.25 -12.23 -20.23
CA GLY A 38 -6.32 -11.14 -19.92
C GLY A 38 -5.24 -11.57 -18.94
N THR A 39 -4.00 -11.20 -19.23
CA THR A 39 -2.88 -11.54 -18.37
C THR A 39 -2.88 -10.71 -17.09
N ALA A 40 -2.90 -9.39 -17.25
CA ALA A 40 -2.91 -8.48 -16.11
C ALA A 40 -4.13 -7.57 -16.16
N GLN A 41 -5.16 -7.91 -15.40
CA GLN A 41 -6.38 -7.11 -15.35
C GLN A 41 -6.47 -6.33 -14.06
N TRP A 42 -6.78 -5.04 -14.17
CA TRP A 42 -6.89 -4.18 -12.99
C TRP A 42 -8.32 -4.20 -12.44
N GLN A 43 -8.43 -4.05 -11.13
CA GLN A 43 -9.74 -4.06 -10.48
C GLN A 43 -9.92 -2.82 -9.60
N LYS A 44 -10.98 -2.06 -9.87
CA LYS A 44 -11.26 -0.85 -9.12
C LYS A 44 -11.35 -1.14 -7.62
N CYS A 45 -10.71 -0.30 -6.83
CA CYS A 45 -10.70 -0.47 -5.38
C CYS A 45 -10.38 0.85 -4.67
N ARG A 46 -10.53 0.86 -3.36
CA ARG A 46 -10.26 2.05 -2.56
C ARG A 46 -9.21 1.76 -1.49
N LEU A 47 -8.04 2.39 -1.62
CA LEU A 47 -6.96 2.19 -0.66
C LEU A 47 -7.14 3.12 0.55
N LEU A 48 -7.31 2.52 1.71
CA LEU A 48 -7.48 3.30 2.95
C LEU A 48 -6.47 2.87 4.00
N LEU A 49 -5.63 3.82 4.41
CA LEU A 49 -4.61 3.55 5.42
C LEU A 49 -4.96 4.22 6.74
N ARG A 50 -5.27 3.41 7.75
CA ARG A 50 -5.62 3.91 9.06
C ARG A 50 -4.85 3.17 10.15
N ARG A 51 -4.76 3.79 11.34
CA ARG A 51 -4.06 3.20 12.45
C ARG A 51 -4.76 1.93 12.93
N ALA A 52 -4.03 1.08 13.65
CA ALA A 52 -4.58 -0.16 14.16
C ALA A 52 -4.36 -0.28 15.67
N VAL A 53 -5.46 -0.36 16.41
CA VAL A 53 -5.39 -0.48 17.86
C VAL A 53 -5.37 -1.95 18.29
N ALA A 54 -4.70 -2.22 19.41
CA ALA A 54 -4.61 -3.57 19.93
C ALA A 54 -3.84 -4.47 18.98
N GLY A 55 -2.70 -3.99 18.49
CA GLY A 55 -1.89 -4.77 17.57
C GLY A 55 -0.93 -3.91 16.77
N GLU A 56 -0.76 -4.24 15.50
CA GLU A 56 0.13 -3.50 14.62
C GLU A 56 -0.17 -2.00 14.68
N ARG A 57 0.74 -1.19 14.14
CA ARG A 57 0.57 0.26 14.14
C ARG A 57 -0.41 0.69 13.06
N PHE A 58 -0.18 0.24 11.83
CA PHE A 58 -1.05 0.59 10.71
C PHE A 58 -1.58 -0.68 10.03
N ARG A 59 -2.51 -0.50 9.10
CA ARG A 59 -3.10 -1.61 8.38
C ARG A 59 -3.69 -1.15 7.05
N LEU A 60 -3.30 -1.82 5.97
CA LEU A 60 -3.78 -1.49 4.64
C LEU A 60 -5.06 -2.26 4.31
N GLU A 61 -6.05 -1.56 3.79
CA GLU A 61 -7.32 -2.17 3.43
C GLU A 61 -7.65 -1.93 1.96
N PHE A 62 -7.93 -3.01 1.24
CA PHE A 62 -8.26 -2.92 -0.18
C PHE A 62 -9.74 -3.19 -0.41
N PHE A 63 -10.54 -2.11 -0.37
CA PHE A 63 -11.97 -2.22 -0.59
C PHE A 63 -12.30 -2.41 -2.06
N VAL A 64 -12.72 -3.62 -2.42
CA VAL A 64 -13.07 -3.92 -3.81
C VAL A 64 -14.45 -4.57 -3.90
N PRO A 65 -15.40 -3.87 -4.51
CA PRO A 65 -15.15 -2.54 -5.08
C PRO A 65 -14.93 -1.48 -4.00
N PRO A 66 -14.50 -0.28 -4.42
CA PRO A 66 -14.24 0.84 -3.51
C PRO A 66 -15.53 1.40 -2.90
N LYS A 67 -16.66 0.77 -3.23
CA LYS A 67 -17.95 1.21 -2.72
C LYS A 67 -18.61 0.10 -1.91
N ALA A 68 -17.84 -0.94 -1.60
CA ALA A 68 -18.36 -2.06 -0.82
C ALA A 68 -18.48 -1.70 0.65
N SER A 69 -19.21 -2.52 1.40
CA SER A 69 -19.41 -2.28 2.83
C SER A 69 -18.35 -3.01 3.65
N ARG A 70 -17.35 -3.54 2.97
CA ARG A 70 -16.28 -4.27 3.64
C ARG A 70 -15.11 -4.51 2.69
N PRO A 71 -13.89 -4.59 3.25
CA PRO A 71 -12.67 -4.82 2.47
C PRO A 71 -12.62 -6.23 1.89
N LYS A 72 -11.86 -6.39 0.80
CA LYS A 72 -11.72 -7.68 0.15
C LYS A 72 -10.34 -8.28 0.43
N VAL A 73 -9.31 -7.44 0.36
CA VAL A 73 -7.95 -7.88 0.60
C VAL A 73 -7.27 -7.02 1.67
N SER A 74 -7.81 -7.07 2.89
CA SER A 74 -7.26 -6.29 4.00
C SER A 74 -5.97 -6.91 4.51
N ILE A 75 -4.86 -6.20 4.33
CA ILE A 75 -3.56 -6.68 4.77
C ILE A 75 -2.92 -5.71 5.76
N PRO A 76 -2.39 -6.25 6.87
CA PRO A 76 -1.74 -5.45 7.91
C PRO A 76 -0.42 -4.85 7.44
N LEU A 77 -0.10 -3.66 7.94
CA LEU A 77 1.14 -2.98 7.58
C LEU A 77 2.34 -3.88 7.82
N SER A 78 2.33 -4.59 8.94
CA SER A 78 3.43 -5.49 9.29
C SER A 78 3.71 -6.47 8.16
N ALA A 79 2.64 -6.93 7.51
CA ALA A 79 2.78 -7.87 6.41
C ALA A 79 3.78 -7.38 5.37
N ILE A 80 3.71 -6.09 5.06
CA ILE A 80 4.61 -5.50 4.09
C ILE A 80 6.05 -5.50 4.58
N ILE A 81 6.95 -6.01 3.75
CA ILE A 81 8.37 -6.08 4.11
C ILE A 81 9.22 -5.26 3.14
N GLU A 82 8.77 -5.18 1.89
CA GLU A 82 9.50 -4.43 0.88
C GLU A 82 8.54 -3.89 -0.19
N VAL A 83 8.81 -2.68 -0.67
CA VAL A 83 7.98 -2.06 -1.69
C VAL A 83 8.83 -1.42 -2.78
N ARG A 84 8.68 -1.90 -4.00
CA ARG A 84 9.44 -1.38 -5.14
C ARG A 84 8.69 -0.23 -5.80
N THR A 85 9.43 0.62 -6.52
CA THR A 85 8.84 1.76 -7.20
C THR A 85 9.28 1.82 -8.65
N THR A 86 9.54 0.66 -9.23
CA THR A 86 9.97 0.57 -10.62
C THR A 86 9.26 -0.57 -11.35
N MET A 87 8.80 -0.28 -12.57
CA MET A 87 8.11 -1.28 -13.36
C MET A 87 8.96 -1.74 -14.54
N PRO A 88 8.72 -2.98 -15.00
CA PRO A 88 9.47 -3.56 -16.12
C PRO A 88 9.14 -2.88 -17.45
N LEU A 89 9.54 -3.53 -18.54
CA LEU A 89 9.29 -2.99 -19.88
C LEU A 89 7.89 -3.36 -20.36
N GLU A 90 6.87 -2.97 -19.61
CA GLU A 90 5.49 -3.27 -19.96
C GLU A 90 4.65 -2.01 -19.96
N MET A 91 4.97 -1.09 -19.05
CA MET A 91 4.24 0.17 -18.95
C MET A 91 4.91 1.27 -19.77
N PRO A 92 4.17 2.37 -20.00
CA PRO A 92 4.68 3.51 -20.77
C PRO A 92 5.78 4.26 -20.03
N GLU A 93 6.27 3.68 -18.95
CA GLU A 93 7.33 4.30 -18.16
C GLU A 93 6.77 5.46 -17.33
N LYS A 94 5.72 5.18 -16.57
CA LYS A 94 5.10 6.19 -15.72
C LYS A 94 5.65 6.12 -14.30
N ASP A 95 5.22 7.07 -13.47
CA ASP A 95 5.68 7.12 -12.08
C ASP A 95 4.49 7.22 -11.13
N ASN A 96 3.48 6.37 -11.36
CA ASN A 96 2.29 6.36 -10.52
C ASN A 96 1.88 4.93 -10.17
N THR A 97 2.88 4.06 -10.03
CA THR A 97 2.64 2.67 -9.68
C THR A 97 3.71 2.13 -8.74
N PHE A 98 3.32 1.21 -7.86
CA PHE A 98 4.24 0.61 -6.91
C PHE A 98 3.82 -0.80 -6.54
N VAL A 99 4.80 -1.66 -6.27
CA VAL A 99 4.53 -3.04 -5.91
C VAL A 99 4.65 -3.25 -4.40
N LEU A 100 3.69 -3.97 -3.84
CA LEU A 100 3.68 -4.25 -2.40
C LEU A 100 3.98 -5.71 -2.13
N LYS A 101 5.19 -5.99 -1.66
CA LYS A 101 5.60 -7.36 -1.36
C LYS A 101 5.41 -7.67 0.13
N VAL A 102 4.34 -8.39 0.44
CA VAL A 102 4.05 -8.76 1.82
C VAL A 102 4.90 -9.93 2.27
N GLU A 103 4.73 -10.34 3.54
CA GLU A 103 5.49 -11.44 4.09
C GLU A 103 5.04 -12.77 3.47
N ASN A 104 3.82 -12.80 2.97
CA ASN A 104 3.26 -14.00 2.35
C ASN A 104 3.65 -14.07 0.87
N GLY A 105 4.82 -13.52 0.54
CA GLY A 105 5.28 -13.53 -0.84
C GLY A 105 4.17 -13.21 -1.82
N ALA A 106 3.59 -12.02 -1.68
CA ALA A 106 2.51 -11.59 -2.57
C ALA A 106 2.69 -10.14 -2.98
N GLU A 107 2.77 -9.90 -4.29
CA GLU A 107 2.94 -8.55 -4.80
C GLU A 107 1.60 -7.95 -5.21
N TYR A 108 1.38 -6.70 -4.83
CA TYR A 108 0.14 -6.01 -5.15
C TYR A 108 0.41 -4.72 -5.93
N ILE A 109 0.33 -4.82 -7.25
CA ILE A 109 0.56 -3.68 -8.12
C ILE A 109 -0.64 -2.72 -8.11
N LEU A 110 -0.44 -1.55 -7.53
CA LEU A 110 -1.51 -0.55 -7.47
C LEU A 110 -1.20 0.63 -8.38
N GLU A 111 -2.25 1.16 -9.01
CA GLU A 111 -2.10 2.30 -9.92
C GLU A 111 -2.80 3.53 -9.36
N THR A 112 -2.02 4.50 -8.92
CA THR A 112 -2.56 5.73 -8.36
C THR A 112 -2.90 6.73 -9.48
N ILE A 113 -3.35 7.91 -9.08
CA ILE A 113 -3.71 8.96 -10.04
C ILE A 113 -2.48 9.47 -10.77
N ASP A 114 -1.51 9.99 -10.03
CA ASP A 114 -0.28 10.50 -10.61
C ASP A 114 0.90 10.34 -9.65
N SER A 115 2.08 10.74 -10.10
CA SER A 115 3.28 10.64 -9.29
C SER A 115 3.10 11.38 -7.97
N LEU A 116 2.20 12.35 -7.95
CA LEU A 116 1.93 13.14 -6.75
C LEU A 116 1.25 12.31 -5.69
N GLN A 117 0.32 11.44 -6.12
CA GLN A 117 -0.40 10.57 -5.20
C GLN A 117 0.40 9.33 -4.89
N LYS A 118 1.10 8.80 -5.89
CA LYS A 118 1.90 7.60 -5.71
C LYS A 118 2.96 7.81 -4.63
N HIS A 119 3.90 8.72 -4.89
CA HIS A 119 4.97 9.01 -3.95
C HIS A 119 4.41 9.19 -2.54
N SER A 120 3.29 9.89 -2.44
CA SER A 120 2.65 10.13 -1.15
C SER A 120 2.24 8.82 -0.49
N TRP A 121 1.67 7.92 -1.27
CA TRP A 121 1.25 6.62 -0.76
C TRP A 121 2.43 5.83 -0.21
N VAL A 122 3.37 5.50 -1.10
CA VAL A 122 4.55 4.75 -0.70
C VAL A 122 5.06 5.20 0.66
N ALA A 123 4.91 6.49 0.94
CA ALA A 123 5.36 7.05 2.22
C ALA A 123 4.47 6.59 3.36
N ASP A 124 3.16 6.71 3.18
CA ASP A 124 2.20 6.31 4.20
C ASP A 124 2.45 4.87 4.65
N ILE A 125 2.88 4.03 3.70
CA ILE A 125 3.16 2.64 3.99
C ILE A 125 4.58 2.46 4.53
N GLN A 126 5.56 2.70 3.67
CA GLN A 126 6.97 2.57 4.06
C GLN A 126 7.23 3.30 5.38
N GLY A 127 6.51 4.39 5.60
CA GLY A 127 6.69 5.15 6.82
C GLY A 127 6.47 4.32 8.07
N CYS A 128 5.46 3.46 8.05
CA CYS A 128 5.14 2.61 9.19
C CYS A 128 6.02 1.37 9.18
N VAL A 129 6.01 0.64 8.07
CA VAL A 129 6.80 -0.58 7.95
C VAL A 129 8.07 -0.49 8.78
N ASP A 130 8.84 0.58 8.60
CA ASP A 130 10.07 0.77 9.34
C ASP A 130 10.59 2.20 9.15
N SER A 131 10.91 2.86 10.26
CA SER A 131 11.41 4.22 10.23
C SER A 131 12.20 4.48 8.95
N GLY A 132 11.53 5.07 7.96
CA GLY A 132 12.19 5.36 6.70
C GLY A 132 11.69 6.64 6.07
N PRO A 133 12.03 7.78 6.70
CA PRO A 133 11.63 9.10 6.21
C PRO A 133 12.34 9.49 4.93
N SER A 134 13.24 8.63 4.47
CA SER A 134 13.99 8.89 3.25
C SER A 134 13.60 7.90 2.15
N SER A 135 13.43 8.42 0.94
CA SER A 135 13.05 7.59 -0.20
C SER A 135 13.68 6.21 -0.10
N GLY A 136 14.98 6.17 0.18
CA GLY A 136 15.69 4.92 0.30
C GLY A 136 17.01 5.06 1.01
N GLY A 1 5.30 -16.57 34.58
CA GLY A 1 4.87 -15.23 34.25
C GLY A 1 5.81 -14.54 33.27
N SER A 2 5.34 -13.45 32.66
CA SER A 2 6.14 -12.71 31.70
C SER A 2 6.31 -11.27 32.13
N SER A 3 7.44 -10.97 32.77
CA SER A 3 7.73 -9.62 33.24
C SER A 3 8.50 -8.83 32.19
N GLY A 4 7.76 -8.03 31.41
CA GLY A 4 8.39 -7.23 30.38
C GLY A 4 7.46 -6.16 29.84
N SER A 5 7.79 -4.90 30.12
CA SER A 5 6.98 -3.77 29.68
C SER A 5 7.64 -3.07 28.49
N SER A 6 7.00 -3.12 27.34
CA SER A 6 7.52 -2.50 26.13
C SER A 6 6.63 -1.34 25.68
N GLY A 7 5.33 -1.61 25.56
CA GLY A 7 4.40 -0.57 25.16
C GLY A 7 5.01 0.40 24.16
N ASN A 8 4.67 1.67 24.30
CA ASN A 8 5.19 2.70 23.41
C ASN A 8 4.79 4.09 23.89
N LEU A 9 5.79 4.93 24.14
CA LEU A 9 5.55 6.29 24.61
C LEU A 9 5.09 7.19 23.47
N ALA A 10 4.02 7.95 23.71
CA ALA A 10 3.49 8.85 22.69
C ALA A 10 3.83 10.30 23.02
N ALA A 11 3.62 11.18 22.05
CA ALA A 11 3.92 12.60 22.23
C ALA A 11 2.64 13.40 22.46
N LYS A 12 2.78 14.71 22.63
CA LYS A 12 1.64 15.58 22.85
C LYS A 12 1.06 16.07 21.52
N VAL A 13 0.94 15.16 20.56
CA VAL A 13 0.41 15.50 19.25
C VAL A 13 -0.80 14.64 18.90
N GLU A 14 -1.80 15.26 18.29
CA GLU A 14 -3.02 14.54 17.91
C GLU A 14 -2.90 14.00 16.48
N LEU A 15 -1.75 13.41 16.17
CA LEU A 15 -1.51 12.85 14.85
C LEU A 15 -2.78 12.21 14.29
N VAL A 16 -3.12 12.54 13.05
CA VAL A 16 -4.30 11.99 12.40
C VAL A 16 -4.17 10.48 12.21
N ASP A 17 -5.18 9.75 12.69
CA ASP A 17 -5.18 8.29 12.57
C ASP A 17 -4.97 7.87 11.12
N ILE A 18 -5.73 8.46 10.21
CA ILE A 18 -5.62 8.15 8.79
C ILE A 18 -4.40 8.81 8.17
N GLN A 19 -3.62 8.03 7.42
CA GLN A 19 -2.43 8.55 6.77
C GLN A 19 -2.72 8.94 5.33
N ARG A 20 -3.41 8.07 4.61
CA ARG A 20 -3.76 8.33 3.21
C ARG A 20 -4.87 7.41 2.75
N GLU A 21 -5.81 7.96 1.98
CA GLU A 21 -6.93 7.18 1.47
C GLU A 21 -7.37 7.69 0.09
N GLY A 22 -7.53 6.77 -0.84
CA GLY A 22 -7.94 7.15 -2.19
C GLY A 22 -8.64 6.02 -2.91
N ALA A 23 -9.11 6.29 -4.12
CA ALA A 23 -9.80 5.29 -4.93
C ALA A 23 -9.01 4.96 -6.19
N LEU A 24 -8.25 3.86 -6.14
CA LEU A 24 -7.45 3.42 -7.27
C LEU A 24 -7.62 1.93 -7.51
N ARG A 25 -7.03 1.45 -8.61
CA ARG A 25 -7.11 0.04 -8.96
C ARG A 25 -5.91 -0.73 -8.42
N PHE A 26 -6.09 -2.03 -8.19
CA PHE A 26 -5.02 -2.88 -7.67
C PHE A 26 -5.07 -4.26 -8.31
N MET A 27 -3.90 -4.86 -8.49
CA MET A 27 -3.81 -6.19 -9.09
C MET A 27 -2.67 -6.99 -8.45
N VAL A 28 -2.79 -8.31 -8.49
CA VAL A 28 -1.77 -9.19 -7.92
C VAL A 28 -1.07 -10.00 -9.01
N ALA A 29 0.26 -10.00 -8.96
CA ALA A 29 1.05 -10.73 -9.93
C ALA A 29 0.92 -12.24 -9.74
N ASP A 30 0.13 -12.88 -10.59
CA ASP A 30 -0.09 -14.32 -10.50
C ASP A 30 -0.70 -14.85 -11.79
N ASP A 31 -0.46 -16.13 -12.07
CA ASP A 31 -0.99 -16.76 -13.28
C ASP A 31 -2.19 -17.63 -12.94
N ALA A 32 -3.39 -17.08 -13.14
CA ALA A 32 -4.62 -17.81 -12.86
C ALA A 32 -5.41 -18.07 -14.14
N ALA A 33 -6.05 -19.22 -14.22
CA ALA A 33 -6.83 -19.60 -15.38
C ALA A 33 -6.08 -19.28 -16.67
N SER A 34 -4.78 -19.58 -16.69
CA SER A 34 -3.95 -19.32 -17.85
C SER A 34 -4.44 -20.14 -19.05
N GLY A 35 -4.06 -19.70 -20.25
CA GLY A 35 -4.46 -20.39 -21.46
C GLY A 35 -3.92 -19.73 -22.71
N PRO A 36 -4.71 -19.76 -23.80
CA PRO A 36 -4.32 -19.18 -25.08
C PRO A 36 -4.27 -17.65 -25.03
N GLY A 37 -4.55 -17.09 -23.85
CA GLY A 37 -4.54 -15.65 -23.70
C GLY A 37 -4.70 -15.22 -22.25
N GLY A 38 -4.44 -13.95 -21.98
CA GLY A 38 -4.58 -13.44 -20.63
C GLY A 38 -3.67 -12.25 -20.37
N THR A 39 -4.27 -11.09 -20.10
CA THR A 39 -3.51 -9.88 -19.82
C THR A 39 -3.76 -9.38 -18.41
N ALA A 40 -2.83 -8.59 -17.89
CA ALA A 40 -2.94 -8.04 -16.55
C ALA A 40 -4.11 -7.05 -16.46
N GLN A 41 -5.25 -7.53 -15.97
CA GLN A 41 -6.42 -6.68 -15.83
C GLN A 41 -6.53 -6.12 -14.42
N TRP A 42 -6.63 -4.81 -14.32
CA TRP A 42 -6.74 -4.14 -13.03
C TRP A 42 -8.15 -4.28 -12.46
N GLN A 43 -8.31 -3.96 -11.18
CA GLN A 43 -9.61 -4.05 -10.52
C GLN A 43 -9.89 -2.81 -9.68
N LYS A 44 -11.05 -2.21 -9.88
CA LYS A 44 -11.44 -1.01 -9.14
C LYS A 44 -11.51 -1.30 -7.64
N CYS A 45 -10.86 -0.45 -6.85
CA CYS A 45 -10.84 -0.61 -5.41
C CYS A 45 -10.50 0.70 -4.71
N ARG A 46 -10.60 0.71 -3.39
CA ARG A 46 -10.30 1.91 -2.60
C ARG A 46 -9.21 1.63 -1.58
N LEU A 47 -8.05 2.26 -1.78
CA LEU A 47 -6.92 2.07 -0.86
C LEU A 47 -7.03 3.01 0.33
N LEU A 48 -7.23 2.44 1.51
CA LEU A 48 -7.36 3.22 2.73
C LEU A 48 -6.27 2.85 3.73
N LEU A 49 -5.54 3.85 4.20
CA LEU A 49 -4.46 3.64 5.16
C LEU A 49 -4.86 4.11 6.55
N ARG A 50 -5.32 3.19 7.39
CA ARG A 50 -5.74 3.52 8.75
C ARG A 50 -4.77 2.94 9.77
N ARG A 51 -4.69 3.57 10.93
CA ARG A 51 -3.81 3.11 12.00
C ARG A 51 -4.51 2.08 12.87
N ALA A 52 -3.76 1.06 13.29
CA ALA A 52 -4.30 0.00 14.14
C ALA A 52 -4.09 0.32 15.62
N VAL A 53 -4.97 -0.19 16.46
CA VAL A 53 -4.88 0.03 17.90
C VAL A 53 -4.87 -1.28 18.67
N ALA A 54 -4.22 -1.28 19.82
CA ALA A 54 -4.13 -2.47 20.65
C ALA A 54 -3.78 -3.70 19.82
N GLY A 55 -2.75 -3.55 18.98
CA GLY A 55 -2.33 -4.66 18.14
C GLY A 55 -1.13 -4.30 17.28
N GLU A 56 -1.40 -3.95 16.02
CA GLU A 56 -0.34 -3.59 15.09
C GLU A 56 -0.26 -2.07 14.92
N ARG A 57 0.84 -1.60 14.33
CA ARG A 57 1.04 -0.18 14.12
C ARG A 57 0.03 0.36 13.10
N PHE A 58 0.00 -0.25 11.92
CA PHE A 58 -0.91 0.18 10.87
C PHE A 58 -1.48 -1.03 10.13
N ARG A 59 -2.45 -0.77 9.24
CA ARG A 59 -3.08 -1.84 8.47
C ARG A 59 -3.68 -1.29 7.18
N LEU A 60 -3.39 -1.94 6.07
CA LEU A 60 -3.91 -1.51 4.77
C LEU A 60 -5.22 -2.24 4.45
N GLU A 61 -6.08 -1.58 3.68
CA GLU A 61 -7.36 -2.16 3.29
C GLU A 61 -7.62 -1.96 1.80
N PHE A 62 -8.00 -3.03 1.12
CA PHE A 62 -8.28 -2.98 -0.30
C PHE A 62 -9.75 -3.29 -0.59
N PHE A 63 -10.59 -2.27 -0.56
CA PHE A 63 -12.02 -2.45 -0.80
C PHE A 63 -12.28 -2.72 -2.28
N VAL A 64 -12.74 -3.94 -2.58
CA VAL A 64 -13.03 -4.33 -3.95
C VAL A 64 -14.39 -5.03 -4.04
N PRO A 65 -15.38 -4.33 -4.61
CA PRO A 65 -15.19 -2.97 -5.13
C PRO A 65 -14.99 -1.95 -4.02
N PRO A 66 -14.62 -0.72 -4.40
CA PRO A 66 -14.38 0.37 -3.45
C PRO A 66 -15.68 0.86 -2.80
N LYS A 67 -16.79 0.26 -3.19
CA LYS A 67 -18.09 0.62 -2.64
C LYS A 67 -18.46 -0.29 -1.47
N ALA A 68 -17.80 -1.43 -1.38
CA ALA A 68 -18.06 -2.39 -0.30
C ALA A 68 -17.70 -1.79 1.05
N SER A 69 -18.53 -2.08 2.05
CA SER A 69 -18.31 -1.56 3.39
C SER A 69 -17.09 -2.23 4.03
N ARG A 70 -16.88 -3.50 3.70
CA ARG A 70 -15.75 -4.26 4.23
C ARG A 70 -14.70 -4.49 3.15
N PRO A 71 -13.42 -4.45 3.56
CA PRO A 71 -12.28 -4.66 2.65
C PRO A 71 -12.19 -6.10 2.17
N LYS A 72 -11.80 -6.28 0.90
CA LYS A 72 -11.66 -7.60 0.32
C LYS A 72 -10.32 -8.21 0.68
N VAL A 73 -9.25 -7.44 0.49
CA VAL A 73 -7.90 -7.91 0.79
C VAL A 73 -7.24 -7.04 1.85
N SER A 74 -7.78 -7.09 3.06
CA SER A 74 -7.24 -6.29 4.17
C SER A 74 -5.93 -6.88 4.67
N ILE A 75 -4.82 -6.27 4.26
CA ILE A 75 -3.49 -6.73 4.66
C ILE A 75 -2.89 -5.80 5.71
N PRO A 76 -2.34 -6.39 6.78
CA PRO A 76 -1.72 -5.63 7.86
C PRO A 76 -0.40 -4.98 7.43
N LEU A 77 -0.11 -3.81 8.00
CA LEU A 77 1.11 -3.09 7.68
C LEU A 77 2.35 -3.89 8.09
N SER A 78 2.16 -4.82 9.02
CA SER A 78 3.26 -5.66 9.50
C SER A 78 3.65 -6.69 8.46
N ALA A 79 2.68 -7.14 7.68
CA ALA A 79 2.92 -8.13 6.64
C ALA A 79 3.92 -7.60 5.60
N ILE A 80 3.79 -6.32 5.27
CA ILE A 80 4.68 -5.70 4.29
C ILE A 80 6.14 -5.81 4.73
N ILE A 81 6.98 -6.27 3.82
CA ILE A 81 8.41 -6.41 4.09
C ILE A 81 9.25 -5.57 3.14
N GLU A 82 8.75 -5.40 1.92
CA GLU A 82 9.45 -4.62 0.91
C GLU A 82 8.48 -4.10 -0.15
N VAL A 83 8.70 -2.85 -0.59
CA VAL A 83 7.85 -2.24 -1.59
C VAL A 83 8.65 -1.86 -2.83
N ARG A 84 8.61 -2.72 -3.84
CA ARG A 84 9.33 -2.47 -5.09
C ARG A 84 8.63 -1.41 -5.93
N THR A 85 9.19 -0.20 -5.94
CA THR A 85 8.62 0.90 -6.70
C THR A 85 9.07 0.85 -8.16
N THR A 86 9.29 -0.35 -8.67
CA THR A 86 9.72 -0.52 -10.05
C THR A 86 8.96 -1.65 -10.73
N MET A 87 8.77 -1.52 -12.04
CA MET A 87 8.05 -2.54 -12.81
C MET A 87 8.95 -3.13 -13.89
N PRO A 88 8.57 -4.32 -14.38
CA PRO A 88 9.32 -5.02 -15.43
C PRO A 88 9.23 -4.32 -16.78
N LEU A 89 9.56 -5.04 -17.85
CA LEU A 89 9.51 -4.49 -19.19
C LEU A 89 8.08 -4.46 -19.71
N GLU A 90 7.15 -4.08 -18.85
CA GLU A 90 5.74 -4.01 -19.23
C GLU A 90 5.10 -2.71 -18.73
N MET A 91 5.94 -1.72 -18.45
CA MET A 91 5.46 -0.43 -17.97
C MET A 91 6.08 0.71 -18.77
N PRO A 92 5.26 1.70 -19.13
CA PRO A 92 5.70 2.86 -19.89
C PRO A 92 6.60 3.79 -19.09
N GLU A 93 7.05 3.30 -17.93
CA GLU A 93 7.93 4.09 -17.07
C GLU A 93 7.16 5.23 -16.41
N LYS A 94 6.08 4.88 -15.72
CA LYS A 94 5.25 5.88 -15.04
C LYS A 94 5.58 5.92 -13.55
N ASP A 95 5.69 7.14 -13.01
CA ASP A 95 6.00 7.32 -11.60
C ASP A 95 4.72 7.42 -10.77
N ASN A 96 3.74 6.58 -11.09
CA ASN A 96 2.47 6.58 -10.37
C ASN A 96 2.05 5.15 -10.01
N THR A 97 3.02 4.26 -9.92
CA THR A 97 2.76 2.87 -9.58
C THR A 97 3.75 2.35 -8.54
N PHE A 98 3.36 1.30 -7.83
CA PHE A 98 4.21 0.71 -6.80
C PHE A 98 3.77 -0.71 -6.47
N VAL A 99 4.72 -1.56 -6.15
CA VAL A 99 4.43 -2.95 -5.83
C VAL A 99 4.55 -3.19 -4.33
N LEU A 100 3.59 -3.92 -3.76
CA LEU A 100 3.59 -4.22 -2.34
C LEU A 100 3.87 -5.71 -2.10
N LYS A 101 5.08 -6.01 -1.64
CA LYS A 101 5.48 -7.39 -1.36
C LYS A 101 5.27 -7.73 0.11
N VAL A 102 4.18 -8.43 0.40
CA VAL A 102 3.87 -8.83 1.77
C VAL A 102 4.74 -10.00 2.22
N GLU A 103 4.57 -10.40 3.47
CA GLU A 103 5.34 -11.51 4.02
C GLU A 103 4.90 -12.84 3.40
N ASN A 104 3.68 -12.87 2.89
CA ASN A 104 3.14 -14.06 2.26
C ASN A 104 3.51 -14.12 0.78
N GLY A 105 4.69 -13.62 0.45
CA GLY A 105 5.14 -13.62 -0.93
C GLY A 105 4.03 -13.28 -1.90
N ALA A 106 3.49 -12.07 -1.77
CA ALA A 106 2.41 -11.61 -2.64
C ALA A 106 2.60 -10.15 -3.02
N GLU A 107 2.67 -9.88 -4.33
CA GLU A 107 2.85 -8.53 -4.82
C GLU A 107 1.52 -7.91 -5.22
N TYR A 108 1.31 -6.66 -4.85
CA TYR A 108 0.07 -5.95 -5.16
C TYR A 108 0.35 -4.66 -5.91
N ILE A 109 0.26 -4.71 -7.24
CA ILE A 109 0.50 -3.54 -8.08
C ILE A 109 -0.69 -2.59 -8.05
N LEU A 110 -0.46 -1.39 -7.53
CA LEU A 110 -1.51 -0.38 -7.44
C LEU A 110 -1.19 0.81 -8.34
N GLU A 111 -2.23 1.42 -8.91
CA GLU A 111 -2.06 2.57 -9.78
C GLU A 111 -2.88 3.75 -9.29
N THR A 112 -2.18 4.80 -8.85
CA THR A 112 -2.85 6.00 -8.35
C THR A 112 -3.18 6.96 -9.48
N ILE A 113 -3.74 8.12 -9.12
CA ILE A 113 -4.11 9.12 -10.11
C ILE A 113 -2.88 9.63 -10.86
N ASP A 114 -1.99 10.31 -10.14
CA ASP A 114 -0.78 10.85 -10.72
C ASP A 114 0.43 10.55 -9.86
N SER A 115 1.61 10.89 -10.35
CA SER A 115 2.86 10.64 -9.62
C SER A 115 2.85 11.38 -8.29
N LEU A 116 2.09 12.47 -8.22
CA LEU A 116 1.99 13.27 -7.00
C LEU A 116 1.26 12.50 -5.91
N GLN A 117 0.22 11.78 -6.30
CA GLN A 117 -0.57 11.00 -5.34
C GLN A 117 0.12 9.67 -5.02
N LYS A 118 0.92 9.18 -5.97
CA LYS A 118 1.63 7.93 -5.79
C LYS A 118 2.74 8.08 -4.77
N HIS A 119 3.72 8.93 -5.08
CA HIS A 119 4.84 9.18 -4.17
C HIS A 119 4.37 9.27 -2.73
N SER A 120 3.26 9.97 -2.52
CA SER A 120 2.71 10.13 -1.18
C SER A 120 2.43 8.78 -0.53
N TRP A 121 1.74 7.91 -1.25
CA TRP A 121 1.41 6.58 -0.74
C TRP A 121 2.67 5.86 -0.27
N VAL A 122 3.57 5.60 -1.20
CA VAL A 122 4.82 4.90 -0.88
C VAL A 122 5.39 5.41 0.44
N ALA A 123 5.33 6.72 0.65
CA ALA A 123 5.85 7.34 1.86
C ALA A 123 4.95 7.03 3.06
N ASP A 124 3.64 7.11 2.85
CA ASP A 124 2.67 6.83 3.90
C ASP A 124 2.83 5.41 4.43
N ILE A 125 3.06 4.47 3.51
CA ILE A 125 3.23 3.06 3.88
C ILE A 125 4.61 2.81 4.48
N GLN A 126 5.65 2.99 3.66
CA GLN A 126 7.02 2.79 4.10
C GLN A 126 7.27 3.50 5.42
N GLY A 127 6.70 4.70 5.57
CA GLY A 127 6.88 5.45 6.80
C GLY A 127 6.39 4.72 8.02
N CYS A 128 5.26 4.04 7.89
CA CYS A 128 4.67 3.28 9.00
C CYS A 128 5.42 1.97 9.20
N VAL A 129 5.70 1.27 8.11
CA VAL A 129 6.40 0.00 8.17
C VAL A 129 7.43 -0.01 9.30
N ASP A 130 8.23 1.04 9.37
CA ASP A 130 9.25 1.15 10.41
C ASP A 130 9.84 2.57 10.44
N SER A 131 9.89 3.15 11.64
CA SER A 131 10.43 4.50 11.80
C SER A 131 11.51 4.79 10.77
N GLY A 132 11.14 5.50 9.71
CA GLY A 132 12.09 5.82 8.66
C GLY A 132 12.48 7.28 8.68
N PRO A 133 13.04 7.77 7.55
CA PRO A 133 13.47 9.16 7.42
C PRO A 133 12.30 10.13 7.36
N SER A 134 11.09 9.60 7.51
CA SER A 134 9.88 10.41 7.48
C SER A 134 10.15 11.79 8.06
N SER A 135 10.47 11.82 9.36
CA SER A 135 10.75 13.08 10.04
C SER A 135 12.25 13.28 10.24
N GLY A 136 12.71 14.51 10.04
CA GLY A 136 14.12 14.81 10.20
C GLY A 136 14.42 15.53 11.50
N GLY A 1 -10.03 16.20 33.02
CA GLY A 1 -10.15 15.79 34.41
C GLY A 1 -8.93 15.04 34.91
N SER A 2 -8.55 15.30 36.16
CA SER A 2 -7.39 14.64 36.75
C SER A 2 -7.79 13.32 37.39
N SER A 3 -7.04 12.27 37.07
CA SER A 3 -7.32 10.95 37.62
C SER A 3 -6.22 9.97 37.24
N GLY A 4 -6.16 8.83 37.95
CA GLY A 4 -5.15 7.84 37.67
C GLY A 4 -3.74 8.35 37.87
N SER A 5 -2.76 7.61 37.36
CA SER A 5 -1.36 7.99 37.50
C SER A 5 -1.05 9.20 36.61
N SER A 6 0.09 9.85 36.88
CA SER A 6 0.50 11.01 36.11
C SER A 6 2.02 11.07 35.99
N GLY A 7 2.50 11.74 34.95
CA GLY A 7 3.94 11.86 34.74
C GLY A 7 4.28 12.79 33.59
N ASN A 8 5.24 12.38 32.78
CA ASN A 8 5.66 13.18 31.63
C ASN A 8 4.92 12.77 30.37
N LEU A 9 5.16 13.49 29.28
CA LEU A 9 4.51 13.19 28.00
C LEU A 9 5.44 13.50 26.83
N ALA A 10 4.95 13.27 25.63
CA ALA A 10 5.73 13.53 24.42
C ALA A 10 5.15 14.70 23.63
N ALA A 11 6.03 15.41 22.91
CA ALA A 11 5.60 16.55 22.11
C ALA A 11 4.97 16.09 20.80
N LYS A 12 3.71 15.69 20.87
CA LYS A 12 2.98 15.23 19.68
C LYS A 12 1.82 16.16 19.35
N VAL A 13 1.55 16.35 18.07
CA VAL A 13 0.47 17.21 17.63
C VAL A 13 -0.77 16.39 17.27
N GLU A 14 -1.95 16.96 17.55
CA GLU A 14 -3.21 16.27 17.26
C GLU A 14 -3.35 16.01 15.77
N LEU A 15 -3.53 14.75 15.41
CA LEU A 15 -3.68 14.35 14.02
C LEU A 15 -4.79 13.32 13.85
N VAL A 16 -5.01 12.87 12.62
CA VAL A 16 -6.03 11.88 12.33
C VAL A 16 -5.42 10.48 12.23
N ASP A 17 -6.21 9.47 12.62
CA ASP A 17 -5.76 8.09 12.57
C ASP A 17 -5.34 7.71 11.15
N ILE A 18 -6.21 7.95 10.19
CA ILE A 18 -5.93 7.64 8.80
C ILE A 18 -4.78 8.49 8.26
N GLN A 19 -3.89 7.86 7.51
CA GLN A 19 -2.74 8.55 6.93
C GLN A 19 -3.06 9.05 5.52
N ARG A 20 -3.79 8.24 4.76
CA ARG A 20 -4.15 8.59 3.40
C ARG A 20 -5.15 7.59 2.83
N GLU A 21 -6.19 8.11 2.16
CA GLU A 21 -7.21 7.26 1.57
C GLU A 21 -7.58 7.75 0.17
N GLY A 22 -7.65 6.82 -0.77
CA GLY A 22 -7.99 7.17 -2.14
C GLY A 22 -8.58 6.01 -2.91
N ALA A 23 -9.17 6.31 -4.06
CA ALA A 23 -9.77 5.28 -4.90
C ALA A 23 -8.90 4.97 -6.11
N LEU A 24 -8.14 3.87 -6.02
CA LEU A 24 -7.25 3.46 -7.10
C LEU A 24 -7.45 1.99 -7.44
N ARG A 25 -6.78 1.54 -8.49
CA ARG A 25 -6.88 0.15 -8.92
C ARG A 25 -5.68 -0.65 -8.44
N PHE A 26 -5.88 -1.94 -8.22
CA PHE A 26 -4.80 -2.82 -7.77
C PHE A 26 -4.88 -4.19 -8.45
N MET A 27 -3.76 -4.90 -8.46
CA MET A 27 -3.71 -6.21 -9.09
C MET A 27 -2.65 -7.09 -8.43
N VAL A 28 -2.73 -8.40 -8.64
CA VAL A 28 -1.78 -9.33 -8.06
C VAL A 28 -1.01 -10.08 -9.15
N ALA A 29 0.31 -10.14 -8.99
CA ALA A 29 1.16 -10.83 -9.96
C ALA A 29 0.94 -12.34 -9.90
N ASP A 30 0.22 -12.87 -10.89
CA ASP A 30 -0.05 -14.30 -10.95
C ASP A 30 -0.30 -14.74 -12.39
N ASP A 31 -0.02 -16.00 -12.68
CA ASP A 31 -0.22 -16.55 -14.02
C ASP A 31 -1.55 -17.29 -14.11
N ALA A 32 -2.49 -16.71 -14.86
CA ALA A 32 -3.81 -17.31 -15.03
C ALA A 32 -3.69 -18.78 -15.44
N ALA A 33 -4.31 -19.66 -14.66
CA ALA A 33 -4.28 -21.07 -14.95
C ALA A 33 -5.53 -21.52 -15.69
N SER A 34 -6.69 -21.05 -15.24
CA SER A 34 -7.96 -21.39 -15.86
C SER A 34 -7.90 -21.19 -17.37
N GLY A 35 -7.57 -19.97 -17.78
CA GLY A 35 -7.48 -19.67 -19.20
C GLY A 35 -7.06 -18.24 -19.45
N PRO A 36 -7.25 -17.78 -20.70
CA PRO A 36 -6.88 -16.41 -21.11
C PRO A 36 -7.79 -15.37 -20.48
N GLY A 37 -7.51 -14.10 -20.77
CA GLY A 37 -8.31 -13.02 -20.23
C GLY A 37 -8.48 -11.87 -21.20
N GLY A 38 -7.39 -11.18 -21.50
CA GLY A 38 -7.46 -10.06 -22.43
C GLY A 38 -7.65 -8.74 -21.73
N THR A 39 -8.67 -8.64 -20.89
CA THR A 39 -8.96 -7.42 -20.15
C THR A 39 -7.84 -7.09 -19.16
N ALA A 40 -7.76 -5.84 -18.76
CA ALA A 40 -6.74 -5.40 -17.82
C ALA A 40 -7.08 -5.85 -16.40
N GLN A 41 -6.19 -6.64 -15.81
CA GLN A 41 -6.39 -7.15 -14.46
C GLN A 41 -6.79 -6.02 -13.51
N TRP A 42 -6.25 -4.83 -13.76
CA TRP A 42 -6.55 -3.67 -12.92
C TRP A 42 -8.00 -3.70 -12.45
N GLN A 43 -8.19 -3.71 -11.14
CA GLN A 43 -9.52 -3.74 -10.56
C GLN A 43 -9.75 -2.53 -9.65
N LYS A 44 -10.85 -1.83 -9.87
CA LYS A 44 -11.18 -0.66 -9.06
C LYS A 44 -11.27 -1.02 -7.58
N CYS A 45 -10.58 -0.25 -6.75
CA CYS A 45 -10.58 -0.49 -5.31
C CYS A 45 -10.30 0.81 -4.55
N ARG A 46 -10.56 0.78 -3.24
CA ARG A 46 -10.34 1.95 -2.40
C ARG A 46 -9.31 1.65 -1.32
N LEU A 47 -8.14 2.30 -1.43
CA LEU A 47 -7.07 2.10 -0.46
C LEU A 47 -7.27 2.99 0.76
N LEU A 48 -7.34 2.36 1.94
CA LEU A 48 -7.52 3.10 3.19
C LEU A 48 -6.44 2.74 4.19
N LEU A 49 -5.57 3.70 4.48
CA LEU A 49 -4.49 3.49 5.43
C LEU A 49 -4.88 3.98 6.82
N ARG A 50 -5.32 3.05 7.67
CA ARG A 50 -5.72 3.38 9.03
C ARG A 50 -4.62 3.04 10.03
N ARG A 51 -4.67 3.67 11.20
CA ARG A 51 -3.68 3.44 12.23
C ARG A 51 -4.08 2.27 13.12
N ALA A 52 -3.10 1.47 13.52
CA ALA A 52 -3.34 0.32 14.38
C ALA A 52 -3.00 0.64 15.84
N VAL A 53 -3.46 -0.23 16.75
CA VAL A 53 -3.20 -0.04 18.17
C VAL A 53 -1.75 -0.38 18.52
N ALA A 54 -1.31 0.06 19.69
CA ALA A 54 0.04 -0.20 20.15
C ALA A 54 0.54 -1.54 19.64
N GLY A 55 -0.36 -2.52 19.59
CA GLY A 55 0.02 -3.84 19.11
C GLY A 55 0.80 -3.80 17.81
N GLU A 56 0.14 -3.36 16.75
CA GLU A 56 0.78 -3.27 15.44
C GLU A 56 1.00 -1.81 15.03
N ARG A 57 1.95 -1.59 14.15
CA ARG A 57 2.26 -0.24 13.68
C ARG A 57 1.06 0.36 12.93
N PHE A 58 0.65 -0.30 11.86
CA PHE A 58 -0.48 0.17 11.06
C PHE A 58 -1.18 -1.00 10.38
N ARG A 59 -2.16 -0.67 9.54
CA ARG A 59 -2.91 -1.69 8.82
C ARG A 59 -3.42 -1.15 7.48
N LEU A 60 -3.22 -1.92 6.41
CA LEU A 60 -3.65 -1.52 5.08
C LEU A 60 -4.85 -2.34 4.63
N GLU A 61 -5.86 -1.66 4.08
CA GLU A 61 -7.06 -2.32 3.61
C GLU A 61 -7.27 -2.08 2.12
N PHE A 62 -7.89 -3.05 1.44
CA PHE A 62 -8.14 -2.94 0.02
C PHE A 62 -9.60 -3.28 -0.30
N PHE A 63 -10.45 -2.26 -0.30
CA PHE A 63 -11.87 -2.45 -0.59
C PHE A 63 -12.09 -2.73 -2.07
N VAL A 64 -12.70 -3.87 -2.37
CA VAL A 64 -12.97 -4.25 -3.76
C VAL A 64 -14.32 -4.95 -3.87
N PRO A 65 -15.30 -4.25 -4.47
CA PRO A 65 -15.11 -2.90 -4.99
C PRO A 65 -14.92 -1.88 -3.87
N PRO A 66 -14.54 -0.65 -4.24
CA PRO A 66 -14.33 0.45 -3.30
C PRO A 66 -15.63 0.94 -2.68
N LYS A 67 -16.74 0.31 -3.06
CA LYS A 67 -18.05 0.68 -2.54
C LYS A 67 -18.47 -0.25 -1.42
N ALA A 68 -17.72 -1.33 -1.23
CA ALA A 68 -18.01 -2.30 -0.19
C ALA A 68 -17.68 -1.75 1.19
N SER A 69 -18.43 -2.16 2.20
CA SER A 69 -18.21 -1.70 3.57
C SER A 69 -16.99 -2.38 4.18
N ARG A 70 -16.72 -3.61 3.73
CA ARG A 70 -15.59 -4.37 4.23
C ARG A 70 -14.53 -4.56 3.15
N PRO A 71 -13.26 -4.58 3.56
CA PRO A 71 -12.13 -4.76 2.64
C PRO A 71 -12.07 -6.17 2.06
N LYS A 72 -11.80 -6.26 0.76
CA LYS A 72 -11.70 -7.55 0.09
C LYS A 72 -10.34 -8.17 0.30
N VAL A 73 -9.29 -7.36 0.15
CA VAL A 73 -7.92 -7.85 0.31
C VAL A 73 -7.19 -7.05 1.39
N SER A 74 -7.65 -7.20 2.63
CA SER A 74 -7.05 -6.49 3.75
C SER A 74 -5.63 -7.00 4.02
N ILE A 75 -4.65 -6.11 3.89
CA ILE A 75 -3.26 -6.47 4.11
C ILE A 75 -2.65 -5.64 5.24
N PRO A 76 -2.37 -6.30 6.37
CA PRO A 76 -1.78 -5.64 7.55
C PRO A 76 -0.34 -5.22 7.31
N LEU A 77 0.00 -4.01 7.73
CA LEU A 77 1.35 -3.49 7.58
C LEU A 77 2.39 -4.48 8.09
N SER A 78 1.98 -5.28 9.07
CA SER A 78 2.88 -6.28 9.66
C SER A 78 3.30 -7.31 8.61
N ALA A 79 2.43 -7.55 7.65
CA ALA A 79 2.71 -8.52 6.59
C ALA A 79 3.68 -7.92 5.56
N ILE A 80 3.54 -6.63 5.30
CA ILE A 80 4.40 -5.95 4.34
C ILE A 80 5.86 -5.96 4.80
N ILE A 81 6.76 -6.20 3.86
CA ILE A 81 8.18 -6.22 4.16
C ILE A 81 8.99 -5.41 3.16
N GLU A 82 8.54 -5.42 1.90
CA GLU A 82 9.21 -4.68 0.84
C GLU A 82 8.19 -4.11 -0.15
N VAL A 83 8.33 -2.82 -0.45
CA VAL A 83 7.43 -2.15 -1.38
C VAL A 83 8.20 -1.50 -2.53
N ARG A 84 8.16 -2.13 -3.69
CA ARG A 84 8.86 -1.62 -4.86
C ARG A 84 8.13 -0.41 -5.44
N THR A 85 8.84 0.36 -6.26
CA THR A 85 8.26 1.54 -6.88
C THR A 85 8.42 1.51 -8.39
N THR A 86 9.39 0.74 -8.87
CA THR A 86 9.64 0.62 -10.31
C THR A 86 9.18 -0.75 -10.82
N MET A 87 8.14 -0.72 -11.66
CA MET A 87 7.61 -1.96 -12.24
C MET A 87 8.38 -2.36 -13.49
N PRO A 88 8.23 -3.62 -13.91
CA PRO A 88 8.90 -4.15 -15.09
C PRO A 88 8.36 -3.56 -16.39
N LEU A 89 8.65 -4.21 -17.50
CA LEU A 89 8.20 -3.76 -18.80
C LEU A 89 6.70 -3.99 -18.96
N GLU A 90 5.90 -3.30 -18.15
CA GLU A 90 4.45 -3.43 -18.21
C GLU A 90 3.78 -2.07 -18.16
N MET A 91 4.56 -1.02 -18.38
CA MET A 91 4.03 0.34 -18.36
C MET A 91 5.04 1.33 -18.96
N PRO A 92 4.54 2.46 -19.47
CA PRO A 92 5.37 3.49 -20.09
C PRO A 92 6.24 4.22 -19.06
N GLU A 93 6.32 3.65 -17.86
CA GLU A 93 7.11 4.26 -16.78
C GLU A 93 6.52 5.59 -16.35
N LYS A 94 5.24 5.57 -15.98
CA LYS A 94 4.55 6.78 -15.54
C LYS A 94 4.91 7.11 -14.09
N ASP A 95 5.88 6.39 -13.55
CA ASP A 95 6.31 6.61 -12.17
C ASP A 95 5.11 6.89 -11.27
N ASN A 96 4.02 6.16 -11.49
CA ASN A 96 2.81 6.32 -10.70
C ASN A 96 2.26 4.97 -10.25
N THR A 97 3.16 4.06 -9.91
CA THR A 97 2.77 2.73 -9.47
C THR A 97 3.72 2.19 -8.40
N PHE A 98 3.26 1.20 -7.65
CA PHE A 98 4.07 0.60 -6.59
C PHE A 98 3.57 -0.80 -6.25
N VAL A 99 4.52 -1.72 -6.06
CA VAL A 99 4.18 -3.10 -5.74
C VAL A 99 4.26 -3.35 -4.24
N LEU A 100 3.38 -4.19 -3.72
CA LEU A 100 3.36 -4.51 -2.30
C LEU A 100 3.82 -5.95 -2.06
N LYS A 101 5.06 -6.10 -1.60
CA LYS A 101 5.61 -7.41 -1.32
C LYS A 101 5.32 -7.84 0.12
N VAL A 102 4.32 -8.71 0.28
CA VAL A 102 3.94 -9.19 1.60
C VAL A 102 4.83 -10.35 2.03
N GLU A 103 4.85 -10.62 3.33
CA GLU A 103 5.66 -11.70 3.88
C GLU A 103 5.25 -13.05 3.29
N ASN A 104 3.98 -13.14 2.89
CA ASN A 104 3.45 -14.37 2.32
C ASN A 104 4.12 -14.67 0.98
N GLY A 105 4.53 -13.62 0.28
CA GLY A 105 5.17 -13.78 -1.00
C GLY A 105 4.30 -13.31 -2.15
N ALA A 106 3.22 -12.62 -1.83
CA ALA A 106 2.29 -12.11 -2.84
C ALA A 106 2.55 -10.64 -3.12
N GLU A 107 2.57 -10.27 -4.40
CA GLU A 107 2.81 -8.89 -4.80
C GLU A 107 1.52 -8.23 -5.28
N TYR A 108 1.34 -6.97 -4.92
CA TYR A 108 0.15 -6.23 -5.33
C TYR A 108 0.52 -4.93 -6.02
N ILE A 109 0.31 -4.89 -7.34
CA ILE A 109 0.63 -3.70 -8.12
C ILE A 109 -0.54 -2.72 -8.12
N LEU A 110 -0.35 -1.59 -7.44
CA LEU A 110 -1.39 -0.56 -7.37
C LEU A 110 -1.03 0.63 -8.25
N GLU A 111 -2.05 1.21 -8.87
CA GLU A 111 -1.84 2.37 -9.74
C GLU A 111 -2.47 3.62 -9.14
N THR A 112 -1.83 4.77 -9.37
CA THR A 112 -2.32 6.03 -8.84
C THR A 112 -2.47 7.07 -9.95
N ILE A 113 -3.36 8.03 -9.74
CA ILE A 113 -3.60 9.08 -10.72
C ILE A 113 -2.31 9.42 -11.48
N ASP A 114 -1.32 9.93 -10.75
CA ASP A 114 -0.05 10.30 -11.36
C ASP A 114 1.10 10.06 -10.39
N SER A 115 2.31 10.41 -10.81
CA SER A 115 3.49 10.22 -9.97
C SER A 115 3.34 10.97 -8.65
N LEU A 116 2.62 12.08 -8.68
CA LEU A 116 2.40 12.88 -7.49
C LEU A 116 1.66 12.08 -6.41
N GLN A 117 0.66 11.32 -6.84
CA GLN A 117 -0.14 10.51 -5.93
C GLN A 117 0.67 9.29 -5.46
N LYS A 118 1.36 8.66 -6.40
CA LYS A 118 2.17 7.48 -6.09
C LYS A 118 3.17 7.78 -4.97
N HIS A 119 4.16 8.60 -5.27
CA HIS A 119 5.18 8.97 -4.29
C HIS A 119 4.55 9.25 -2.93
N SER A 120 3.42 9.96 -2.94
CA SER A 120 2.72 10.30 -1.71
C SER A 120 2.39 9.05 -0.91
N TRP A 121 1.70 8.11 -1.55
CA TRP A 121 1.33 6.86 -0.89
C TRP A 121 2.54 6.17 -0.29
N VAL A 122 3.51 5.82 -1.14
CA VAL A 122 4.72 5.16 -0.69
C VAL A 122 5.22 5.75 0.62
N ALA A 123 5.02 7.06 0.77
CA ALA A 123 5.45 7.75 1.98
C ALA A 123 4.64 7.29 3.20
N ASP A 124 3.33 7.45 3.11
CA ASP A 124 2.45 7.05 4.20
C ASP A 124 2.63 5.58 4.55
N ILE A 125 2.58 4.73 3.54
CA ILE A 125 2.74 3.30 3.73
C ILE A 125 4.07 2.99 4.41
N GLN A 126 5.17 3.29 3.72
CA GLN A 126 6.51 3.04 4.25
C GLN A 126 6.66 3.67 5.64
N GLY A 127 6.38 4.97 5.73
CA GLY A 127 6.51 5.67 7.00
C GLY A 127 5.86 4.90 8.14
N CYS A 128 4.97 3.97 7.80
CA CYS A 128 4.30 3.17 8.81
C CYS A 128 5.02 1.84 9.03
N VAL A 129 5.20 1.08 7.96
CA VAL A 129 5.88 -0.20 8.03
C VAL A 129 7.25 -0.06 8.67
N ASP A 130 7.93 1.04 8.37
CA ASP A 130 9.26 1.30 8.91
C ASP A 130 9.22 1.38 10.44
N SER A 131 8.58 2.43 10.95
CA SER A 131 8.48 2.62 12.39
C SER A 131 7.01 2.63 12.83
N GLY A 132 6.24 3.55 12.28
CA GLY A 132 4.83 3.65 12.63
C GLY A 132 4.38 5.09 12.84
N PRO A 133 4.76 5.66 14.00
CA PRO A 133 4.40 7.04 14.34
C PRO A 133 5.13 8.06 13.48
N SER A 134 6.28 7.67 12.94
CA SER A 134 7.07 8.55 12.09
C SER A 134 6.21 9.21 11.03
N SER A 135 6.46 10.48 10.78
CA SER A 135 5.71 11.24 9.79
C SER A 135 6.33 12.61 9.56
N GLY A 136 6.48 12.98 8.28
CA GLY A 136 7.07 14.27 7.95
C GLY A 136 6.19 15.07 7.02
N GLY A 1 17.63 -18.94 29.32
CA GLY A 1 17.43 -17.68 29.99
C GLY A 1 17.64 -16.48 29.08
N SER A 2 16.54 -15.96 28.54
CA SER A 2 16.60 -14.82 27.64
C SER A 2 15.65 -13.72 28.09
N SER A 3 16.05 -12.47 27.88
CA SER A 3 15.23 -11.33 28.26
C SER A 3 15.34 -10.22 27.23
N GLY A 4 14.42 -9.24 27.31
CA GLY A 4 14.43 -8.14 26.39
C GLY A 4 13.77 -6.90 26.96
N SER A 5 13.80 -5.81 26.21
CA SER A 5 13.20 -4.55 26.64
C SER A 5 12.48 -3.86 25.48
N SER A 6 11.58 -2.95 25.82
CA SER A 6 10.81 -2.22 24.82
C SER A 6 11.14 -0.73 24.86
N GLY A 7 10.78 -0.02 23.80
CA GLY A 7 11.04 1.41 23.74
C GLY A 7 10.22 2.19 24.75
N ASN A 8 9.79 3.39 24.35
CA ASN A 8 8.99 4.23 25.24
C ASN A 8 7.92 4.97 24.45
N LEU A 9 6.67 4.64 24.72
CA LEU A 9 5.54 5.28 24.05
C LEU A 9 5.32 6.69 24.56
N ALA A 10 5.87 7.68 23.84
CA ALA A 10 5.73 9.07 24.22
C ALA A 10 4.53 9.71 23.52
N ALA A 11 4.06 10.83 24.09
CA ALA A 11 2.92 11.54 23.51
C ALA A 11 3.36 12.41 22.33
N LYS A 12 2.74 12.19 21.18
CA LYS A 12 3.06 12.95 19.98
C LYS A 12 1.81 13.64 19.43
N VAL A 13 2.01 14.79 18.79
CA VAL A 13 0.91 15.55 18.21
C VAL A 13 -0.18 14.62 17.70
N GLU A 14 -1.43 15.02 17.91
CA GLU A 14 -2.57 14.22 17.47
C GLU A 14 -2.95 14.56 16.04
N LEU A 15 -2.41 13.82 15.08
CA LEU A 15 -2.70 14.05 13.67
C LEU A 15 -3.72 13.04 13.15
N VAL A 16 -4.33 13.37 12.01
CA VAL A 16 -5.33 12.49 11.41
C VAL A 16 -4.80 11.07 11.26
N ASP A 17 -5.15 10.21 12.21
CA ASP A 17 -4.72 8.82 12.19
C ASP A 17 -4.54 8.33 10.76
N ILE A 18 -5.64 8.28 10.01
CA ILE A 18 -5.59 7.84 8.62
C ILE A 18 -4.57 8.63 7.82
N GLN A 19 -3.38 8.04 7.65
CA GLN A 19 -2.32 8.69 6.89
C GLN A 19 -2.86 9.30 5.61
N ARG A 20 -3.37 8.46 4.72
CA ARG A 20 -3.91 8.92 3.45
C ARG A 20 -4.98 7.96 2.93
N GLU A 21 -5.75 8.41 1.95
CA GLU A 21 -6.81 7.59 1.37
C GLU A 21 -7.10 8.01 -0.07
N GLY A 22 -7.36 7.02 -0.92
CA GLY A 22 -7.65 7.30 -2.32
C GLY A 22 -8.31 6.14 -3.02
N ALA A 23 -8.89 6.40 -4.18
CA ALA A 23 -9.56 5.37 -4.96
C ALA A 23 -8.78 5.04 -6.23
N LEU A 24 -8.11 3.89 -6.22
CA LEU A 24 -7.31 3.46 -7.38
C LEU A 24 -7.52 1.97 -7.64
N ARG A 25 -6.95 1.50 -8.75
CA ARG A 25 -7.07 0.10 -9.13
C ARG A 25 -5.92 -0.72 -8.55
N PHE A 26 -6.20 -1.97 -8.17
CA PHE A 26 -5.19 -2.85 -7.61
C PHE A 26 -5.17 -4.19 -8.34
N MET A 27 -4.05 -4.90 -8.23
CA MET A 27 -3.92 -6.20 -8.88
C MET A 27 -2.78 -7.00 -8.24
N VAL A 28 -2.78 -8.31 -8.48
CA VAL A 28 -1.76 -9.18 -7.94
C VAL A 28 -0.99 -9.90 -9.04
N ALA A 29 0.31 -10.09 -8.84
CA ALA A 29 1.15 -10.76 -9.81
C ALA A 29 1.10 -12.27 -9.63
N ASP A 30 0.50 -12.96 -10.60
CA ASP A 30 0.39 -14.41 -10.54
C ASP A 30 0.86 -15.05 -11.85
N ASP A 31 0.27 -14.62 -12.95
CA ASP A 31 0.63 -15.14 -14.26
C ASP A 31 1.74 -14.31 -14.90
N ALA A 32 2.95 -14.86 -14.90
CA ALA A 32 4.09 -14.17 -15.47
C ALA A 32 4.05 -14.18 -17.01
N ALA A 33 4.05 -15.38 -17.58
CA ALA A 33 4.00 -15.53 -19.03
C ALA A 33 2.66 -15.05 -19.59
N SER A 34 1.60 -15.79 -19.27
CA SER A 34 0.25 -15.44 -19.75
C SER A 34 -0.81 -16.24 -18.99
N GLY A 35 -2.05 -15.77 -19.08
CA GLY A 35 -3.14 -16.45 -18.40
C GLY A 35 -4.41 -16.49 -19.23
N PRO A 36 -5.55 -16.74 -18.57
CA PRO A 36 -6.85 -16.81 -19.24
C PRO A 36 -7.33 -15.44 -19.72
N GLY A 37 -7.62 -15.35 -21.02
CA GLY A 37 -8.08 -14.10 -21.59
C GLY A 37 -6.97 -13.08 -21.71
N GLY A 38 -7.33 -11.84 -22.04
CA GLY A 38 -6.35 -10.79 -22.18
C GLY A 38 -6.87 -9.44 -21.72
N THR A 39 -7.28 -9.36 -20.46
CA THR A 39 -7.80 -8.11 -19.90
C THR A 39 -6.87 -7.55 -18.84
N ALA A 40 -7.13 -6.32 -18.42
CA ALA A 40 -6.31 -5.67 -17.40
C ALA A 40 -6.77 -6.05 -16.01
N GLN A 41 -6.07 -7.00 -15.38
CA GLN A 41 -6.42 -7.45 -14.04
C GLN A 41 -6.87 -6.28 -13.17
N TRP A 42 -6.35 -5.09 -13.48
CA TRP A 42 -6.69 -3.90 -12.71
C TRP A 42 -8.15 -3.92 -12.28
N GLN A 43 -8.38 -3.87 -10.98
CA GLN A 43 -9.73 -3.90 -10.44
C GLN A 43 -9.99 -2.66 -9.56
N LYS A 44 -11.13 -2.03 -9.77
CA LYS A 44 -11.51 -0.85 -9.00
C LYS A 44 -11.55 -1.16 -7.50
N CYS A 45 -10.85 -0.36 -6.71
CA CYS A 45 -10.81 -0.55 -5.27
C CYS A 45 -10.42 0.74 -4.57
N ARG A 46 -10.59 0.77 -3.25
CA ARG A 46 -10.25 1.94 -2.45
C ARG A 46 -9.14 1.63 -1.45
N LEU A 47 -8.04 2.35 -1.56
CA LEU A 47 -6.90 2.15 -0.66
C LEU A 47 -7.02 3.05 0.56
N LEU A 48 -7.18 2.43 1.73
CA LEU A 48 -7.29 3.16 2.97
C LEU A 48 -6.13 2.84 3.92
N LEU A 49 -5.51 3.88 4.45
CA LEU A 49 -4.39 3.72 5.36
C LEU A 49 -4.71 4.27 6.75
N ARG A 50 -4.98 3.37 7.69
CA ARG A 50 -5.31 3.77 9.06
C ARG A 50 -4.50 2.96 10.07
N ARG A 51 -4.15 3.59 11.18
CA ARG A 51 -3.38 2.94 12.22
C ARG A 51 -4.20 1.84 12.90
N ALA A 52 -3.54 0.72 13.21
CA ALA A 52 -4.21 -0.40 13.86
C ALA A 52 -4.30 -0.18 15.36
N VAL A 53 -5.53 -0.17 15.88
CA VAL A 53 -5.76 0.02 17.30
C VAL A 53 -5.71 -1.30 18.06
N ALA A 54 -5.10 -1.28 19.24
CA ALA A 54 -4.97 -2.48 20.05
C ALA A 54 -4.35 -3.62 19.27
N GLY A 55 -3.30 -3.30 18.50
CA GLY A 55 -2.63 -4.32 17.71
C GLY A 55 -1.41 -3.76 17.00
N GLU A 56 -1.26 -4.12 15.73
CA GLU A 56 -0.13 -3.66 14.93
C GLU A 56 -0.12 -2.14 14.80
N ARG A 57 0.82 -1.62 14.04
CA ARG A 57 0.93 -0.17 13.83
C ARG A 57 -0.13 0.32 12.85
N PHE A 58 -0.18 -0.31 11.68
CA PHE A 58 -1.16 0.07 10.66
C PHE A 58 -1.69 -1.16 9.94
N ARG A 59 -2.63 -0.94 9.02
CA ARG A 59 -3.22 -2.04 8.26
C ARG A 59 -3.84 -1.52 6.97
N LEU A 60 -3.39 -2.07 5.84
CA LEU A 60 -3.90 -1.66 4.54
C LEU A 60 -5.15 -2.47 4.16
N GLU A 61 -6.23 -1.76 3.84
CA GLU A 61 -7.47 -2.40 3.47
C GLU A 61 -7.82 -2.14 2.00
N PHE A 62 -7.95 -3.22 1.22
CA PHE A 62 -8.26 -3.09 -0.20
C PHE A 62 -9.74 -3.42 -0.45
N PHE A 63 -10.57 -2.39 -0.45
CA PHE A 63 -12.01 -2.56 -0.69
C PHE A 63 -12.29 -2.79 -2.17
N VAL A 64 -12.76 -3.98 -2.50
CA VAL A 64 -13.08 -4.33 -3.88
C VAL A 64 -14.44 -5.00 -3.98
N PRO A 65 -15.43 -4.28 -4.52
CA PRO A 65 -15.23 -2.90 -5.00
C PRO A 65 -15.00 -1.92 -3.85
N PRO A 66 -14.61 -0.69 -4.21
CA PRO A 66 -14.35 0.36 -3.22
C PRO A 66 -15.63 0.86 -2.55
N LYS A 67 -16.76 0.25 -2.90
CA LYS A 67 -18.04 0.61 -2.33
C LYS A 67 -18.44 -0.35 -1.21
N ALA A 68 -17.83 -1.53 -1.21
CA ALA A 68 -18.13 -2.53 -0.20
C ALA A 68 -17.77 -2.03 1.20
N SER A 69 -18.58 -2.39 2.18
CA SER A 69 -18.35 -1.96 3.56
C SER A 69 -17.11 -2.65 4.14
N ARG A 70 -16.89 -3.90 3.74
CA ARG A 70 -15.75 -4.66 4.21
C ARG A 70 -14.69 -4.81 3.11
N PRO A 71 -13.42 -4.78 3.50
CA PRO A 71 -12.30 -4.91 2.56
C PRO A 71 -12.19 -6.31 1.99
N LYS A 72 -11.85 -6.40 0.71
CA LYS A 72 -11.71 -7.68 0.03
C LYS A 72 -10.38 -8.33 0.38
N VAL A 73 -9.31 -7.54 0.32
CA VAL A 73 -7.97 -8.05 0.63
C VAL A 73 -7.32 -7.22 1.74
N SER A 74 -7.90 -7.27 2.93
CA SER A 74 -7.38 -6.52 4.06
C SER A 74 -6.08 -7.15 4.58
N ILE A 75 -4.97 -6.51 4.28
CA ILE A 75 -3.67 -7.00 4.72
C ILE A 75 -3.03 -6.06 5.73
N PRO A 76 -2.47 -6.63 6.81
CA PRO A 76 -1.81 -5.86 7.87
C PRO A 76 -0.50 -5.24 7.40
N LEU A 77 -0.22 -4.03 7.88
CA LEU A 77 1.01 -3.33 7.52
C LEU A 77 2.24 -4.17 7.85
N SER A 78 2.20 -4.84 8.99
CA SER A 78 3.32 -5.69 9.42
C SER A 78 3.71 -6.66 8.31
N ALA A 79 2.73 -7.13 7.56
CA ALA A 79 2.97 -8.07 6.47
C ALA A 79 3.96 -7.48 5.46
N ILE A 80 3.75 -6.22 5.10
CA ILE A 80 4.63 -5.55 4.15
C ILE A 80 6.07 -5.56 4.62
N ILE A 81 6.98 -6.01 3.76
CA ILE A 81 8.39 -6.06 4.09
C ILE A 81 9.21 -5.23 3.12
N GLU A 82 8.79 -5.21 1.86
CA GLU A 82 9.49 -4.45 0.83
C GLU A 82 8.52 -3.96 -0.24
N VAL A 83 8.57 -2.67 -0.53
CA VAL A 83 7.70 -2.07 -1.54
C VAL A 83 8.48 -1.67 -2.78
N ARG A 84 8.47 -2.53 -3.78
CA ARG A 84 9.17 -2.26 -5.04
C ARG A 84 8.38 -1.33 -5.93
N THR A 85 8.89 -0.12 -6.13
CA THR A 85 8.22 0.87 -6.97
C THR A 85 8.66 0.75 -8.42
N THR A 86 8.85 -0.49 -8.89
CA THR A 86 9.28 -0.73 -10.26
C THR A 86 8.47 -1.87 -10.89
N MET A 87 8.69 -2.10 -12.18
CA MET A 87 7.99 -3.16 -12.90
C MET A 87 8.92 -3.88 -13.86
N PRO A 88 8.57 -5.12 -14.22
CA PRO A 88 9.35 -5.94 -15.14
C PRO A 88 9.32 -5.40 -16.56
N LEU A 89 9.73 -6.24 -17.51
CA LEU A 89 9.75 -5.85 -18.92
C LEU A 89 8.34 -5.89 -19.51
N GLU A 90 7.41 -5.22 -18.84
CA GLU A 90 6.02 -5.17 -19.30
C GLU A 90 5.48 -3.75 -19.22
N MET A 91 5.64 -3.12 -18.06
CA MET A 91 5.15 -1.76 -17.86
C MET A 91 6.14 -0.74 -18.45
N PRO A 92 5.59 0.32 -19.06
CA PRO A 92 6.40 1.37 -19.67
C PRO A 92 7.12 2.22 -18.64
N GLU A 93 7.15 1.75 -17.40
CA GLU A 93 7.81 2.46 -16.32
C GLU A 93 6.98 3.66 -15.87
N LYS A 94 5.71 3.42 -15.59
CA LYS A 94 4.80 4.49 -15.15
C LYS A 94 5.13 4.91 -13.72
N ASP A 95 5.41 6.19 -13.54
CA ASP A 95 5.73 6.73 -12.22
C ASP A 95 4.45 7.02 -11.43
N ASN A 96 3.45 6.17 -11.60
CA ASN A 96 2.18 6.33 -10.91
C ASN A 96 1.69 5.01 -10.34
N THR A 97 2.63 4.11 -10.06
CA THR A 97 2.29 2.81 -9.50
C THR A 97 3.32 2.37 -8.46
N PHE A 98 3.11 1.21 -7.85
CA PHE A 98 4.01 0.69 -6.84
C PHE A 98 3.63 -0.74 -6.47
N VAL A 99 4.64 -1.57 -6.23
CA VAL A 99 4.42 -2.97 -5.87
C VAL A 99 4.55 -3.16 -4.36
N LEU A 100 3.62 -3.93 -3.79
CA LEU A 100 3.62 -4.20 -2.35
C LEU A 100 4.00 -5.65 -2.08
N LYS A 101 5.24 -5.86 -1.64
CA LYS A 101 5.73 -7.19 -1.32
C LYS A 101 5.48 -7.53 0.14
N VAL A 102 4.46 -8.33 0.40
CA VAL A 102 4.14 -8.73 1.76
C VAL A 102 4.98 -9.93 2.21
N GLU A 103 4.86 -10.29 3.49
CA GLU A 103 5.61 -11.41 4.04
C GLU A 103 5.12 -12.73 3.46
N ASN A 104 3.90 -12.72 2.94
CA ASN A 104 3.30 -13.92 2.35
C ASN A 104 3.62 -14.01 0.86
N GLY A 105 4.82 -13.59 0.49
CA GLY A 105 5.22 -13.63 -0.91
C GLY A 105 4.09 -13.27 -1.85
N ALA A 106 3.60 -12.04 -1.74
CA ALA A 106 2.51 -11.57 -2.59
C ALA A 106 2.71 -10.11 -2.99
N GLU A 107 2.78 -9.86 -4.28
CA GLU A 107 2.97 -8.50 -4.78
C GLU A 107 1.65 -7.90 -5.25
N TYR A 108 1.37 -6.68 -4.81
CA TYR A 108 0.14 -6.00 -5.17
C TYR A 108 0.43 -4.71 -5.95
N ILE A 109 0.24 -4.77 -7.27
CA ILE A 109 0.48 -3.62 -8.13
C ILE A 109 -0.72 -2.69 -8.14
N LEU A 110 -0.55 -1.49 -7.58
CA LEU A 110 -1.62 -0.50 -7.53
C LEU A 110 -1.31 0.69 -8.44
N GLU A 111 -2.32 1.14 -9.18
CA GLU A 111 -2.15 2.27 -10.08
C GLU A 111 -2.84 3.52 -9.53
N THR A 112 -2.03 4.50 -9.12
CA THR A 112 -2.55 5.74 -8.57
C THR A 112 -2.90 6.73 -9.68
N ILE A 113 -3.29 7.94 -9.29
CA ILE A 113 -3.65 8.97 -10.25
C ILE A 113 -2.42 9.46 -11.02
N ASP A 114 -1.49 10.08 -10.30
CA ASP A 114 -0.26 10.58 -10.91
C ASP A 114 0.94 10.36 -10.00
N SER A 115 2.10 10.87 -10.41
CA SER A 115 3.31 10.72 -9.63
C SER A 115 3.14 11.30 -8.23
N LEU A 116 2.36 12.36 -8.13
CA LEU A 116 2.10 13.02 -6.85
C LEU A 116 1.48 12.04 -5.86
N GLN A 117 0.29 11.55 -6.21
CA GLN A 117 -0.42 10.61 -5.35
C GLN A 117 0.42 9.37 -5.07
N LYS A 118 1.11 8.90 -6.11
CA LYS A 118 1.96 7.71 -5.99
C LYS A 118 3.05 7.94 -4.95
N HIS A 119 4.00 8.82 -5.26
CA HIS A 119 5.09 9.12 -4.35
C HIS A 119 4.59 9.28 -2.92
N SER A 120 3.47 9.96 -2.77
CA SER A 120 2.87 10.18 -1.45
C SER A 120 2.60 8.85 -0.75
N TRP A 121 1.83 7.99 -1.41
CA TRP A 121 1.48 6.68 -0.86
C TRP A 121 2.73 5.97 -0.36
N VAL A 122 3.70 5.79 -1.25
CA VAL A 122 4.94 5.11 -0.90
C VAL A 122 5.54 5.68 0.37
N ALA A 123 5.22 6.93 0.66
CA ALA A 123 5.72 7.61 1.85
C ALA A 123 4.97 7.15 3.10
N ASP A 124 3.65 7.30 3.08
CA ASP A 124 2.81 6.91 4.20
C ASP A 124 3.01 5.44 4.54
N ILE A 125 2.86 4.58 3.53
CA ILE A 125 3.04 3.14 3.73
C ILE A 125 4.39 2.83 4.35
N GLN A 126 5.46 3.14 3.61
CA GLN A 126 6.82 2.89 4.08
C GLN A 126 7.03 3.49 5.47
N GLY A 127 6.63 4.75 5.63
CA GLY A 127 6.79 5.41 6.91
C GLY A 127 6.15 4.64 8.05
N CYS A 128 5.05 3.97 7.75
CA CYS A 128 4.34 3.19 8.76
C CYS A 128 5.09 1.89 9.08
N VAL A 129 5.62 1.26 8.04
CA VAL A 129 6.36 0.01 8.20
C VAL A 129 7.26 0.07 9.43
N ASP A 130 8.05 1.13 9.54
CA ASP A 130 8.95 1.30 10.66
C ASP A 130 8.66 2.61 11.40
N SER A 131 8.77 3.72 10.69
CA SER A 131 8.51 5.03 11.29
C SER A 131 8.60 6.13 10.23
N GLY A 132 7.73 7.13 10.36
CA GLY A 132 7.72 8.23 9.41
C GLY A 132 6.87 9.39 9.88
N PRO A 133 7.39 10.61 9.72
CA PRO A 133 6.69 11.83 10.13
C PRO A 133 5.48 12.13 9.25
N SER A 134 4.44 12.71 9.86
CA SER A 134 3.22 13.04 9.12
C SER A 134 3.09 14.56 8.96
N SER A 135 2.74 14.97 7.74
CA SER A 135 2.58 16.40 7.45
C SER A 135 1.10 16.78 7.44
N GLY A 136 0.68 17.52 8.47
CA GLY A 136 -0.70 17.95 8.56
C GLY A 136 -0.84 19.38 9.01
N GLY A 1 7.87 -15.53 10.55
CA GLY A 1 8.61 -14.76 11.53
C GLY A 1 8.90 -13.35 11.06
N SER A 2 9.47 -12.53 11.94
CA SER A 2 9.79 -11.15 11.61
C SER A 2 10.69 -10.53 12.68
N SER A 3 11.10 -9.29 12.46
CA SER A 3 11.96 -8.59 13.40
C SER A 3 11.95 -7.09 13.13
N GLY A 4 12.12 -6.30 14.19
CA GLY A 4 12.12 -4.85 14.04
C GLY A 4 13.38 -4.22 14.61
N SER A 5 13.19 -3.18 15.43
CA SER A 5 14.32 -2.48 16.04
C SER A 5 13.85 -1.59 17.18
N SER A 6 14.75 -1.31 18.12
CA SER A 6 14.43 -0.47 19.27
C SER A 6 15.59 0.45 19.60
N GLY A 7 15.33 1.76 19.57
CA GLY A 7 16.36 2.74 19.87
C GLY A 7 15.88 3.81 20.83
N ASN A 8 16.82 4.54 21.40
CA ASN A 8 16.49 5.61 22.35
C ASN A 8 15.81 6.79 21.63
N LEU A 9 14.50 6.68 21.45
CA LEU A 9 13.74 7.74 20.79
C LEU A 9 12.27 7.69 21.21
N ALA A 10 11.68 8.87 21.39
CA ALA A 10 10.29 8.96 21.80
C ALA A 10 9.37 8.38 20.74
N ALA A 11 9.48 8.88 19.51
CA ALA A 11 8.66 8.40 18.40
C ALA A 11 7.18 8.64 18.67
N LYS A 12 6.86 9.79 19.25
CA LYS A 12 5.49 10.15 19.56
C LYS A 12 5.00 11.29 18.67
N VAL A 13 5.05 11.07 17.37
CA VAL A 13 4.61 12.08 16.41
C VAL A 13 3.18 12.53 16.70
N GLU A 14 2.80 13.67 16.13
CA GLU A 14 1.46 14.21 16.33
C GLU A 14 0.77 14.48 15.00
N LEU A 15 0.08 13.47 14.47
CA LEU A 15 -0.61 13.61 13.20
C LEU A 15 -1.89 12.76 13.18
N VAL A 16 -2.78 13.08 12.25
CA VAL A 16 -4.04 12.34 12.14
C VAL A 16 -3.80 10.88 11.80
N ASP A 17 -4.37 9.99 12.61
CA ASP A 17 -4.21 8.55 12.39
C ASP A 17 -4.16 8.23 10.91
N ILE A 18 -5.26 8.48 10.22
CA ILE A 18 -5.34 8.21 8.78
C ILE A 18 -4.17 8.84 8.04
N GLN A 19 -3.47 8.03 7.24
CA GLN A 19 -2.33 8.52 6.47
C GLN A 19 -2.77 8.96 5.08
N ARG A 20 -3.37 8.06 4.33
CA ARG A 20 -3.83 8.36 2.97
C ARG A 20 -5.03 7.49 2.60
N GLU A 21 -5.95 8.06 1.84
CA GLU A 21 -7.14 7.33 1.41
C GLU A 21 -7.58 7.79 0.02
N GLY A 22 -7.63 6.86 -0.92
CA GLY A 22 -8.04 7.19 -2.27
C GLY A 22 -8.60 5.99 -3.02
N ALA A 23 -9.18 6.23 -4.19
CA ALA A 23 -9.76 5.17 -4.99
C ALA A 23 -8.90 4.87 -6.22
N LEU A 24 -8.12 3.81 -6.14
CA LEU A 24 -7.24 3.42 -7.25
C LEU A 24 -7.43 1.95 -7.60
N ARG A 25 -6.78 1.51 -8.67
CA ARG A 25 -6.88 0.12 -9.11
C ARG A 25 -5.67 -0.68 -8.64
N PHE A 26 -5.91 -1.93 -8.24
CA PHE A 26 -4.85 -2.79 -7.77
C PHE A 26 -4.90 -4.16 -8.46
N MET A 27 -3.80 -4.90 -8.38
CA MET A 27 -3.73 -6.22 -9.00
C MET A 27 -2.70 -7.09 -8.30
N VAL A 28 -2.76 -8.39 -8.56
CA VAL A 28 -1.83 -9.34 -7.94
C VAL A 28 -1.07 -10.12 -9.01
N ALA A 29 0.26 -10.08 -8.93
CA ALA A 29 1.10 -10.79 -9.89
C ALA A 29 0.90 -12.30 -9.78
N ASP A 30 0.15 -12.86 -10.73
CA ASP A 30 -0.11 -14.29 -10.74
C ASP A 30 -0.76 -14.71 -12.05
N ASP A 31 -0.69 -16.01 -12.35
CA ASP A 31 -1.27 -16.54 -13.57
C ASP A 31 -2.72 -16.97 -13.36
N ALA A 32 -3.64 -16.15 -13.83
CA ALA A 32 -5.07 -16.44 -13.68
C ALA A 32 -5.78 -16.35 -15.02
N ALA A 33 -6.87 -17.10 -15.16
CA ALA A 33 -7.65 -17.11 -16.39
C ALA A 33 -8.34 -15.77 -16.62
N SER A 34 -8.64 -15.46 -17.88
CA SER A 34 -9.29 -14.20 -18.22
C SER A 34 -10.76 -14.43 -18.56
N GLY A 35 -11.59 -13.44 -18.26
CA GLY A 35 -13.02 -13.55 -18.54
C GLY A 35 -13.43 -12.75 -19.76
N PRO A 36 -14.75 -12.51 -19.88
CA PRO A 36 -15.30 -11.75 -21.01
C PRO A 36 -14.91 -10.27 -20.95
N GLY A 37 -15.07 -9.58 -22.09
CA GLY A 37 -14.73 -8.17 -22.15
C GLY A 37 -13.27 -7.94 -22.46
N GLY A 38 -12.94 -6.71 -22.85
CA GLY A 38 -11.57 -6.37 -23.17
C GLY A 38 -10.99 -5.33 -22.23
N THR A 39 -11.13 -5.56 -20.93
CA THR A 39 -10.62 -4.62 -19.93
C THR A 39 -9.33 -5.13 -19.32
N ALA A 40 -8.51 -4.21 -18.80
CA ALA A 40 -7.24 -4.57 -18.18
C ALA A 40 -7.47 -5.26 -16.84
N GLN A 41 -6.52 -6.12 -16.47
CA GLN A 41 -6.62 -6.85 -15.21
C GLN A 41 -6.95 -5.90 -14.05
N TRP A 42 -6.38 -4.70 -14.11
CA TRP A 42 -6.62 -3.70 -13.07
C TRP A 42 -8.03 -3.81 -12.52
N GLN A 43 -8.16 -3.76 -11.20
CA GLN A 43 -9.46 -3.85 -10.55
C GLN A 43 -9.72 -2.64 -9.65
N LYS A 44 -10.87 -2.01 -9.82
CA LYS A 44 -11.23 -0.84 -9.02
C LYS A 44 -11.24 -1.19 -7.53
N CYS A 45 -10.60 -0.34 -6.74
CA CYS A 45 -10.53 -0.55 -5.29
C CYS A 45 -10.24 0.76 -4.57
N ARG A 46 -10.42 0.75 -3.25
CA ARG A 46 -10.18 1.93 -2.44
C ARG A 46 -9.16 1.66 -1.35
N LEU A 47 -8.01 2.32 -1.43
CA LEU A 47 -6.94 2.14 -0.46
C LEU A 47 -7.17 3.02 0.77
N LEU A 48 -7.22 2.39 1.94
CA LEU A 48 -7.44 3.12 3.19
C LEU A 48 -6.36 2.77 4.21
N LEU A 49 -5.50 3.74 4.52
CA LEU A 49 -4.43 3.53 5.48
C LEU A 49 -4.76 4.19 6.82
N ARG A 50 -5.16 3.38 7.80
CA ARG A 50 -5.51 3.88 9.12
C ARG A 50 -4.62 3.27 10.18
N ARG A 51 -4.71 3.78 11.41
CA ARG A 51 -3.93 3.28 12.52
C ARG A 51 -4.51 2.00 13.08
N ALA A 52 -3.67 1.20 13.73
CA ALA A 52 -4.11 -0.06 14.31
C ALA A 52 -4.11 0.01 15.84
N VAL A 53 -4.78 -0.96 16.47
CA VAL A 53 -4.86 -1.01 17.93
C VAL A 53 -3.58 -1.56 18.53
N ALA A 54 -3.36 -1.29 19.81
CA ALA A 54 -2.18 -1.76 20.51
C ALA A 54 -1.73 -3.12 19.98
N GLY A 55 -0.44 -3.25 19.70
CA GLY A 55 0.09 -4.50 19.18
C GLY A 55 0.55 -4.38 17.74
N GLU A 56 -0.39 -4.13 16.85
CA GLU A 56 -0.08 -3.99 15.42
C GLU A 56 0.24 -2.54 15.07
N ARG A 57 1.28 -2.35 14.27
CA ARG A 57 1.69 -1.01 13.85
C ARG A 57 0.60 -0.34 13.02
N PHE A 58 0.39 -0.85 11.81
CA PHE A 58 -0.62 -0.29 10.92
C PHE A 58 -1.38 -1.41 10.21
N ARG A 59 -2.49 -1.04 9.57
CA ARG A 59 -3.31 -2.02 8.85
C ARG A 59 -3.80 -1.43 7.53
N LEU A 60 -3.61 -2.18 6.45
CA LEU A 60 -4.03 -1.75 5.12
C LEU A 60 -5.27 -2.50 4.67
N GLU A 61 -6.21 -1.78 4.07
CA GLU A 61 -7.45 -2.37 3.59
C GLU A 61 -7.65 -2.09 2.11
N PHE A 62 -8.12 -3.10 1.37
CA PHE A 62 -8.35 -2.96 -0.07
C PHE A 62 -9.81 -3.29 -0.41
N PHE A 63 -10.66 -2.27 -0.39
CA PHE A 63 -12.07 -2.44 -0.70
C PHE A 63 -12.28 -2.68 -2.19
N VAL A 64 -12.60 -3.92 -2.55
CA VAL A 64 -12.83 -4.28 -3.95
C VAL A 64 -14.18 -4.96 -4.13
N PRO A 65 -15.12 -4.24 -4.75
CA PRO A 65 -14.90 -2.88 -5.23
C PRO A 65 -14.75 -1.88 -4.08
N PRO A 66 -14.35 -0.65 -4.42
CA PRO A 66 -14.17 0.43 -3.44
C PRO A 66 -15.49 0.91 -2.84
N LYS A 67 -16.55 0.13 -3.07
CA LYS A 67 -17.87 0.49 -2.56
C LYS A 67 -18.30 -0.49 -1.46
N ALA A 68 -17.75 -1.70 -1.50
CA ALA A 68 -18.07 -2.72 -0.51
C ALA A 68 -17.88 -2.18 0.91
N SER A 69 -18.71 -2.68 1.83
CA SER A 69 -18.64 -2.25 3.22
C SER A 69 -17.36 -2.76 3.88
N ARG A 70 -17.00 -4.01 3.58
CA ARG A 70 -15.81 -4.63 4.14
C ARG A 70 -14.72 -4.79 3.08
N PRO A 71 -13.46 -4.77 3.51
CA PRO A 71 -12.31 -4.90 2.62
C PRO A 71 -12.20 -6.31 2.04
N LYS A 72 -11.93 -6.39 0.74
CA LYS A 72 -11.79 -7.69 0.07
C LYS A 72 -10.43 -8.31 0.35
N VAL A 73 -9.37 -7.50 0.22
CA VAL A 73 -8.02 -7.97 0.46
C VAL A 73 -7.34 -7.16 1.56
N SER A 74 -7.91 -7.21 2.76
CA SER A 74 -7.37 -6.47 3.90
C SER A 74 -6.01 -7.04 4.32
N ILE A 75 -4.95 -6.29 4.02
CA ILE A 75 -3.60 -6.71 4.35
C ILE A 75 -2.99 -5.81 5.42
N PRO A 76 -2.60 -6.42 6.55
CA PRO A 76 -2.00 -5.69 7.68
C PRO A 76 -0.60 -5.18 7.35
N LEU A 77 -0.37 -3.89 7.60
CA LEU A 77 0.92 -3.28 7.33
C LEU A 77 2.06 -4.19 7.79
N SER A 78 1.87 -4.84 8.92
CA SER A 78 2.88 -5.74 9.47
C SER A 78 3.33 -6.75 8.42
N ALA A 79 2.37 -7.26 7.64
CA ALA A 79 2.67 -8.22 6.60
C ALA A 79 3.66 -7.67 5.59
N ILE A 80 3.49 -6.39 5.24
CA ILE A 80 4.37 -5.75 4.29
C ILE A 80 5.82 -5.75 4.77
N ILE A 81 6.73 -6.12 3.87
CA ILE A 81 8.15 -6.17 4.21
C ILE A 81 8.98 -5.36 3.22
N GLU A 82 8.55 -5.35 1.96
CA GLU A 82 9.25 -4.61 0.92
C GLU A 82 8.27 -4.05 -0.11
N VAL A 83 8.51 -2.81 -0.52
CA VAL A 83 7.64 -2.16 -1.50
C VAL A 83 8.45 -1.66 -2.70
N ARG A 84 8.47 -2.45 -3.77
CA ARG A 84 9.21 -2.09 -4.97
C ARG A 84 8.57 -0.88 -5.66
N THR A 85 9.04 0.31 -5.30
CA THR A 85 8.51 1.54 -5.87
C THR A 85 9.16 1.84 -7.22
N THR A 86 9.41 0.79 -8.00
CA THR A 86 10.03 0.93 -9.31
C THR A 86 9.78 -0.29 -10.18
N MET A 87 9.14 -0.08 -11.33
CA MET A 87 8.84 -1.17 -12.25
C MET A 87 9.87 -1.23 -13.37
N PRO A 88 9.93 -2.38 -14.06
CA PRO A 88 10.86 -2.59 -15.17
C PRO A 88 10.50 -1.76 -16.40
N LEU A 89 11.11 -2.08 -17.53
CA LEU A 89 10.86 -1.37 -18.77
C LEU A 89 9.52 -1.77 -19.37
N GLU A 90 8.48 -1.77 -18.54
CA GLU A 90 7.14 -2.13 -18.98
C GLU A 90 6.25 -0.90 -19.12
N MET A 91 6.43 0.05 -18.20
CA MET A 91 5.64 1.28 -18.20
C MET A 91 6.40 2.41 -18.90
N PRO A 92 5.80 2.96 -19.96
CA PRO A 92 6.40 4.05 -20.74
C PRO A 92 6.46 5.36 -19.95
N GLU A 93 5.30 5.82 -19.50
CA GLU A 93 5.21 7.07 -18.73
C GLU A 93 4.31 6.89 -17.52
N LYS A 94 4.25 5.67 -17.00
CA LYS A 94 3.43 5.38 -15.83
C LYS A 94 4.26 5.34 -14.56
N ASP A 95 4.53 6.52 -14.01
CA ASP A 95 5.33 6.63 -12.78
C ASP A 95 4.42 6.80 -11.57
N ASN A 96 3.25 6.17 -11.62
CA ASN A 96 2.30 6.25 -10.51
C ASN A 96 1.86 4.87 -10.07
N THR A 97 2.82 3.95 -9.96
CA THR A 97 2.53 2.58 -9.55
C THR A 97 3.57 2.09 -8.55
N PHE A 98 3.11 1.29 -7.58
CA PHE A 98 4.00 0.75 -6.57
C PHE A 98 3.62 -0.69 -6.23
N VAL A 99 4.64 -1.54 -6.07
CA VAL A 99 4.41 -2.95 -5.74
C VAL A 99 4.50 -3.18 -4.24
N LEU A 100 3.54 -3.94 -3.72
CA LEU A 100 3.50 -4.25 -2.29
C LEU A 100 3.92 -5.70 -2.03
N LYS A 101 5.14 -5.89 -1.55
CA LYS A 101 5.65 -7.22 -1.25
C LYS A 101 5.37 -7.60 0.20
N VAL A 102 4.42 -8.50 0.40
CA VAL A 102 4.06 -8.95 1.74
C VAL A 102 5.00 -10.06 2.21
N GLU A 103 4.85 -10.44 3.48
CA GLU A 103 5.68 -11.50 4.05
C GLU A 103 5.20 -12.88 3.60
N ASN A 104 3.88 -13.06 3.59
CA ASN A 104 3.29 -14.33 3.19
C ASN A 104 3.77 -14.74 1.81
N GLY A 105 3.99 -13.75 0.94
CA GLY A 105 4.45 -14.02 -0.40
C GLY A 105 3.43 -13.65 -1.46
N ALA A 106 3.30 -12.36 -1.73
CA ALA A 106 2.36 -11.86 -2.71
C ALA A 106 2.59 -10.40 -3.02
N GLU A 107 2.61 -10.06 -4.31
CA GLU A 107 2.83 -8.68 -4.74
C GLU A 107 1.52 -8.04 -5.20
N TYR A 108 1.32 -6.79 -4.83
CA TYR A 108 0.12 -6.05 -5.19
C TYR A 108 0.46 -4.76 -5.92
N ILE A 109 0.25 -4.76 -7.24
CA ILE A 109 0.54 -3.60 -8.05
C ILE A 109 -0.65 -2.63 -8.08
N LEU A 110 -0.49 -1.49 -7.42
CA LEU A 110 -1.55 -0.48 -7.37
C LEU A 110 -1.20 0.72 -8.25
N GLU A 111 -2.20 1.23 -8.95
CA GLU A 111 -2.01 2.39 -9.82
C GLU A 111 -2.77 3.59 -9.31
N THR A 112 -2.05 4.68 -9.04
CA THR A 112 -2.67 5.90 -8.54
C THR A 112 -2.95 6.89 -9.68
N ILE A 113 -3.66 7.96 -9.36
CA ILE A 113 -3.99 8.97 -10.36
C ILE A 113 -2.75 9.40 -11.14
N ASP A 114 -1.77 9.95 -10.44
CA ASP A 114 -0.54 10.40 -11.07
C ASP A 114 0.64 10.23 -10.12
N SER A 115 1.85 10.30 -10.68
CA SER A 115 3.07 10.15 -9.88
C SER A 115 2.99 10.99 -8.60
N LEU A 116 2.26 12.10 -8.67
CA LEU A 116 2.11 12.99 -7.53
C LEU A 116 1.39 12.28 -6.38
N GLN A 117 0.35 11.53 -6.72
CA GLN A 117 -0.43 10.81 -5.73
C GLN A 117 0.28 9.53 -5.31
N LYS A 118 1.13 9.01 -6.19
CA LYS A 118 1.88 7.79 -5.91
C LYS A 118 2.93 8.03 -4.84
N HIS A 119 3.84 8.97 -5.11
CA HIS A 119 4.91 9.30 -4.17
C HIS A 119 4.35 9.46 -2.75
N SER A 120 3.17 10.06 -2.65
CA SER A 120 2.53 10.28 -1.36
C SER A 120 2.26 8.96 -0.66
N TRP A 121 1.66 8.02 -1.39
CA TRP A 121 1.34 6.71 -0.83
C TRP A 121 2.60 6.00 -0.35
N VAL A 122 3.58 5.84 -1.24
CA VAL A 122 4.83 5.18 -0.91
C VAL A 122 5.37 5.69 0.43
N ALA A 123 5.26 6.99 0.65
CA ALA A 123 5.74 7.60 1.89
C ALA A 123 4.87 7.18 3.07
N ASP A 124 3.56 7.34 2.93
CA ASP A 124 2.63 6.98 3.99
C ASP A 124 2.80 5.51 4.39
N ILE A 125 3.01 4.65 3.39
CA ILE A 125 3.18 3.23 3.63
C ILE A 125 4.57 2.94 4.19
N GLN A 126 5.60 3.30 3.42
CA GLN A 126 6.97 3.08 3.85
C GLN A 126 7.22 3.66 5.23
N GLY A 127 6.60 4.79 5.50
CA GLY A 127 6.76 5.44 6.79
C GLY A 127 6.21 4.61 7.94
N CYS A 128 5.25 3.75 7.63
CA CYS A 128 4.63 2.89 8.63
C CYS A 128 5.46 1.63 8.86
N VAL A 129 5.60 0.83 7.81
CA VAL A 129 6.37 -0.40 7.89
C VAL A 129 7.59 -0.24 8.79
N ASP A 130 8.19 0.94 8.74
CA ASP A 130 9.38 1.24 9.55
C ASP A 130 9.79 2.69 9.39
N SER A 131 10.04 3.36 10.51
CA SER A 131 10.45 4.76 10.49
C SER A 131 11.28 5.07 9.25
N GLY A 132 10.63 5.63 8.23
CA GLY A 132 11.32 5.97 7.00
C GLY A 132 11.11 7.42 6.60
N PRO A 133 11.03 7.66 5.28
CA PRO A 133 10.84 9.00 4.73
C PRO A 133 9.43 9.55 5.02
N SER A 134 9.37 10.57 5.85
CA SER A 134 8.09 11.19 6.22
C SER A 134 7.93 12.54 5.55
N SER A 135 6.70 12.88 5.18
CA SER A 135 6.40 14.14 4.53
C SER A 135 5.47 14.99 5.38
N GLY A 136 5.54 16.31 5.22
CA GLY A 136 4.70 17.21 5.98
C GLY A 136 5.45 18.40 6.52
N GLY A 1 23.42 -5.02 -1.10
CA GLY A 1 22.02 -5.14 -1.45
C GLY A 1 21.17 -4.05 -0.83
N SER A 2 20.58 -4.35 0.32
CA SER A 2 19.72 -3.39 1.01
C SER A 2 20.28 -1.98 0.88
N SER A 3 19.41 -1.03 0.55
CA SER A 3 19.81 0.37 0.38
C SER A 3 18.62 1.30 0.58
N GLY A 4 18.89 2.60 0.55
CA GLY A 4 17.83 3.59 0.73
C GLY A 4 18.37 4.99 0.89
N SER A 5 17.57 5.98 0.51
CA SER A 5 17.97 7.37 0.61
C SER A 5 17.11 8.12 1.62
N SER A 6 17.57 9.29 2.04
CA SER A 6 16.85 10.10 3.01
C SER A 6 16.28 11.36 2.37
N GLY A 7 15.13 11.80 2.86
CA GLY A 7 14.51 13.00 2.31
C GLY A 7 14.10 13.98 3.38
N ASN A 8 13.20 14.89 3.03
CA ASN A 8 12.72 15.90 3.98
C ASN A 8 11.33 16.40 3.59
N LEU A 9 10.76 17.26 4.43
CA LEU A 9 9.45 17.81 4.18
C LEU A 9 9.30 19.20 4.78
N ALA A 10 8.56 20.07 4.11
CA ALA A 10 8.36 21.43 4.58
C ALA A 10 6.86 21.75 4.69
N ALA A 11 6.33 21.65 5.90
CA ALA A 11 4.93 21.92 6.14
C ALA A 11 4.60 21.88 7.64
N LYS A 12 3.40 22.30 7.99
CA LYS A 12 2.97 22.31 9.38
C LYS A 12 2.83 20.89 9.92
N VAL A 13 3.14 20.72 11.19
CA VAL A 13 3.05 19.40 11.83
C VAL A 13 1.59 19.00 12.05
N GLU A 14 1.09 18.10 11.19
CA GLU A 14 -0.27 17.64 11.29
C GLU A 14 -0.32 16.11 11.35
N LEU A 15 -0.40 15.57 12.56
CA LEU A 15 -0.46 14.12 12.74
C LEU A 15 -1.91 13.64 12.87
N VAL A 16 -2.29 12.73 11.99
CA VAL A 16 -3.64 12.18 11.99
C VAL A 16 -3.64 10.69 11.67
N ASP A 17 -4.36 9.91 12.47
CA ASP A 17 -4.45 8.47 12.26
C ASP A 17 -4.40 8.13 10.78
N ILE A 18 -5.38 8.64 10.03
CA ILE A 18 -5.45 8.39 8.59
C ILE A 18 -4.30 9.05 7.86
N GLN A 19 -3.44 8.24 7.25
CA GLN A 19 -2.28 8.76 6.51
C GLN A 19 -2.70 9.18 5.10
N ARG A 20 -3.20 8.24 4.32
CA ARG A 20 -3.62 8.52 2.95
C ARG A 20 -4.79 7.62 2.56
N GLU A 21 -5.71 8.16 1.77
CA GLU A 21 -6.87 7.41 1.31
C GLU A 21 -7.32 7.88 -0.07
N GLY A 22 -7.46 6.92 -0.99
CA GLY A 22 -7.88 7.26 -2.34
C GLY A 22 -8.59 6.11 -3.03
N ALA A 23 -8.88 6.29 -4.31
CA ALA A 23 -9.57 5.25 -5.08
C ALA A 23 -8.79 4.89 -6.33
N LEU A 24 -8.03 3.80 -6.26
CA LEU A 24 -7.23 3.35 -7.41
C LEU A 24 -7.45 1.87 -7.66
N ARG A 25 -6.87 1.37 -8.75
CA ARG A 25 -7.00 -0.03 -9.12
C ARG A 25 -5.78 -0.83 -8.66
N PHE A 26 -6.02 -2.03 -8.16
CA PHE A 26 -4.94 -2.90 -7.69
C PHE A 26 -4.98 -4.25 -8.40
N MET A 27 -3.85 -4.95 -8.36
CA MET A 27 -3.75 -6.26 -9.01
C MET A 27 -2.63 -7.08 -8.38
N VAL A 28 -2.73 -8.40 -8.49
CA VAL A 28 -1.72 -9.31 -7.94
C VAL A 28 -1.01 -10.07 -9.04
N ALA A 29 0.31 -10.14 -8.95
CA ALA A 29 1.11 -10.85 -9.95
C ALA A 29 1.00 -12.36 -9.76
N ASP A 30 0.25 -13.01 -10.66
CA ASP A 30 0.07 -14.46 -10.60
C ASP A 30 -0.06 -15.05 -11.99
N ASP A 31 0.32 -16.31 -12.13
CA ASP A 31 0.25 -16.99 -13.42
C ASP A 31 -0.88 -18.02 -13.43
N ALA A 32 -1.94 -17.72 -14.17
CA ALA A 32 -3.09 -18.62 -14.26
C ALA A 32 -3.69 -18.60 -15.67
N ALA A 33 -4.31 -19.71 -16.05
CA ALA A 33 -4.92 -19.81 -17.36
C ALA A 33 -5.93 -18.70 -17.59
N SER A 34 -5.54 -17.68 -18.36
CA SER A 34 -6.41 -16.55 -18.64
C SER A 34 -6.91 -16.60 -20.08
N GLY A 35 -8.12 -16.10 -20.30
CA GLY A 35 -8.69 -16.10 -21.63
C GLY A 35 -9.28 -14.75 -22.01
N PRO A 36 -10.31 -14.77 -22.87
CA PRO A 36 -10.98 -13.55 -23.32
C PRO A 36 -11.78 -12.88 -22.22
N GLY A 37 -11.27 -11.77 -21.70
CA GLY A 37 -11.95 -11.05 -20.65
C GLY A 37 -12.38 -9.66 -21.07
N GLY A 38 -11.41 -8.83 -21.43
CA GLY A 38 -11.71 -7.48 -21.86
C GLY A 38 -10.93 -6.43 -21.08
N THR A 39 -11.66 -5.58 -20.36
CA THR A 39 -11.02 -4.53 -19.57
C THR A 39 -9.76 -5.04 -18.90
N ALA A 40 -8.78 -4.14 -18.75
CA ALA A 40 -7.51 -4.50 -18.12
C ALA A 40 -7.74 -5.18 -16.77
N GLN A 41 -6.91 -6.18 -16.47
CA GLN A 41 -7.01 -6.91 -15.22
C GLN A 41 -7.29 -5.97 -14.06
N TRP A 42 -6.69 -4.78 -14.11
CA TRP A 42 -6.88 -3.79 -13.05
C TRP A 42 -8.29 -3.85 -12.49
N GLN A 43 -8.40 -3.89 -11.17
CA GLN A 43 -9.70 -3.94 -10.51
C GLN A 43 -9.90 -2.73 -9.60
N LYS A 44 -11.00 -2.02 -9.83
CA LYS A 44 -11.31 -0.83 -9.03
C LYS A 44 -11.34 -1.17 -7.54
N CYS A 45 -10.62 -0.39 -6.75
CA CYS A 45 -10.58 -0.61 -5.30
C CYS A 45 -10.24 0.69 -4.56
N ARG A 46 -10.46 0.70 -3.26
CA ARG A 46 -10.19 1.88 -2.45
C ARG A 46 -9.13 1.56 -1.39
N LEU A 47 -8.01 2.29 -1.46
CA LEU A 47 -6.92 2.09 -0.52
C LEU A 47 -7.06 3.02 0.68
N LEU A 48 -7.24 2.43 1.86
CA LEU A 48 -7.39 3.21 3.09
C LEU A 48 -6.28 2.86 4.08
N LEU A 49 -5.39 3.83 4.32
CA LEU A 49 -4.29 3.62 5.26
C LEU A 49 -4.61 4.24 6.62
N ARG A 50 -4.79 3.39 7.61
CA ARG A 50 -5.10 3.85 8.97
C ARG A 50 -4.41 2.97 10.00
N ARG A 51 -4.00 3.58 11.12
CA ARG A 51 -3.33 2.85 12.19
C ARG A 51 -4.30 1.88 12.88
N ALA A 52 -3.80 0.72 13.24
CA ALA A 52 -4.61 -0.29 13.91
C ALA A 52 -4.67 -0.05 15.41
N VAL A 53 -5.69 -0.60 16.06
CA VAL A 53 -5.87 -0.44 17.49
C VAL A 53 -5.91 -1.80 18.19
N ALA A 54 -5.39 -1.84 19.42
CA ALA A 54 -5.37 -3.06 20.20
C ALA A 54 -4.83 -4.23 19.37
N GLY A 55 -3.75 -3.98 18.64
CA GLY A 55 -3.16 -5.01 17.81
C GLY A 55 -1.90 -4.55 17.10
N GLU A 56 -1.85 -4.75 15.79
CA GLU A 56 -0.70 -4.34 15.00
C GLU A 56 -0.62 -2.83 14.88
N ARG A 57 0.51 -2.33 14.39
CA ARG A 57 0.71 -0.89 14.23
C ARG A 57 -0.30 -0.31 13.24
N PHE A 58 -0.20 -0.74 11.98
CA PHE A 58 -1.11 -0.26 10.94
C PHE A 58 -1.75 -1.42 10.20
N ARG A 59 -2.69 -1.11 9.31
CA ARG A 59 -3.39 -2.13 8.54
C ARG A 59 -3.99 -1.54 7.27
N LEU A 60 -3.69 -2.16 6.14
CA LEU A 60 -4.19 -1.70 4.85
C LEU A 60 -5.48 -2.43 4.48
N GLU A 61 -6.43 -1.69 3.90
CA GLU A 61 -7.70 -2.27 3.49
C GLU A 61 -8.00 -1.97 2.03
N PHE A 62 -8.19 -3.02 1.24
CA PHE A 62 -8.48 -2.87 -0.18
C PHE A 62 -9.95 -3.12 -0.46
N PHE A 63 -10.75 -2.05 -0.44
CA PHE A 63 -12.18 -2.15 -0.69
C PHE A 63 -12.45 -2.43 -2.17
N VAL A 64 -12.85 -3.67 -2.46
CA VAL A 64 -13.14 -4.07 -3.84
C VAL A 64 -14.53 -4.67 -3.94
N PRO A 65 -15.45 -3.94 -4.59
CA PRO A 65 -15.15 -2.62 -5.15
C PRO A 65 -14.92 -1.57 -4.07
N PRO A 66 -14.45 -0.38 -4.50
CA PRO A 66 -14.17 0.73 -3.59
C PRO A 66 -15.44 1.33 -3.00
N LYS A 67 -16.58 0.73 -3.33
CA LYS A 67 -17.86 1.21 -2.84
C LYS A 67 -18.56 0.14 -2.00
N ALA A 68 -17.83 -0.92 -1.68
CA ALA A 68 -18.37 -2.01 -0.88
C ALA A 68 -18.49 -1.61 0.58
N SER A 69 -18.91 -2.55 1.42
CA SER A 69 -19.07 -2.30 2.85
C SER A 69 -17.88 -2.82 3.63
N ARG A 70 -17.23 -3.86 3.10
CA ARG A 70 -16.07 -4.46 3.75
C ARG A 70 -14.94 -4.65 2.75
N PRO A 71 -13.69 -4.58 3.25
CA PRO A 71 -12.50 -4.74 2.42
C PRO A 71 -12.32 -6.17 1.93
N LYS A 72 -11.94 -6.32 0.67
CA LYS A 72 -11.73 -7.63 0.08
C LYS A 72 -10.35 -8.19 0.46
N VAL A 73 -9.32 -7.38 0.25
CA VAL A 73 -7.96 -7.79 0.58
C VAL A 73 -7.38 -6.94 1.71
N SER A 74 -7.90 -7.14 2.92
CA SER A 74 -7.45 -6.40 4.08
C SER A 74 -6.15 -6.99 4.63
N ILE A 75 -5.04 -6.37 4.30
CA ILE A 75 -3.73 -6.84 4.76
C ILE A 75 -3.13 -5.86 5.76
N PRO A 76 -2.51 -6.42 6.82
CA PRO A 76 -1.89 -5.62 7.88
C PRO A 76 -0.62 -4.92 7.39
N LEU A 77 -0.32 -3.77 7.99
CA LEU A 77 0.86 -2.99 7.62
C LEU A 77 2.14 -3.75 7.97
N SER A 78 2.06 -4.57 9.01
CA SER A 78 3.22 -5.35 9.45
C SER A 78 3.62 -6.37 8.39
N ALA A 79 2.63 -6.91 7.69
CA ALA A 79 2.89 -7.89 6.64
C ALA A 79 3.88 -7.35 5.61
N ILE A 80 3.71 -6.08 5.25
CA ILE A 80 4.59 -5.44 4.27
C ILE A 80 6.04 -5.48 4.73
N ILE A 81 6.92 -5.96 3.86
CA ILE A 81 8.34 -6.05 4.18
C ILE A 81 9.17 -5.22 3.22
N GLU A 82 8.69 -5.07 1.99
CA GLU A 82 9.38 -4.28 0.98
C GLU A 82 8.40 -3.70 -0.04
N VAL A 83 8.67 -2.49 -0.49
CA VAL A 83 7.82 -1.83 -1.47
C VAL A 83 8.62 -1.30 -2.64
N ARG A 84 8.40 -1.88 -3.82
CA ARG A 84 9.11 -1.48 -5.02
C ARG A 84 8.59 -0.13 -5.53
N THR A 85 9.44 0.57 -6.27
CA THR A 85 9.07 1.87 -6.82
C THR A 85 9.48 1.99 -8.29
N THR A 86 9.56 0.86 -8.97
CA THR A 86 9.93 0.83 -10.37
C THR A 86 9.35 -0.38 -11.08
N MET A 87 9.43 -0.38 -12.41
CA MET A 87 8.90 -1.49 -13.21
C MET A 87 9.93 -1.95 -14.22
N PRO A 88 9.80 -3.21 -14.66
CA PRO A 88 10.71 -3.80 -15.65
C PRO A 88 10.53 -3.20 -17.04
N LEU A 89 11.03 -3.89 -18.05
CA LEU A 89 10.93 -3.43 -19.44
C LEU A 89 9.51 -3.62 -19.97
N GLU A 90 8.53 -3.17 -19.20
CA GLU A 90 7.13 -3.29 -19.59
C GLU A 90 6.39 -1.98 -19.37
N MET A 91 6.64 -1.34 -18.23
CA MET A 91 6.00 -0.08 -17.90
C MET A 91 6.60 1.07 -18.70
N PRO A 92 5.74 1.97 -19.20
CA PRO A 92 6.17 3.12 -19.99
C PRO A 92 6.90 4.16 -19.16
N GLU A 93 7.36 3.74 -17.97
CA GLU A 93 8.08 4.64 -17.07
C GLU A 93 7.12 5.63 -16.41
N LYS A 94 6.09 5.09 -15.76
CA LYS A 94 5.10 5.93 -15.07
C LYS A 94 5.32 5.90 -13.56
N ASP A 95 5.65 7.06 -13.00
CA ASP A 95 5.88 7.16 -11.56
C ASP A 95 4.56 7.22 -10.80
N ASN A 96 3.64 6.33 -11.17
CA ASN A 96 2.33 6.27 -10.53
C ASN A 96 1.94 4.83 -10.22
N THR A 97 2.93 4.02 -9.85
CA THR A 97 2.69 2.62 -9.53
C THR A 97 3.72 2.10 -8.54
N PHE A 98 3.35 1.06 -7.79
CA PHE A 98 4.25 0.46 -6.81
C PHE A 98 3.81 -0.95 -6.46
N VAL A 99 4.79 -1.83 -6.20
CA VAL A 99 4.49 -3.21 -5.85
C VAL A 99 4.60 -3.42 -4.35
N LEU A 100 3.55 -4.01 -3.77
CA LEU A 100 3.52 -4.29 -2.34
C LEU A 100 3.88 -5.74 -2.05
N LYS A 101 5.09 -5.96 -1.57
CA LYS A 101 5.55 -7.31 -1.25
C LYS A 101 5.35 -7.62 0.23
N VAL A 102 4.37 -8.47 0.53
CA VAL A 102 4.08 -8.85 1.91
C VAL A 102 4.94 -10.03 2.35
N GLU A 103 4.80 -10.41 3.61
CA GLU A 103 5.56 -11.52 4.16
C GLU A 103 5.08 -12.85 3.58
N ASN A 104 3.85 -12.86 3.08
CA ASN A 104 3.27 -14.07 2.50
C ASN A 104 3.60 -14.16 1.01
N GLY A 105 4.77 -13.65 0.63
CA GLY A 105 5.19 -13.69 -0.75
C GLY A 105 4.05 -13.36 -1.70
N ALA A 106 3.53 -12.14 -1.61
CA ALA A 106 2.43 -11.71 -2.46
C ALA A 106 2.62 -10.26 -2.90
N GLU A 107 2.68 -10.03 -4.20
CA GLU A 107 2.86 -8.69 -4.74
C GLU A 107 1.51 -8.08 -5.14
N TYR A 108 1.35 -6.79 -4.87
CA TYR A 108 0.12 -6.09 -5.19
C TYR A 108 0.40 -4.78 -5.92
N ILE A 109 0.33 -4.84 -7.25
CA ILE A 109 0.58 -3.67 -8.08
C ILE A 109 -0.61 -2.71 -8.05
N LEU A 110 -0.40 -1.54 -7.45
CA LEU A 110 -1.46 -0.54 -7.36
C LEU A 110 -1.15 0.66 -8.26
N GLU A 111 -2.18 1.15 -8.94
CA GLU A 111 -2.02 2.28 -9.84
C GLU A 111 -2.82 3.49 -9.34
N THR A 112 -2.12 4.45 -8.75
CA THR A 112 -2.76 5.66 -8.23
C THR A 112 -3.03 6.66 -9.34
N ILE A 113 -3.63 7.79 -8.98
CA ILE A 113 -3.94 8.83 -9.94
C ILE A 113 -2.70 9.26 -10.72
N ASP A 114 -1.73 9.83 -10.01
CA ASP A 114 -0.48 10.27 -10.63
C ASP A 114 0.67 10.22 -9.63
N SER A 115 1.83 10.70 -10.06
CA SER A 115 3.02 10.70 -9.20
C SER A 115 2.74 11.44 -7.90
N LEU A 116 1.82 12.40 -7.95
CA LEU A 116 1.46 13.18 -6.77
C LEU A 116 0.86 12.29 -5.69
N GLN A 117 0.02 11.35 -6.10
CA GLN A 117 -0.62 10.44 -5.16
C GLN A 117 0.27 9.23 -4.88
N LYS A 118 0.89 8.69 -5.93
CA LYS A 118 1.77 7.55 -5.79
C LYS A 118 2.87 7.83 -4.78
N HIS A 119 3.69 8.84 -5.07
CA HIS A 119 4.79 9.21 -4.18
C HIS A 119 4.29 9.37 -2.75
N SER A 120 3.06 9.87 -2.60
CA SER A 120 2.48 10.08 -1.29
C SER A 120 2.23 8.75 -0.57
N TRP A 121 1.73 7.78 -1.32
CA TRP A 121 1.45 6.46 -0.77
C TRP A 121 2.72 5.78 -0.29
N VAL A 122 3.67 5.59 -1.22
CA VAL A 122 4.94 4.95 -0.89
C VAL A 122 5.47 5.43 0.46
N ALA A 123 5.38 6.74 0.69
CA ALA A 123 5.83 7.33 1.94
C ALA A 123 4.91 6.95 3.09
N ASP A 124 3.61 7.02 2.85
CA ASP A 124 2.62 6.69 3.87
C ASP A 124 2.77 5.24 4.32
N ILE A 125 3.15 4.37 3.38
CA ILE A 125 3.33 2.95 3.68
C ILE A 125 4.74 2.67 4.18
N GLN A 126 5.71 3.36 3.60
CA GLN A 126 7.11 3.19 3.98
C GLN A 126 7.39 3.82 5.34
N GLY A 127 6.59 4.83 5.69
CA GLY A 127 6.77 5.50 6.97
C GLY A 127 6.26 4.67 8.13
N CYS A 128 5.20 3.91 7.91
CA CYS A 128 4.62 3.07 8.95
C CYS A 128 5.33 1.73 9.03
N VAL A 129 5.47 1.07 7.87
CA VAL A 129 6.14 -0.22 7.82
C VAL A 129 7.35 -0.27 8.73
N ASP A 130 8.13 0.80 8.72
CA ASP A 130 9.33 0.89 9.56
C ASP A 130 9.95 2.28 9.47
N SER A 131 10.28 2.85 10.62
CA SER A 131 10.88 4.18 10.68
C SER A 131 11.74 4.43 9.44
N GLY A 132 12.77 3.61 9.26
CA GLY A 132 13.65 3.76 8.12
C GLY A 132 14.36 5.10 8.11
N PRO A 133 14.12 5.90 7.06
CA PRO A 133 14.73 7.21 6.91
C PRO A 133 14.20 8.22 7.91
N SER A 134 12.95 8.02 8.34
CA SER A 134 12.31 8.92 9.29
C SER A 134 12.29 8.29 10.70
N SER A 135 11.90 9.08 11.68
CA SER A 135 11.84 8.61 13.06
C SER A 135 10.42 8.69 13.60
N GLY A 136 10.00 7.63 14.29
CA GLY A 136 8.66 7.59 14.85
C GLY A 136 8.62 6.97 16.24
N GLY A 1 32.94 -1.52 18.86
CA GLY A 1 32.23 -0.76 19.87
C GLY A 1 32.27 0.74 19.60
N SER A 2 31.55 1.49 20.42
CA SER A 2 31.50 2.95 20.26
C SER A 2 31.10 3.62 21.57
N SER A 3 31.19 4.94 21.60
CA SER A 3 30.84 5.71 22.79
C SER A 3 29.41 6.22 22.71
N GLY A 4 29.06 6.80 21.56
CA GLY A 4 27.73 7.33 21.37
C GLY A 4 27.66 8.83 21.50
N SER A 5 26.50 9.41 21.22
CA SER A 5 26.31 10.85 21.32
C SER A 5 24.92 11.19 21.82
N SER A 6 24.76 12.42 22.32
CA SER A 6 23.47 12.86 22.85
C SER A 6 23.01 14.12 22.14
N GLY A 7 21.70 14.37 22.17
CA GLY A 7 21.15 15.55 21.53
C GLY A 7 19.73 15.84 21.98
N ASN A 8 19.44 17.11 22.24
CA ASN A 8 18.11 17.51 22.68
C ASN A 8 17.18 17.71 21.49
N LEU A 9 16.57 16.62 21.03
CA LEU A 9 15.67 16.67 19.89
C LEU A 9 14.25 16.28 20.31
N ALA A 10 13.37 17.27 20.40
CA ALA A 10 11.98 17.04 20.79
C ALA A 10 11.03 17.83 19.90
N ALA A 11 9.92 17.18 19.52
CA ALA A 11 8.93 17.82 18.66
C ALA A 11 7.55 17.20 18.88
N LYS A 12 6.59 18.03 19.27
CA LYS A 12 5.23 17.58 19.52
C LYS A 12 4.35 17.79 18.29
N VAL A 13 3.72 16.72 17.84
CA VAL A 13 2.85 16.78 16.66
C VAL A 13 1.58 15.97 16.88
N GLU A 14 0.44 16.53 16.49
CA GLU A 14 -0.84 15.86 16.64
C GLU A 14 -1.59 15.83 15.31
N LEU A 15 -1.78 14.62 14.78
CA LEU A 15 -2.48 14.44 13.52
C LEU A 15 -3.49 13.31 13.60
N VAL A 16 -4.21 13.07 12.51
CA VAL A 16 -5.20 12.01 12.47
C VAL A 16 -4.58 10.67 12.08
N ASP A 17 -4.93 9.63 12.82
CA ASP A 17 -4.39 8.30 12.56
C ASP A 17 -4.30 8.03 11.05
N ILE A 18 -5.45 8.10 10.38
CA ILE A 18 -5.50 7.87 8.94
C ILE A 18 -4.52 8.77 8.21
N GLN A 19 -3.39 8.19 7.78
CA GLN A 19 -2.37 8.94 7.07
C GLN A 19 -2.92 9.53 5.77
N ARG A 20 -3.55 8.67 4.96
CA ARG A 20 -4.12 9.10 3.69
C ARG A 20 -5.11 8.06 3.16
N GLU A 21 -5.88 8.45 2.16
CA GLU A 21 -6.86 7.55 1.56
C GLU A 21 -7.13 7.93 0.10
N GLY A 22 -7.35 6.91 -0.73
CA GLY A 22 -7.62 7.16 -2.14
C GLY A 22 -8.28 5.98 -2.81
N ALA A 23 -8.81 6.20 -4.01
CA ALA A 23 -9.46 5.14 -4.76
C ALA A 23 -8.71 4.84 -6.05
N LEU A 24 -7.91 3.78 -6.02
CA LEU A 24 -7.11 3.37 -7.18
C LEU A 24 -7.33 1.90 -7.49
N ARG A 25 -6.77 1.44 -8.61
CA ARG A 25 -6.90 0.06 -9.02
C ARG A 25 -5.70 -0.76 -8.55
N PHE A 26 -5.97 -1.99 -8.12
CA PHE A 26 -4.91 -2.87 -7.63
C PHE A 26 -5.00 -4.24 -8.31
N MET A 27 -3.90 -4.98 -8.26
CA MET A 27 -3.85 -6.32 -8.86
C MET A 27 -2.79 -7.18 -8.18
N VAL A 28 -2.84 -8.48 -8.45
CA VAL A 28 -1.88 -9.41 -7.87
C VAL A 28 -1.20 -10.25 -8.94
N ALA A 29 0.14 -10.28 -8.90
CA ALA A 29 0.90 -11.04 -9.87
C ALA A 29 0.67 -12.54 -9.72
N ASP A 30 -0.16 -13.09 -10.59
CA ASP A 30 -0.47 -14.52 -10.55
C ASP A 30 -0.79 -15.04 -11.95
N ASP A 31 -1.00 -16.36 -12.05
CA ASP A 31 -1.31 -16.98 -13.32
C ASP A 31 -2.35 -16.17 -14.09
N ALA A 32 -3.44 -15.81 -13.41
CA ALA A 32 -4.49 -15.03 -14.04
C ALA A 32 -4.84 -15.58 -15.42
N ALA A 33 -4.62 -16.87 -15.61
CA ALA A 33 -4.91 -17.52 -16.89
C ALA A 33 -6.40 -17.75 -17.05
N SER A 34 -7.03 -18.30 -16.01
CA SER A 34 -8.46 -18.59 -16.03
C SER A 34 -9.25 -17.52 -15.28
N GLY A 35 -9.70 -16.51 -16.02
CA GLY A 35 -10.47 -15.44 -15.40
C GLY A 35 -11.06 -14.49 -16.42
N PRO A 36 -11.64 -13.38 -15.95
CA PRO A 36 -12.25 -12.37 -16.81
C PRO A 36 -11.22 -11.58 -17.61
N GLY A 37 -11.50 -11.37 -18.89
CA GLY A 37 -10.59 -10.64 -19.75
C GLY A 37 -11.28 -9.54 -20.52
N GLY A 38 -11.18 -8.32 -20.01
CA GLY A 38 -11.80 -7.18 -20.67
C GLY A 38 -10.84 -6.02 -20.87
N THR A 39 -11.21 -4.86 -20.32
CA THR A 39 -10.38 -3.67 -20.44
C THR A 39 -8.97 -3.93 -19.92
N ALA A 40 -8.87 -4.35 -18.67
CA ALA A 40 -7.59 -4.64 -18.05
C ALA A 40 -7.76 -5.28 -16.69
N GLN A 41 -6.95 -6.31 -16.41
CA GLN A 41 -7.03 -7.02 -15.14
C GLN A 41 -7.31 -6.05 -13.99
N TRP A 42 -6.67 -4.89 -14.04
CA TRP A 42 -6.87 -3.88 -13.00
C TRP A 42 -8.29 -3.90 -12.47
N GLN A 43 -8.42 -3.87 -11.15
CA GLN A 43 -9.73 -3.88 -10.51
C GLN A 43 -9.93 -2.67 -9.62
N LYS A 44 -11.01 -1.94 -9.85
CA LYS A 44 -11.31 -0.75 -9.05
C LYS A 44 -11.43 -1.09 -7.58
N CYS A 45 -10.80 -0.28 -6.74
CA CYS A 45 -10.82 -0.50 -5.29
C CYS A 45 -10.50 0.79 -4.54
N ARG A 46 -10.60 0.74 -3.22
CA ARG A 46 -10.32 1.90 -2.38
C ARG A 46 -9.26 1.57 -1.33
N LEU A 47 -8.11 2.23 -1.42
CA LEU A 47 -7.02 2.01 -0.49
C LEU A 47 -7.16 2.92 0.72
N LEU A 48 -7.37 2.32 1.89
CA LEU A 48 -7.51 3.08 3.13
C LEU A 48 -6.31 2.85 4.05
N LEU A 49 -5.66 3.94 4.44
CA LEU A 49 -4.50 3.85 5.33
C LEU A 49 -4.84 4.38 6.72
N ARG A 50 -5.12 3.45 7.64
CA ARG A 50 -5.47 3.82 9.01
C ARG A 50 -4.62 3.05 10.01
N ARG A 51 -4.58 3.53 11.25
CA ARG A 51 -3.80 2.89 12.30
C ARG A 51 -4.52 1.64 12.82
N ALA A 52 -3.75 0.60 13.13
CA ALA A 52 -4.31 -0.64 13.64
C ALA A 52 -4.38 -0.62 15.16
N VAL A 53 -5.61 -0.53 15.69
CA VAL A 53 -5.82 -0.50 17.14
C VAL A 53 -5.95 -1.91 17.70
N ALA A 54 -5.46 -2.11 18.92
CA ALA A 54 -5.53 -3.41 19.57
C ALA A 54 -4.98 -4.50 18.67
N GLY A 55 -3.86 -4.21 17.99
CA GLY A 55 -3.26 -5.19 17.10
C GLY A 55 -1.89 -4.76 16.63
N GLU A 56 -1.75 -4.49 15.34
CA GLU A 56 -0.48 -4.07 14.76
C GLU A 56 -0.41 -2.55 14.64
N ARG A 57 0.67 -2.06 14.06
CA ARG A 57 0.87 -0.62 13.88
C ARG A 57 -0.16 -0.06 12.89
N PHE A 58 -0.08 -0.51 11.65
CA PHE A 58 -0.98 -0.05 10.61
C PHE A 58 -1.60 -1.23 9.86
N ARG A 59 -2.58 -0.94 9.00
CA ARG A 59 -3.25 -1.98 8.23
C ARG A 59 -3.90 -1.39 6.98
N LEU A 60 -3.56 -1.94 5.82
CA LEU A 60 -4.10 -1.47 4.56
C LEU A 60 -5.34 -2.28 4.16
N GLU A 61 -6.40 -1.58 3.77
CA GLU A 61 -7.64 -2.24 3.37
C GLU A 61 -7.93 -1.99 1.90
N PHE A 62 -8.13 -3.06 1.15
CA PHE A 62 -8.42 -2.95 -0.28
C PHE A 62 -9.88 -3.30 -0.56
N PHE A 63 -10.74 -2.27 -0.54
CA PHE A 63 -12.16 -2.47 -0.79
C PHE A 63 -12.42 -2.72 -2.28
N VAL A 64 -12.84 -3.94 -2.60
CA VAL A 64 -13.12 -4.31 -3.98
C VAL A 64 -14.49 -4.98 -4.09
N PRO A 65 -15.46 -4.27 -4.66
CA PRO A 65 -15.26 -2.89 -5.15
C PRO A 65 -15.04 -1.90 -4.00
N PRO A 66 -14.66 -0.67 -4.35
CA PRO A 66 -14.41 0.40 -3.37
C PRO A 66 -15.70 0.88 -2.71
N LYS A 67 -16.79 0.15 -2.96
CA LYS A 67 -18.09 0.52 -2.38
C LYS A 67 -18.49 -0.48 -1.29
N ALA A 68 -17.96 -1.68 -1.37
CA ALA A 68 -18.25 -2.73 -0.38
C ALA A 68 -18.06 -2.20 1.03
N SER A 69 -18.90 -2.65 1.95
CA SER A 69 -18.83 -2.23 3.34
C SER A 69 -17.56 -2.77 4.00
N ARG A 70 -17.13 -3.94 3.55
CA ARG A 70 -15.92 -4.56 4.11
C ARG A 70 -14.86 -4.73 3.02
N PRO A 71 -13.59 -4.71 3.45
CA PRO A 71 -12.44 -4.85 2.54
C PRO A 71 -12.33 -6.26 1.97
N LYS A 72 -11.98 -6.35 0.68
CA LYS A 72 -11.84 -7.64 0.03
C LYS A 72 -10.45 -8.22 0.27
N VAL A 73 -9.43 -7.38 0.13
CA VAL A 73 -8.05 -7.82 0.34
C VAL A 73 -7.35 -6.95 1.38
N SER A 74 -7.80 -7.04 2.62
CA SER A 74 -7.22 -6.25 3.71
C SER A 74 -5.90 -6.86 4.16
N ILE A 75 -4.81 -6.14 3.94
CA ILE A 75 -3.49 -6.61 4.33
C ILE A 75 -2.88 -5.70 5.40
N PRO A 76 -2.32 -6.31 6.44
CA PRO A 76 -1.68 -5.58 7.55
C PRO A 76 -0.39 -4.90 7.13
N LEU A 77 -0.16 -3.70 7.66
CA LEU A 77 1.05 -2.95 7.34
C LEU A 77 2.29 -3.66 7.85
N SER A 78 2.11 -4.49 8.88
CA SER A 78 3.22 -5.24 9.47
C SER A 78 3.69 -6.34 8.54
N ALA A 79 2.75 -6.92 7.80
CA ALA A 79 3.07 -7.99 6.86
C ALA A 79 4.05 -7.51 5.79
N ILE A 80 3.91 -6.26 5.39
CA ILE A 80 4.78 -5.67 4.37
C ILE A 80 6.25 -5.76 4.80
N ILE A 81 7.09 -6.25 3.90
CA ILE A 81 8.51 -6.37 4.17
C ILE A 81 9.34 -5.57 3.17
N GLU A 82 8.85 -5.50 1.94
CA GLU A 82 9.55 -4.76 0.89
C GLU A 82 8.57 -4.18 -0.12
N VAL A 83 8.57 -2.86 -0.27
CA VAL A 83 7.67 -2.19 -1.19
C VAL A 83 8.46 -1.48 -2.29
N ARG A 84 8.51 -2.09 -3.46
CA ARG A 84 9.22 -1.52 -4.60
C ARG A 84 8.27 -0.74 -5.51
N THR A 85 8.83 0.22 -6.25
CA THR A 85 8.03 1.03 -7.16
C THR A 85 8.44 0.81 -8.60
N THR A 86 8.87 -0.41 -8.92
CA THR A 86 9.30 -0.75 -10.27
C THR A 86 8.66 -2.04 -10.74
N MET A 87 7.89 -1.96 -11.82
CA MET A 87 7.22 -3.13 -12.38
C MET A 87 7.88 -3.57 -13.69
N PRO A 88 7.70 -4.85 -14.04
CA PRO A 88 8.26 -5.42 -15.27
C PRO A 88 7.59 -4.88 -16.52
N LEU A 89 7.97 -5.43 -17.67
CA LEU A 89 7.39 -5.00 -18.94
C LEU A 89 5.90 -5.34 -19.01
N GLU A 90 5.08 -4.49 -18.41
CA GLU A 90 3.64 -4.70 -18.40
C GLU A 90 2.89 -3.41 -18.72
N MET A 91 3.10 -2.40 -17.88
CA MET A 91 2.45 -1.11 -18.06
C MET A 91 3.28 -0.21 -18.97
N PRO A 92 2.66 0.87 -19.46
CA PRO A 92 3.33 1.83 -20.35
C PRO A 92 4.39 2.65 -19.63
N GLU A 93 4.86 2.14 -18.48
CA GLU A 93 5.87 2.83 -17.69
C GLU A 93 5.29 4.09 -17.05
N LYS A 94 4.20 3.91 -16.30
CA LYS A 94 3.56 5.02 -15.62
C LYS A 94 4.25 5.33 -14.29
N ASP A 95 4.50 6.61 -14.03
CA ASP A 95 5.15 7.03 -12.80
C ASP A 95 4.14 7.14 -11.67
N ASN A 96 3.08 6.32 -11.74
CA ASN A 96 2.05 6.32 -10.71
C ASN A 96 1.68 4.90 -10.31
N THR A 97 2.68 4.13 -9.89
CA THR A 97 2.47 2.76 -9.47
C THR A 97 3.41 2.36 -8.34
N PHE A 98 3.14 1.22 -7.72
CA PHE A 98 3.97 0.74 -6.63
C PHE A 98 3.60 -0.69 -6.25
N VAL A 99 4.60 -1.56 -6.16
CA VAL A 99 4.38 -2.96 -5.81
C VAL A 99 4.53 -3.18 -4.31
N LEU A 100 3.66 -4.00 -3.75
CA LEU A 100 3.70 -4.30 -2.32
C LEU A 100 4.08 -5.77 -2.08
N LYS A 101 5.28 -5.98 -1.55
CA LYS A 101 5.76 -7.33 -1.26
C LYS A 101 5.57 -7.66 0.22
N VAL A 102 4.52 -8.44 0.52
CA VAL A 102 4.24 -8.84 1.88
C VAL A 102 5.20 -9.93 2.35
N GLU A 103 5.07 -10.33 3.61
CA GLU A 103 5.92 -11.37 4.17
C GLU A 103 5.52 -12.75 3.63
N ASN A 104 4.22 -12.96 3.47
CA ASN A 104 3.72 -14.24 2.96
C ASN A 104 4.25 -14.51 1.55
N GLY A 105 4.57 -13.43 0.84
CA GLY A 105 5.08 -13.58 -0.52
C GLY A 105 4.04 -13.28 -1.56
N ALA A 106 3.54 -12.04 -1.56
CA ALA A 106 2.52 -11.63 -2.53
C ALA A 106 2.74 -10.19 -2.97
N GLU A 107 2.82 -9.98 -4.28
CA GLU A 107 3.04 -8.65 -4.83
C GLU A 107 1.72 -8.02 -5.28
N TYR A 108 1.45 -6.82 -4.79
CA TYR A 108 0.22 -6.11 -5.13
C TYR A 108 0.52 -4.84 -5.91
N ILE A 109 0.37 -4.90 -7.22
CA ILE A 109 0.62 -3.75 -8.08
C ILE A 109 -0.58 -2.80 -8.09
N LEU A 110 -0.38 -1.61 -7.54
CA LEU A 110 -1.44 -0.61 -7.48
C LEU A 110 -1.12 0.58 -8.38
N GLU A 111 -2.14 1.16 -8.99
CA GLU A 111 -1.96 2.31 -9.87
C GLU A 111 -2.72 3.52 -9.35
N THR A 112 -1.98 4.56 -8.97
CA THR A 112 -2.58 5.78 -8.45
C THR A 112 -3.02 6.70 -9.58
N ILE A 113 -3.51 7.88 -9.22
CA ILE A 113 -3.96 8.85 -10.20
C ILE A 113 -2.79 9.46 -10.96
N ASP A 114 -1.90 10.11 -10.22
CA ASP A 114 -0.73 10.74 -10.82
C ASP A 114 0.53 10.41 -10.03
N SER A 115 1.69 10.78 -10.57
CA SER A 115 2.96 10.52 -9.92
C SER A 115 3.04 11.21 -8.56
N LEU A 116 2.28 12.28 -8.41
CA LEU A 116 2.25 13.04 -7.16
C LEU A 116 1.48 12.27 -6.08
N GLN A 117 0.48 11.51 -6.51
CA GLN A 117 -0.33 10.72 -5.59
C GLN A 117 0.37 9.43 -5.20
N LYS A 118 1.11 8.85 -6.15
CA LYS A 118 1.83 7.61 -5.91
C LYS A 118 2.88 7.80 -4.83
N HIS A 119 3.88 8.64 -5.10
CA HIS A 119 4.94 8.90 -4.14
C HIS A 119 4.38 9.06 -2.74
N SER A 120 3.28 9.79 -2.62
CA SER A 120 2.64 10.02 -1.33
C SER A 120 2.34 8.70 -0.63
N TRP A 121 1.68 7.80 -1.34
CA TRP A 121 1.32 6.49 -0.78
C TRP A 121 2.57 5.75 -0.31
N VAL A 122 3.55 5.62 -1.20
CA VAL A 122 4.79 4.92 -0.87
C VAL A 122 5.38 5.47 0.43
N ALA A 123 5.26 6.77 0.65
CA ALA A 123 5.78 7.41 1.85
C ALA A 123 4.90 7.08 3.06
N ASP A 124 3.60 7.24 2.90
CA ASP A 124 2.65 6.96 3.98
C ASP A 124 2.81 5.53 4.48
N ILE A 125 3.08 4.61 3.56
CA ILE A 125 3.25 3.20 3.91
C ILE A 125 4.63 2.95 4.48
N GLN A 126 5.66 3.25 3.70
CA GLN A 126 7.04 3.05 4.13
C GLN A 126 7.31 3.77 5.45
N GLY A 127 6.65 4.92 5.64
CA GLY A 127 6.84 5.68 6.86
C GLY A 127 6.23 4.99 8.06
N CYS A 128 5.22 4.16 7.83
CA CYS A 128 4.55 3.45 8.91
C CYS A 128 5.23 2.11 9.18
N VAL A 129 5.41 1.32 8.12
CA VAL A 129 6.06 0.02 8.24
C VAL A 129 7.36 0.11 9.02
N ASP A 130 8.13 1.17 8.75
CA ASP A 130 9.40 1.38 9.43
C ASP A 130 10.01 2.72 9.02
N SER A 131 10.45 3.49 10.02
CA SER A 131 11.05 4.80 9.77
C SER A 131 11.77 4.82 8.42
N GLY A 132 11.11 5.40 7.43
CA GLY A 132 11.70 5.49 6.10
C GLY A 132 11.71 6.90 5.55
N PRO A 133 11.04 7.10 4.41
CA PRO A 133 10.96 8.40 3.76
C PRO A 133 10.10 9.39 4.54
N SER A 134 9.61 8.96 5.69
CA SER A 134 8.76 9.79 6.54
C SER A 134 9.18 11.26 6.43
N SER A 135 8.21 12.13 6.17
CA SER A 135 8.48 13.55 6.05
C SER A 135 9.54 13.99 7.04
N GLY A 136 9.40 13.57 8.30
CA GLY A 136 10.35 13.93 9.32
C GLY A 136 9.92 15.16 10.11
N GLY A 1 20.59 -4.89 2.28
CA GLY A 1 20.32 -3.49 2.57
C GLY A 1 20.17 -2.66 1.32
N SER A 2 19.66 -1.44 1.48
CA SER A 2 19.45 -0.54 0.35
C SER A 2 19.22 0.89 0.83
N SER A 3 19.25 1.83 -0.10
CA SER A 3 19.05 3.24 0.22
C SER A 3 17.74 3.45 0.98
N GLY A 4 17.60 4.60 1.61
CA GLY A 4 16.39 4.90 2.36
C GLY A 4 15.87 6.30 2.09
N SER A 5 15.36 6.95 3.13
CA SER A 5 14.83 8.30 2.99
C SER A 5 15.91 9.34 3.25
N SER A 6 15.60 10.60 2.93
CA SER A 6 16.55 11.69 3.12
C SER A 6 16.40 12.31 4.50
N GLY A 7 15.17 12.64 4.86
CA GLY A 7 14.91 13.23 6.17
C GLY A 7 14.48 14.69 6.07
N ASN A 8 13.60 15.10 6.98
CA ASN A 8 13.11 16.48 6.98
C ASN A 8 12.51 16.82 8.33
N LEU A 9 12.28 18.12 8.56
CA LEU A 9 11.72 18.59 9.82
C LEU A 9 10.32 19.18 9.60
N ALA A 10 9.30 18.41 9.94
CA ALA A 10 7.92 18.85 9.79
C ALA A 10 7.69 20.19 10.49
N ALA A 11 8.11 20.26 11.75
CA ALA A 11 7.95 21.48 12.54
C ALA A 11 6.47 21.86 12.66
N LYS A 12 5.62 20.86 12.88
CA LYS A 12 4.19 21.10 13.01
C LYS A 12 3.53 19.98 13.82
N VAL A 13 2.37 20.28 14.39
CA VAL A 13 1.64 19.30 15.18
C VAL A 13 0.33 18.92 14.51
N GLU A 14 0.37 17.89 13.68
CA GLU A 14 -0.82 17.43 12.97
C GLU A 14 -1.04 15.94 13.19
N LEU A 15 -1.67 15.60 14.32
CA LEU A 15 -1.94 14.20 14.65
C LEU A 15 -3.20 13.71 13.95
N VAL A 16 -3.21 12.44 13.55
CA VAL A 16 -4.36 11.85 12.87
C VAL A 16 -4.16 10.36 12.64
N ASP A 17 -5.20 9.58 12.90
CA ASP A 17 -5.14 8.14 12.70
C ASP A 17 -4.91 7.80 11.23
N ILE A 18 -5.81 8.27 10.38
CA ILE A 18 -5.70 8.01 8.95
C ILE A 18 -4.53 8.75 8.33
N GLN A 19 -3.69 8.03 7.60
CA GLN A 19 -2.52 8.62 6.96
C GLN A 19 -2.85 9.08 5.55
N ARG A 20 -3.37 8.17 4.73
CA ARG A 20 -3.73 8.49 3.36
C ARG A 20 -4.81 7.53 2.85
N GLU A 21 -5.63 8.02 1.92
CA GLU A 21 -6.71 7.22 1.36
C GLU A 21 -7.06 7.69 -0.06
N GLY A 22 -7.37 6.74 -0.93
CA GLY A 22 -7.72 7.08 -2.30
C GLY A 22 -8.38 5.93 -3.03
N ALA A 23 -9.05 6.24 -4.14
CA ALA A 23 -9.73 5.23 -4.93
C ALA A 23 -8.96 4.93 -6.22
N LEU A 24 -8.19 3.85 -6.21
CA LEU A 24 -7.42 3.46 -7.38
C LEU A 24 -7.56 1.97 -7.66
N ARG A 25 -6.99 1.51 -8.78
CA ARG A 25 -7.06 0.11 -9.15
C ARG A 25 -5.84 -0.65 -8.64
N PHE A 26 -6.06 -1.90 -8.22
CA PHE A 26 -4.99 -2.73 -7.70
C PHE A 26 -4.99 -4.11 -8.37
N MET A 27 -3.84 -4.76 -8.34
CA MET A 27 -3.72 -6.09 -8.95
C MET A 27 -2.62 -6.90 -8.25
N VAL A 28 -2.66 -8.22 -8.47
CA VAL A 28 -1.68 -9.10 -7.85
C VAL A 28 -0.93 -9.90 -8.91
N ALA A 29 0.40 -9.85 -8.87
CA ALA A 29 1.23 -10.56 -9.83
C ALA A 29 1.05 -12.08 -9.69
N ASP A 30 0.31 -12.67 -10.62
CA ASP A 30 0.06 -14.10 -10.60
C ASP A 30 -0.60 -14.56 -11.90
N ASP A 31 -0.61 -15.87 -12.12
CA ASP A 31 -1.22 -16.44 -13.31
C ASP A 31 -2.62 -16.98 -13.02
N ALA A 32 -3.34 -17.32 -14.09
CA ALA A 32 -4.70 -17.85 -13.94
C ALA A 32 -5.07 -18.71 -15.14
N ALA A 33 -6.24 -19.35 -15.05
CA ALA A 33 -6.72 -20.20 -16.12
C ALA A 33 -7.24 -19.37 -17.29
N SER A 34 -8.28 -18.60 -17.04
CA SER A 34 -8.88 -17.76 -18.07
C SER A 34 -8.17 -16.40 -18.16
N GLY A 35 -8.09 -15.72 -17.02
CA GLY A 35 -7.43 -14.43 -16.99
C GLY A 35 -8.40 -13.28 -17.19
N PRO A 36 -7.87 -12.13 -17.62
CA PRO A 36 -8.68 -10.93 -17.85
C PRO A 36 -9.59 -11.07 -19.07
N GLY A 37 -10.32 -10.01 -19.39
CA GLY A 37 -11.22 -10.03 -20.52
C GLY A 37 -11.44 -8.66 -21.13
N GLY A 38 -12.69 -8.25 -21.20
CA GLY A 38 -13.00 -6.94 -21.77
C GLY A 38 -12.09 -5.84 -21.25
N THR A 39 -12.33 -5.44 -20.00
CA THR A 39 -11.53 -4.39 -19.38
C THR A 39 -10.24 -4.96 -18.81
N ALA A 40 -9.20 -4.11 -18.74
CA ALA A 40 -7.91 -4.52 -18.21
C ALA A 40 -8.07 -5.24 -16.88
N GLN A 41 -7.22 -6.23 -16.63
CA GLN A 41 -7.26 -7.00 -15.40
C GLN A 41 -7.51 -6.10 -14.20
N TRP A 42 -6.92 -4.91 -14.24
CA TRP A 42 -7.07 -3.94 -13.16
C TRP A 42 -8.46 -4.04 -12.53
N GLN A 43 -8.51 -4.05 -11.19
CA GLN A 43 -9.77 -4.13 -10.48
C GLN A 43 -9.98 -2.91 -9.60
N LYS A 44 -11.07 -2.20 -9.84
CA LYS A 44 -11.40 -1.00 -9.07
C LYS A 44 -11.45 -1.32 -7.58
N CYS A 45 -10.77 -0.50 -6.78
CA CYS A 45 -10.74 -0.69 -5.34
C CYS A 45 -10.40 0.61 -4.63
N ARG A 46 -10.54 0.61 -3.30
CA ARG A 46 -10.25 1.80 -2.51
C ARG A 46 -9.19 1.50 -1.45
N LEU A 47 -8.05 2.18 -1.56
CA LEU A 47 -6.95 1.98 -0.61
C LEU A 47 -7.15 2.85 0.62
N LEU A 48 -7.11 2.22 1.79
CA LEU A 48 -7.28 2.94 3.06
C LEU A 48 -6.16 2.58 4.04
N LEU A 49 -5.43 3.58 4.48
CA LEU A 49 -4.33 3.37 5.43
C LEU A 49 -4.71 3.89 6.81
N ARG A 50 -5.06 2.96 7.70
CA ARG A 50 -5.43 3.32 9.06
C ARG A 50 -4.53 2.64 10.09
N ARG A 51 -4.33 3.28 11.23
CA ARG A 51 -3.49 2.73 12.28
C ARG A 51 -4.16 1.53 12.95
N ALA A 52 -3.35 0.58 13.40
CA ALA A 52 -3.86 -0.62 14.05
C ALA A 52 -4.04 -0.40 15.55
N VAL A 53 -4.76 -1.30 16.20
CA VAL A 53 -5.00 -1.20 17.64
C VAL A 53 -3.79 -1.67 18.43
N ALA A 54 -3.75 -1.32 19.71
CA ALA A 54 -2.65 -1.72 20.58
C ALA A 54 -2.09 -3.08 20.18
N GLY A 55 -0.88 -3.08 19.64
CA GLY A 55 -0.25 -4.32 19.22
C GLY A 55 0.45 -4.20 17.88
N GLU A 56 -0.30 -3.82 16.86
CA GLU A 56 0.26 -3.66 15.52
C GLU A 56 0.44 -2.19 15.17
N ARG A 57 1.31 -1.92 14.20
CA ARG A 57 1.57 -0.55 13.78
C ARG A 57 0.40 0.01 12.98
N PHE A 58 0.25 -0.48 11.74
CA PHE A 58 -0.83 -0.02 10.87
C PHE A 58 -1.48 -1.20 10.15
N ARG A 59 -2.53 -0.92 9.39
CA ARG A 59 -3.24 -1.96 8.65
C ARG A 59 -3.89 -1.39 7.40
N LEU A 60 -3.56 -1.98 6.25
CA LEU A 60 -4.10 -1.53 4.98
C LEU A 60 -5.46 -2.15 4.71
N GLU A 61 -6.24 -1.52 3.84
CA GLU A 61 -7.58 -2.02 3.50
C GLU A 61 -7.87 -1.79 2.03
N PHE A 62 -7.94 -2.87 1.26
CA PHE A 62 -8.22 -2.78 -0.17
C PHE A 62 -9.67 -3.17 -0.45
N PHE A 63 -10.56 -2.18 -0.40
CA PHE A 63 -11.97 -2.41 -0.65
C PHE A 63 -12.22 -2.68 -2.14
N VAL A 64 -12.70 -3.88 -2.43
CA VAL A 64 -12.99 -4.27 -3.82
C VAL A 64 -14.34 -4.97 -3.92
N PRO A 65 -15.31 -4.28 -4.54
CA PRO A 65 -15.11 -2.94 -5.09
C PRO A 65 -14.93 -1.89 -4.00
N PRO A 66 -14.52 -0.67 -4.41
CA PRO A 66 -14.31 0.44 -3.48
C PRO A 66 -15.62 0.96 -2.89
N LYS A 67 -16.72 0.29 -3.21
CA LYS A 67 -18.03 0.68 -2.70
C LYS A 67 -18.44 -0.18 -1.52
N ALA A 68 -17.85 -1.38 -1.43
CA ALA A 68 -18.15 -2.28 -0.33
C ALA A 68 -17.83 -1.66 1.01
N SER A 69 -18.60 -2.02 2.04
CA SER A 69 -18.40 -1.48 3.38
C SER A 69 -17.16 -2.10 4.02
N ARG A 70 -16.91 -3.37 3.72
CA ARG A 70 -15.75 -4.07 4.27
C ARG A 70 -14.69 -4.31 3.19
N PRO A 71 -13.42 -4.33 3.62
CA PRO A 71 -12.29 -4.54 2.71
C PRO A 71 -12.24 -5.96 2.17
N LYS A 72 -11.98 -6.10 0.88
CA LYS A 72 -11.90 -7.41 0.25
C LYS A 72 -10.54 -8.07 0.50
N VAL A 73 -9.49 -7.26 0.46
CA VAL A 73 -8.14 -7.74 0.69
C VAL A 73 -7.43 -6.92 1.76
N SER A 74 -8.00 -6.90 2.96
CA SER A 74 -7.43 -6.15 4.07
C SER A 74 -6.12 -6.77 4.53
N ILE A 75 -5.00 -6.15 4.13
CA ILE A 75 -3.68 -6.65 4.51
C ILE A 75 -3.03 -5.74 5.55
N PRO A 76 -2.47 -6.36 6.60
CA PRO A 76 -1.81 -5.63 7.68
C PRO A 76 -0.49 -5.00 7.23
N LEU A 77 -0.20 -3.81 7.75
CA LEU A 77 1.03 -3.11 7.40
C LEU A 77 2.26 -3.93 7.80
N SER A 78 2.14 -4.65 8.91
CA SER A 78 3.24 -5.47 9.41
C SER A 78 3.69 -6.47 8.35
N ALA A 79 2.75 -6.89 7.51
CA ALA A 79 3.05 -7.85 6.45
C ALA A 79 4.03 -7.28 5.45
N ILE A 80 3.84 -6.00 5.11
CA ILE A 80 4.72 -5.32 4.16
C ILE A 80 6.17 -5.36 4.63
N ILE A 81 7.05 -5.83 3.74
CA ILE A 81 8.48 -5.91 4.07
C ILE A 81 9.31 -5.08 3.10
N GLU A 82 8.84 -4.99 1.86
CA GLU A 82 9.54 -4.22 0.83
C GLU A 82 8.57 -3.70 -0.22
N VAL A 83 8.83 -2.49 -0.71
CA VAL A 83 7.98 -1.88 -1.72
C VAL A 83 8.79 -1.38 -2.91
N ARG A 84 8.55 -1.97 -4.07
CA ARG A 84 9.27 -1.60 -5.28
C ARG A 84 8.54 -0.48 -6.02
N THR A 85 9.13 0.71 -6.03
CA THR A 85 8.54 1.86 -6.70
C THR A 85 8.93 1.90 -8.17
N THR A 86 9.00 0.73 -8.80
CA THR A 86 9.37 0.64 -10.20
C THR A 86 8.75 -0.60 -10.85
N MET A 87 8.15 -0.41 -12.02
CA MET A 87 7.52 -1.52 -12.74
C MET A 87 8.36 -1.93 -13.94
N PRO A 88 8.23 -3.20 -14.34
CA PRO A 88 8.98 -3.75 -15.48
C PRO A 88 8.50 -3.19 -16.81
N LEU A 89 8.85 -3.87 -17.89
CA LEU A 89 8.46 -3.44 -19.23
C LEU A 89 6.95 -3.58 -19.43
N GLU A 90 6.20 -2.73 -18.74
CA GLU A 90 4.74 -2.76 -18.84
C GLU A 90 4.19 -1.40 -19.24
N MET A 91 4.36 -0.42 -18.35
CA MET A 91 3.87 0.94 -18.61
C MET A 91 4.92 1.74 -19.38
N PRO A 92 4.45 2.56 -20.34
CA PRO A 92 5.32 3.39 -21.16
C PRO A 92 5.95 4.53 -20.37
N GLU A 93 5.11 5.32 -19.72
CA GLU A 93 5.59 6.44 -18.92
C GLU A 93 4.89 6.49 -17.56
N LYS A 94 3.59 6.25 -17.57
CA LYS A 94 2.80 6.27 -16.34
C LYS A 94 3.65 5.81 -15.15
N ASP A 95 4.24 6.78 -14.46
CA ASP A 95 5.08 6.49 -13.30
C ASP A 95 4.25 6.51 -12.02
N ASN A 96 2.98 6.12 -12.13
CA ASN A 96 2.09 6.09 -10.98
C ASN A 96 1.72 4.66 -10.61
N THR A 97 2.73 3.86 -10.29
CA THR A 97 2.52 2.47 -9.92
C THR A 97 3.55 2.01 -8.90
N PHE A 98 3.10 1.21 -7.93
CA PHE A 98 3.99 0.70 -6.89
C PHE A 98 3.60 -0.71 -6.48
N VAL A 99 4.60 -1.54 -6.21
CA VAL A 99 4.36 -2.92 -5.81
C VAL A 99 4.49 -3.09 -4.30
N LEU A 100 3.57 -3.86 -3.72
CA LEU A 100 3.58 -4.10 -2.28
C LEU A 100 3.89 -5.56 -1.97
N LYS A 101 5.13 -5.83 -1.58
CA LYS A 101 5.56 -7.18 -1.26
C LYS A 101 5.33 -7.49 0.22
N VAL A 102 4.20 -8.14 0.51
CA VAL A 102 3.87 -8.49 1.89
C VAL A 102 4.69 -9.68 2.37
N GLU A 103 4.58 -9.98 3.66
CA GLU A 103 5.32 -11.10 4.25
C GLU A 103 4.86 -12.43 3.66
N ASN A 104 3.62 -12.45 3.17
CA ASN A 104 3.06 -13.66 2.57
C ASN A 104 3.44 -13.77 1.10
N GLY A 105 4.62 -13.27 0.76
CA GLY A 105 5.09 -13.32 -0.61
C GLY A 105 3.98 -13.01 -1.60
N ALA A 106 3.45 -11.80 -1.53
CA ALA A 106 2.38 -11.38 -2.43
C ALA A 106 2.56 -9.92 -2.85
N GLU A 107 2.68 -9.70 -4.16
CA GLU A 107 2.86 -8.35 -4.69
C GLU A 107 1.53 -7.76 -5.12
N TYR A 108 1.31 -6.49 -4.79
CA TYR A 108 0.07 -5.81 -5.14
C TYR A 108 0.37 -4.52 -5.90
N ILE A 109 0.27 -4.58 -7.22
CA ILE A 109 0.51 -3.41 -8.05
C ILE A 109 -0.68 -2.47 -8.07
N LEU A 110 -0.49 -1.27 -7.52
CA LEU A 110 -1.55 -0.28 -7.47
C LEU A 110 -1.27 0.89 -8.41
N GLU A 111 -2.30 1.33 -9.12
CA GLU A 111 -2.16 2.44 -10.07
C GLU A 111 -2.89 3.68 -9.56
N THR A 112 -2.12 4.65 -9.07
CA THR A 112 -2.69 5.88 -8.55
C THR A 112 -2.98 6.87 -9.68
N ILE A 113 -3.37 8.08 -9.31
CA ILE A 113 -3.68 9.11 -10.30
C ILE A 113 -2.44 9.47 -11.12
N ASP A 114 -1.48 10.12 -10.47
CA ASP A 114 -0.25 10.52 -11.14
C ASP A 114 0.97 10.10 -10.33
N SER A 115 2.16 10.45 -10.82
CA SER A 115 3.40 10.11 -10.15
C SER A 115 3.42 10.66 -8.72
N LEU A 116 2.79 11.82 -8.54
CA LEU A 116 2.74 12.46 -7.24
C LEU A 116 1.98 11.60 -6.24
N GLN A 117 0.73 11.29 -6.58
CA GLN A 117 -0.10 10.46 -5.71
C GLN A 117 0.61 9.18 -5.32
N LYS A 118 1.22 8.51 -6.31
CA LYS A 118 1.94 7.28 -6.07
C LYS A 118 3.06 7.48 -5.06
N HIS A 119 4.04 8.29 -5.42
CA HIS A 119 5.17 8.57 -4.54
C HIS A 119 4.70 8.84 -3.12
N SER A 120 3.61 9.60 -3.00
CA SER A 120 3.06 9.94 -1.69
C SER A 120 2.63 8.68 -0.94
N TRP A 121 1.88 7.82 -1.62
CA TRP A 121 1.41 6.58 -1.02
C TRP A 121 2.56 5.79 -0.40
N VAL A 122 3.52 5.41 -1.24
CA VAL A 122 4.69 4.66 -0.77
C VAL A 122 5.22 5.23 0.53
N ALA A 123 5.22 6.55 0.65
CA ALA A 123 5.70 7.22 1.85
C ALA A 123 4.81 6.91 3.05
N ASP A 124 3.49 7.07 2.87
CA ASP A 124 2.53 6.81 3.93
C ASP A 124 2.65 5.37 4.43
N ILE A 125 2.79 4.44 3.48
CA ILE A 125 2.90 3.03 3.83
C ILE A 125 4.23 2.75 4.54
N GLN A 126 5.32 2.86 3.80
CA GLN A 126 6.66 2.62 4.36
C GLN A 126 6.84 3.39 5.67
N GLY A 127 6.52 4.68 5.63
CA GLY A 127 6.68 5.50 6.82
C GLY A 127 6.07 4.85 8.05
N CYS A 128 5.16 3.90 7.83
CA CYS A 128 4.51 3.21 8.93
C CYS A 128 5.18 1.86 9.20
N VAL A 129 5.52 1.16 8.14
CA VAL A 129 6.17 -0.14 8.26
C VAL A 129 7.18 -0.15 9.40
N ASP A 130 7.79 1.00 9.65
CA ASP A 130 8.78 1.13 10.73
C ASP A 130 9.11 2.59 10.97
N SER A 131 10.08 2.82 11.86
CA SER A 131 10.51 4.17 12.19
C SER A 131 10.43 5.09 10.97
N GLY A 132 9.34 5.85 10.87
CA GLY A 132 9.16 6.74 9.75
C GLY A 132 9.08 8.20 10.17
N PRO A 133 7.85 8.70 10.36
CA PRO A 133 7.61 10.08 10.77
C PRO A 133 8.03 10.34 12.21
N SER A 134 8.41 11.58 12.50
CA SER A 134 8.84 11.96 13.84
C SER A 134 7.87 12.96 14.46
N SER A 135 7.09 13.62 13.61
CA SER A 135 6.13 14.61 14.08
C SER A 135 5.00 13.94 14.86
N GLY A 136 4.80 14.38 16.10
CA GLY A 136 3.74 13.81 16.92
C GLY A 136 4.29 12.88 17.98
N GLY A 1 32.37 -3.25 18.70
CA GLY A 1 30.93 -3.03 18.72
C GLY A 1 30.52 -1.80 17.92
N SER A 2 30.53 -0.64 18.58
CA SER A 2 30.16 0.61 17.94
C SER A 2 29.03 0.39 16.94
N SER A 3 28.05 -0.43 17.32
CA SER A 3 26.93 -0.73 16.46
C SER A 3 25.73 0.15 16.80
N GLY A 4 25.30 0.10 18.06
CA GLY A 4 24.17 0.89 18.49
C GLY A 4 24.53 2.35 18.67
N SER A 5 23.69 3.24 18.14
CA SER A 5 23.93 4.67 18.23
C SER A 5 22.81 5.35 19.02
N SER A 6 22.41 4.72 20.12
CA SER A 6 21.34 5.26 20.96
C SER A 6 20.17 5.73 20.12
N GLY A 7 19.81 4.94 19.10
CA GLY A 7 18.70 5.29 18.24
C GLY A 7 17.36 4.95 18.84
N ASN A 8 16.43 4.52 18.00
CA ASN A 8 15.09 4.15 18.47
C ASN A 8 14.42 5.34 19.16
N LEU A 9 14.58 6.53 18.58
CA LEU A 9 13.99 7.74 19.16
C LEU A 9 12.56 7.93 18.65
N ALA A 10 11.60 7.82 19.56
CA ALA A 10 10.19 7.98 19.20
C ALA A 10 9.70 9.38 19.56
N ALA A 11 8.85 9.95 18.71
CA ALA A 11 8.31 11.28 18.94
C ALA A 11 6.93 11.20 19.59
N LYS A 12 6.72 12.04 20.60
CA LYS A 12 5.44 12.06 21.31
C LYS A 12 4.53 13.15 20.75
N VAL A 13 3.79 12.80 19.70
CA VAL A 13 2.87 13.74 19.07
C VAL A 13 1.66 13.03 18.48
N GLU A 14 0.49 13.64 18.61
CA GLU A 14 -0.74 13.06 18.08
C GLU A 14 -0.94 13.45 16.61
N LEU A 15 -0.80 12.48 15.73
CA LEU A 15 -0.97 12.72 14.29
C LEU A 15 -2.23 12.04 13.78
N VAL A 16 -2.78 12.58 12.70
CA VAL A 16 -4.00 12.03 12.10
C VAL A 16 -3.93 10.51 12.02
N ASP A 17 -4.91 9.85 12.63
CA ASP A 17 -4.96 8.39 12.62
C ASP A 17 -4.72 7.84 11.22
N ILE A 18 -5.56 8.25 10.27
CA ILE A 18 -5.43 7.80 8.90
C ILE A 18 -4.33 8.55 8.17
N GLN A 19 -3.42 7.81 7.53
CA GLN A 19 -2.32 8.42 6.79
C GLN A 19 -2.79 8.93 5.43
N ARG A 20 -3.33 8.03 4.61
CA ARG A 20 -3.81 8.39 3.29
C ARG A 20 -5.00 7.51 2.89
N GLU A 21 -5.89 8.06 2.07
CA GLU A 21 -7.06 7.33 1.61
C GLU A 21 -7.49 7.79 0.23
N GLY A 22 -7.58 6.85 -0.70
CA GLY A 22 -7.98 7.20 -2.06
C GLY A 22 -8.58 6.02 -2.81
N ALA A 23 -9.01 6.25 -4.04
CA ALA A 23 -9.60 5.20 -4.85
C ALA A 23 -8.77 4.93 -6.10
N LEU A 24 -8.05 3.81 -6.11
CA LEU A 24 -7.21 3.45 -7.24
C LEU A 24 -7.39 1.97 -7.59
N ARG A 25 -6.78 1.56 -8.70
CA ARG A 25 -6.87 0.17 -9.15
C ARG A 25 -5.68 -0.64 -8.65
N PHE A 26 -5.94 -1.85 -8.21
CA PHE A 26 -4.88 -2.73 -7.71
C PHE A 26 -4.94 -4.09 -8.40
N MET A 27 -3.82 -4.83 -8.34
CA MET A 27 -3.74 -6.14 -8.95
C MET A 27 -2.63 -6.97 -8.31
N VAL A 28 -2.73 -8.29 -8.45
CA VAL A 28 -1.73 -9.19 -7.89
C VAL A 28 -1.06 -10.02 -8.97
N ALA A 29 0.26 -10.10 -8.91
CA ALA A 29 1.02 -10.87 -9.90
C ALA A 29 0.77 -12.37 -9.75
N ASP A 30 -0.07 -12.91 -10.61
CA ASP A 30 -0.40 -14.34 -10.58
C ASP A 30 -0.94 -14.81 -11.92
N ASP A 31 -1.01 -16.12 -12.10
CA ASP A 31 -1.52 -16.69 -13.34
C ASP A 31 -2.90 -17.29 -13.15
N ALA A 32 -3.62 -17.49 -14.24
CA ALA A 32 -4.97 -18.06 -14.19
C ALA A 32 -5.09 -19.28 -15.10
N ALA A 33 -4.64 -19.13 -16.34
CA ALA A 33 -4.70 -20.22 -17.31
C ALA A 33 -6.14 -20.54 -17.69
N SER A 34 -6.93 -19.49 -17.91
CA SER A 34 -8.33 -19.66 -18.28
C SER A 34 -8.56 -19.25 -19.73
N GLY A 35 -8.28 -17.99 -20.04
CA GLY A 35 -8.46 -17.49 -21.40
C GLY A 35 -8.15 -16.01 -21.53
N PRO A 36 -8.60 -15.40 -22.63
CA PRO A 36 -8.38 -13.98 -22.89
C PRO A 36 -9.18 -13.09 -21.96
N GLY A 37 -9.11 -11.78 -22.19
CA GLY A 37 -9.84 -10.84 -21.36
C GLY A 37 -9.75 -9.42 -21.88
N GLY A 38 -10.87 -8.92 -22.41
CA GLY A 38 -10.89 -7.57 -22.94
C GLY A 38 -10.43 -6.54 -21.93
N THR A 39 -11.28 -6.27 -20.93
CA THR A 39 -10.96 -5.30 -19.89
C THR A 39 -9.59 -5.57 -19.30
N ALA A 40 -8.99 -4.55 -18.68
CA ALA A 40 -7.69 -4.68 -18.05
C ALA A 40 -7.79 -5.30 -16.67
N GLN A 41 -6.98 -6.33 -16.42
CA GLN A 41 -6.99 -7.02 -15.14
C GLN A 41 -7.26 -6.04 -14.00
N TRP A 42 -6.63 -4.88 -14.06
CA TRP A 42 -6.82 -3.85 -13.03
C TRP A 42 -8.24 -3.88 -12.48
N GLN A 43 -8.36 -3.79 -11.16
CA GLN A 43 -9.66 -3.81 -10.51
C GLN A 43 -9.83 -2.59 -9.60
N LYS A 44 -10.91 -1.85 -9.81
CA LYS A 44 -11.19 -0.66 -9.02
C LYS A 44 -11.29 -1.01 -7.54
N CYS A 45 -10.59 -0.25 -6.70
CA CYS A 45 -10.60 -0.48 -5.26
C CYS A 45 -10.28 0.80 -4.50
N ARG A 46 -10.47 0.77 -3.19
CA ARG A 46 -10.19 1.93 -2.35
C ARG A 46 -9.11 1.62 -1.31
N LEU A 47 -7.98 2.29 -1.42
CA LEU A 47 -6.88 2.08 -0.49
C LEU A 47 -7.06 2.91 0.78
N LEU A 48 -7.15 2.23 1.91
CA LEU A 48 -7.33 2.91 3.19
C LEU A 48 -6.19 2.57 4.15
N LEU A 49 -5.48 3.59 4.62
CA LEU A 49 -4.37 3.40 5.53
C LEU A 49 -4.69 4.00 6.90
N ARG A 50 -5.11 3.15 7.84
CA ARG A 50 -5.45 3.60 9.18
C ARG A 50 -4.51 2.97 10.21
N ARG A 51 -4.39 3.62 11.37
CA ARG A 51 -3.52 3.12 12.43
C ARG A 51 -4.22 2.03 13.23
N ALA A 52 -3.46 1.02 13.64
CA ALA A 52 -4.02 -0.09 14.41
C ALA A 52 -3.85 0.15 15.91
N VAL A 53 -4.68 -0.50 16.71
CA VAL A 53 -4.64 -0.35 18.16
C VAL A 53 -4.58 -1.70 18.84
N ALA A 54 -3.77 -1.80 19.90
CA ALA A 54 -3.62 -3.04 20.65
C ALA A 54 -2.81 -4.06 19.85
N GLY A 55 -1.74 -3.60 19.23
CA GLY A 55 -0.89 -4.49 18.45
C GLY A 55 -0.28 -3.80 17.25
N GLU A 56 -0.47 -4.39 16.07
CA GLU A 56 0.07 -3.82 14.84
C GLU A 56 0.05 -2.29 14.89
N ARG A 57 0.96 -1.68 14.15
CA ARG A 57 1.04 -0.22 14.10
C ARG A 57 -0.02 0.37 13.17
N PHE A 58 -0.18 -0.26 12.02
CA PHE A 58 -1.18 0.20 11.04
C PHE A 58 -1.79 -0.98 10.29
N ARG A 59 -2.90 -0.73 9.62
CA ARG A 59 -3.59 -1.78 8.87
C ARG A 59 -4.04 -1.26 7.51
N LEU A 60 -3.73 -2.01 6.46
CA LEU A 60 -4.09 -1.63 5.10
C LEU A 60 -5.32 -2.41 4.62
N GLU A 61 -6.30 -1.70 4.06
CA GLU A 61 -7.51 -2.33 3.57
C GLU A 61 -7.72 -2.02 2.08
N PHE A 62 -8.11 -3.03 1.33
CA PHE A 62 -8.35 -2.87 -0.10
C PHE A 62 -9.79 -3.22 -0.46
N PHE A 63 -10.66 -2.21 -0.42
CA PHE A 63 -12.07 -2.40 -0.74
C PHE A 63 -12.26 -2.65 -2.23
N VAL A 64 -12.74 -3.84 -2.58
CA VAL A 64 -12.98 -4.20 -3.97
C VAL A 64 -14.34 -4.86 -4.14
N PRO A 65 -15.29 -4.12 -4.74
CA PRO A 65 -15.04 -2.75 -5.19
C PRO A 65 -14.87 -1.77 -4.03
N PRO A 66 -14.45 -0.54 -4.35
CA PRO A 66 -14.23 0.51 -3.34
C PRO A 66 -15.54 1.00 -2.74
N LYS A 67 -16.65 0.40 -3.15
CA LYS A 67 -17.96 0.78 -2.65
C LYS A 67 -18.40 -0.15 -1.51
N ALA A 68 -17.89 -1.38 -1.53
CA ALA A 68 -18.23 -2.36 -0.49
C ALA A 68 -17.88 -1.83 0.89
N SER A 69 -18.65 -2.26 1.89
CA SER A 69 -18.43 -1.83 3.26
C SER A 69 -17.22 -2.54 3.87
N ARG A 70 -17.03 -3.79 3.48
CA ARG A 70 -15.92 -4.59 3.98
C ARG A 70 -14.84 -4.77 2.90
N PRO A 71 -13.57 -4.70 3.31
CA PRO A 71 -12.44 -4.86 2.41
C PRO A 71 -12.29 -6.29 1.89
N LYS A 72 -11.98 -6.43 0.62
CA LYS A 72 -11.81 -7.74 0.00
C LYS A 72 -10.42 -8.31 0.30
N VAL A 73 -9.40 -7.46 0.11
CA VAL A 73 -8.02 -7.88 0.35
C VAL A 73 -7.39 -7.05 1.46
N SER A 74 -7.95 -7.14 2.66
CA SER A 74 -7.45 -6.39 3.80
C SER A 74 -6.10 -6.94 4.26
N ILE A 75 -5.05 -6.15 4.07
CA ILE A 75 -3.71 -6.56 4.47
C ILE A 75 -3.13 -5.62 5.51
N PRO A 76 -2.67 -6.19 6.64
CA PRO A 76 -2.08 -5.43 7.73
C PRO A 76 -0.73 -4.82 7.37
N LEU A 77 -0.53 -3.56 7.73
CA LEU A 77 0.73 -2.87 7.44
C LEU A 77 1.93 -3.76 7.77
N SER A 78 1.82 -4.49 8.88
CA SER A 78 2.90 -5.38 9.31
C SER A 78 3.29 -6.34 8.19
N ALA A 79 2.29 -6.82 7.46
CA ALA A 79 2.54 -7.74 6.36
C ALA A 79 3.61 -7.21 5.41
N ILE A 80 3.49 -5.93 5.06
CA ILE A 80 4.45 -5.29 4.16
C ILE A 80 5.86 -5.37 4.73
N ILE A 81 6.82 -5.73 3.87
CA ILE A 81 8.21 -5.84 4.28
C ILE A 81 9.12 -5.11 3.30
N GLU A 82 8.72 -5.07 2.04
CA GLU A 82 9.51 -4.40 1.01
C GLU A 82 8.60 -3.90 -0.12
N VAL A 83 8.88 -2.68 -0.59
CA VAL A 83 8.09 -2.09 -1.67
C VAL A 83 8.99 -1.68 -2.83
N ARG A 84 8.88 -2.42 -3.94
CA ARG A 84 9.68 -2.13 -5.13
C ARG A 84 9.72 -0.63 -5.42
N THR A 85 8.54 -0.01 -5.46
CA THR A 85 8.45 1.42 -5.71
C THR A 85 9.23 1.81 -6.97
N THR A 86 9.33 0.88 -7.91
CA THR A 86 10.06 1.12 -9.15
C THR A 86 9.59 0.18 -10.26
N MET A 87 9.33 0.75 -11.44
CA MET A 87 8.87 -0.04 -12.58
C MET A 87 9.98 -0.18 -13.61
N PRO A 88 10.10 -1.38 -14.19
CA PRO A 88 11.11 -1.67 -15.22
C PRO A 88 10.83 -0.95 -16.53
N LEU A 89 11.62 -1.27 -17.55
CA LEU A 89 11.46 -0.66 -18.87
C LEU A 89 10.22 -1.21 -19.59
N GLU A 90 9.06 -1.03 -18.98
CA GLU A 90 7.81 -1.51 -19.56
C GLU A 90 6.82 -0.36 -19.78
N MET A 91 6.48 0.32 -18.69
CA MET A 91 5.55 1.44 -18.75
C MET A 91 6.20 2.65 -19.42
N PRO A 92 5.44 3.34 -20.28
CA PRO A 92 5.92 4.53 -20.99
C PRO A 92 6.11 5.72 -20.06
N GLU A 93 5.03 6.19 -19.47
CA GLU A 93 5.08 7.32 -18.56
C GLU A 93 4.26 7.05 -17.30
N LYS A 94 3.80 5.81 -17.14
CA LYS A 94 3.00 5.43 -15.99
C LYS A 94 3.88 5.30 -14.75
N ASP A 95 4.44 6.42 -14.32
CA ASP A 95 5.30 6.45 -13.14
C ASP A 95 4.47 6.65 -11.87
N ASN A 96 3.25 6.11 -11.88
CA ASN A 96 2.36 6.23 -10.73
C ASN A 96 1.92 4.85 -10.24
N THR A 97 2.87 3.92 -10.15
CA THR A 97 2.58 2.57 -9.70
C THR A 97 3.63 2.09 -8.70
N PHE A 98 3.21 1.20 -7.81
CA PHE A 98 4.12 0.66 -6.79
C PHE A 98 3.70 -0.75 -6.39
N VAL A 99 4.68 -1.64 -6.25
CA VAL A 99 4.42 -3.02 -5.87
C VAL A 99 4.54 -3.21 -4.36
N LEU A 100 3.66 -4.01 -3.79
CA LEU A 100 3.67 -4.28 -2.35
C LEU A 100 3.98 -5.74 -2.08
N LYS A 101 5.20 -5.99 -1.60
CA LYS A 101 5.63 -7.35 -1.29
C LYS A 101 5.39 -7.67 0.18
N VAL A 102 4.29 -8.34 0.48
CA VAL A 102 3.95 -8.70 1.85
C VAL A 102 4.79 -9.89 2.32
N GLU A 103 4.60 -10.27 3.58
CA GLU A 103 5.33 -11.39 4.16
C GLU A 103 4.91 -12.71 3.51
N ASN A 104 3.68 -12.75 3.02
CA ASN A 104 3.14 -13.95 2.37
C ASN A 104 3.55 -14.00 0.90
N GLY A 105 4.74 -13.46 0.60
CA GLY A 105 5.22 -13.46 -0.77
C GLY A 105 4.14 -13.13 -1.77
N ALA A 106 3.56 -11.94 -1.65
CA ALA A 106 2.49 -11.52 -2.56
C ALA A 106 2.69 -10.07 -2.99
N GLU A 107 2.79 -9.86 -4.30
CA GLU A 107 2.98 -8.52 -4.84
C GLU A 107 1.65 -7.91 -5.27
N TYR A 108 1.42 -6.66 -4.89
CA TYR A 108 0.19 -5.96 -5.22
C TYR A 108 0.49 -4.67 -5.97
N ILE A 109 0.38 -4.71 -7.30
CA ILE A 109 0.64 -3.55 -8.13
C ILE A 109 -0.56 -2.59 -8.11
N LEU A 110 -0.36 -1.43 -7.53
CA LEU A 110 -1.42 -0.42 -7.44
C LEU A 110 -1.15 0.73 -8.40
N GLU A 111 -2.22 1.27 -8.99
CA GLU A 111 -2.10 2.38 -9.93
C GLU A 111 -2.87 3.60 -9.44
N THR A 112 -2.15 4.59 -8.95
CA THR A 112 -2.76 5.82 -8.44
C THR A 112 -2.96 6.84 -9.56
N ILE A 113 -3.50 8.00 -9.20
CA ILE A 113 -3.74 9.06 -10.17
C ILE A 113 -2.49 9.32 -11.00
N ASP A 114 -1.45 9.84 -10.36
CA ASP A 114 -0.19 10.13 -11.04
C ASP A 114 0.96 10.18 -10.05
N SER A 115 2.18 10.34 -10.58
CA SER A 115 3.37 10.40 -9.74
C SER A 115 3.06 11.05 -8.40
N LEU A 116 2.23 12.08 -8.43
CA LEU A 116 1.84 12.80 -7.21
C LEU A 116 1.24 11.84 -6.19
N GLN A 117 0.07 11.30 -6.51
CA GLN A 117 -0.62 10.37 -5.61
C GLN A 117 0.28 9.18 -5.29
N LYS A 118 0.91 8.62 -6.31
CA LYS A 118 1.80 7.48 -6.13
C LYS A 118 2.85 7.76 -5.07
N HIS A 119 3.77 8.67 -5.39
CA HIS A 119 4.82 9.04 -4.46
C HIS A 119 4.27 9.26 -3.05
N SER A 120 3.12 9.93 -2.98
CA SER A 120 2.49 10.20 -1.69
C SER A 120 2.25 8.91 -0.91
N TRP A 121 1.72 7.90 -1.59
CA TRP A 121 1.44 6.62 -0.97
C TRP A 121 2.73 5.95 -0.50
N VAL A 122 3.65 5.74 -1.42
CA VAL A 122 4.92 5.11 -1.10
C VAL A 122 5.42 5.55 0.27
N ALA A 123 5.26 6.83 0.58
CA ALA A 123 5.68 7.38 1.86
C ALA A 123 4.76 6.91 2.99
N ASP A 124 3.47 7.06 2.78
CA ASP A 124 2.48 6.65 3.78
C ASP A 124 2.74 5.23 4.26
N ILE A 125 3.11 4.35 3.33
CA ILE A 125 3.39 2.96 3.64
C ILE A 125 4.80 2.81 4.20
N GLN A 126 5.79 3.08 3.36
CA GLN A 126 7.19 2.97 3.77
C GLN A 126 7.43 3.66 5.10
N GLY A 127 6.62 4.68 5.39
CA GLY A 127 6.76 5.41 6.63
C GLY A 127 6.18 4.65 7.81
N CYS A 128 5.16 3.83 7.55
CA CYS A 128 4.51 3.05 8.60
C CYS A 128 5.20 1.70 8.78
N VAL A 129 5.42 1.01 7.66
CA VAL A 129 6.07 -0.30 7.70
C VAL A 129 7.14 -0.36 8.77
N ASP A 130 7.83 0.77 8.98
CA ASP A 130 8.88 0.84 9.99
C ASP A 130 9.19 2.30 10.32
N SER A 131 10.22 2.49 11.16
CA SER A 131 10.62 3.83 11.57
C SER A 131 10.80 4.74 10.36
N GLY A 132 9.77 5.52 10.05
CA GLY A 132 9.83 6.43 8.91
C GLY A 132 9.08 7.72 9.15
N PRO A 133 9.59 8.82 8.59
CA PRO A 133 8.97 10.14 8.73
C PRO A 133 7.64 10.25 7.98
N SER A 134 6.55 9.94 8.67
CA SER A 134 5.23 10.00 8.06
C SER A 134 4.49 11.28 8.47
N SER A 135 4.79 12.37 7.77
CA SER A 135 4.17 13.66 8.05
C SER A 135 4.53 14.69 6.99
N GLY A 136 3.52 15.40 6.49
CA GLY A 136 3.75 16.40 5.48
C GLY A 136 4.38 15.83 4.22
N GLY A 1 19.97 6.87 -3.91
CA GLY A 1 21.20 7.59 -3.70
C GLY A 1 21.06 8.70 -2.67
N SER A 2 20.04 9.53 -2.83
CA SER A 2 19.79 10.63 -1.92
C SER A 2 18.37 10.58 -1.36
N SER A 3 18.06 11.51 -0.46
CA SER A 3 16.74 11.57 0.14
C SER A 3 16.38 12.99 0.54
N GLY A 4 15.15 13.41 0.25
CA GLY A 4 14.71 14.75 0.58
C GLY A 4 14.50 14.93 2.07
N SER A 5 13.34 14.52 2.56
CA SER A 5 13.02 14.64 3.98
C SER A 5 13.36 16.04 4.49
N SER A 6 13.04 17.05 3.69
CA SER A 6 13.32 18.43 4.06
C SER A 6 13.15 18.64 5.56
N GLY A 7 12.07 18.09 6.11
CA GLY A 7 11.81 18.23 7.53
C GLY A 7 10.65 19.15 7.83
N ASN A 8 10.08 19.02 9.03
CA ASN A 8 8.94 19.84 9.43
C ASN A 8 9.42 21.11 10.14
N LEU A 9 10.12 20.92 11.25
CA LEU A 9 10.63 22.06 12.02
C LEU A 9 9.48 22.84 12.67
N ALA A 10 8.50 22.12 13.19
CA ALA A 10 7.36 22.75 13.83
C ALA A 10 7.07 22.10 15.20
N ALA A 11 6.70 22.93 16.17
CA ALA A 11 6.40 22.44 17.50
C ALA A 11 4.94 22.00 17.61
N LYS A 12 4.03 22.93 17.37
CA LYS A 12 2.59 22.65 17.43
C LYS A 12 2.11 22.02 16.13
N VAL A 13 1.91 20.70 16.16
CA VAL A 13 1.44 19.98 14.98
C VAL A 13 0.31 19.02 15.34
N GLU A 14 -0.66 18.90 14.44
CA GLU A 14 -1.80 18.02 14.66
C GLU A 14 -1.89 16.96 13.57
N LEU A 15 -1.71 15.70 13.95
CA LEU A 15 -1.77 14.60 13.00
C LEU A 15 -3.12 13.89 13.08
N VAL A 16 -3.33 12.93 12.18
CA VAL A 16 -4.58 12.18 12.14
C VAL A 16 -4.33 10.70 11.87
N ASP A 17 -5.16 9.84 12.45
CA ASP A 17 -5.03 8.41 12.27
C ASP A 17 -4.84 8.05 10.80
N ILE A 18 -5.79 8.47 9.97
CA ILE A 18 -5.73 8.20 8.54
C ILE A 18 -4.51 8.86 7.90
N GLN A 19 -3.52 8.05 7.55
CA GLN A 19 -2.31 8.55 6.94
C GLN A 19 -2.54 8.93 5.48
N ARG A 20 -3.23 8.05 4.76
CA ARG A 20 -3.53 8.29 3.35
C ARG A 20 -4.66 7.39 2.87
N GLU A 21 -5.57 7.95 2.08
CA GLU A 21 -6.70 7.18 1.55
C GLU A 21 -7.11 7.70 0.18
N GLY A 22 -7.41 6.78 -0.73
CA GLY A 22 -7.81 7.17 -2.08
C GLY A 22 -8.40 6.01 -2.86
N ALA A 23 -9.15 6.33 -3.90
CA ALA A 23 -9.77 5.30 -4.73
C ALA A 23 -8.92 5.00 -5.96
N LEU A 24 -8.23 3.87 -5.93
CA LEU A 24 -7.38 3.46 -7.05
C LEU A 24 -7.54 1.98 -7.35
N ARG A 25 -6.93 1.53 -8.44
CA ARG A 25 -7.01 0.13 -8.84
C ARG A 25 -5.82 -0.66 -8.32
N PHE A 26 -6.00 -1.97 -8.15
CA PHE A 26 -4.94 -2.83 -7.65
C PHE A 26 -5.00 -4.20 -8.30
N MET A 27 -3.84 -4.84 -8.46
CA MET A 27 -3.77 -6.16 -9.07
C MET A 27 -2.65 -6.99 -8.44
N VAL A 28 -2.81 -8.31 -8.47
CA VAL A 28 -1.82 -9.21 -7.90
C VAL A 28 -1.16 -10.05 -8.99
N ALA A 29 0.17 -10.05 -9.00
CA ALA A 29 0.93 -10.80 -9.99
C ALA A 29 0.72 -12.30 -9.80
N ASP A 30 -0.11 -12.90 -10.65
CA ASP A 30 -0.39 -14.33 -10.57
C ASP A 30 -0.58 -14.92 -11.97
N ASP A 31 -0.71 -16.24 -12.04
CA ASP A 31 -0.90 -16.93 -13.31
C ASP A 31 -2.35 -17.35 -13.48
N ALA A 32 -2.92 -17.02 -14.64
CA ALA A 32 -4.30 -17.36 -14.94
C ALA A 32 -4.50 -18.87 -15.00
N ALA A 33 -5.71 -19.29 -15.34
CA ALA A 33 -6.01 -20.72 -15.43
C ALA A 33 -6.30 -21.13 -16.87
N SER A 34 -7.01 -20.27 -17.59
CA SER A 34 -7.35 -20.54 -18.98
C SER A 34 -6.20 -20.18 -19.91
N GLY A 35 -5.52 -21.19 -20.42
CA GLY A 35 -4.40 -20.96 -21.32
C GLY A 35 -3.14 -20.54 -20.57
N PRO A 36 -2.23 -19.87 -21.30
CA PRO A 36 -0.96 -19.40 -20.72
C PRO A 36 -1.16 -18.27 -19.72
N GLY A 37 -2.00 -17.30 -20.09
CA GLY A 37 -2.26 -16.17 -19.24
C GLY A 37 -1.58 -14.91 -19.69
N GLY A 38 -1.69 -13.84 -18.92
CA GLY A 38 -1.06 -12.58 -19.27
C GLY A 38 -2.08 -11.53 -19.71
N THR A 39 -2.99 -11.19 -18.81
CA THR A 39 -4.01 -10.20 -19.11
C THR A 39 -3.68 -8.85 -18.48
N ALA A 40 -3.24 -8.87 -17.23
CA ALA A 40 -2.89 -7.65 -16.51
C ALA A 40 -4.10 -6.73 -16.37
N GLN A 41 -5.25 -7.31 -16.03
CA GLN A 41 -6.47 -6.55 -15.86
C GLN A 41 -6.56 -5.96 -14.45
N TRP A 42 -6.64 -4.64 -14.38
CA TRP A 42 -6.73 -3.95 -13.09
C TRP A 42 -8.13 -4.08 -12.49
N GLN A 43 -8.24 -3.88 -11.18
CA GLN A 43 -9.51 -3.97 -10.50
C GLN A 43 -9.76 -2.73 -9.64
N LYS A 44 -10.94 -2.14 -9.79
CA LYS A 44 -11.30 -0.96 -9.03
C LYS A 44 -11.33 -1.25 -7.54
N CYS A 45 -10.67 -0.41 -6.75
CA CYS A 45 -10.62 -0.58 -5.30
C CYS A 45 -10.34 0.74 -4.60
N ARG A 46 -10.36 0.72 -3.27
CA ARG A 46 -10.11 1.92 -2.49
C ARG A 46 -9.08 1.65 -1.40
N LEU A 47 -7.92 2.30 -1.52
CA LEU A 47 -6.84 2.14 -0.55
C LEU A 47 -7.05 3.05 0.66
N LEU A 48 -7.23 2.46 1.83
CA LEU A 48 -7.43 3.23 3.05
C LEU A 48 -6.39 2.84 4.10
N LEU A 49 -5.54 3.81 4.47
CA LEU A 49 -4.51 3.57 5.47
C LEU A 49 -4.92 4.14 6.82
N ARG A 50 -5.45 3.28 7.68
CA ARG A 50 -5.88 3.69 9.01
C ARG A 50 -4.99 3.09 10.09
N ARG A 51 -5.01 3.69 11.27
CA ARG A 51 -4.19 3.21 12.38
C ARG A 51 -4.97 2.19 13.22
N ALA A 52 -4.30 1.09 13.58
CA ALA A 52 -4.91 0.04 14.38
C ALA A 52 -4.56 0.18 15.85
N VAL A 53 -5.44 -0.28 16.71
CA VAL A 53 -5.21 -0.22 18.16
C VAL A 53 -5.49 -1.55 18.82
N ALA A 54 -4.83 -1.80 19.95
CA ALA A 54 -5.01 -3.04 20.69
C ALA A 54 -4.49 -4.24 19.88
N GLY A 55 -3.32 -4.06 19.27
CA GLY A 55 -2.73 -5.13 18.48
C GLY A 55 -1.67 -4.63 17.52
N GLU A 56 -2.06 -4.47 16.25
CA GLU A 56 -1.12 -4.00 15.23
C GLU A 56 -1.12 -2.48 15.17
N ARG A 57 0.00 -1.91 14.72
CA ARG A 57 0.13 -0.47 14.62
C ARG A 57 -0.71 0.08 13.47
N PHE A 58 -0.45 -0.42 12.26
CA PHE A 58 -1.18 0.01 11.08
C PHE A 58 -1.73 -1.19 10.30
N ARG A 59 -2.64 -0.93 9.37
CA ARG A 59 -3.24 -1.98 8.57
C ARG A 59 -3.81 -1.42 7.27
N LEU A 60 -3.44 -2.04 6.15
CA LEU A 60 -3.92 -1.61 4.84
C LEU A 60 -5.16 -2.38 4.43
N GLU A 61 -6.07 -1.69 3.72
CA GLU A 61 -7.31 -2.31 3.27
C GLU A 61 -7.51 -2.08 1.78
N PHE A 62 -8.03 -3.09 1.09
CA PHE A 62 -8.28 -2.99 -0.34
C PHE A 62 -9.74 -3.27 -0.66
N PHE A 63 -10.60 -2.27 -0.43
CA PHE A 63 -12.03 -2.42 -0.69
C PHE A 63 -12.29 -2.69 -2.17
N VAL A 64 -12.78 -3.89 -2.47
CA VAL A 64 -13.08 -4.27 -3.85
C VAL A 64 -14.45 -4.90 -3.95
N PRO A 65 -15.41 -4.15 -4.49
CA PRO A 65 -15.18 -2.78 -4.96
C PRO A 65 -14.93 -1.81 -3.80
N PRO A 66 -14.49 -0.59 -4.14
CA PRO A 66 -14.21 0.45 -3.15
C PRO A 66 -15.48 0.98 -2.47
N LYS A 67 -16.62 0.43 -2.86
CA LYS A 67 -17.89 0.83 -2.30
C LYS A 67 -18.32 -0.10 -1.16
N ALA A 68 -17.79 -1.32 -1.18
CA ALA A 68 -18.11 -2.30 -0.15
C ALA A 68 -17.74 -1.78 1.23
N SER A 69 -18.53 -2.15 2.23
CA SER A 69 -18.29 -1.71 3.61
C SER A 69 -17.06 -2.42 4.19
N ARG A 70 -16.83 -3.65 3.75
CA ARG A 70 -15.70 -4.44 4.23
C ARG A 70 -14.68 -4.67 3.12
N PRO A 71 -13.40 -4.63 3.47
CA PRO A 71 -12.30 -4.82 2.52
C PRO A 71 -12.23 -6.28 2.02
N LYS A 72 -11.76 -6.45 0.79
CA LYS A 72 -11.63 -7.77 0.20
C LYS A 72 -10.26 -8.37 0.49
N VAL A 73 -9.24 -7.52 0.49
CA VAL A 73 -7.88 -7.97 0.75
C VAL A 73 -7.22 -7.12 1.84
N SER A 74 -7.83 -7.12 3.03
CA SER A 74 -7.31 -6.35 4.15
C SER A 74 -5.97 -6.91 4.61
N ILE A 75 -4.89 -6.25 4.20
CA ILE A 75 -3.55 -6.68 4.57
C ILE A 75 -2.97 -5.78 5.66
N PRO A 76 -2.45 -6.40 6.72
CA PRO A 76 -1.85 -5.68 7.85
C PRO A 76 -0.53 -5.00 7.47
N LEU A 77 -0.23 -3.88 8.14
CA LEU A 77 1.00 -3.15 7.86
C LEU A 77 2.22 -3.92 8.36
N SER A 78 1.97 -5.03 9.06
CA SER A 78 3.04 -5.85 9.60
C SER A 78 3.46 -6.91 8.58
N ALA A 79 2.55 -7.25 7.68
CA ALA A 79 2.82 -8.26 6.65
C ALA A 79 3.82 -7.74 5.63
N ILE A 80 3.70 -6.45 5.29
CA ILE A 80 4.59 -5.83 4.32
C ILE A 80 6.04 -5.94 4.76
N ILE A 81 6.92 -6.28 3.83
CA ILE A 81 8.34 -6.41 4.14
C ILE A 81 9.17 -5.52 3.22
N GLU A 82 8.71 -5.35 1.98
CA GLU A 82 9.41 -4.53 1.00
C GLU A 82 8.45 -4.02 -0.07
N VAL A 83 8.53 -2.72 -0.36
CA VAL A 83 7.67 -2.10 -1.36
C VAL A 83 8.49 -1.63 -2.55
N ARG A 84 8.53 -2.45 -3.60
CA ARG A 84 9.28 -2.11 -4.81
C ARG A 84 8.58 -0.99 -5.58
N THR A 85 9.38 -0.07 -6.13
CA THR A 85 8.84 1.05 -6.89
C THR A 85 9.22 0.94 -8.36
N THR A 86 10.19 0.09 -8.66
CA THR A 86 10.65 -0.10 -10.03
C THR A 86 9.84 -1.19 -10.73
N MET A 87 10.00 -1.29 -12.04
CA MET A 87 9.30 -2.30 -12.83
C MET A 87 10.25 -3.01 -13.78
N PRO A 88 9.79 -4.15 -14.34
CA PRO A 88 10.58 -4.95 -15.27
C PRO A 88 10.79 -4.25 -16.61
N LEU A 89 11.19 -5.01 -17.62
CA LEU A 89 11.43 -4.46 -18.95
C LEU A 89 10.10 -4.24 -19.69
N GLU A 90 8.99 -4.38 -18.96
CA GLU A 90 7.67 -4.20 -19.54
C GLU A 90 6.95 -3.02 -18.89
N MET A 91 7.71 -1.96 -18.63
CA MET A 91 7.14 -0.76 -18.00
C MET A 91 7.96 0.48 -18.36
N PRO A 92 7.26 1.58 -18.68
CA PRO A 92 7.90 2.84 -19.04
C PRO A 92 8.59 3.50 -17.85
N GLU A 93 8.56 2.84 -16.70
CA GLU A 93 9.17 3.36 -15.50
C GLU A 93 8.47 4.64 -15.05
N LYS A 94 7.16 4.56 -14.87
CA LYS A 94 6.38 5.71 -14.43
C LYS A 94 6.31 5.79 -12.91
N ASP A 95 6.27 7.01 -12.39
CA ASP A 95 6.21 7.21 -10.94
C ASP A 95 4.75 7.27 -10.47
N ASN A 96 3.92 6.39 -11.01
CA ASN A 96 2.51 6.35 -10.66
C ASN A 96 2.09 4.92 -10.29
N THR A 97 3.07 4.08 -10.00
CA THR A 97 2.81 2.69 -9.63
C THR A 97 3.80 2.19 -8.59
N PHE A 98 3.45 1.11 -7.91
CA PHE A 98 4.32 0.53 -6.89
C PHE A 98 3.87 -0.88 -6.54
N VAL A 99 4.84 -1.76 -6.27
CA VAL A 99 4.55 -3.14 -5.92
C VAL A 99 4.66 -3.35 -4.42
N LEU A 100 3.66 -4.00 -3.84
CA LEU A 100 3.66 -4.28 -2.40
C LEU A 100 3.94 -5.76 -2.13
N LYS A 101 5.15 -6.04 -1.65
CA LYS A 101 5.55 -7.40 -1.34
C LYS A 101 5.34 -7.72 0.13
N VAL A 102 4.35 -8.56 0.42
CA VAL A 102 4.04 -8.94 1.79
C VAL A 102 4.88 -10.14 2.23
N GLU A 103 4.74 -10.51 3.49
CA GLU A 103 5.49 -11.64 4.04
C GLU A 103 5.03 -12.96 3.42
N ASN A 104 3.83 -12.94 2.83
CA ASN A 104 3.27 -14.13 2.20
C ASN A 104 3.65 -14.18 0.72
N GLY A 105 4.80 -13.63 0.39
CA GLY A 105 5.25 -13.62 -0.99
C GLY A 105 4.14 -13.27 -1.96
N ALA A 106 3.56 -12.10 -1.79
CA ALA A 106 2.47 -11.64 -2.66
C ALA A 106 2.66 -10.18 -3.04
N GLU A 107 2.73 -9.93 -4.34
CA GLU A 107 2.91 -8.56 -4.84
C GLU A 107 1.56 -7.94 -5.22
N TYR A 108 1.42 -6.65 -4.93
CA TYR A 108 0.17 -5.94 -5.23
C TYR A 108 0.47 -4.65 -6.00
N ILE A 109 0.32 -4.70 -7.31
CA ILE A 109 0.56 -3.55 -8.16
C ILE A 109 -0.62 -2.57 -8.11
N LEU A 110 -0.39 -1.41 -7.52
CA LEU A 110 -1.43 -0.40 -7.41
C LEU A 110 -1.09 0.83 -8.24
N GLU A 111 -2.10 1.44 -8.86
CA GLU A 111 -1.90 2.62 -9.68
C GLU A 111 -2.71 3.80 -9.14
N THR A 112 -2.09 4.97 -9.11
CA THR A 112 -2.74 6.17 -8.62
C THR A 112 -3.02 7.15 -9.75
N ILE A 113 -3.70 8.24 -9.43
CA ILE A 113 -4.03 9.26 -10.42
C ILE A 113 -2.77 9.78 -11.11
N ASP A 114 -1.97 10.54 -10.36
CA ASP A 114 -0.74 11.10 -10.89
C ASP A 114 0.45 10.74 -10.00
N SER A 115 1.65 11.08 -10.46
CA SER A 115 2.86 10.80 -9.70
C SER A 115 2.79 11.41 -8.31
N LEU A 116 2.05 12.51 -8.19
CA LEU A 116 1.90 13.20 -6.92
C LEU A 116 1.22 12.29 -5.89
N GLN A 117 0.19 11.58 -6.33
CA GLN A 117 -0.56 10.68 -5.46
C GLN A 117 0.27 9.44 -5.13
N LYS A 118 0.95 8.90 -6.14
CA LYS A 118 1.77 7.71 -5.97
C LYS A 118 2.85 7.94 -4.91
N HIS A 119 3.79 8.84 -5.22
CA HIS A 119 4.87 9.16 -4.30
C HIS A 119 4.34 9.35 -2.88
N SER A 120 3.12 9.88 -2.78
CA SER A 120 2.50 10.12 -1.48
C SER A 120 2.24 8.81 -0.75
N TRP A 121 1.57 7.88 -1.44
CA TRP A 121 1.25 6.58 -0.86
C TRP A 121 2.52 5.87 -0.40
N VAL A 122 3.45 5.65 -1.33
CA VAL A 122 4.69 4.98 -1.02
C VAL A 122 5.30 5.50 0.28
N ALA A 123 5.18 6.81 0.49
CA ALA A 123 5.71 7.45 1.70
C ALA A 123 4.86 7.09 2.92
N ASP A 124 3.55 7.16 2.76
CA ASP A 124 2.63 6.86 3.84
C ASP A 124 2.84 5.42 4.34
N ILE A 125 3.09 4.52 3.41
CA ILE A 125 3.30 3.11 3.75
C ILE A 125 4.71 2.88 4.27
N GLN A 126 5.71 3.30 3.49
CA GLN A 126 7.11 3.14 3.87
C GLN A 126 7.38 3.83 5.20
N GLY A 127 6.70 4.94 5.44
CA GLY A 127 6.88 5.68 6.67
C GLY A 127 6.36 4.93 7.88
N CYS A 128 5.39 4.04 7.65
CA CYS A 128 4.80 3.27 8.73
C CYS A 128 5.48 1.91 8.86
N VAL A 129 5.54 1.17 7.75
CA VAL A 129 6.17 -0.14 7.74
C VAL A 129 7.41 -0.17 8.62
N ASP A 130 8.16 0.93 8.62
CA ASP A 130 9.36 1.04 9.42
C ASP A 130 9.43 2.38 10.14
N SER A 131 10.56 2.66 10.78
CA SER A 131 10.74 3.90 11.52
C SER A 131 11.84 4.75 10.88
N GLY A 132 12.96 4.11 10.58
CA GLY A 132 14.08 4.83 9.97
C GLY A 132 14.48 6.06 10.76
N PRO A 133 14.17 7.24 10.21
CA PRO A 133 14.49 8.52 10.86
C PRO A 133 13.66 8.77 12.11
N SER A 134 14.15 9.63 12.99
CA SER A 134 13.45 9.94 14.23
C SER A 134 13.72 11.39 14.64
N SER A 135 12.69 12.06 15.15
CA SER A 135 12.80 13.44 15.59
C SER A 135 12.98 13.52 17.09
N GLY A 136 14.23 13.54 17.54
CA GLY A 136 14.51 13.62 18.95
C GLY A 136 15.90 14.18 19.24
N GLY A 1 12.36 -12.99 20.91
CA GLY A 1 13.33 -11.97 21.24
C GLY A 1 13.40 -10.87 20.20
N SER A 2 12.65 -9.80 20.42
CA SER A 2 12.62 -8.67 19.49
C SER A 2 12.67 -7.35 20.25
N SER A 3 13.53 -6.44 19.77
CA SER A 3 13.67 -5.13 20.39
C SER A 3 14.51 -4.20 19.51
N GLY A 4 14.47 -2.91 19.83
CA GLY A 4 15.21 -1.94 19.06
C GLY A 4 14.37 -0.76 18.62
N SER A 5 13.62 -0.19 19.56
CA SER A 5 12.75 0.95 19.26
C SER A 5 12.89 2.02 20.33
N SER A 6 12.75 3.28 19.91
CA SER A 6 12.85 4.40 20.83
C SER A 6 12.07 5.61 20.30
N GLY A 7 11.69 6.50 21.21
CA GLY A 7 10.94 7.68 20.83
C GLY A 7 10.48 8.49 22.02
N ASN A 8 9.62 9.48 21.77
CA ASN A 8 9.10 10.33 22.83
C ASN A 8 7.59 10.49 22.71
N LEU A 9 6.87 10.08 23.75
CA LEU A 9 5.41 10.18 23.77
C LEU A 9 4.97 11.62 23.55
N ALA A 10 3.99 11.80 22.66
CA ALA A 10 3.46 13.13 22.37
C ALA A 10 2.22 13.43 23.20
N ALA A 11 2.45 14.02 24.37
CA ALA A 11 1.35 14.36 25.27
C ALA A 11 0.11 14.77 24.48
N LYS A 12 0.29 15.67 23.52
CA LYS A 12 -0.82 16.14 22.70
C LYS A 12 -0.73 15.58 21.28
N VAL A 13 -1.73 15.87 20.46
CA VAL A 13 -1.76 15.40 19.08
C VAL A 13 -2.21 16.49 18.13
N GLU A 14 -1.49 16.64 17.02
CA GLU A 14 -1.82 17.66 16.03
C GLU A 14 -1.95 17.05 14.64
N LEU A 15 -2.59 15.88 14.58
CA LEU A 15 -2.77 15.18 13.31
C LEU A 15 -3.90 14.15 13.42
N VAL A 16 -4.28 13.57 12.28
CA VAL A 16 -5.34 12.57 12.25
C VAL A 16 -4.78 11.19 11.94
N ASP A 17 -5.29 10.18 12.64
CA ASP A 17 -4.85 8.81 12.44
C ASP A 17 -4.68 8.50 10.96
N ILE A 18 -5.77 8.61 10.21
CA ILE A 18 -5.75 8.35 8.77
C ILE A 18 -4.63 9.14 8.09
N GLN A 19 -3.65 8.43 7.55
CA GLN A 19 -2.53 9.07 6.87
C GLN A 19 -2.94 9.54 5.47
N ARG A 20 -3.63 8.67 4.75
CA ARG A 20 -4.08 8.99 3.39
C ARG A 20 -5.15 8.00 2.94
N GLU A 21 -5.95 8.42 1.96
CA GLU A 21 -7.01 7.57 1.43
C GLU A 21 -7.35 7.96 -0.01
N GLY A 22 -7.57 6.96 -0.85
CA GLY A 22 -7.90 7.22 -2.24
C GLY A 22 -8.55 6.03 -2.91
N ALA A 23 -8.92 6.19 -4.18
CA ALA A 23 -9.55 5.12 -4.94
C ALA A 23 -8.78 4.81 -6.21
N LEU A 24 -8.05 3.70 -6.21
CA LEU A 24 -7.26 3.28 -7.36
C LEU A 24 -7.44 1.79 -7.64
N ARG A 25 -6.87 1.34 -8.75
CA ARG A 25 -6.95 -0.07 -9.13
C ARG A 25 -5.77 -0.85 -8.58
N PHE A 26 -6.01 -2.12 -8.23
CA PHE A 26 -4.97 -2.97 -7.69
C PHE A 26 -4.97 -4.33 -8.38
N MET A 27 -3.79 -4.94 -8.48
CA MET A 27 -3.66 -6.25 -9.12
C MET A 27 -2.58 -7.08 -8.44
N VAL A 28 -2.58 -8.38 -8.71
CA VAL A 28 -1.60 -9.28 -8.12
C VAL A 28 -0.84 -10.05 -9.20
N ALA A 29 0.50 -10.00 -9.12
CA ALA A 29 1.35 -10.68 -10.10
C ALA A 29 1.25 -12.19 -9.93
N ASP A 30 0.48 -12.82 -10.81
CA ASP A 30 0.31 -14.27 -10.78
C ASP A 30 0.16 -14.84 -12.19
N ASP A 31 0.58 -16.09 -12.36
CA ASP A 31 0.49 -16.75 -13.66
C ASP A 31 -0.57 -17.84 -13.64
N ALA A 32 -1.74 -17.53 -14.19
CA ALA A 32 -2.85 -18.50 -14.24
C ALA A 32 -3.77 -18.21 -15.42
N ALA A 33 -4.36 -19.27 -15.97
CA ALA A 33 -5.26 -19.13 -17.10
C ALA A 33 -6.70 -18.93 -16.63
N SER A 34 -7.10 -17.67 -16.51
CA SER A 34 -8.46 -17.34 -16.07
C SER A 34 -9.42 -17.28 -17.26
N GLY A 35 -9.08 -16.44 -18.23
CA GLY A 35 -9.93 -16.31 -19.41
C GLY A 35 -10.26 -14.86 -19.73
N PRO A 36 -11.29 -14.65 -20.56
CA PRO A 36 -11.71 -13.29 -20.95
C PRO A 36 -12.35 -12.53 -19.81
N GLY A 37 -12.49 -11.22 -19.99
CA GLY A 37 -13.08 -10.38 -18.96
C GLY A 37 -12.89 -8.91 -19.23
N GLY A 38 -12.84 -8.12 -18.16
CA GLY A 38 -12.65 -6.69 -18.29
C GLY A 38 -11.54 -6.34 -19.25
N THR A 39 -11.49 -5.08 -19.69
CA THR A 39 -10.47 -4.62 -20.62
C THR A 39 -9.07 -4.79 -20.02
N ALA A 40 -8.87 -4.23 -18.83
CA ALA A 40 -7.58 -4.33 -18.17
C ALA A 40 -7.71 -5.03 -16.81
N GLN A 41 -6.88 -6.05 -16.60
CA GLN A 41 -6.90 -6.81 -15.36
C GLN A 41 -7.17 -5.90 -14.18
N TRP A 42 -6.62 -4.69 -14.22
CA TRP A 42 -6.80 -3.72 -13.15
C TRP A 42 -8.19 -3.85 -12.53
N GLN A 43 -8.24 -3.87 -11.20
CA GLN A 43 -9.51 -3.99 -10.49
C GLN A 43 -9.75 -2.76 -9.60
N LYS A 44 -10.90 -2.14 -9.77
CA LYS A 44 -11.26 -0.96 -8.98
C LYS A 44 -11.32 -1.30 -7.50
N CYS A 45 -10.66 -0.49 -6.67
CA CYS A 45 -10.65 -0.70 -5.23
C CYS A 45 -10.31 0.59 -4.50
N ARG A 46 -10.42 0.56 -3.17
CA ARG A 46 -10.13 1.73 -2.35
C ARG A 46 -8.99 1.44 -1.39
N LEU A 47 -8.09 2.41 -1.23
CA LEU A 47 -6.95 2.25 -0.32
C LEU A 47 -7.12 3.11 0.92
N LEU A 48 -7.29 2.45 2.07
CA LEU A 48 -7.48 3.15 3.33
C LEU A 48 -6.32 2.84 4.29
N LEU A 49 -5.70 3.90 4.80
CA LEU A 49 -4.58 3.74 5.72
C LEU A 49 -4.91 4.35 7.08
N ARG A 50 -5.14 3.49 8.07
CA ARG A 50 -5.47 3.94 9.41
C ARG A 50 -4.63 3.19 10.45
N ARG A 51 -4.54 3.77 11.64
CA ARG A 51 -3.77 3.17 12.73
C ARG A 51 -4.43 1.88 13.21
N ALA A 52 -3.62 0.87 13.49
CA ALA A 52 -4.13 -0.42 13.96
C ALA A 52 -4.40 -0.38 15.46
N VAL A 53 -5.12 -1.38 15.95
CA VAL A 53 -5.45 -1.46 17.36
C VAL A 53 -4.25 -1.92 18.18
N ALA A 54 -4.27 -1.64 19.48
CA ALA A 54 -3.19 -2.03 20.37
C ALA A 54 -2.60 -3.38 19.96
N GLY A 55 -1.35 -3.36 19.51
CA GLY A 55 -0.69 -4.58 19.09
C GLY A 55 0.13 -4.40 17.83
N GLU A 56 -0.44 -3.70 16.86
CA GLU A 56 0.25 -3.45 15.59
C GLU A 56 0.37 -1.96 15.32
N ARG A 57 1.14 -1.61 14.29
CA ARG A 57 1.35 -0.21 13.93
C ARG A 57 0.22 0.29 13.03
N PHE A 58 0.15 -0.24 11.81
CA PHE A 58 -0.88 0.16 10.87
C PHE A 58 -1.48 -1.06 10.17
N ARG A 59 -2.45 -0.81 9.30
CA ARG A 59 -3.10 -1.89 8.57
C ARG A 59 -3.76 -1.37 7.29
N LEU A 60 -3.36 -1.94 6.16
CA LEU A 60 -3.91 -1.51 4.87
C LEU A 60 -5.15 -2.33 4.50
N GLU A 61 -6.09 -1.71 3.81
CA GLU A 61 -7.30 -2.39 3.39
C GLU A 61 -7.67 -2.05 1.95
N PHE A 62 -8.01 -3.07 1.18
CA PHE A 62 -8.37 -2.88 -0.23
C PHE A 62 -9.84 -3.18 -0.45
N PHE A 63 -10.66 -2.15 -0.49
CA PHE A 63 -12.10 -2.31 -0.70
C PHE A 63 -12.40 -2.58 -2.16
N VAL A 64 -12.66 -3.85 -2.48
CA VAL A 64 -12.96 -4.25 -3.85
C VAL A 64 -14.33 -4.94 -3.93
N PRO A 65 -15.32 -4.22 -4.48
CA PRO A 65 -15.13 -2.86 -4.98
C PRO A 65 -14.90 -1.85 -3.85
N PRO A 66 -14.52 -0.62 -4.22
CA PRO A 66 -14.26 0.45 -3.26
C PRO A 66 -15.53 0.94 -2.59
N LYS A 67 -16.65 0.28 -2.88
CA LYS A 67 -17.93 0.65 -2.29
C LYS A 67 -18.39 -0.40 -1.29
N ALA A 68 -17.76 -1.58 -1.34
CA ALA A 68 -18.12 -2.67 -0.42
C ALA A 68 -18.01 -2.21 1.03
N SER A 69 -18.84 -2.81 1.88
CA SER A 69 -18.84 -2.47 3.30
C SER A 69 -17.56 -2.93 3.97
N ARG A 70 -17.02 -4.05 3.50
CA ARG A 70 -15.78 -4.59 4.06
C ARG A 70 -14.73 -4.78 2.97
N PRO A 71 -13.45 -4.71 3.37
CA PRO A 71 -12.33 -4.87 2.43
C PRO A 71 -12.19 -6.30 1.92
N LYS A 72 -11.85 -6.44 0.65
CA LYS A 72 -11.69 -7.76 0.05
C LYS A 72 -10.29 -8.30 0.29
N VAL A 73 -9.29 -7.46 0.10
CA VAL A 73 -7.90 -7.85 0.30
C VAL A 73 -7.24 -7.03 1.40
N SER A 74 -7.76 -7.17 2.62
CA SER A 74 -7.22 -6.43 3.76
C SER A 74 -5.90 -7.03 4.22
N ILE A 75 -4.83 -6.26 4.07
CA ILE A 75 -3.50 -6.70 4.47
C ILE A 75 -2.89 -5.77 5.50
N PRO A 76 -2.31 -6.34 6.57
CA PRO A 76 -1.67 -5.58 7.63
C PRO A 76 -0.39 -4.89 7.18
N LEU A 77 -0.08 -3.76 7.81
CA LEU A 77 1.12 -3.00 7.47
C LEU A 77 2.38 -3.77 7.85
N SER A 78 2.30 -4.50 8.95
CA SER A 78 3.44 -5.29 9.43
C SER A 78 3.82 -6.36 8.42
N ALA A 79 2.83 -6.87 7.71
CA ALA A 79 3.06 -7.91 6.71
C ALA A 79 4.00 -7.41 5.61
N ILE A 80 3.79 -6.17 5.17
CA ILE A 80 4.62 -5.57 4.13
C ILE A 80 6.09 -5.55 4.55
N ILE A 81 6.94 -6.12 3.72
CA ILE A 81 8.38 -6.15 4.00
C ILE A 81 9.17 -5.36 2.96
N GLU A 82 8.69 -5.40 1.72
CA GLU A 82 9.35 -4.68 0.63
C GLU A 82 8.32 -4.07 -0.32
N VAL A 83 8.47 -2.78 -0.59
CA VAL A 83 7.55 -2.07 -1.49
C VAL A 83 8.32 -1.41 -2.63
N ARG A 84 8.12 -1.91 -3.84
CA ARG A 84 8.78 -1.36 -5.02
C ARG A 84 7.93 -0.27 -5.66
N THR A 85 8.56 0.52 -6.52
CA THR A 85 7.86 1.60 -7.21
C THR A 85 8.04 1.51 -8.72
N THR A 86 8.61 0.40 -9.18
CA THR A 86 8.85 0.19 -10.60
C THR A 86 8.57 -1.26 -10.99
N MET A 87 7.51 -1.47 -11.75
CA MET A 87 7.14 -2.81 -12.21
C MET A 87 7.62 -3.06 -13.63
N PRO A 88 7.89 -4.33 -13.96
CA PRO A 88 8.35 -4.72 -15.28
C PRO A 88 7.27 -4.60 -16.34
N LEU A 89 6.02 -4.44 -15.90
CA LEU A 89 4.89 -4.29 -16.80
C LEU A 89 5.24 -3.39 -17.98
N GLU A 90 4.41 -3.42 -19.01
CA GLU A 90 4.63 -2.60 -20.19
C GLU A 90 4.34 -1.13 -19.91
N MET A 91 4.13 -0.81 -18.64
CA MET A 91 3.84 0.55 -18.23
C MET A 91 4.46 1.55 -19.20
N PRO A 92 3.68 2.58 -19.57
CA PRO A 92 4.15 3.61 -20.50
C PRO A 92 5.19 4.53 -19.88
N GLU A 93 5.68 4.13 -18.71
CA GLU A 93 6.70 4.92 -18.00
C GLU A 93 6.08 6.17 -17.37
N LYS A 94 5.06 5.96 -16.55
CA LYS A 94 4.38 7.06 -15.89
C LYS A 94 4.97 7.31 -14.50
N ASP A 95 5.28 6.22 -13.80
CA ASP A 95 5.86 6.31 -12.46
C ASP A 95 4.79 6.69 -11.44
N ASN A 96 3.68 5.97 -11.47
CA ASN A 96 2.58 6.24 -10.54
C ASN A 96 2.04 4.94 -9.95
N THR A 97 2.91 3.94 -9.85
CA THR A 97 2.53 2.65 -9.30
C THR A 97 3.53 2.18 -8.24
N PHE A 98 3.15 1.14 -7.51
CA PHE A 98 4.02 0.59 -6.47
C PHE A 98 3.60 -0.83 -6.09
N VAL A 99 4.57 -1.72 -5.98
CA VAL A 99 4.30 -3.11 -5.62
C VAL A 99 4.31 -3.30 -4.11
N LEU A 100 3.56 -4.28 -3.64
CA LEU A 100 3.47 -4.58 -2.22
C LEU A 100 3.77 -6.05 -1.94
N LYS A 101 5.02 -6.35 -1.58
CA LYS A 101 5.42 -7.72 -1.30
C LYS A 101 5.23 -8.04 0.18
N VAL A 102 4.14 -8.74 0.50
CA VAL A 102 3.84 -9.11 1.87
C VAL A 102 4.70 -10.29 2.32
N GLU A 103 4.83 -10.45 3.64
CA GLU A 103 5.63 -11.53 4.19
C GLU A 103 5.27 -12.87 3.53
N ASN A 104 3.98 -13.07 3.31
CA ASN A 104 3.50 -14.31 2.69
C ASN A 104 4.12 -14.49 1.31
N GLY A 105 4.46 -13.39 0.66
CA GLY A 105 5.06 -13.44 -0.66
C GLY A 105 4.07 -13.14 -1.77
N ALA A 106 3.36 -12.02 -1.63
CA ALA A 106 2.38 -11.62 -2.62
C ALA A 106 2.57 -10.16 -3.02
N GLU A 107 2.75 -9.92 -4.32
CA GLU A 107 2.95 -8.58 -4.83
C GLU A 107 1.63 -7.97 -5.30
N TYR A 108 1.35 -6.75 -4.87
CA TYR A 108 0.12 -6.07 -5.25
C TYR A 108 0.43 -4.76 -5.98
N ILE A 109 0.36 -4.81 -7.30
CA ILE A 109 0.63 -3.63 -8.12
C ILE A 109 -0.56 -2.68 -8.11
N LEU A 110 -0.35 -1.48 -7.57
CA LEU A 110 -1.41 -0.48 -7.51
C LEU A 110 -1.08 0.70 -8.42
N GLU A 111 -2.11 1.22 -9.09
CA GLU A 111 -1.94 2.35 -9.99
C GLU A 111 -2.63 3.60 -9.43
N THR A 112 -1.82 4.59 -9.06
CA THR A 112 -2.34 5.83 -8.51
C THR A 112 -2.72 6.81 -9.63
N ILE A 113 -3.35 7.91 -9.24
CA ILE A 113 -3.77 8.92 -10.21
C ILE A 113 -2.59 9.40 -11.06
N ASP A 114 -1.55 9.88 -10.39
CA ASP A 114 -0.35 10.36 -11.07
C ASP A 114 0.90 10.09 -10.25
N SER A 115 2.06 10.30 -10.86
CA SER A 115 3.33 10.07 -10.18
C SER A 115 3.37 10.82 -8.84
N LEU A 116 2.55 11.86 -8.72
CA LEU A 116 2.48 12.64 -7.50
C LEU A 116 1.79 11.87 -6.38
N GLN A 117 0.60 11.36 -6.67
CA GLN A 117 -0.16 10.59 -5.70
C GLN A 117 0.59 9.34 -5.28
N LYS A 118 1.35 8.77 -6.21
CA LYS A 118 2.13 7.57 -5.94
C LYS A 118 3.12 7.81 -4.81
N HIS A 119 4.09 8.67 -5.05
CA HIS A 119 5.10 8.99 -4.05
C HIS A 119 4.47 9.23 -2.68
N SER A 120 3.34 9.94 -2.68
CA SER A 120 2.63 10.25 -1.45
C SER A 120 2.29 8.98 -0.69
N TRP A 121 1.63 8.05 -1.38
CA TRP A 121 1.25 6.78 -0.77
C TRP A 121 2.46 6.03 -0.25
N VAL A 122 3.36 5.65 -1.16
CA VAL A 122 4.57 4.93 -0.79
C VAL A 122 5.13 5.43 0.53
N ALA A 123 5.05 6.75 0.74
CA ALA A 123 5.55 7.35 1.97
C ALA A 123 4.68 6.97 3.16
N ASP A 124 3.38 6.97 2.96
CA ASP A 124 2.43 6.61 4.01
C ASP A 124 2.67 5.20 4.52
N ILE A 125 3.00 4.30 3.59
CA ILE A 125 3.26 2.90 3.94
C ILE A 125 4.67 2.72 4.47
N GLN A 126 5.65 3.20 3.71
CA GLN A 126 7.05 3.09 4.11
C GLN A 126 7.29 3.78 5.45
N GLY A 127 6.61 4.90 5.66
CA GLY A 127 6.76 5.63 6.90
C GLY A 127 6.22 4.87 8.09
N CYS A 128 5.31 3.95 7.85
CA CYS A 128 4.71 3.15 8.91
C CYS A 128 5.45 1.82 9.06
N VAL A 129 5.50 1.04 7.98
CA VAL A 129 6.16 -0.25 7.99
C VAL A 129 7.40 -0.22 8.89
N ASP A 130 8.06 0.93 8.94
CA ASP A 130 9.25 1.09 9.77
C ASP A 130 9.70 2.55 9.81
N SER A 131 9.95 3.04 11.02
CA SER A 131 10.38 4.42 11.20
C SER A 131 11.18 4.91 9.99
N GLY A 132 10.51 5.62 9.09
CA GLY A 132 11.18 6.12 7.91
C GLY A 132 11.04 7.62 7.75
N PRO A 133 11.75 8.20 6.78
CA PRO A 133 11.71 9.64 6.51
C PRO A 133 10.36 10.08 5.93
N SER A 134 9.41 10.37 6.81
CA SER A 134 8.08 10.80 6.38
C SER A 134 7.24 11.21 7.58
N SER A 135 6.93 12.50 7.68
CA SER A 135 6.13 13.02 8.78
C SER A 135 5.26 14.18 8.32
N GLY A 136 4.16 14.41 9.03
CA GLY A 136 3.26 15.48 8.68
C GLY A 136 3.58 16.77 9.41
N GLY A 1 8.45 -16.22 19.06
CA GLY A 1 8.02 -16.22 20.45
C GLY A 1 8.85 -15.27 21.30
N SER A 2 8.52 -13.98 21.23
CA SER A 2 9.24 -12.97 21.99
C SER A 2 8.27 -12.00 22.65
N SER A 3 8.53 -11.68 23.92
CA SER A 3 7.67 -10.77 24.66
C SER A 3 7.96 -9.33 24.29
N GLY A 4 9.25 -8.96 24.28
CA GLY A 4 9.64 -7.61 23.93
C GLY A 4 11.08 -7.53 23.47
N SER A 5 11.26 -7.35 22.16
CA SER A 5 12.60 -7.25 21.59
C SER A 5 12.88 -5.84 21.09
N SER A 6 11.91 -5.26 20.39
CA SER A 6 12.05 -3.91 19.85
C SER A 6 12.47 -2.93 20.94
N GLY A 7 11.80 -3.02 22.09
CA GLY A 7 12.12 -2.13 23.20
C GLY A 7 11.67 -0.70 22.95
N ASN A 8 11.64 0.10 24.00
CA ASN A 8 11.21 1.49 23.89
C ASN A 8 9.80 1.59 23.32
N LEU A 9 8.91 0.75 23.81
CA LEU A 9 7.52 0.75 23.34
C LEU A 9 6.78 1.97 23.85
N ALA A 10 7.10 3.13 23.31
CA ALA A 10 6.45 4.37 23.70
C ALA A 10 6.71 5.48 22.68
N ALA A 11 5.66 5.88 21.96
CA ALA A 11 5.76 6.91 20.96
C ALA A 11 4.83 8.08 21.27
N LYS A 12 5.34 9.30 21.10
CA LYS A 12 4.56 10.51 21.37
C LYS A 12 4.21 11.22 20.07
N VAL A 13 3.80 10.45 19.06
CA VAL A 13 3.43 11.01 17.77
C VAL A 13 1.96 11.38 17.74
N GLU A 14 1.68 12.68 17.69
CA GLU A 14 0.30 13.16 17.65
C GLU A 14 -0.09 13.59 16.25
N LEU A 15 -0.82 12.72 15.56
CA LEU A 15 -1.27 13.00 14.20
C LEU A 15 -2.60 12.32 13.90
N VAL A 16 -3.20 12.66 12.78
CA VAL A 16 -4.48 12.08 12.38
C VAL A 16 -4.34 10.59 12.06
N ASP A 17 -5.20 9.78 12.66
CA ASP A 17 -5.17 8.34 12.43
C ASP A 17 -5.00 8.02 10.96
N ILE A 18 -5.95 8.47 10.14
CA ILE A 18 -5.89 8.23 8.70
C ILE A 18 -4.64 8.86 8.09
N GLN A 19 -3.67 8.02 7.78
CA GLN A 19 -2.42 8.47 7.17
C GLN A 19 -2.65 8.91 5.73
N ARG A 20 -3.46 8.15 5.01
CA ARG A 20 -3.75 8.46 3.62
C ARG A 20 -4.80 7.52 3.06
N GLU A 21 -5.62 8.01 2.14
CA GLU A 21 -6.68 7.21 1.53
C GLU A 21 -7.01 7.72 0.14
N GLY A 22 -7.34 6.79 -0.76
CA GLY A 22 -7.69 7.16 -2.12
C GLY A 22 -8.36 6.04 -2.88
N ALA A 23 -8.92 6.36 -4.05
CA ALA A 23 -9.60 5.37 -4.87
C ALA A 23 -8.78 5.05 -6.12
N LEU A 24 -8.10 3.90 -6.10
CA LEU A 24 -7.29 3.49 -7.24
C LEU A 24 -7.47 2.00 -7.51
N ARG A 25 -6.88 1.53 -8.61
CA ARG A 25 -6.99 0.12 -9.00
C ARG A 25 -5.78 -0.66 -8.49
N PHE A 26 -6.00 -1.94 -8.19
CA PHE A 26 -4.93 -2.81 -7.71
C PHE A 26 -4.99 -4.18 -8.36
N MET A 27 -3.87 -4.89 -8.33
CA MET A 27 -3.80 -6.22 -8.93
C MET A 27 -2.69 -7.04 -8.29
N VAL A 28 -2.75 -8.36 -8.47
CA VAL A 28 -1.74 -9.26 -7.90
C VAL A 28 -1.04 -10.05 -9.00
N ALA A 29 0.28 -10.01 -8.99
CA ALA A 29 1.07 -10.73 -9.99
C ALA A 29 0.95 -12.23 -9.81
N ASP A 30 0.16 -12.87 -10.67
CA ASP A 30 -0.04 -14.31 -10.60
C ASP A 30 -0.42 -14.86 -11.97
N ASP A 31 -0.40 -16.18 -12.09
CA ASP A 31 -0.74 -16.85 -13.35
C ASP A 31 -1.40 -18.20 -13.10
N ALA A 32 -2.36 -18.55 -13.94
CA ALA A 32 -3.07 -19.81 -13.81
C ALA A 32 -4.02 -20.04 -14.98
N ALA A 33 -4.55 -21.24 -15.08
CA ALA A 33 -5.49 -21.58 -16.15
C ALA A 33 -6.93 -21.29 -15.73
N SER A 34 -7.34 -20.05 -15.89
CA SER A 34 -8.70 -19.64 -15.52
C SER A 34 -9.45 -19.10 -16.73
N GLY A 35 -9.99 -20.00 -17.54
CA GLY A 35 -10.73 -19.60 -18.72
C GLY A 35 -9.84 -18.97 -19.77
N PRO A 36 -10.43 -18.17 -20.66
CA PRO A 36 -9.70 -17.48 -21.74
C PRO A 36 -8.80 -16.38 -21.20
N GLY A 37 -8.80 -16.19 -19.89
CA GLY A 37 -7.97 -15.17 -19.28
C GLY A 37 -6.49 -15.37 -19.58
N GLY A 38 -5.64 -14.75 -18.77
CA GLY A 38 -4.20 -14.87 -18.98
C GLY A 38 -3.54 -13.53 -19.22
N THR A 39 -3.97 -12.52 -18.48
CA THR A 39 -3.41 -11.18 -18.62
C THR A 39 -3.50 -10.41 -17.31
N ALA A 40 -2.97 -9.18 -17.32
CA ALA A 40 -3.00 -8.33 -16.13
C ALA A 40 -4.15 -7.34 -16.19
N GLN A 41 -5.28 -7.71 -15.59
CA GLN A 41 -6.46 -6.85 -15.58
C GLN A 41 -6.58 -6.13 -14.25
N TRP A 42 -6.64 -4.80 -14.31
CA TRP A 42 -6.76 -3.98 -13.12
C TRP A 42 -8.19 -3.98 -12.59
N GLN A 43 -8.34 -3.92 -11.27
CA GLN A 43 -9.66 -3.92 -10.64
C GLN A 43 -9.83 -2.69 -9.77
N LYS A 44 -10.95 -1.98 -9.96
CA LYS A 44 -11.24 -0.77 -9.19
C LYS A 44 -11.31 -1.10 -7.70
N CYS A 45 -10.61 -0.31 -6.90
CA CYS A 45 -10.59 -0.51 -5.46
C CYS A 45 -10.28 0.79 -4.72
N ARG A 46 -10.36 0.76 -3.40
CA ARG A 46 -10.09 1.94 -2.59
C ARG A 46 -9.03 1.65 -1.53
N LEU A 47 -7.88 2.30 -1.67
CA LEU A 47 -6.79 2.11 -0.72
C LEU A 47 -6.96 2.99 0.50
N LEU A 48 -7.15 2.36 1.66
CA LEU A 48 -7.33 3.09 2.91
C LEU A 48 -6.30 2.66 3.94
N LEU A 49 -5.58 3.63 4.49
CA LEU A 49 -4.55 3.35 5.50
C LEU A 49 -4.99 3.86 6.87
N ARG A 50 -5.41 2.93 7.72
CA ARG A 50 -5.86 3.28 9.08
C ARG A 50 -4.94 2.65 10.13
N ARG A 51 -4.84 3.31 11.28
CA ARG A 51 -4.00 2.82 12.36
C ARG A 51 -4.55 1.51 12.91
N ALA A 52 -3.66 0.70 13.48
CA ALA A 52 -4.06 -0.59 14.05
C ALA A 52 -4.27 -0.47 15.55
N VAL A 53 -4.90 -1.50 16.13
CA VAL A 53 -5.17 -1.51 17.57
C VAL A 53 -3.94 -1.96 18.35
N ALA A 54 -3.93 -1.68 19.65
CA ALA A 54 -2.82 -2.06 20.51
C ALA A 54 -2.22 -3.39 20.07
N GLY A 55 -1.02 -3.33 19.50
CA GLY A 55 -0.36 -4.55 19.05
C GLY A 55 0.41 -4.33 17.76
N GLU A 56 -0.18 -3.58 16.83
CA GLU A 56 0.45 -3.31 15.55
C GLU A 56 0.50 -1.81 15.28
N ARG A 57 1.26 -1.42 14.25
CA ARG A 57 1.38 -0.01 13.88
C ARG A 57 0.18 0.45 13.08
N PHE A 58 0.11 0.04 11.81
CA PHE A 58 -0.98 0.42 10.94
C PHE A 58 -1.57 -0.80 10.25
N ARG A 59 -2.49 -0.57 9.31
CA ARG A 59 -3.14 -1.65 8.59
C ARG A 59 -3.71 -1.15 7.26
N LEU A 60 -3.42 -1.87 6.18
CA LEU A 60 -3.90 -1.50 4.87
C LEU A 60 -5.18 -2.26 4.52
N GLU A 61 -6.09 -1.58 3.82
CA GLU A 61 -7.36 -2.20 3.42
C GLU A 61 -7.63 -1.97 1.94
N PHE A 62 -8.00 -3.04 1.25
CA PHE A 62 -8.29 -2.97 -0.18
C PHE A 62 -9.76 -3.26 -0.46
N PHE A 63 -10.58 -2.21 -0.47
CA PHE A 63 -12.01 -2.35 -0.71
C PHE A 63 -12.28 -2.61 -2.19
N VAL A 64 -12.66 -3.84 -2.51
CA VAL A 64 -12.95 -4.22 -3.90
C VAL A 64 -14.31 -4.90 -4.00
N PRO A 65 -15.30 -4.16 -4.54
CA PRO A 65 -15.10 -2.79 -5.01
C PRO A 65 -14.87 -1.82 -3.85
N PRO A 66 -14.49 -0.58 -4.18
CA PRO A 66 -14.23 0.47 -3.19
C PRO A 66 -15.51 0.95 -2.51
N LYS A 67 -16.64 0.38 -2.93
CA LYS A 67 -17.93 0.76 -2.36
C LYS A 67 -18.30 -0.18 -1.21
N ALA A 68 -17.75 -1.38 -1.22
CA ALA A 68 -18.02 -2.36 -0.17
C ALA A 68 -17.62 -1.83 1.20
N SER A 69 -18.44 -2.10 2.20
CA SER A 69 -18.18 -1.65 3.56
C SER A 69 -16.97 -2.36 4.14
N ARG A 70 -16.78 -3.62 3.74
CA ARG A 70 -15.67 -4.42 4.23
C ARG A 70 -14.62 -4.61 3.15
N PRO A 71 -13.34 -4.61 3.55
CA PRO A 71 -12.22 -4.77 2.62
C PRO A 71 -12.13 -6.19 2.07
N LYS A 72 -11.87 -6.29 0.76
CA LYS A 72 -11.76 -7.58 0.10
C LYS A 72 -10.42 -8.23 0.41
N VAL A 73 -9.37 -7.44 0.40
CA VAL A 73 -8.02 -7.94 0.68
C VAL A 73 -7.36 -7.13 1.78
N SER A 74 -7.96 -7.15 2.97
CA SER A 74 -7.41 -6.41 4.11
C SER A 74 -6.07 -6.99 4.54
N ILE A 75 -5.00 -6.23 4.30
CA ILE A 75 -3.66 -6.67 4.67
C ILE A 75 -3.04 -5.74 5.70
N PRO A 76 -2.56 -6.32 6.81
CA PRO A 76 -1.93 -5.55 7.89
C PRO A 76 -0.58 -4.97 7.49
N LEU A 77 -0.23 -3.83 8.07
CA LEU A 77 1.04 -3.18 7.77
C LEU A 77 2.21 -4.11 8.04
N SER A 78 2.15 -4.83 9.14
CA SER A 78 3.21 -5.75 9.52
C SER A 78 3.53 -6.70 8.37
N ALA A 79 2.52 -7.01 7.56
CA ALA A 79 2.69 -7.90 6.42
C ALA A 79 3.71 -7.34 5.44
N ILE A 80 3.57 -6.07 5.10
CA ILE A 80 4.48 -5.41 4.16
C ILE A 80 5.91 -5.46 4.68
N ILE A 81 6.84 -5.81 3.80
CA ILE A 81 8.25 -5.89 4.16
C ILE A 81 9.12 -5.17 3.15
N GLU A 82 8.69 -5.17 1.89
CA GLU A 82 9.42 -4.50 0.82
C GLU A 82 8.48 -3.89 -0.20
N VAL A 83 8.57 -2.57 -0.37
CA VAL A 83 7.72 -1.86 -1.32
C VAL A 83 8.55 -1.22 -2.42
N ARG A 84 8.49 -1.81 -3.62
CA ARG A 84 9.23 -1.30 -4.77
C ARG A 84 8.36 -0.38 -5.61
N THR A 85 9.00 0.55 -6.32
CA THR A 85 8.28 1.48 -7.17
C THR A 85 8.74 1.38 -8.62
N THR A 86 9.19 0.18 -9.01
CA THR A 86 9.65 -0.05 -10.36
C THR A 86 9.00 -1.30 -10.96
N MET A 87 8.79 -1.28 -12.26
CA MET A 87 8.17 -2.41 -12.96
C MET A 87 8.95 -2.75 -14.23
N PRO A 88 8.84 -4.01 -14.67
CA PRO A 88 9.51 -4.50 -15.88
C PRO A 88 8.91 -3.90 -17.15
N LEU A 89 9.31 -4.43 -18.30
CA LEU A 89 8.82 -3.96 -19.58
C LEU A 89 7.33 -4.29 -19.75
N GLU A 90 6.48 -3.50 -19.10
CA GLU A 90 5.04 -3.70 -19.17
C GLU A 90 4.31 -2.39 -19.46
N MET A 91 4.72 -1.34 -18.77
CA MET A 91 4.12 -0.02 -18.95
C MET A 91 5.11 0.95 -19.60
N PRO A 92 4.57 1.97 -20.28
CA PRO A 92 5.38 2.99 -20.96
C PRO A 92 6.10 3.89 -19.97
N GLU A 93 5.44 4.97 -19.56
CA GLU A 93 6.02 5.92 -18.63
C GLU A 93 5.02 6.27 -17.53
N LYS A 94 4.53 5.26 -16.84
CA LYS A 94 3.57 5.47 -15.75
C LYS A 94 4.28 5.52 -14.40
N ASP A 95 4.66 6.73 -13.98
CA ASP A 95 5.33 6.91 -12.71
C ASP A 95 4.33 6.98 -11.56
N ASN A 96 3.23 6.26 -11.71
CA ASN A 96 2.19 6.23 -10.67
C ASN A 96 1.83 4.81 -10.30
N THR A 97 2.85 3.98 -10.09
CA THR A 97 2.65 2.58 -9.72
C THR A 97 3.63 2.15 -8.64
N PHE A 98 3.26 1.11 -7.90
CA PHE A 98 4.11 0.60 -6.83
C PHE A 98 3.69 -0.81 -6.42
N VAL A 99 4.66 -1.67 -6.15
CA VAL A 99 4.39 -3.04 -5.75
C VAL A 99 4.44 -3.19 -4.23
N LEU A 100 3.59 -4.08 -3.71
CA LEU A 100 3.54 -4.31 -2.27
C LEU A 100 3.84 -5.77 -1.95
N LYS A 101 5.08 -6.03 -1.54
CA LYS A 101 5.52 -7.39 -1.19
C LYS A 101 5.28 -7.67 0.29
N VAL A 102 4.18 -8.37 0.58
CA VAL A 102 3.85 -8.71 1.96
C VAL A 102 4.75 -9.82 2.49
N GLU A 103 4.51 -10.22 3.73
CA GLU A 103 5.30 -11.27 4.36
C GLU A 103 4.88 -12.64 3.85
N ASN A 104 3.68 -12.71 3.27
CA ASN A 104 3.17 -13.96 2.74
C ASN A 104 3.71 -14.25 1.35
N GLY A 105 4.37 -13.25 0.77
CA GLY A 105 4.94 -13.41 -0.57
C GLY A 105 3.95 -13.07 -1.66
N ALA A 106 3.23 -11.96 -1.49
CA ALA A 106 2.26 -11.52 -2.48
C ALA A 106 2.52 -10.08 -2.91
N GLU A 107 2.63 -9.88 -4.23
CA GLU A 107 2.88 -8.55 -4.77
C GLU A 107 1.59 -7.91 -5.26
N TYR A 108 1.31 -6.72 -4.75
CA TYR A 108 0.10 -6.00 -5.13
C TYR A 108 0.44 -4.72 -5.90
N ILE A 109 0.23 -4.76 -7.21
CA ILE A 109 0.52 -3.61 -8.07
C ILE A 109 -0.66 -2.64 -8.10
N LEU A 110 -0.49 -1.48 -7.48
CA LEU A 110 -1.54 -0.47 -7.44
C LEU A 110 -1.22 0.69 -8.39
N GLU A 111 -2.26 1.24 -9.01
CA GLU A 111 -2.08 2.35 -9.94
C GLU A 111 -2.82 3.58 -9.45
N THR A 112 -2.08 4.53 -8.90
CA THR A 112 -2.66 5.77 -8.39
C THR A 112 -2.97 6.75 -9.53
N ILE A 113 -3.81 7.74 -9.23
CA ILE A 113 -4.19 8.73 -10.23
C ILE A 113 -2.97 9.18 -11.04
N ASP A 114 -2.03 9.82 -10.37
CA ASP A 114 -0.81 10.30 -11.03
C ASP A 114 0.41 10.06 -10.14
N SER A 115 1.59 10.22 -10.74
CA SER A 115 2.84 10.02 -10.01
C SER A 115 2.83 10.77 -8.68
N LEU A 116 2.23 11.95 -8.68
CA LEU A 116 2.14 12.78 -7.49
C LEU A 116 1.45 12.01 -6.36
N GLN A 117 0.41 11.28 -6.71
CA GLN A 117 -0.33 10.50 -5.72
C GLN A 117 0.44 9.27 -5.30
N LYS A 118 1.07 8.61 -6.26
CA LYS A 118 1.86 7.41 -6.00
C LYS A 118 2.88 7.66 -4.89
N HIS A 119 3.89 8.47 -5.21
CA HIS A 119 4.93 8.80 -4.25
C HIS A 119 4.34 9.07 -2.87
N SER A 120 3.23 9.81 -2.84
CA SER A 120 2.56 10.14 -1.58
C SER A 120 2.23 8.87 -0.79
N TRP A 121 1.72 7.87 -1.48
CA TRP A 121 1.35 6.61 -0.85
C TRP A 121 2.60 5.89 -0.34
N VAL A 122 3.56 5.66 -1.24
CA VAL A 122 4.79 4.97 -0.87
C VAL A 122 5.30 5.45 0.48
N ALA A 123 5.25 6.77 0.70
CA ALA A 123 5.71 7.35 1.96
C ALA A 123 4.77 6.99 3.11
N ASP A 124 3.47 7.02 2.84
CA ASP A 124 2.47 6.70 3.84
C ASP A 124 2.65 5.27 4.35
N ILE A 125 3.14 4.40 3.48
CA ILE A 125 3.36 3.00 3.83
C ILE A 125 4.80 2.77 4.28
N GLN A 126 5.73 3.49 3.66
CA GLN A 126 7.14 3.37 3.99
C GLN A 126 7.44 4.01 5.34
N GLY A 127 6.64 5.00 5.72
CA GLY A 127 6.84 5.67 6.99
C GLY A 127 6.39 4.83 8.17
N CYS A 128 5.42 3.96 7.93
CA CYS A 128 4.89 3.10 8.99
C CYS A 128 5.62 1.76 9.00
N VAL A 129 5.71 1.13 7.83
CA VAL A 129 6.38 -0.16 7.71
C VAL A 129 7.61 -0.24 8.61
N ASP A 130 8.41 0.82 8.60
CA ASP A 130 9.61 0.88 9.42
C ASP A 130 9.31 1.52 10.78
N SER A 131 8.88 2.78 10.74
CA SER A 131 8.57 3.50 11.97
C SER A 131 7.84 4.80 11.67
N GLY A 132 6.54 4.84 11.94
CA GLY A 132 5.76 6.04 11.68
C GLY A 132 6.54 7.31 11.93
N PRO A 133 6.64 8.17 10.91
CA PRO A 133 7.35 9.44 11.01
C PRO A 133 6.65 10.45 11.91
N SER A 134 7.39 10.99 12.87
CA SER A 134 6.83 11.96 13.80
C SER A 134 6.70 13.33 13.14
N SER A 135 6.09 14.27 13.86
CA SER A 135 5.90 15.62 13.35
C SER A 135 6.19 16.66 14.43
N GLY A 136 6.71 17.81 14.01
CA GLY A 136 7.02 18.87 14.95
C GLY A 136 6.39 20.20 14.57
N GLY A 1 5.87 -12.06 13.55
CA GLY A 1 5.93 -11.64 14.94
C GLY A 1 5.03 -10.46 15.23
N SER A 2 4.98 -10.06 16.50
CA SER A 2 4.14 -8.94 16.90
C SER A 2 4.74 -8.22 18.11
N SER A 3 4.24 -7.02 18.39
CA SER A 3 4.73 -6.23 19.51
C SER A 3 3.89 -6.47 20.76
N GLY A 4 4.51 -6.35 21.93
CA GLY A 4 3.80 -6.56 23.17
C GLY A 4 3.95 -5.39 24.13
N SER A 5 2.92 -4.56 24.23
CA SER A 5 2.96 -3.41 25.12
C SER A 5 2.58 -3.80 26.55
N SER A 6 3.20 -4.88 27.02
CA SER A 6 2.94 -5.36 28.38
C SER A 6 2.87 -4.20 29.37
N GLY A 7 3.78 -3.24 29.21
CA GLY A 7 3.81 -2.10 30.11
C GLY A 7 4.02 -0.79 29.36
N ASN A 8 2.99 0.05 29.35
CA ASN A 8 3.07 1.33 28.66
C ASN A 8 2.05 2.32 29.24
N LEU A 9 2.39 3.60 29.21
CA LEU A 9 1.52 4.64 29.73
C LEU A 9 2.07 6.03 29.44
N ALA A 10 1.22 7.04 29.51
CA ALA A 10 1.62 8.41 29.26
C ALA A 10 1.92 8.63 27.78
N ALA A 11 1.13 7.99 26.93
CA ALA A 11 1.30 8.12 25.48
C ALA A 11 1.62 9.56 25.09
N LYS A 12 0.68 10.46 25.37
CA LYS A 12 0.86 11.87 25.04
C LYS A 12 1.16 12.05 23.56
N VAL A 13 0.47 11.30 22.71
CA VAL A 13 0.68 11.38 21.27
C VAL A 13 -0.53 11.98 20.58
N GLU A 14 -0.28 12.85 19.61
CA GLU A 14 -1.35 13.51 18.87
C GLU A 14 -1.01 13.63 17.39
N LEU A 15 -1.63 12.78 16.57
CA LEU A 15 -1.37 12.80 15.13
C LEU A 15 -2.54 12.17 14.37
N VAL A 16 -2.86 12.73 13.20
CA VAL A 16 -3.95 12.23 12.39
C VAL A 16 -3.82 10.72 12.15
N ASP A 17 -4.87 9.98 12.50
CA ASP A 17 -4.86 8.54 12.32
C ASP A 17 -4.79 8.16 10.85
N ILE A 18 -5.67 8.77 10.04
CA ILE A 18 -5.70 8.51 8.61
C ILE A 18 -4.51 9.16 7.90
N GLN A 19 -3.53 8.35 7.53
CA GLN A 19 -2.35 8.85 6.84
C GLN A 19 -2.67 9.19 5.39
N ARG A 20 -3.30 8.25 4.69
CA ARG A 20 -3.67 8.46 3.29
C ARG A 20 -4.83 7.56 2.90
N GLU A 21 -5.74 8.10 2.10
CA GLU A 21 -6.90 7.36 1.64
C GLU A 21 -7.37 7.84 0.28
N GLY A 22 -7.55 6.91 -0.65
CA GLY A 22 -7.98 7.26 -1.99
C GLY A 22 -8.55 6.07 -2.76
N ALA A 23 -9.03 6.32 -3.96
CA ALA A 23 -9.60 5.27 -4.79
C ALA A 23 -8.72 5.00 -6.01
N LEU A 24 -8.14 3.80 -6.08
CA LEU A 24 -7.28 3.42 -7.18
C LEU A 24 -7.46 1.95 -7.53
N ARG A 25 -6.81 1.52 -8.62
CA ARG A 25 -6.90 0.13 -9.05
C ARG A 25 -5.67 -0.66 -8.58
N PHE A 26 -5.90 -1.90 -8.17
CA PHE A 26 -4.83 -2.76 -7.69
C PHE A 26 -4.87 -4.12 -8.39
N MET A 27 -3.74 -4.82 -8.37
CA MET A 27 -3.65 -6.13 -9.00
C MET A 27 -2.55 -6.98 -8.35
N VAL A 28 -2.64 -8.29 -8.52
CA VAL A 28 -1.66 -9.20 -7.95
C VAL A 28 -1.00 -10.05 -9.03
N ALA A 29 0.33 -10.04 -9.06
CA ALA A 29 1.07 -10.81 -10.04
C ALA A 29 0.88 -12.31 -9.82
N ASP A 30 0.03 -12.92 -10.63
CA ASP A 30 -0.24 -14.35 -10.53
C ASP A 30 -0.53 -14.95 -11.90
N ASP A 31 -0.32 -16.26 -12.03
CA ASP A 31 -0.57 -16.96 -13.29
C ASP A 31 -1.63 -18.03 -13.11
N ALA A 32 -2.48 -18.18 -14.13
CA ALA A 32 -3.55 -19.17 -14.09
C ALA A 32 -4.15 -19.38 -15.48
N ALA A 33 -4.99 -20.41 -15.59
CA ALA A 33 -5.63 -20.72 -16.87
C ALA A 33 -7.05 -20.17 -16.91
N SER A 34 -7.18 -18.88 -17.20
CA SER A 34 -8.49 -18.23 -17.26
C SER A 34 -9.10 -18.38 -18.65
N GLY A 35 -8.37 -17.91 -19.65
CA GLY A 35 -8.85 -17.99 -21.02
C GLY A 35 -8.63 -16.71 -21.79
N PRO A 36 -9.43 -16.51 -22.85
CA PRO A 36 -9.34 -15.32 -23.70
C PRO A 36 -9.81 -14.05 -22.98
N GLY A 37 -8.89 -13.43 -22.24
CA GLY A 37 -9.24 -12.22 -21.51
C GLY A 37 -9.41 -11.02 -22.43
N GLY A 38 -10.12 -10.01 -21.94
CA GLY A 38 -10.36 -8.82 -22.73
C GLY A 38 -9.84 -7.56 -22.07
N THR A 39 -10.63 -7.02 -21.13
CA THR A 39 -10.23 -5.81 -20.42
C THR A 39 -8.98 -6.04 -19.58
N ALA A 40 -8.45 -4.96 -19.01
CA ALA A 40 -7.26 -5.05 -18.18
C ALA A 40 -7.55 -5.73 -16.85
N GLN A 41 -6.55 -6.42 -16.31
CA GLN A 41 -6.70 -7.12 -15.04
C GLN A 41 -7.03 -6.14 -13.91
N TRP A 42 -6.46 -4.94 -14.00
CA TRP A 42 -6.69 -3.91 -12.98
C TRP A 42 -8.12 -4.00 -12.45
N GLN A 43 -8.25 -3.91 -11.12
CA GLN A 43 -9.55 -3.98 -10.48
C GLN A 43 -9.79 -2.75 -9.60
N LYS A 44 -10.92 -2.08 -9.84
CA LYS A 44 -11.26 -0.88 -9.06
C LYS A 44 -11.32 -1.21 -7.58
N CYS A 45 -10.64 -0.39 -6.77
CA CYS A 45 -10.62 -0.57 -5.32
C CYS A 45 -10.27 0.72 -4.62
N ARG A 46 -10.37 0.71 -3.29
CA ARG A 46 -10.06 1.90 -2.49
C ARG A 46 -9.02 1.57 -1.43
N LEU A 47 -7.92 2.32 -1.42
CA LEU A 47 -6.85 2.11 -0.46
C LEU A 47 -7.03 3.00 0.76
N LEU A 48 -7.29 2.38 1.91
CA LEU A 48 -7.49 3.12 3.15
C LEU A 48 -6.36 2.84 4.15
N LEU A 49 -5.63 3.88 4.52
CA LEU A 49 -4.52 3.74 5.46
C LEU A 49 -4.88 4.34 6.82
N ARG A 50 -5.27 3.49 7.76
CA ARG A 50 -5.64 3.93 9.10
C ARG A 50 -4.85 3.18 10.16
N ARG A 51 -4.83 3.73 11.38
CA ARG A 51 -4.11 3.10 12.48
C ARG A 51 -4.81 1.82 12.93
N ALA A 52 -4.05 0.92 13.54
CA ALA A 52 -4.60 -0.34 14.02
C ALA A 52 -4.57 -0.40 15.55
N VAL A 53 -5.73 -0.27 16.17
CA VAL A 53 -5.84 -0.32 17.62
C VAL A 53 -5.93 -1.75 18.12
N ALA A 54 -5.39 -1.99 19.31
CA ALA A 54 -5.41 -3.33 19.90
C ALA A 54 -4.77 -4.35 18.98
N GLY A 55 -3.57 -4.04 18.50
CA GLY A 55 -2.86 -4.95 17.61
C GLY A 55 -1.67 -4.28 16.93
N GLU A 56 -1.53 -4.52 15.63
CA GLU A 56 -0.42 -3.95 14.87
C GLU A 56 -0.52 -2.43 14.84
N ARG A 57 0.57 -1.78 14.42
CA ARG A 57 0.61 -0.33 14.35
C ARG A 57 -0.40 0.20 13.33
N PHE A 58 -0.22 -0.21 12.07
CA PHE A 58 -1.11 0.22 11.00
C PHE A 58 -1.66 -0.97 10.23
N ARG A 59 -2.59 -0.70 9.32
CA ARG A 59 -3.19 -1.76 8.52
C ARG A 59 -3.79 -1.20 7.24
N LEU A 60 -3.55 -1.88 6.12
CA LEU A 60 -4.06 -1.45 4.83
C LEU A 60 -5.30 -2.25 4.43
N GLU A 61 -6.26 -1.57 3.82
CA GLU A 61 -7.50 -2.22 3.40
C GLU A 61 -7.77 -1.96 1.92
N PHE A 62 -7.89 -3.04 1.15
CA PHE A 62 -8.15 -2.92 -0.29
C PHE A 62 -9.61 -3.24 -0.61
N PHE A 63 -10.48 -2.25 -0.45
CA PHE A 63 -11.89 -2.42 -0.72
C PHE A 63 -12.15 -2.65 -2.21
N VAL A 64 -12.60 -3.86 -2.54
CA VAL A 64 -12.88 -4.21 -3.93
C VAL A 64 -14.24 -4.89 -4.06
N PRO A 65 -15.20 -4.18 -4.68
CA PRO A 65 -14.98 -2.84 -5.21
C PRO A 65 -14.79 -1.80 -4.09
N PRO A 66 -14.40 -0.58 -4.48
CA PRO A 66 -14.18 0.52 -3.53
C PRO A 66 -15.48 1.02 -2.93
N LYS A 67 -16.59 0.33 -3.23
CA LYS A 67 -17.89 0.71 -2.71
C LYS A 67 -18.37 -0.29 -1.66
N ALA A 68 -17.59 -1.35 -1.47
CA ALA A 68 -17.94 -2.37 -0.48
C ALA A 68 -17.66 -1.89 0.94
N SER A 69 -18.46 -2.37 1.88
CA SER A 69 -18.30 -1.99 3.28
C SER A 69 -17.09 -2.70 3.91
N ARG A 70 -16.83 -3.91 3.45
CA ARG A 70 -15.70 -4.69 3.96
C ARG A 70 -14.63 -4.86 2.90
N PRO A 71 -13.35 -4.79 3.33
CA PRO A 71 -12.21 -4.94 2.43
C PRO A 71 -12.05 -6.36 1.90
N LYS A 72 -11.74 -6.49 0.62
CA LYS A 72 -11.57 -7.80 0.01
C LYS A 72 -10.18 -8.36 0.31
N VAL A 73 -9.16 -7.51 0.22
CA VAL A 73 -7.80 -7.92 0.49
C VAL A 73 -7.18 -7.08 1.60
N SER A 74 -7.74 -7.19 2.80
CA SER A 74 -7.26 -6.43 3.94
C SER A 74 -5.87 -6.94 4.38
N ILE A 75 -4.84 -6.20 4.00
CA ILE A 75 -3.47 -6.57 4.35
C ILE A 75 -2.91 -5.66 5.44
N PRO A 76 -2.37 -6.26 6.50
CA PRO A 76 -1.78 -5.52 7.62
C PRO A 76 -0.49 -4.81 7.24
N LEU A 77 -0.21 -3.71 7.91
CA LEU A 77 1.01 -2.94 7.64
C LEU A 77 2.26 -3.74 8.01
N SER A 78 2.09 -4.70 8.90
CA SER A 78 3.21 -5.54 9.34
C SER A 78 3.58 -6.54 8.25
N ALA A 79 2.59 -6.99 7.49
CA ALA A 79 2.81 -7.95 6.41
C ALA A 79 3.78 -7.39 5.38
N ILE A 80 3.61 -6.12 5.04
CA ILE A 80 4.47 -5.47 4.05
C ILE A 80 5.92 -5.49 4.51
N ILE A 81 6.74 -6.31 3.83
CA ILE A 81 8.15 -6.41 4.16
C ILE A 81 9.00 -5.56 3.23
N GLU A 82 8.51 -5.34 2.01
CA GLU A 82 9.22 -4.55 1.03
C GLU A 82 8.26 -3.99 -0.02
N VAL A 83 8.62 -2.84 -0.59
CA VAL A 83 7.79 -2.20 -1.60
C VAL A 83 8.56 -1.99 -2.90
N ARG A 84 8.39 -2.91 -3.84
CA ARG A 84 9.07 -2.84 -5.12
C ARG A 84 8.40 -1.81 -6.04
N THR A 85 8.98 -0.61 -6.09
CA THR A 85 8.44 0.46 -6.91
C THR A 85 8.90 0.33 -8.36
N THR A 86 9.22 -0.90 -8.76
CA THR A 86 9.68 -1.16 -10.12
C THR A 86 8.91 -2.31 -10.76
N MET A 87 8.80 -2.29 -12.08
CA MET A 87 8.08 -3.33 -12.80
C MET A 87 8.71 -3.58 -14.17
N PRO A 88 8.41 -4.73 -14.76
CA PRO A 88 8.94 -5.12 -16.08
C PRO A 88 8.35 -4.27 -17.21
N LEU A 89 8.49 -4.77 -18.44
CA LEU A 89 7.97 -4.06 -19.59
C LEU A 89 6.46 -4.19 -19.68
N GLU A 90 5.77 -3.77 -18.63
CA GLU A 90 4.31 -3.83 -18.59
C GLU A 90 3.72 -2.52 -18.07
N MET A 91 4.43 -1.43 -18.31
CA MET A 91 3.97 -0.11 -17.86
C MET A 91 4.42 0.97 -18.83
N PRO A 92 3.55 1.97 -19.04
CA PRO A 92 3.84 3.09 -19.95
C PRO A 92 4.91 4.02 -19.39
N GLU A 93 4.67 4.56 -18.21
CA GLU A 93 5.61 5.47 -17.58
C GLU A 93 5.80 5.11 -16.10
N LYS A 94 4.75 4.59 -15.49
CA LYS A 94 4.79 4.21 -14.08
C LYS A 94 4.93 5.44 -13.19
N ASP A 95 4.25 6.52 -13.57
CA ASP A 95 4.30 7.76 -12.81
C ASP A 95 3.67 7.57 -11.43
N ASN A 96 2.63 6.74 -11.37
CA ASN A 96 1.94 6.46 -10.11
C ASN A 96 1.69 4.97 -9.94
N THR A 97 2.76 4.21 -9.78
CA THR A 97 2.66 2.76 -9.61
C THR A 97 3.70 2.25 -8.63
N PHE A 98 3.38 1.14 -7.96
CA PHE A 98 4.29 0.56 -6.99
C PHE A 98 3.84 -0.85 -6.60
N VAL A 99 4.80 -1.72 -6.32
CA VAL A 99 4.50 -3.10 -5.94
C VAL A 99 4.62 -3.29 -4.44
N LEU A 100 3.74 -4.13 -3.88
CA LEU A 100 3.75 -4.39 -2.44
C LEU A 100 4.02 -5.87 -2.17
N LYS A 101 5.20 -6.16 -1.64
CA LYS A 101 5.58 -7.53 -1.32
C LYS A 101 5.31 -7.84 0.15
N VAL A 102 4.33 -8.70 0.39
CA VAL A 102 3.96 -9.09 1.75
C VAL A 102 4.77 -10.31 2.20
N GLU A 103 4.56 -10.71 3.46
CA GLU A 103 5.27 -11.86 4.01
C GLU A 103 4.84 -13.15 3.30
N ASN A 104 3.63 -13.15 2.76
CA ASN A 104 3.11 -14.32 2.06
C ASN A 104 3.54 -14.31 0.61
N GLY A 105 4.70 -13.73 0.33
CA GLY A 105 5.21 -13.67 -1.03
C GLY A 105 4.12 -13.32 -2.03
N ALA A 106 3.53 -12.15 -1.87
CA ALA A 106 2.47 -11.71 -2.77
C ALA A 106 2.65 -10.25 -3.16
N GLU A 107 2.77 -9.99 -4.46
CA GLU A 107 2.96 -8.63 -4.96
C GLU A 107 1.62 -8.00 -5.33
N TYR A 108 1.45 -6.73 -4.96
CA TYR A 108 0.22 -6.01 -5.25
C TYR A 108 0.50 -4.70 -5.96
N ILE A 109 0.43 -4.72 -7.30
CA ILE A 109 0.68 -3.53 -8.09
C ILE A 109 -0.51 -2.58 -8.05
N LEU A 110 -0.28 -1.40 -7.47
CA LEU A 110 -1.34 -0.40 -7.36
C LEU A 110 -1.04 0.81 -8.27
N GLU A 111 -2.10 1.38 -8.85
CA GLU A 111 -1.95 2.52 -9.73
C GLU A 111 -2.85 3.67 -9.28
N THR A 112 -2.24 4.68 -8.65
CA THR A 112 -2.98 5.83 -8.17
C THR A 112 -3.24 6.83 -9.29
N ILE A 113 -3.99 7.88 -8.99
CA ILE A 113 -4.31 8.91 -9.97
C ILE A 113 -3.05 9.40 -10.68
N ASP A 114 -2.26 10.20 -9.97
CA ASP A 114 -1.02 10.74 -10.53
C ASP A 114 0.15 10.51 -9.57
N SER A 115 1.36 10.72 -10.07
CA SER A 115 2.56 10.53 -9.27
C SER A 115 2.43 11.26 -7.94
N LEU A 116 1.85 12.46 -7.98
CA LEU A 116 1.67 13.26 -6.77
C LEU A 116 0.97 12.45 -5.68
N GLN A 117 0.00 11.64 -6.08
CA GLN A 117 -0.75 10.82 -5.14
C GLN A 117 0.01 9.53 -4.82
N LYS A 118 0.63 8.96 -5.85
CA LYS A 118 1.39 7.72 -5.69
C LYS A 118 2.59 7.93 -4.79
N HIS A 119 3.51 8.79 -5.24
CA HIS A 119 4.71 9.09 -4.47
C HIS A 119 4.39 9.26 -2.99
N SER A 120 3.23 9.85 -2.71
CA SER A 120 2.80 10.07 -1.34
C SER A 120 2.47 8.76 -0.64
N TRP A 121 1.78 7.88 -1.34
CA TRP A 121 1.40 6.58 -0.79
C TRP A 121 2.63 5.83 -0.30
N VAL A 122 3.53 5.51 -1.21
CA VAL A 122 4.75 4.79 -0.87
C VAL A 122 5.36 5.32 0.43
N ALA A 123 5.28 6.64 0.62
CA ALA A 123 5.82 7.27 1.82
C ALA A 123 4.96 6.96 3.03
N ASP A 124 3.64 7.01 2.85
CA ASP A 124 2.71 6.72 3.94
C ASP A 124 2.91 5.31 4.47
N ILE A 125 3.03 4.35 3.55
CA ILE A 125 3.23 2.96 3.93
C ILE A 125 4.60 2.73 4.53
N GLN A 126 5.64 2.94 3.72
CA GLN A 126 7.01 2.78 4.17
C GLN A 126 7.28 3.56 5.44
N GLY A 127 6.67 4.74 5.53
CA GLY A 127 6.85 5.58 6.70
C GLY A 127 6.07 5.07 7.91
N CYS A 128 5.14 4.16 7.67
CA CYS A 128 4.32 3.59 8.73
C CYS A 128 4.86 2.24 9.17
N VAL A 129 5.62 1.60 8.30
CA VAL A 129 6.20 0.29 8.59
C VAL A 129 7.56 0.43 9.24
N ASP A 130 8.42 1.24 8.64
CA ASP A 130 9.76 1.47 9.16
C ASP A 130 10.07 2.96 9.24
N SER A 131 9.30 3.68 10.05
CA SER A 131 9.49 5.11 10.21
C SER A 131 8.50 5.68 11.22
N GLY A 132 8.99 6.57 12.08
CA GLY A 132 8.14 7.18 13.09
C GLY A 132 8.88 7.46 14.37
N PRO A 133 9.40 8.70 14.52
CA PRO A 133 10.14 9.11 15.71
C PRO A 133 9.24 9.25 16.94
N SER A 134 7.97 8.91 16.77
CA SER A 134 7.01 9.00 17.86
C SER A 134 7.19 7.83 18.83
N SER A 135 8.42 7.65 19.31
CA SER A 135 8.72 6.58 20.24
C SER A 135 9.44 7.12 21.47
N GLY A 136 9.12 6.55 22.64
CA GLY A 136 9.74 6.99 23.87
C GLY A 136 8.81 7.81 24.74
N GLY A 1 16.31 -9.07 -8.47
CA GLY A 1 16.42 -8.33 -7.23
C GLY A 1 16.97 -6.93 -7.45
N SER A 2 16.80 -6.07 -6.45
CA SER A 2 17.27 -4.69 -6.54
C SER A 2 17.52 -4.11 -5.15
N SER A 3 18.20 -2.96 -5.10
CA SER A 3 18.51 -2.32 -3.83
C SER A 3 18.12 -0.84 -3.87
N GLY A 4 17.91 -0.26 -2.70
CA GLY A 4 17.54 1.14 -2.62
C GLY A 4 16.49 1.40 -1.55
N SER A 5 16.28 2.67 -1.22
CA SER A 5 15.30 3.05 -0.20
C SER A 5 14.75 4.44 -0.48
N SER A 6 13.75 4.84 0.31
CA SER A 6 13.12 6.15 0.15
C SER A 6 12.91 6.81 1.51
N GLY A 7 12.64 8.11 1.49
CA GLY A 7 12.41 8.83 2.72
C GLY A 7 13.06 10.21 2.72
N ASN A 8 12.93 10.92 1.60
CA ASN A 8 13.51 12.25 1.48
C ASN A 8 13.24 13.09 2.72
N LEU A 9 11.96 13.21 3.08
CA LEU A 9 11.56 13.97 4.26
C LEU A 9 10.08 13.79 4.55
N ALA A 10 9.77 13.45 5.80
CA ALA A 10 8.39 13.25 6.21
C ALA A 10 8.06 14.05 7.46
N ALA A 11 7.84 15.35 7.29
CA ALA A 11 7.51 16.23 8.40
C ALA A 11 6.60 15.54 9.40
N LYS A 12 6.98 15.59 10.67
CA LYS A 12 6.18 14.97 11.73
C LYS A 12 5.29 16.00 12.42
N VAL A 13 3.99 15.90 12.16
CA VAL A 13 3.02 16.82 12.75
C VAL A 13 1.77 16.08 13.20
N GLU A 14 1.13 16.59 14.25
CA GLU A 14 -0.09 15.98 14.78
C GLU A 14 -1.17 15.90 13.71
N LEU A 15 -1.37 14.70 13.18
CA LEU A 15 -2.38 14.48 12.13
C LEU A 15 -3.36 13.39 12.54
N VAL A 16 -4.49 13.32 11.85
CA VAL A 16 -5.51 12.33 12.14
C VAL A 16 -4.97 10.92 11.93
N ASP A 17 -5.49 9.97 12.70
CA ASP A 17 -5.06 8.58 12.59
C ASP A 17 -4.87 8.18 11.14
N ILE A 18 -5.93 8.34 10.34
CA ILE A 18 -5.88 7.98 8.93
C ILE A 18 -4.81 8.80 8.20
N GLN A 19 -3.76 8.12 7.75
CA GLN A 19 -2.68 8.79 7.04
C GLN A 19 -3.17 9.37 5.72
N ARG A 20 -3.83 8.53 4.93
CA ARG A 20 -4.35 8.96 3.63
C ARG A 20 -5.22 7.87 3.00
N GLU A 21 -6.17 8.28 2.17
CA GLU A 21 -7.07 7.34 1.52
C GLU A 21 -7.45 7.83 0.12
N GLY A 22 -7.72 6.90 -0.78
CA GLY A 22 -8.09 7.26 -2.14
C GLY A 22 -8.62 6.08 -2.92
N ALA A 23 -9.06 6.33 -4.15
CA ALA A 23 -9.60 5.29 -5.01
C ALA A 23 -8.67 5.01 -6.20
N LEU A 24 -8.01 3.86 -6.18
CA LEU A 24 -7.10 3.49 -7.25
C LEU A 24 -7.30 2.03 -7.66
N ARG A 25 -6.63 1.62 -8.73
CA ARG A 25 -6.74 0.25 -9.22
C ARG A 25 -5.62 -0.62 -8.66
N PHE A 26 -5.98 -1.79 -8.13
CA PHE A 26 -5.00 -2.71 -7.57
C PHE A 26 -5.07 -4.07 -8.26
N MET A 27 -3.96 -4.80 -8.23
CA MET A 27 -3.89 -6.11 -8.85
C MET A 27 -2.86 -6.99 -8.16
N VAL A 28 -2.93 -8.29 -8.40
CA VAL A 28 -2.00 -9.24 -7.79
C VAL A 28 -1.33 -10.10 -8.85
N ALA A 29 0.00 -10.06 -8.89
CA ALA A 29 0.76 -10.84 -9.85
C ALA A 29 0.65 -12.33 -9.57
N ASP A 30 -0.18 -13.01 -10.35
CA ASP A 30 -0.38 -14.46 -10.17
C ASP A 30 -0.72 -15.11 -11.51
N ASP A 31 -0.33 -16.37 -11.65
CA ASP A 31 -0.60 -17.13 -12.88
C ASP A 31 -1.16 -18.50 -12.57
N ALA A 32 -2.47 -18.65 -12.74
CA ALA A 32 -3.13 -19.92 -12.47
C ALA A 32 -4.06 -20.31 -13.61
N ALA A 33 -4.34 -21.60 -13.73
CA ALA A 33 -5.22 -22.10 -14.78
C ALA A 33 -6.67 -21.72 -14.52
N SER A 34 -7.06 -20.53 -14.96
CA SER A 34 -8.42 -20.04 -14.76
C SER A 34 -9.17 -19.97 -16.08
N GLY A 35 -8.61 -19.20 -17.02
CA GLY A 35 -9.24 -19.05 -18.32
C GLY A 35 -8.59 -17.97 -19.16
N PRO A 36 -9.23 -17.61 -20.28
CA PRO A 36 -8.73 -16.58 -21.19
C PRO A 36 -8.80 -15.19 -20.60
N GLY A 37 -8.34 -14.20 -21.34
CA GLY A 37 -8.37 -12.83 -20.86
C GLY A 37 -9.06 -11.89 -21.84
N GLY A 38 -8.40 -10.77 -22.15
CA GLY A 38 -8.98 -9.81 -23.07
C GLY A 38 -8.81 -8.38 -22.60
N THR A 39 -9.21 -8.12 -21.36
CA THR A 39 -9.10 -6.78 -20.79
C THR A 39 -8.00 -6.72 -19.75
N ALA A 40 -7.77 -5.53 -19.20
CA ALA A 40 -6.73 -5.34 -18.20
C ALA A 40 -7.11 -6.01 -16.89
N GLN A 41 -6.10 -6.47 -16.15
CA GLN A 41 -6.33 -7.14 -14.87
C GLN A 41 -6.76 -6.14 -13.81
N TRP A 42 -6.28 -4.91 -13.92
CA TRP A 42 -6.62 -3.86 -12.97
C TRP A 42 -8.06 -3.98 -12.51
N GLN A 43 -8.29 -3.73 -11.23
CA GLN A 43 -9.62 -3.82 -10.65
C GLN A 43 -9.93 -2.61 -9.77
N LYS A 44 -11.11 -2.02 -9.97
CA LYS A 44 -11.52 -0.86 -9.18
C LYS A 44 -11.60 -1.20 -7.70
N CYS A 45 -10.92 -0.39 -6.89
CA CYS A 45 -10.92 -0.60 -5.44
C CYS A 45 -10.56 0.68 -4.71
N ARG A 46 -10.59 0.63 -3.37
CA ARG A 46 -10.26 1.79 -2.55
C ARG A 46 -9.17 1.44 -1.53
N LEU A 47 -8.16 2.29 -1.45
CA LEU A 47 -7.05 2.08 -0.52
C LEU A 47 -7.20 2.97 0.71
N LEU A 48 -7.41 2.35 1.86
CA LEU A 48 -7.56 3.07 3.12
C LEU A 48 -6.45 2.73 4.09
N LEU A 49 -5.67 3.73 4.48
CA LEU A 49 -4.57 3.52 5.42
C LEU A 49 -4.93 4.06 6.80
N ARG A 50 -4.99 3.16 7.77
CA ARG A 50 -5.32 3.53 9.15
C ARG A 50 -4.47 2.77 10.14
N ARG A 51 -4.15 3.41 11.26
CA ARG A 51 -3.33 2.78 12.30
C ARG A 51 -4.08 1.63 12.96
N ALA A 52 -3.35 0.61 13.37
CA ALA A 52 -3.94 -0.56 14.02
C ALA A 52 -3.80 -0.47 15.54
N VAL A 53 -4.91 -0.62 16.24
CA VAL A 53 -4.91 -0.55 17.69
C VAL A 53 -5.01 -1.95 18.30
N ALA A 54 -4.21 -2.19 19.34
CA ALA A 54 -4.21 -3.48 20.02
C ALA A 54 -3.92 -4.62 19.04
N GLY A 55 -2.93 -4.41 18.18
CA GLY A 55 -2.58 -5.42 17.19
C GLY A 55 -1.26 -5.12 16.50
N GLU A 56 -1.31 -4.20 15.54
CA GLU A 56 -0.11 -3.84 14.79
C GLU A 56 -0.04 -2.32 14.60
N ARG A 57 1.03 -1.86 13.96
CA ARG A 57 1.23 -0.44 13.73
C ARG A 57 0.13 0.12 12.83
N PHE A 58 0.04 -0.40 11.62
CA PHE A 58 -0.97 0.04 10.66
C PHE A 58 -1.58 -1.14 9.92
N ARG A 59 -2.52 -0.85 9.02
CA ARG A 59 -3.18 -1.90 8.25
C ARG A 59 -3.78 -1.31 6.96
N LEU A 60 -3.43 -1.90 5.84
CA LEU A 60 -3.93 -1.44 4.54
C LEU A 60 -5.17 -2.24 4.14
N GLU A 61 -6.27 -1.53 3.89
CA GLU A 61 -7.52 -2.17 3.50
C GLU A 61 -7.77 -1.97 2.00
N PHE A 62 -8.16 -3.05 1.33
CA PHE A 62 -8.45 -3.00 -0.11
C PHE A 62 -9.91 -3.30 -0.38
N PHE A 63 -10.70 -2.26 -0.60
CA PHE A 63 -12.12 -2.42 -0.87
C PHE A 63 -12.35 -2.73 -2.34
N VAL A 64 -12.86 -3.94 -2.61
CA VAL A 64 -13.13 -4.37 -3.97
C VAL A 64 -14.48 -5.08 -4.07
N PRO A 65 -15.48 -4.38 -4.61
CA PRO A 65 -15.31 -3.00 -5.10
C PRO A 65 -15.09 -2.00 -3.97
N PRO A 66 -14.78 -0.75 -4.33
CA PRO A 66 -14.54 0.32 -3.35
C PRO A 66 -15.84 0.74 -2.65
N LYS A 67 -16.96 0.60 -3.34
CA LYS A 67 -18.25 0.96 -2.77
C LYS A 67 -18.85 -0.21 -1.99
N ALA A 68 -18.14 -1.33 -1.96
CA ALA A 68 -18.61 -2.51 -1.25
C ALA A 68 -18.79 -2.22 0.23
N SER A 69 -18.26 -1.08 0.68
CA SER A 69 -18.36 -0.69 2.08
C SER A 69 -17.63 -1.69 2.97
N ARG A 70 -16.65 -2.38 2.41
CA ARG A 70 -15.87 -3.36 3.15
C ARG A 70 -14.66 -3.82 2.36
N PRO A 71 -13.51 -3.95 3.03
CA PRO A 71 -12.26 -4.38 2.41
C PRO A 71 -12.30 -5.85 2.01
N LYS A 72 -11.98 -6.11 0.74
CA LYS A 72 -11.97 -7.48 0.22
C LYS A 72 -10.65 -8.17 0.52
N VAL A 73 -9.55 -7.42 0.37
CA VAL A 73 -8.23 -7.97 0.63
C VAL A 73 -7.48 -7.12 1.65
N SER A 74 -8.01 -7.04 2.86
CA SER A 74 -7.39 -6.26 3.92
C SER A 74 -6.07 -6.88 4.36
N ILE A 75 -4.97 -6.23 3.99
CA ILE A 75 -3.65 -6.72 4.34
C ILE A 75 -3.01 -5.84 5.41
N PRO A 76 -2.52 -6.48 6.48
CA PRO A 76 -1.87 -5.78 7.60
C PRO A 76 -0.51 -5.20 7.21
N LEU A 77 -0.22 -4.02 7.71
CA LEU A 77 1.05 -3.36 7.42
C LEU A 77 2.23 -4.26 7.79
N SER A 78 2.18 -4.82 9.00
CA SER A 78 3.24 -5.70 9.46
C SER A 78 3.66 -6.68 8.37
N ALA A 79 2.70 -7.07 7.54
CA ALA A 79 2.97 -8.01 6.46
C ALA A 79 3.97 -7.43 5.46
N ILE A 80 3.80 -6.16 5.12
CA ILE A 80 4.69 -5.49 4.19
C ILE A 80 6.13 -5.52 4.68
N ILE A 81 7.05 -5.83 3.78
CA ILE A 81 8.47 -5.89 4.12
C ILE A 81 9.31 -5.12 3.11
N GLU A 82 8.91 -5.18 1.84
CA GLU A 82 9.63 -4.49 0.78
C GLU A 82 8.66 -3.99 -0.29
N VAL A 83 8.71 -2.69 -0.56
CA VAL A 83 7.85 -2.08 -1.56
C VAL A 83 8.65 -1.60 -2.77
N ARG A 84 8.62 -2.39 -3.84
CA ARG A 84 9.35 -2.05 -5.05
C ARG A 84 8.74 -0.82 -5.72
N THR A 85 9.59 0.17 -6.01
CA THR A 85 9.14 1.39 -6.66
C THR A 85 9.73 1.53 -8.05
N THR A 86 9.72 0.44 -8.82
CA THR A 86 10.26 0.46 -10.16
C THR A 86 9.68 -0.69 -11.00
N MET A 87 9.61 -0.47 -12.31
CA MET A 87 9.08 -1.48 -13.21
C MET A 87 10.10 -1.85 -14.28
N PRO A 88 9.95 -3.05 -14.86
CA PRO A 88 10.85 -3.54 -15.91
C PRO A 88 10.70 -2.78 -17.22
N LEU A 89 11.19 -3.37 -18.30
CA LEU A 89 11.10 -2.75 -19.62
C LEU A 89 9.70 -2.88 -20.20
N GLU A 90 8.69 -2.66 -19.36
CA GLU A 90 7.30 -2.75 -19.79
C GLU A 90 6.55 -1.46 -19.48
N MET A 91 6.65 -1.00 -18.24
CA MET A 91 5.97 0.21 -17.83
C MET A 91 6.47 1.42 -18.63
N PRO A 92 5.53 2.28 -19.06
CA PRO A 92 5.85 3.48 -19.84
C PRO A 92 6.59 4.52 -19.00
N GLU A 93 6.99 4.14 -17.80
CA GLU A 93 7.70 5.06 -16.91
C GLU A 93 6.78 6.21 -16.46
N LYS A 94 5.63 5.86 -15.90
CA LYS A 94 4.68 6.85 -15.44
C LYS A 94 4.99 7.28 -14.02
N ASP A 95 5.74 6.46 -13.29
CA ASP A 95 6.13 6.76 -11.92
C ASP A 95 4.88 6.94 -11.05
N ASN A 96 3.85 6.16 -11.32
CA ASN A 96 2.61 6.24 -10.57
C ASN A 96 2.13 4.85 -10.15
N THR A 97 3.08 3.97 -9.87
CA THR A 97 2.76 2.61 -9.46
C THR A 97 3.81 2.06 -8.49
N PHE A 98 3.44 1.01 -7.77
CA PHE A 98 4.34 0.39 -6.80
C PHE A 98 3.87 -1.01 -6.43
N VAL A 99 4.82 -1.91 -6.20
CA VAL A 99 4.49 -3.28 -5.83
C VAL A 99 4.64 -3.49 -4.33
N LEU A 100 3.58 -4.01 -3.70
CA LEU A 100 3.58 -4.27 -2.27
C LEU A 100 3.97 -5.72 -1.98
N LYS A 101 5.19 -5.91 -1.51
CA LYS A 101 5.69 -7.25 -1.19
C LYS A 101 5.44 -7.57 0.29
N VAL A 102 4.38 -8.32 0.56
CA VAL A 102 4.03 -8.70 1.93
C VAL A 102 4.94 -9.83 2.41
N GLU A 103 4.80 -10.17 3.69
CA GLU A 103 5.59 -11.25 4.29
C GLU A 103 5.19 -12.60 3.72
N ASN A 104 3.89 -12.80 3.53
CA ASN A 104 3.37 -14.05 2.99
C ASN A 104 3.97 -14.35 1.63
N GLY A 105 4.36 -13.29 0.91
CA GLY A 105 4.94 -13.46 -0.40
C GLY A 105 3.96 -13.15 -1.51
N ALA A 106 3.32 -11.99 -1.44
CA ALA A 106 2.35 -11.57 -2.44
C ALA A 106 2.61 -10.15 -2.91
N GLU A 107 2.60 -9.95 -4.22
CA GLU A 107 2.84 -8.63 -4.80
C GLU A 107 1.53 -7.97 -5.22
N TYR A 108 1.34 -6.74 -4.77
CA TYR A 108 0.13 -5.99 -5.09
C TYR A 108 0.45 -4.70 -5.83
N ILE A 109 0.32 -4.73 -7.15
CA ILE A 109 0.60 -3.57 -7.98
C ILE A 109 -0.56 -2.58 -7.97
N LEU A 110 -0.38 -1.48 -7.25
CA LEU A 110 -1.42 -0.45 -7.15
C LEU A 110 -1.11 0.72 -8.07
N GLU A 111 -2.15 1.24 -8.72
CA GLU A 111 -1.98 2.37 -9.63
C GLU A 111 -2.78 3.58 -9.15
N THR A 112 -2.08 4.56 -8.60
CA THR A 112 -2.72 5.77 -8.10
C THR A 112 -3.15 6.69 -9.24
N ILE A 113 -3.68 7.85 -8.89
CA ILE A 113 -4.13 8.82 -9.89
C ILE A 113 -2.99 9.21 -10.81
N ASP A 114 -1.94 9.81 -10.24
CA ASP A 114 -0.79 10.24 -11.01
C ASP A 114 0.51 9.99 -10.24
N SER A 115 1.64 10.24 -10.89
CA SER A 115 2.93 10.04 -10.27
C SER A 115 3.01 10.78 -8.94
N LEU A 116 2.27 11.87 -8.82
CA LEU A 116 2.25 12.65 -7.60
C LEU A 116 1.64 11.86 -6.44
N GLN A 117 0.36 11.56 -6.56
CA GLN A 117 -0.35 10.81 -5.52
C GLN A 117 0.38 9.51 -5.22
N LYS A 118 1.09 8.98 -6.21
CA LYS A 118 1.83 7.73 -6.04
C LYS A 118 2.93 7.89 -5.00
N HIS A 119 3.87 8.79 -5.26
CA HIS A 119 4.97 9.04 -4.34
C HIS A 119 4.47 9.28 -2.93
N SER A 120 3.30 9.92 -2.83
CA SER A 120 2.71 10.21 -1.52
C SER A 120 2.34 8.92 -0.79
N TRP A 121 1.72 7.98 -1.52
CA TRP A 121 1.33 6.71 -0.93
C TRP A 121 2.54 5.95 -0.42
N VAL A 122 3.50 5.70 -1.30
CA VAL A 122 4.72 4.98 -0.93
C VAL A 122 5.25 5.45 0.41
N ALA A 123 5.14 6.75 0.66
CA ALA A 123 5.61 7.34 1.91
C ALA A 123 4.71 6.94 3.08
N ASP A 124 3.41 7.09 2.89
CA ASP A 124 2.44 6.74 3.93
C ASP A 124 2.67 5.31 4.43
N ILE A 125 3.05 4.43 3.52
CA ILE A 125 3.31 3.03 3.87
C ILE A 125 4.73 2.84 4.37
N GLN A 126 5.70 3.15 3.52
CA GLN A 126 7.10 3.01 3.88
C GLN A 126 7.39 3.71 5.21
N GLY A 127 6.63 4.76 5.50
CA GLY A 127 6.82 5.49 6.75
C GLY A 127 6.25 4.75 7.94
N CYS A 128 5.30 3.86 7.69
CA CYS A 128 4.67 3.09 8.76
C CYS A 128 5.43 1.80 9.02
N VAL A 129 5.65 1.04 7.96
CA VAL A 129 6.36 -0.23 8.08
C VAL A 129 7.51 -0.13 9.07
N ASP A 130 8.12 1.05 9.14
CA ASP A 130 9.24 1.28 10.05
C ASP A 130 9.69 2.74 10.01
N SER A 131 10.27 3.21 11.10
CA SER A 131 10.75 4.58 11.17
C SER A 131 11.13 5.11 9.79
N GLY A 132 10.22 5.87 9.18
CA GLY A 132 10.48 6.41 7.86
C GLY A 132 11.57 7.46 7.87
N PRO A 133 11.24 8.67 8.34
CA PRO A 133 12.18 9.79 8.40
C PRO A 133 13.24 9.58 9.48
N SER A 134 14.08 10.59 9.68
CA SER A 134 15.14 10.51 10.67
C SER A 134 14.64 9.89 11.97
N SER A 135 15.10 8.68 12.27
CA SER A 135 14.68 7.98 13.48
C SER A 135 14.83 8.88 14.70
N GLY A 136 14.18 8.49 15.80
CA GLY A 136 14.26 9.27 17.02
C GLY A 136 14.76 8.45 18.20
N GLY A 1 32.72 -0.84 24.64
CA GLY A 1 31.63 -0.44 23.78
C GLY A 1 31.01 0.88 24.21
N SER A 2 30.05 1.36 23.42
CA SER A 2 29.38 2.62 23.72
C SER A 2 28.15 2.80 22.84
N SER A 3 27.04 3.24 23.44
CA SER A 3 25.80 3.45 22.71
C SER A 3 24.91 4.45 23.44
N GLY A 4 23.78 4.76 22.83
CA GLY A 4 22.84 5.71 23.44
C GLY A 4 22.64 6.94 22.58
N SER A 5 22.84 8.11 23.18
CA SER A 5 22.66 9.37 22.46
C SER A 5 21.22 9.53 22.00
N SER A 6 20.28 9.20 22.87
CA SER A 6 18.86 9.30 22.56
C SER A 6 18.34 10.70 22.86
N GLY A 7 17.20 11.05 22.27
CA GLY A 7 16.61 12.34 22.49
C GLY A 7 15.13 12.38 22.17
N ASN A 8 14.30 12.23 23.20
CA ASN A 8 12.85 12.24 23.02
C ASN A 8 12.32 13.68 22.96
N LEU A 9 12.14 14.18 21.75
CA LEU A 9 11.63 15.54 21.55
C LEU A 9 10.40 15.53 20.66
N ALA A 10 9.26 15.86 21.25
CA ALA A 10 8.00 15.90 20.50
C ALA A 10 7.67 14.54 19.90
N ALA A 11 7.93 13.48 20.66
CA ALA A 11 7.66 12.12 20.21
C ALA A 11 6.19 11.93 19.87
N LYS A 12 5.33 12.17 20.86
CA LYS A 12 3.89 12.02 20.67
C LYS A 12 3.29 13.29 20.06
N VAL A 13 2.90 13.20 18.79
CA VAL A 13 2.31 14.33 18.09
C VAL A 13 0.84 14.07 17.76
N GLU A 14 0.03 15.10 17.87
CA GLU A 14 -1.39 14.99 17.59
C GLU A 14 -1.65 15.07 16.08
N LEU A 15 -1.62 13.92 15.42
CA LEU A 15 -1.85 13.85 13.99
C LEU A 15 -3.10 13.04 13.67
N VAL A 16 -3.51 13.05 12.42
CA VAL A 16 -4.69 12.31 11.98
C VAL A 16 -4.38 10.82 11.82
N ASP A 17 -5.31 9.98 12.25
CA ASP A 17 -5.14 8.53 12.15
C ASP A 17 -4.96 8.11 10.70
N ILE A 18 -5.85 8.58 9.83
CA ILE A 18 -5.78 8.24 8.42
C ILE A 18 -4.60 8.93 7.74
N GLN A 19 -3.56 8.16 7.43
CA GLN A 19 -2.37 8.71 6.78
C GLN A 19 -2.67 9.07 5.32
N ARG A 20 -3.30 8.14 4.62
CA ARG A 20 -3.64 8.36 3.21
C ARG A 20 -4.81 7.48 2.79
N GLU A 21 -5.69 8.03 1.96
CA GLU A 21 -6.86 7.29 1.48
C GLU A 21 -7.30 7.81 0.11
N GLY A 22 -7.51 6.89 -0.82
CA GLY A 22 -7.94 7.27 -2.15
C GLY A 22 -8.66 6.14 -2.87
N ALA A 23 -9.00 6.37 -4.13
CA ALA A 23 -9.69 5.37 -4.94
C ALA A 23 -8.90 5.03 -6.20
N LEU A 24 -8.12 3.95 -6.13
CA LEU A 24 -7.32 3.52 -7.27
C LEU A 24 -7.50 2.03 -7.53
N ARG A 25 -6.92 1.55 -8.62
CA ARG A 25 -7.01 0.14 -8.98
C ARG A 25 -5.83 -0.65 -8.43
N PHE A 26 -6.02 -1.94 -8.23
CA PHE A 26 -4.97 -2.80 -7.70
C PHE A 26 -5.00 -4.17 -8.37
N MET A 27 -3.86 -4.85 -8.38
CA MET A 27 -3.75 -6.17 -8.99
C MET A 27 -2.65 -6.99 -8.33
N VAL A 28 -2.76 -8.31 -8.42
CA VAL A 28 -1.77 -9.21 -7.83
C VAL A 28 -1.13 -10.08 -8.89
N ALA A 29 0.20 -10.08 -8.93
CA ALA A 29 0.94 -10.87 -9.90
C ALA A 29 0.66 -12.36 -9.72
N ASP A 30 -0.20 -12.91 -10.57
CA ASP A 30 -0.55 -14.32 -10.50
C ASP A 30 -1.05 -14.83 -11.85
N ASP A 31 -0.74 -16.08 -12.15
CA ASP A 31 -1.16 -16.68 -13.42
C ASP A 31 -2.62 -17.10 -13.36
N ALA A 32 -3.51 -16.16 -13.67
CA ALA A 32 -4.95 -16.44 -13.65
C ALA A 32 -5.54 -16.30 -15.06
N ALA A 33 -6.16 -17.37 -15.54
CA ALA A 33 -6.78 -17.37 -16.86
C ALA A 33 -8.09 -16.60 -16.85
N SER A 34 -8.11 -15.46 -17.53
CA SER A 34 -9.30 -14.63 -17.60
C SER A 34 -9.85 -14.58 -19.03
N GLY A 35 -9.00 -14.19 -19.97
CA GLY A 35 -9.42 -14.11 -21.36
C GLY A 35 -9.88 -12.72 -21.75
N PRO A 36 -10.66 -12.63 -22.84
CA PRO A 36 -11.17 -11.35 -23.34
C PRO A 36 -12.22 -10.75 -22.42
N GLY A 37 -12.67 -9.55 -22.75
CA GLY A 37 -13.68 -8.88 -21.94
C GLY A 37 -13.07 -8.03 -20.85
N GLY A 38 -13.13 -6.71 -21.02
CA GLY A 38 -12.57 -5.80 -20.03
C GLY A 38 -11.50 -4.90 -20.61
N THR A 39 -11.57 -3.62 -20.28
CA THR A 39 -10.60 -2.65 -20.77
C THR A 39 -9.19 -2.96 -20.26
N ALA A 40 -9.08 -3.19 -18.96
CA ALA A 40 -7.80 -3.50 -18.34
C ALA A 40 -7.98 -4.40 -17.12
N GLN A 41 -7.12 -5.41 -17.02
CA GLN A 41 -7.18 -6.35 -15.90
C GLN A 41 -7.40 -5.61 -14.58
N TRP A 42 -6.69 -4.51 -14.40
CA TRP A 42 -6.81 -3.71 -13.18
C TRP A 42 -8.24 -3.74 -12.66
N GLN A 43 -8.37 -3.82 -11.34
CA GLN A 43 -9.69 -3.85 -10.71
C GLN A 43 -9.89 -2.64 -9.80
N LYS A 44 -11.11 -2.10 -9.81
CA LYS A 44 -11.43 -0.94 -9.00
C LYS A 44 -11.37 -1.27 -7.51
N CYS A 45 -10.67 -0.43 -6.75
CA CYS A 45 -10.54 -0.65 -5.31
C CYS A 45 -10.26 0.67 -4.59
N ARG A 46 -10.37 0.65 -3.27
CA ARG A 46 -10.14 1.84 -2.46
C ARG A 46 -9.08 1.58 -1.39
N LEU A 47 -7.96 2.29 -1.50
CA LEU A 47 -6.87 2.14 -0.55
C LEU A 47 -7.07 3.04 0.67
N LEU A 48 -7.26 2.41 1.82
CA LEU A 48 -7.47 3.15 3.07
C LEU A 48 -6.36 2.85 4.07
N LEU A 49 -5.65 3.90 4.49
CA LEU A 49 -4.56 3.75 5.44
C LEU A 49 -4.92 4.40 6.78
N ARG A 50 -5.37 3.57 7.72
CA ARG A 50 -5.75 4.05 9.05
C ARG A 50 -5.01 3.30 10.14
N ARG A 51 -5.13 3.77 11.37
CA ARG A 51 -4.46 3.14 12.50
C ARG A 51 -5.04 1.75 12.76
N ALA A 52 -4.17 0.78 13.02
CA ALA A 52 -4.59 -0.58 13.28
C ALA A 52 -5.01 -0.76 14.75
N VAL A 53 -5.75 -1.83 15.02
CA VAL A 53 -6.20 -2.11 16.37
C VAL A 53 -5.71 -3.47 16.85
N ALA A 54 -5.74 -3.67 18.17
CA ALA A 54 -5.30 -4.93 18.75
C ALA A 54 -3.77 -5.04 18.74
N GLY A 55 -3.11 -3.98 19.20
CA GLY A 55 -1.66 -3.98 19.23
C GLY A 55 -1.05 -4.14 17.85
N GLU A 56 -0.84 -3.01 17.17
CA GLU A 56 -0.26 -3.03 15.83
C GLU A 56 -0.01 -1.62 15.32
N ARG A 57 1.05 -1.47 14.54
CA ARG A 57 1.41 -0.16 13.99
C ARG A 57 0.31 0.37 13.08
N PHE A 58 0.22 -0.19 11.87
CA PHE A 58 -0.79 0.21 10.90
C PHE A 58 -1.42 -1.00 10.22
N ARG A 59 -2.40 -0.74 9.36
CA ARG A 59 -3.08 -1.81 8.65
C ARG A 59 -3.70 -1.28 7.36
N LEU A 60 -3.45 -1.98 6.26
CA LEU A 60 -3.99 -1.58 4.95
C LEU A 60 -5.28 -2.34 4.66
N GLU A 61 -6.16 -1.70 3.88
CA GLU A 61 -7.43 -2.32 3.52
C GLU A 61 -7.77 -2.03 2.06
N PHE A 62 -7.97 -3.08 1.28
CA PHE A 62 -8.31 -2.94 -0.14
C PHE A 62 -9.78 -3.29 -0.39
N PHE A 63 -10.60 -2.26 -0.52
CA PHE A 63 -12.03 -2.46 -0.76
C PHE A 63 -12.30 -2.71 -2.24
N VAL A 64 -12.51 -3.97 -2.60
CA VAL A 64 -12.79 -4.34 -3.99
C VAL A 64 -14.12 -5.05 -4.11
N PRO A 65 -15.12 -4.36 -4.69
CA PRO A 65 -14.94 -3.00 -5.18
C PRO A 65 -14.77 -1.99 -4.04
N PRO A 66 -14.40 -0.75 -4.39
CA PRO A 66 -14.19 0.32 -3.42
C PRO A 66 -15.50 0.79 -2.78
N LYS A 67 -16.60 0.15 -3.17
CA LYS A 67 -17.91 0.50 -2.64
C LYS A 67 -18.32 -0.46 -1.52
N ALA A 68 -17.75 -1.66 -1.54
CA ALA A 68 -18.05 -2.65 -0.53
C ALA A 68 -17.82 -2.11 0.87
N SER A 69 -18.65 -2.55 1.82
CA SER A 69 -18.54 -2.09 3.20
C SER A 69 -17.23 -2.58 3.84
N ARG A 70 -16.89 -3.84 3.58
CA ARG A 70 -15.67 -4.42 4.13
C ARG A 70 -14.64 -4.64 3.03
N PRO A 71 -13.35 -4.62 3.40
CA PRO A 71 -12.25 -4.81 2.47
C PRO A 71 -12.17 -6.24 1.96
N LYS A 72 -11.85 -6.40 0.68
CA LYS A 72 -11.74 -7.72 0.07
C LYS A 72 -10.36 -8.33 0.35
N VAL A 73 -9.33 -7.49 0.31
CA VAL A 73 -7.96 -7.95 0.55
C VAL A 73 -7.30 -7.13 1.66
N SER A 74 -7.87 -7.21 2.86
CA SER A 74 -7.34 -6.48 4.00
C SER A 74 -6.02 -7.08 4.46
N ILE A 75 -4.93 -6.34 4.24
CA ILE A 75 -3.61 -6.80 4.63
C ILE A 75 -2.98 -5.86 5.66
N PRO A 76 -2.47 -6.44 6.76
CA PRO A 76 -1.84 -5.68 7.83
C PRO A 76 -0.50 -5.08 7.40
N LEU A 77 -0.15 -3.94 7.99
CA LEU A 77 1.10 -3.27 7.67
C LEU A 77 2.29 -4.16 8.00
N SER A 78 2.18 -4.91 9.09
CA SER A 78 3.25 -5.81 9.51
C SER A 78 3.64 -6.76 8.38
N ALA A 79 2.66 -7.16 7.58
CA ALA A 79 2.91 -8.05 6.46
C ALA A 79 3.91 -7.46 5.49
N ILE A 80 3.74 -6.18 5.17
CA ILE A 80 4.63 -5.48 4.25
C ILE A 80 6.07 -5.53 4.75
N ILE A 81 6.98 -5.94 3.86
CA ILE A 81 8.39 -6.03 4.21
C ILE A 81 9.25 -5.19 3.27
N GLU A 82 8.80 -5.09 2.01
CA GLU A 82 9.52 -4.32 1.01
C GLU A 82 8.57 -3.82 -0.08
N VAL A 83 8.50 -2.50 -0.23
CA VAL A 83 7.64 -1.88 -1.23
C VAL A 83 8.44 -1.36 -2.41
N ARG A 84 8.51 -2.16 -3.47
CA ARG A 84 9.25 -1.78 -4.67
C ARG A 84 8.36 -0.99 -5.64
N THR A 85 8.84 0.17 -6.06
CA THR A 85 8.08 1.01 -6.98
C THR A 85 8.33 0.59 -8.43
N THR A 86 8.66 -0.67 -8.63
CA THR A 86 8.93 -1.20 -9.96
C THR A 86 7.72 -1.93 -10.51
N MET A 87 7.64 -2.03 -11.84
CA MET A 87 6.52 -2.72 -12.49
C MET A 87 7.01 -3.96 -13.24
N PRO A 88 6.12 -4.95 -13.38
CA PRO A 88 6.43 -6.20 -14.07
C PRO A 88 6.62 -6.01 -15.57
N LEU A 89 6.26 -4.82 -16.06
CA LEU A 89 6.39 -4.51 -17.47
C LEU A 89 7.11 -3.18 -17.68
N GLU A 90 7.63 -2.97 -18.89
CA GLU A 90 8.34 -1.74 -19.20
C GLU A 90 7.37 -0.59 -19.41
N MET A 91 6.54 -0.33 -18.40
CA MET A 91 5.56 0.75 -18.48
C MET A 91 6.16 1.98 -19.14
N PRO A 92 5.28 2.91 -19.57
CA PRO A 92 5.70 4.16 -20.22
C PRO A 92 6.39 5.11 -19.25
N GLU A 93 6.72 4.61 -18.06
CA GLU A 93 7.38 5.43 -17.05
C GLU A 93 6.39 6.39 -16.40
N LYS A 94 5.11 6.03 -16.43
CA LYS A 94 4.07 6.85 -15.84
C LYS A 94 4.46 7.30 -14.43
N ASP A 95 5.21 6.47 -13.74
CA ASP A 95 5.66 6.77 -12.39
C ASP A 95 4.46 7.03 -11.47
N ASN A 96 3.40 6.25 -11.64
CA ASN A 96 2.21 6.39 -10.84
C ASN A 96 1.73 5.04 -10.31
N THR A 97 2.68 4.13 -10.10
CA THR A 97 2.36 2.80 -9.60
C THR A 97 3.42 2.33 -8.60
N PHE A 98 3.06 1.34 -7.79
CA PHE A 98 3.97 0.78 -6.80
C PHE A 98 3.59 -0.65 -6.45
N VAL A 99 4.60 -1.43 -6.02
CA VAL A 99 4.37 -2.82 -5.65
C VAL A 99 4.43 -3.01 -4.14
N LEU A 100 3.59 -3.90 -3.63
CA LEU A 100 3.56 -4.17 -2.19
C LEU A 100 3.98 -5.59 -1.89
N LYS A 101 5.22 -5.75 -1.41
CA LYS A 101 5.75 -7.07 -1.08
C LYS A 101 5.48 -7.42 0.37
N VAL A 102 4.51 -8.30 0.60
CA VAL A 102 4.15 -8.72 1.95
C VAL A 102 5.10 -9.81 2.45
N GLU A 103 4.85 -10.29 3.67
CA GLU A 103 5.68 -11.32 4.26
C GLU A 103 5.23 -12.71 3.82
N ASN A 104 3.92 -12.86 3.62
CA ASN A 104 3.35 -14.13 3.19
C ASN A 104 3.78 -14.47 1.76
N GLY A 105 4.14 -13.43 1.00
CA GLY A 105 4.57 -13.65 -0.37
C GLY A 105 3.48 -13.30 -1.37
N ALA A 106 3.31 -12.01 -1.63
CA ALA A 106 2.30 -11.55 -2.58
C ALA A 106 2.56 -10.12 -3.01
N GLU A 107 2.73 -9.91 -4.31
CA GLU A 107 3.00 -8.58 -4.85
C GLU A 107 1.71 -7.92 -5.31
N TYR A 108 1.45 -6.72 -4.79
CA TYR A 108 0.24 -5.98 -5.14
C TYR A 108 0.59 -4.71 -5.91
N ILE A 109 0.27 -4.70 -7.20
CA ILE A 109 0.55 -3.55 -8.05
C ILE A 109 -0.66 -2.61 -8.10
N LEU A 110 -0.52 -1.45 -7.48
CA LEU A 110 -1.59 -0.45 -7.45
C LEU A 110 -1.28 0.71 -8.39
N GLU A 111 -2.32 1.27 -9.01
CA GLU A 111 -2.15 2.38 -9.92
C GLU A 111 -2.86 3.63 -9.39
N THR A 112 -2.07 4.55 -8.83
CA THR A 112 -2.62 5.78 -8.29
C THR A 112 -3.05 6.73 -9.40
N ILE A 113 -3.51 7.91 -9.02
CA ILE A 113 -3.95 8.92 -9.98
C ILE A 113 -2.78 9.45 -10.79
N ASP A 114 -1.91 10.22 -10.14
CA ASP A 114 -0.74 10.78 -10.81
C ASP A 114 0.53 10.47 -10.02
N SER A 115 1.67 10.74 -10.64
CA SER A 115 2.96 10.49 -10.00
C SER A 115 3.02 11.13 -8.62
N LEU A 116 2.17 12.14 -8.41
CA LEU A 116 2.13 12.84 -7.13
C LEU A 116 1.46 11.98 -6.06
N GLN A 117 0.35 11.35 -6.43
CA GLN A 117 -0.39 10.51 -5.49
C GLN A 117 0.40 9.25 -5.16
N LYS A 118 1.13 8.72 -6.14
CA LYS A 118 1.93 7.52 -5.95
C LYS A 118 2.95 7.73 -4.84
N HIS A 119 3.90 8.63 -5.06
CA HIS A 119 4.94 8.92 -4.08
C HIS A 119 4.33 9.09 -2.69
N SER A 120 3.25 9.86 -2.60
CA SER A 120 2.58 10.11 -1.33
C SER A 120 2.28 8.79 -0.61
N TRP A 121 1.77 7.83 -1.37
CA TRP A 121 1.42 6.52 -0.81
C TRP A 121 2.68 5.80 -0.32
N VAL A 122 3.64 5.60 -1.23
CA VAL A 122 4.88 4.92 -0.90
C VAL A 122 5.42 5.39 0.45
N ALA A 123 5.33 6.70 0.69
CA ALA A 123 5.81 7.27 1.94
C ALA A 123 4.89 6.91 3.10
N ASP A 124 3.58 6.95 2.86
CA ASP A 124 2.60 6.63 3.88
C ASP A 124 2.75 5.18 4.34
N ILE A 125 3.19 4.33 3.44
CA ILE A 125 3.38 2.91 3.74
C ILE A 125 4.80 2.65 4.23
N GLN A 126 5.76 3.34 3.63
CA GLN A 126 7.17 3.18 3.99
C GLN A 126 7.45 3.82 5.35
N GLY A 127 6.68 4.84 5.69
CA GLY A 127 6.86 5.54 6.95
C GLY A 127 6.42 4.69 8.13
N CYS A 128 5.48 3.78 7.89
CA CYS A 128 4.97 2.91 8.95
C CYS A 128 5.75 1.61 9.00
N VAL A 129 5.78 0.90 7.88
CA VAL A 129 6.49 -0.37 7.80
C VAL A 129 7.74 -0.37 8.68
N ASP A 130 8.49 0.72 8.62
CA ASP A 130 9.70 0.86 9.41
C ASP A 130 10.32 2.25 9.23
N SER A 131 10.67 2.88 10.35
CA SER A 131 11.26 4.21 10.32
C SER A 131 12.11 4.40 9.06
N GLY A 132 13.01 3.45 8.82
CA GLY A 132 13.87 3.53 7.65
C GLY A 132 15.30 3.87 8.02
N PRO A 133 15.92 4.75 7.21
CA PRO A 133 17.31 5.17 7.43
C PRO A 133 17.45 6.07 8.66
N SER A 134 16.41 6.83 8.95
CA SER A 134 16.41 7.73 10.10
C SER A 134 15.06 8.40 10.27
N SER A 135 14.83 8.97 11.45
CA SER A 135 13.57 9.63 11.76
C SER A 135 13.52 11.01 11.09
N GLY A 136 12.35 11.38 10.61
CA GLY A 136 12.17 12.67 9.96
C GLY A 136 12.12 12.56 8.45
N GLY A 1 30.61 1.69 -0.42
CA GLY A 1 29.26 2.21 -0.40
C GLY A 1 29.02 3.19 0.73
N SER A 2 28.36 4.30 0.42
CA SER A 2 28.09 5.32 1.42
C SER A 2 26.58 5.54 1.57
N SER A 3 26.04 5.16 2.73
CA SER A 3 24.62 5.31 2.99
C SER A 3 24.33 5.16 4.48
N GLY A 4 23.34 5.91 4.96
CA GLY A 4 22.98 5.84 6.37
C GLY A 4 23.10 7.18 7.06
N SER A 5 22.10 8.04 6.88
CA SER A 5 22.11 9.37 7.48
C SER A 5 20.86 9.58 8.33
N SER A 6 20.90 9.12 9.57
CA SER A 6 19.77 9.25 10.48
C SER A 6 20.16 8.83 11.90
N GLY A 7 19.24 9.02 12.83
CA GLY A 7 19.49 8.66 14.21
C GLY A 7 19.13 9.75 15.18
N ASN A 8 18.84 9.37 16.43
CA ASN A 8 18.47 10.34 17.45
C ASN A 8 17.13 11.01 17.12
N LEU A 9 16.18 10.22 16.65
CA LEU A 9 14.86 10.72 16.30
C LEU A 9 13.93 10.72 17.50
N ALA A 10 13.40 11.89 17.84
CA ALA A 10 12.49 12.03 18.97
C ALA A 10 11.67 13.31 18.87
N ALA A 11 10.39 13.16 18.56
CA ALA A 11 9.49 14.30 18.43
C ALA A 11 8.05 13.86 18.31
N LYS A 12 7.14 14.64 18.89
CA LYS A 12 5.71 14.33 18.85
C LYS A 12 4.96 15.36 18.03
N VAL A 13 4.05 14.88 17.18
CA VAL A 13 3.24 15.76 16.33
C VAL A 13 1.80 15.28 16.26
N GLU A 14 0.87 16.20 16.47
CA GLU A 14 -0.56 15.88 16.41
C GLU A 14 -1.03 15.73 14.97
N LEU A 15 -1.26 14.48 14.56
CA LEU A 15 -1.71 14.19 13.21
C LEU A 15 -2.87 13.21 13.22
N VAL A 16 -3.74 13.30 12.21
CA VAL A 16 -4.89 12.41 12.11
C VAL A 16 -4.45 10.99 11.77
N ASP A 17 -5.08 10.01 12.41
CA ASP A 17 -4.76 8.61 12.17
C ASP A 17 -4.62 8.33 10.68
N ILE A 18 -5.69 8.56 9.94
CA ILE A 18 -5.69 8.32 8.50
C ILE A 18 -4.48 8.98 7.84
N GLN A 19 -3.56 8.16 7.36
CA GLN A 19 -2.35 8.66 6.70
C GLN A 19 -2.64 9.02 5.25
N ARG A 20 -3.33 8.13 4.55
CA ARG A 20 -3.66 8.36 3.15
C ARG A 20 -4.81 7.46 2.71
N GLU A 21 -5.71 8.00 1.89
CA GLU A 21 -6.86 7.25 1.41
C GLU A 21 -7.30 7.76 0.03
N GLY A 22 -7.67 6.84 -0.85
CA GLY A 22 -8.11 7.22 -2.17
C GLY A 22 -8.76 6.07 -2.93
N ALA A 23 -9.11 6.30 -4.17
CA ALA A 23 -9.75 5.28 -5.00
C ALA A 23 -8.91 4.97 -6.23
N LEU A 24 -8.12 3.91 -6.13
CA LEU A 24 -7.26 3.49 -7.25
C LEU A 24 -7.45 2.01 -7.55
N ARG A 25 -6.85 1.57 -8.66
CA ARG A 25 -6.96 0.17 -9.07
C ARG A 25 -5.74 -0.62 -8.60
N PHE A 26 -5.98 -1.87 -8.19
CA PHE A 26 -4.90 -2.73 -7.72
C PHE A 26 -4.94 -4.08 -8.43
N MET A 27 -3.82 -4.80 -8.35
CA MET A 27 -3.72 -6.12 -8.99
C MET A 27 -2.67 -6.98 -8.31
N VAL A 28 -2.68 -8.26 -8.61
CA VAL A 28 -1.72 -9.20 -8.02
C VAL A 28 -0.96 -9.96 -9.10
N ALA A 29 0.36 -10.04 -8.95
CA ALA A 29 1.20 -10.75 -9.91
C ALA A 29 1.13 -12.25 -9.71
N ASP A 30 0.45 -12.94 -10.61
CA ASP A 30 0.30 -14.39 -10.53
C ASP A 30 0.52 -15.04 -11.90
N ASP A 31 1.57 -15.85 -12.00
CA ASP A 31 1.89 -16.53 -13.25
C ASP A 31 1.89 -15.55 -14.42
N ALA A 32 2.47 -14.37 -14.19
CA ALA A 32 2.55 -13.35 -15.23
C ALA A 32 2.70 -13.99 -16.61
N ALA A 33 1.72 -13.72 -17.48
CA ALA A 33 1.74 -14.26 -18.84
C ALA A 33 0.65 -13.63 -19.70
N SER A 34 0.71 -13.89 -20.99
CA SER A 34 -0.28 -13.34 -21.92
C SER A 34 -0.27 -11.82 -21.90
N GLY A 35 0.93 -11.24 -21.91
CA GLY A 35 1.05 -9.79 -21.88
C GLY A 35 -0.03 -9.13 -21.07
N PRO A 36 -0.37 -7.88 -21.41
CA PRO A 36 -1.40 -7.11 -20.71
C PRO A 36 -2.80 -7.65 -20.97
N GLY A 37 -2.95 -8.42 -22.05
CA GLY A 37 -4.24 -8.99 -22.37
C GLY A 37 -5.26 -7.93 -22.75
N GLY A 38 -6.27 -8.33 -23.51
CA GLY A 38 -7.31 -7.40 -23.93
C GLY A 38 -7.61 -6.35 -22.87
N THR A 39 -8.44 -6.72 -21.91
CA THR A 39 -8.81 -5.80 -20.83
C THR A 39 -7.67 -5.61 -19.85
N ALA A 40 -7.77 -4.59 -19.01
CA ALA A 40 -6.74 -4.30 -18.02
C ALA A 40 -7.02 -5.03 -16.70
N GLN A 41 -6.24 -6.07 -16.43
CA GLN A 41 -6.41 -6.85 -15.20
C GLN A 41 -6.79 -5.95 -14.04
N TRP A 42 -6.18 -4.77 -13.98
CA TRP A 42 -6.46 -3.82 -12.90
C TRP A 42 -7.91 -3.92 -12.45
N GLN A 43 -8.13 -3.82 -11.15
CA GLN A 43 -9.47 -3.90 -10.59
C GLN A 43 -9.77 -2.70 -9.69
N LYS A 44 -10.88 -2.04 -9.95
CA LYS A 44 -11.28 -0.88 -9.17
C LYS A 44 -11.36 -1.21 -7.68
N CYS A 45 -10.61 -0.47 -6.87
CA CYS A 45 -10.58 -0.70 -5.44
C CYS A 45 -10.28 0.60 -4.69
N ARG A 46 -10.38 0.55 -3.37
CA ARG A 46 -10.12 1.73 -2.55
C ARG A 46 -9.07 1.42 -1.48
N LEU A 47 -8.06 2.29 -1.40
CA LEU A 47 -6.97 2.10 -0.44
C LEU A 47 -7.19 2.99 0.79
N LEU A 48 -7.32 2.36 1.94
CA LEU A 48 -7.53 3.09 3.19
C LEU A 48 -6.46 2.72 4.22
N LEU A 49 -5.72 3.73 4.67
CA LEU A 49 -4.66 3.51 5.66
C LEU A 49 -5.03 4.15 6.99
N ARG A 50 -5.55 3.35 7.92
CA ARG A 50 -5.94 3.84 9.23
C ARG A 50 -5.15 3.15 10.33
N ARG A 51 -5.01 3.82 11.46
CA ARG A 51 -4.27 3.26 12.60
C ARG A 51 -4.99 2.04 13.17
N ALA A 52 -4.21 1.02 13.53
CA ALA A 52 -4.77 -0.20 14.09
C ALA A 52 -4.89 -0.10 15.60
N VAL A 53 -5.64 -1.03 16.20
CA VAL A 53 -5.84 -1.05 17.64
C VAL A 53 -4.61 -1.56 18.36
N ALA A 54 -4.51 -1.27 19.64
CA ALA A 54 -3.37 -1.70 20.45
C ALA A 54 -2.85 -3.05 19.97
N GLY A 55 -1.66 -3.06 19.40
CA GLY A 55 -1.07 -4.29 18.91
C GLY A 55 -0.22 -4.08 17.67
N GLU A 56 -0.69 -3.21 16.78
CA GLU A 56 0.03 -2.93 15.54
C GLU A 56 0.01 -1.43 15.24
N ARG A 57 0.84 -1.01 14.28
CA ARG A 57 0.93 0.39 13.90
C ARG A 57 -0.23 0.77 13.00
N PHE A 58 -0.18 0.35 11.74
CA PHE A 58 -1.23 0.65 10.78
C PHE A 58 -1.76 -0.63 10.13
N ARG A 59 -2.74 -0.46 9.25
CA ARG A 59 -3.34 -1.60 8.57
C ARG A 59 -3.88 -1.20 7.21
N LEU A 60 -3.47 -1.91 6.17
CA LEU A 60 -3.91 -1.62 4.80
C LEU A 60 -5.16 -2.41 4.46
N GLU A 61 -6.15 -1.73 3.89
CA GLU A 61 -7.40 -2.36 3.51
C GLU A 61 -7.71 -2.14 2.03
N PHE A 62 -8.01 -3.22 1.32
CA PHE A 62 -8.32 -3.14 -0.10
C PHE A 62 -9.79 -3.47 -0.36
N PHE A 63 -10.60 -2.43 -0.56
CA PHE A 63 -12.02 -2.61 -0.81
C PHE A 63 -12.28 -2.86 -2.30
N VAL A 64 -12.72 -4.07 -2.62
CA VAL A 64 -13.01 -4.45 -4.00
C VAL A 64 -14.39 -5.08 -4.11
N PRO A 65 -15.35 -4.32 -4.66
CA PRO A 65 -15.10 -2.95 -5.11
C PRO A 65 -14.86 -1.99 -3.95
N PRO A 66 -14.45 -0.76 -4.28
CA PRO A 66 -14.17 0.28 -3.28
C PRO A 66 -15.43 0.79 -2.61
N LYS A 67 -16.57 0.25 -3.03
CA LYS A 67 -17.86 0.65 -2.46
C LYS A 67 -18.26 -0.27 -1.32
N ALA A 68 -17.80 -1.52 -1.37
CA ALA A 68 -18.10 -2.49 -0.33
C ALA A 68 -17.74 -1.97 1.05
N SER A 69 -18.46 -2.42 2.06
CA SER A 69 -18.22 -1.99 3.43
C SER A 69 -16.98 -2.67 4.00
N ARG A 70 -16.82 -3.95 3.68
CA ARG A 70 -15.68 -4.72 4.16
C ARG A 70 -14.65 -4.92 3.05
N PRO A 71 -13.36 -4.82 3.41
CA PRO A 71 -12.26 -4.98 2.46
C PRO A 71 -12.11 -6.42 1.99
N LYS A 72 -11.77 -6.60 0.71
CA LYS A 72 -11.60 -7.93 0.13
C LYS A 72 -10.24 -8.50 0.52
N VAL A 73 -9.19 -7.69 0.39
CA VAL A 73 -7.84 -8.13 0.72
C VAL A 73 -7.22 -7.23 1.78
N SER A 74 -7.77 -7.29 3.00
CA SER A 74 -7.28 -6.48 4.10
C SER A 74 -5.96 -7.04 4.63
N ILE A 75 -4.88 -6.31 4.38
CA ILE A 75 -3.56 -6.72 4.84
C ILE A 75 -2.96 -5.70 5.80
N PRO A 76 -2.44 -6.20 6.94
CA PRO A 76 -1.83 -5.34 7.96
C PRO A 76 -0.50 -4.74 7.50
N LEU A 77 -0.16 -3.57 8.02
CA LEU A 77 1.08 -2.90 7.67
C LEU A 77 2.27 -3.81 7.90
N SER A 78 2.26 -4.52 9.03
CA SER A 78 3.34 -5.43 9.38
C SER A 78 3.62 -6.40 8.24
N ALA A 79 2.56 -6.85 7.58
CA ALA A 79 2.68 -7.78 6.47
C ALA A 79 3.69 -7.27 5.44
N ILE A 80 3.53 -6.01 5.04
CA ILE A 80 4.43 -5.41 4.06
C ILE A 80 5.88 -5.46 4.53
N ILE A 81 6.77 -5.86 3.62
CA ILE A 81 8.19 -5.96 3.94
C ILE A 81 9.02 -5.23 2.89
N GLU A 82 8.57 -5.25 1.65
CA GLU A 82 9.27 -4.60 0.55
C GLU A 82 8.30 -3.98 -0.44
N VAL A 83 8.60 -2.78 -0.91
CA VAL A 83 7.75 -2.08 -1.87
C VAL A 83 8.58 -1.56 -3.05
N ARG A 84 8.39 -2.19 -4.20
CA ARG A 84 9.11 -1.80 -5.41
C ARG A 84 8.42 -0.60 -6.08
N THR A 85 9.04 0.57 -5.94
CA THR A 85 8.50 1.79 -6.53
C THR A 85 8.72 1.82 -8.04
N THR A 86 9.87 1.33 -8.48
CA THR A 86 10.20 1.30 -9.90
C THR A 86 9.63 0.05 -10.56
N MET A 87 9.15 0.21 -11.80
CA MET A 87 8.58 -0.90 -12.55
C MET A 87 9.58 -1.45 -13.56
N PRO A 88 9.42 -2.73 -13.89
CA PRO A 88 10.31 -3.41 -14.86
C PRO A 88 10.11 -2.90 -16.28
N LEU A 89 10.64 -3.64 -17.24
CA LEU A 89 10.52 -3.28 -18.65
C LEU A 89 9.13 -3.58 -19.18
N GLU A 90 8.11 -3.10 -18.46
CA GLU A 90 6.73 -3.31 -18.86
C GLU A 90 6.02 -1.99 -19.12
N MET A 91 6.18 -1.05 -18.19
CA MET A 91 5.56 0.26 -18.31
C MET A 91 6.54 1.27 -18.91
N PRO A 92 6.04 2.10 -19.84
CA PRO A 92 6.85 3.13 -20.50
C PRO A 92 7.24 4.25 -19.56
N GLU A 93 6.26 5.07 -19.18
CA GLU A 93 6.50 6.18 -18.27
C GLU A 93 5.43 6.25 -17.19
N LYS A 94 5.18 5.12 -16.55
CA LYS A 94 4.18 5.05 -15.49
C LYS A 94 4.82 5.18 -14.12
N ASP A 95 5.09 6.42 -13.72
CA ASP A 95 5.71 6.70 -12.42
C ASP A 95 4.65 6.91 -11.35
N ASN A 96 3.51 6.25 -11.51
CA ASN A 96 2.41 6.37 -10.55
C ASN A 96 1.94 4.99 -10.09
N THR A 97 2.89 4.09 -9.87
CA THR A 97 2.57 2.74 -9.43
C THR A 97 3.59 2.23 -8.42
N PHE A 98 3.22 1.19 -7.68
CA PHE A 98 4.11 0.62 -6.67
C PHE A 98 3.67 -0.80 -6.31
N VAL A 99 4.64 -1.69 -6.15
CA VAL A 99 4.36 -3.08 -5.80
C VAL A 99 4.45 -3.30 -4.30
N LEU A 100 3.50 -4.06 -3.76
CA LEU A 100 3.48 -4.35 -2.34
C LEU A 100 3.72 -5.84 -2.07
N LYS A 101 4.93 -6.16 -1.63
CA LYS A 101 5.30 -7.54 -1.33
C LYS A 101 5.12 -7.85 0.15
N VAL A 102 4.03 -8.55 0.48
CA VAL A 102 3.75 -8.90 1.87
C VAL A 102 4.66 -10.03 2.34
N GLU A 103 4.68 -10.25 3.66
CA GLU A 103 5.51 -11.30 4.24
C GLU A 103 5.12 -12.67 3.70
N ASN A 104 3.84 -12.82 3.36
CA ASN A 104 3.34 -14.09 2.83
C ASN A 104 3.93 -14.37 1.45
N GLY A 105 4.24 -13.31 0.70
CA GLY A 105 4.80 -13.48 -0.62
C GLY A 105 3.81 -13.14 -1.72
N ALA A 106 3.15 -12.00 -1.58
CA ALA A 106 2.17 -11.57 -2.57
C ALA A 106 2.43 -10.13 -3.00
N GLU A 107 2.62 -9.92 -4.30
CA GLU A 107 2.87 -8.59 -4.84
C GLU A 107 1.58 -7.93 -5.30
N TYR A 108 1.34 -6.71 -4.83
CA TYR A 108 0.14 -5.97 -5.18
C TYR A 108 0.49 -4.67 -5.90
N ILE A 109 0.29 -4.64 -7.21
CA ILE A 109 0.60 -3.46 -8.01
C ILE A 109 -0.60 -2.51 -8.04
N LEU A 110 -0.48 -1.39 -7.33
CA LEU A 110 -1.54 -0.40 -7.27
C LEU A 110 -1.23 0.78 -8.18
N GLU A 111 -2.24 1.27 -8.88
CA GLU A 111 -2.06 2.41 -9.78
C GLU A 111 -2.82 3.63 -9.26
N THR A 112 -2.06 4.63 -8.80
CA THR A 112 -2.65 5.86 -8.28
C THR A 112 -2.89 6.87 -9.38
N ILE A 113 -3.49 8.00 -9.03
CA ILE A 113 -3.78 9.06 -9.99
C ILE A 113 -2.55 9.37 -10.84
N ASP A 114 -1.50 9.84 -10.19
CA ASP A 114 -0.26 10.19 -10.87
C ASP A 114 0.93 10.14 -9.92
N SER A 115 2.13 10.20 -10.47
CA SER A 115 3.35 10.17 -9.66
C SER A 115 3.17 10.94 -8.36
N LEU A 116 2.42 12.04 -8.45
CA LEU A 116 2.17 12.88 -7.28
C LEU A 116 1.60 12.06 -6.13
N GLN A 117 0.42 11.48 -6.36
CA GLN A 117 -0.24 10.66 -5.35
C GLN A 117 0.57 9.40 -5.05
N LYS A 118 1.09 8.79 -6.10
CA LYS A 118 1.88 7.58 -5.96
C LYS A 118 3.01 7.78 -4.94
N HIS A 119 3.91 8.70 -5.24
CA HIS A 119 5.03 9.00 -4.36
C HIS A 119 4.56 9.18 -2.92
N SER A 120 3.39 9.81 -2.77
CA SER A 120 2.83 10.05 -1.44
C SER A 120 2.55 8.73 -0.73
N TRP A 121 1.69 7.91 -1.32
CA TRP A 121 1.34 6.63 -0.74
C TRP A 121 2.58 5.89 -0.25
N VAL A 122 3.51 5.63 -1.15
CA VAL A 122 4.75 4.93 -0.81
C VAL A 122 5.35 5.50 0.47
N ALA A 123 5.15 6.79 0.69
CA ALA A 123 5.67 7.46 1.88
C ALA A 123 4.93 7.01 3.13
N ASP A 124 3.63 7.23 3.15
CA ASP A 124 2.80 6.85 4.29
C ASP A 124 3.02 5.38 4.66
N ILE A 125 2.96 4.52 3.65
CA ILE A 125 3.15 3.09 3.86
C ILE A 125 4.53 2.79 4.43
N GLN A 126 5.55 3.03 3.63
CA GLN A 126 6.93 2.80 4.06
C GLN A 126 7.23 3.54 5.35
N GLY A 127 6.54 4.65 5.57
CA GLY A 127 6.75 5.44 6.77
C GLY A 127 6.50 4.65 8.03
N CYS A 128 5.61 3.66 7.94
CA CYS A 128 5.28 2.83 9.09
C CYS A 128 6.13 1.57 9.12
N VAL A 129 6.00 0.75 8.08
CA VAL A 129 6.76 -0.49 7.99
C VAL A 129 8.11 -0.36 8.66
N ASP A 130 8.75 0.80 8.48
CA ASP A 130 10.06 1.06 9.07
C ASP A 130 10.07 2.41 9.79
N SER A 131 10.07 3.48 9.01
CA SER A 131 10.08 4.83 9.57
C SER A 131 9.82 5.87 8.49
N GLY A 132 9.12 6.94 8.86
CA GLY A 132 8.80 7.99 7.91
C GLY A 132 7.47 8.65 8.21
N PRO A 133 7.48 9.64 9.12
CA PRO A 133 6.28 10.38 9.52
C PRO A 133 5.77 11.29 8.41
N SER A 134 4.46 11.46 8.34
CA SER A 134 3.85 12.31 7.33
C SER A 134 4.06 13.78 7.65
N SER A 135 3.97 14.63 6.63
CA SER A 135 4.17 16.06 6.80
C SER A 135 3.01 16.67 7.59
N GLY A 136 3.35 17.52 8.55
CA GLY A 136 2.33 18.16 9.37
C GLY A 136 2.91 18.90 10.55
#